data_8PSP
#
_entry.id   8PSP
#
_cell.length_a   1.00
_cell.length_b   1.00
_cell.length_c   1.00
_cell.angle_alpha   90.00
_cell.angle_beta   90.00
_cell.angle_gamma   90.00
#
_symmetry.space_group_name_H-M   'P 1'
#
loop_
_entity.id
_entity.type
_entity.pdbx_description
1 polymer 'Fatty acid synthase subunit alpha'
2 polymer 'Fatty acid synthase subunit beta'
3 non-polymer "4'-PHOSPHOPANTETHEINE"
4 non-polymer 'FLAVIN MONONUCLEOTIDE'
#
loop_
_entity_poly.entity_id
_entity_poly.type
_entity_poly.pdbx_seq_one_letter_code
_entity_poly.pdbx_strand_id
1 'polypeptide(L)'
;MKPEVEQELAHILLTELLAYQFASPVRWIETQDVFLKDFNTERVVEIGPSPTLAGMAQRTLKNKYESYDAALSLHREILC
YSKDAKEIYYTPDPSELAAKEEPAKEEAPAPTPAASAPAPAAAAPAPVAAAAPAAAAAEIADEPVKASLLLHVLVAHKLK
KSLDSIPMSKTIKDLVGGKSTVQNEILGDLGKEFGTTPEKPEETPLEELAETFQDTFSGALGKQSSSLLSRLISSKMPGG
FTITVARKYLQTRWGLPSGRQDGVLLVALSNEPAARLGSEADAKAFLDSMAQKYASIVGVDLSSAASASGAAGAGAAAGA
AMIDAGALEEITKDHKVLARQQLQVLARYLKMDLDNGERKFLKEKDTVAELQAQLDYLNAELGEFFVNGVATSFSRKKAR
TFDSSWNWAKQSLLSLYFEIIHGVLKNVDREVVSEAINIMNRSNDALIKFMEYHISNTDETKGENYQLVKTLGEQLIENC
KQVLDVDPVYKDVAKPTGPKTAIDKNGNITYSEEPREKVRKLSQYVQEMALGGPITKESQPTIEEDLTRVYKAISAQADK
QDISSSTRVEFEKLYSDLMKFLESSKEIDPSQTTQLAGMDVEDALDKDSTKEVASLPNKSTISKTVSSTIPRETIPFLHL
RKKTPAGDWKYDRQLSSLFLDGLEKAAFNGVTFKDKYVLITGAGKGSIGAEVLQGLLQGGAKVVVTTSRFSKQVTDYYQS
IYAKYGAKGSTLIVVPFNQGSKQDVEALIEFIYDTEKNGGLGWDLDAIIPFAAIPEQGIELEHIDSKSEFAHRIMLTNIL
RMMGCVKKQKSARGIETRPAQVILPMSPNHGTFGGDGMYSESKLSLETLFNRWHSESWANQLTVCGAIIGWTRGTGLMSA
NNIIAEGIEKMGVRTFSQKEMAFNLLGLLTPEVVELCQKSPVMADLNGGLQFVPELKEFTAKLRKELVETSEVRKAVSIE
TALEHKVVNGNSADAAYAQVEIQPRANIQLDFPELKPYKQVKQIAPAELEGLLDLERVIVVTGFAEVGPWGSARTRWEME
AFGEFSLEGCVEMAWIMGFISYHNGNLKGRPYTGWVDSKTKEPVDDKDVKAKYETSILEHSGIRLIEPELFNGYNPEKKE
MIQEVIVEEDLEPFEASKETAEQFKHQHGDKVDIFEIPETGEYSVKLLKGATLYIPKALRFDRLVAGQIPTGWNAKTYGI
SDDIISQVDPITLFVLVSVVEAFIASGITDPYEMYKYVHVSEVGNCSGSGMGGVSALRGMFKDRFKDEPVQNDILQESFI
NTMSAWVNMLLISSSGPIKTPVGACATSVESVDIGVETILSGKARICIVGGYDDFQEEGSFEFGNMKATSNTLEEFEHGR
TPAEMSRPATTTRNGFMEAQGAGIQIIMQADLALKMGVPIYGIVAMAATATDKIGRSVPAPGKGILTTAREHHSSVKYAS
PNLNMKYRKRQLVTREAQIKDWVENELEALKLEAEEIPSEDQNEFLLERTREIHNEAESQLRAAQQQWGNDFYKRDPRIA
PLRGALATYGLTIDDLGVASFHGTSTKANDKNESATINEMMKHLGRSEGNPVIGVFQKFLTGHPKGAAGAWMMNGALQIL
NSGIIPGNRNADNVDKILEQFEYVLYPSKTLKTDGVRAVSITSFGFGQKGGQAIVVHPDYLYGAITEDRYNEYVAKVSAR
EKSAYKFFHNGMIYNKLFVSKEHAPYTDELEEDVYLDPLARVSKDKKSGSLTFNSKNIQSKDSYINANTIETAKMIENMT
KEKVSNGGVGVDVELITSINVENDTFIERNFTPQEIEYCSAQPSVQSSFAGTWSAKEAVFKSLGVKSLGGGAALKDIEIV
RVNKNAPAVELHGNAKKAAEEAGVTDVKVSISHDDLQAVAVAVSTKK
;
A,B
2 'polypeptide(L)'
;MDAYSTRPLTLSHGSLEHVLLVPTASFFIASQLQEQFNKILPEPTEGFAADDEPTTPAELVGKFLGYVSSLVEPSKVGQF
DQVLNLCLTEFENCYLEGNDIHALAAKLLQENDTTLVKTKELIKNYITARIMAKRPFDKKSNSALFRAVGEGNAQLVAIF
GGQGNTDDYFEELRDLYQTYHVLVGDLIKFSAETLSELIRTTLDAEKVFTQGLNILEWLENPSNTPDKDYLLSIPISCPL
IGVIQLAHYVVTAKLLGFTPGELRSYLKGATGHSQGLVTAVAIAETDSWESFFVSVRKAITVLFFIGVRCYEAYPNTSLP
PSILEDSLENNEGVPSPMLSISNLTQEQVQDYVNKTNSHLPAGKQVEISLVNGAKNLVVSGPPQSLYGLNLTLRKAKAPS
GLDQSRIPFSERKLKFSNRFLPVASPFHSHLLVPASDLINKDLVKNNVSFNAKDIQIPVYDTFDGSDLRVLSGSISERIV
DCIIRLPVKWETTTQFKATHILDFGPGGASGLGVLTHRNKDGTGVRVIVAGTLDINPDDDYGFKQEIFDVTSNGLKKNPN
WLEEYHPKLIKNKSGKIFVETKFSKLIGRPPLLVPGMTPCTVSPDFVAATTNAGYTIELAGGGYFSAAGMTAAIDSVVSQ
IEKGSTFGINLIYVNPFMLQWGIPLIKELRSKGYPIQFLTIGAGVPSLEVASEYIETLGLKYLGLKPGSIDAISQVINIA
KAHPNFPIALQWTGGRGGGHHSFEDAHTPMLQMYSKIRRHPNIMLIFGSGFGSADDTYPYLTGEWSTKFDYPPMPFDGFL
FGSRVMIAKEVKTSPDAKKCIAACTGVPDDKWEQTYKKPTGGIVTVRSEMGEPIHKIATRGVMLWKEFDETIFNLPKNKL
VPTLEAKRDYIISRLNADFQKPWFATVNGQARDLATMTYEEVAKRLVELMFIRSTNSWFDVTWRTFTGDFLRRVEERFTK
SKTLSLIQSYSLLDKPDEAIEKVFNAYPAAREQFLNAQDIDHFLSMCQNPMQKPVPFVPVLDRRFEIFFKKDSLWQSEHL
EAVVDQDVQRTCILHGPVAAQFTKVIDEPIKSIMDGIHDGHIKKLLHQYYGDDESKIPAVEYFGGESPVDVQSQVDSSSV
SEDSAVFKATSSTDEESWFKALAGSEINWRHASFLCSFITQDKMFVSNPIRKVFKPSQGMVVEISNGNTSSKTVVTLSEP
VQGELKPTVILKLLKENIIQMEMIENRTMDGKPVSLPLLYNFNPDNGFAPISEVMEDRNQRIKEMYWKLWIDEPFNLDFD
PRDVIKGKDFEITAKEVYDFTHAVGNNCEDFVSRPDRTMLAPMDFAIVVGWRAIIKAIFPNTVDGDLLKLVHLSNGYKMI
PGAKPLQVGDVVSTTAVIESVVNQPTGKIVDVVGTLSRNGKPVMEVTSSFFYRGNYTDFENTFQKTVEPVYQMHIKTSKD
IAVLRSKEWFQLDDEDFDLLNKTLTFETETEVTFKNANIFSSVKCFGPIKVELPTKETVEIGIVDYEAGASHGNPVVDFL
KRNGSTLEQKVNLENPIPIAVLDSYTPSTNEPYARVSGDLNPIHVSRHFASYANLPGTITHGMFSSASVRALIENWAADS
VSSRVRGYTCQFVDMVLPNTALKTSIQHVGMINGRKLIKFETRNEDDVVVLTGEAEIEQPVTTFVFTGQGSQEQGMGMDL
YKTSKAAQDVWNRADNHFKDTYGFSILDIVINNPVNLTIHFGGEKGKRIRENYSAMIFETIVDGKLKTEKIFKEINEHST
SYTFRSEKGLLSATQFTQPALTLMEKAAFEDLKSKGLIPADATFAGHSLGEYAALASLADVMSIESLVEVVFYRGMTMQV
AVPRDELGRSNYGMIAINPGRVAASFSQEALQYVVERVGKRTGWLVEIVNYNVENQQYVAAGDLRALDTVTNVLNFIKLQ
KIDIIELQKSLSLEEVEGHLFEIIDEASKKSAVKPRPLKLERGFACIPLVGISVPFHSTYLMNGVKPFKSFLKKNIIKEN
VKVARLAGKYIPNLTAKPFQVTKEYFQDVYDLTGSEPIKEIIDNWEKYEQS
;
G
#
loop_
_chem_comp.id
_chem_comp.type
_chem_comp.name
_chem_comp.formula
FMN non-polymer 'FLAVIN MONONUCLEOTIDE' 'C17 H21 N4 O9 P'
PNS non-polymer 4'-PHOSPHOPANTETHEINE 'C11 H23 N2 O7 P S'
#
# COMPACT_ATOMS: atom_id res chain seq x y z
N MET A 1 10.17 33.56 65.28
CA MET A 1 11.03 34.25 64.26
C MET A 1 10.42 34.07 62.87
N LYS A 2 10.06 35.16 62.19
CA LYS A 2 9.54 35.16 60.79
C LYS A 2 10.66 34.67 59.87
N PRO A 3 10.33 34.13 58.66
CA PRO A 3 11.35 33.79 57.66
C PRO A 3 12.21 34.95 57.17
N GLU A 4 11.61 36.13 56.95
CA GLU A 4 12.22 37.35 56.34
C GLU A 4 13.29 37.94 57.25
N VAL A 5 13.03 37.96 58.55
CA VAL A 5 14.00 38.41 59.59
C VAL A 5 15.08 37.34 59.74
N GLU A 6 14.73 36.06 59.90
CA GLU A 6 15.70 34.93 60.02
C GLU A 6 16.75 35.06 58.90
N GLN A 7 16.30 35.32 57.67
CA GLN A 7 17.15 35.50 56.47
C GLN A 7 18.16 36.62 56.70
N GLU A 8 17.73 37.81 57.13
CA GLU A 8 18.62 38.99 57.30
C GLU A 8 19.57 38.76 58.47
N LEU A 9 19.21 37.86 59.40
CA LEU A 9 20.08 37.46 60.53
C LEU A 9 21.19 36.57 59.98
N ALA A 10 20.83 35.48 59.31
CA ALA A 10 21.74 34.52 58.64
C ALA A 10 22.73 35.30 57.76
N HIS A 11 22.22 36.20 56.92
CA HIS A 11 23.00 37.11 56.05
C HIS A 11 24.07 37.81 56.88
N ILE A 12 23.66 38.46 57.98
CA ILE A 12 24.61 39.22 58.85
C ILE A 12 25.62 38.24 59.42
N LEU A 13 25.16 37.17 60.07
CA LEU A 13 26.02 36.15 60.69
C LEU A 13 27.05 35.65 59.68
N LEU A 14 26.58 35.17 58.52
CA LEU A 14 27.43 34.56 57.45
C LEU A 14 28.57 35.51 57.04
N THR A 15 28.24 36.75 56.67
CA THR A 15 29.22 37.79 56.26
C THR A 15 30.23 38.03 57.37
N GLU A 16 29.85 37.89 58.65
CA GLU A 16 30.80 38.07 59.79
C GLU A 16 31.70 36.83 59.91
N LEU A 17 31.13 35.64 59.73
CA LEU A 17 31.87 34.36 59.72
C LEU A 17 32.99 34.41 58.68
N LEU A 18 32.67 34.85 57.46
CA LEU A 18 33.58 34.87 56.28
C LEU A 18 34.64 35.96 56.47
N ALA A 19 34.19 37.16 56.86
CA ALA A 19 35.04 38.35 57.04
C ALA A 19 36.19 38.02 57.98
N TYR A 20 35.85 37.48 59.15
CA TYR A 20 36.79 37.20 60.26
C TYR A 20 37.53 35.88 60.03
N GLN A 21 36.96 34.97 59.22
CA GLN A 21 37.51 33.62 58.89
C GLN A 21 39.05 33.66 58.77
N PHE A 22 39.62 34.67 58.09
CA PHE A 22 41.08 34.75 57.81
C PHE A 22 41.83 35.44 58.95
N ALA A 23 41.10 36.04 59.90
CA ALA A 23 41.68 36.71 61.08
C ALA A 23 41.81 35.74 62.26
N SER A 24 41.09 34.61 62.24
CA SER A 24 40.99 33.67 63.39
C SER A 24 41.46 32.28 62.96
N PRO A 25 42.05 31.48 63.87
CA PRO A 25 42.56 30.14 63.51
C PRO A 25 41.49 29.16 63.01
N VAL A 26 41.87 28.32 62.03
CA VAL A 26 41.01 27.27 61.39
C VAL A 26 40.92 26.09 62.34
N ARG A 27 39.75 25.85 62.91
CA ARG A 27 39.53 24.80 63.94
C ARG A 27 39.04 23.54 63.23
N TRP A 28 39.94 22.87 62.51
CA TRP A 28 39.58 21.74 61.61
C TRP A 28 39.47 20.47 62.45
N ILE A 29 40.27 20.36 63.51
CA ILE A 29 40.13 19.31 64.55
C ILE A 29 38.68 19.30 65.08
N GLU A 30 38.24 20.40 65.67
CA GLU A 30 36.86 20.51 66.22
C GLU A 30 35.81 20.38 65.12
N THR A 31 36.14 20.71 63.86
CA THR A 31 35.24 20.54 62.69
C THR A 31 35.17 19.06 62.34
N GLN A 32 36.29 18.34 62.40
CA GLN A 32 36.34 16.88 62.08
C GLN A 32 35.46 16.17 63.08
N ASP A 33 35.75 16.38 64.36
CA ASP A 33 34.93 15.88 65.48
C ASP A 33 33.46 16.06 65.15
N VAL A 34 33.04 17.23 64.70
CA VAL A 34 31.59 17.51 64.54
C VAL A 34 30.99 16.60 63.46
N PHE A 35 31.63 16.44 62.31
CA PHE A 35 31.01 15.70 61.19
C PHE A 35 31.23 14.20 61.43
N LEU A 36 32.31 13.79 62.10
CA LEU A 36 32.65 12.36 62.35
C LEU A 36 31.85 11.81 63.53
N LYS A 37 31.75 12.56 64.64
CA LYS A 37 31.00 12.12 65.85
C LYS A 37 29.58 12.65 65.79
N ASP A 38 29.38 13.97 65.90
CA ASP A 38 28.04 14.61 66.11
C ASP A 38 27.07 14.39 64.93
N PHE A 39 27.52 13.82 63.79
CA PHE A 39 26.66 13.51 62.60
C PHE A 39 26.82 12.07 62.12
N ASN A 40 27.82 11.33 62.59
CA ASN A 40 28.09 9.92 62.17
C ASN A 40 28.09 9.86 60.64
N THR A 41 29.04 10.58 60.04
CA THR A 41 29.30 10.60 58.58
C THR A 41 29.82 9.24 58.12
N GLU A 42 29.19 8.66 57.11
CA GLU A 42 29.61 7.36 56.53
C GLU A 42 30.54 7.62 55.32
N ARG A 43 30.24 8.64 54.50
CA ARG A 43 31.10 9.11 53.37
C ARG A 43 31.68 10.47 53.73
N VAL A 44 32.99 10.62 53.69
CA VAL A 44 33.65 11.96 53.66
C VAL A 44 34.22 12.11 52.25
N VAL A 45 33.56 12.92 51.43
CA VAL A 45 33.98 13.20 50.03
C VAL A 45 34.80 14.48 50.07
N GLU A 46 36.10 14.38 49.78
CA GLU A 46 36.97 15.58 49.59
C GLU A 46 36.80 16.08 48.15
N ILE A 47 36.70 17.40 48.01
CA ILE A 47 36.70 18.11 46.70
C ILE A 47 37.97 18.96 46.70
N GLY A 48 38.82 18.76 45.72
CA GLY A 48 40.10 19.48 45.62
C GLY A 48 41.06 18.78 44.68
N PRO A 49 42.17 19.44 44.33
CA PRO A 49 43.17 18.86 43.44
C PRO A 49 44.05 17.75 44.07
N SER A 50 44.18 17.73 45.40
CA SER A 50 44.98 16.72 46.16
C SER A 50 44.17 16.21 47.34
N PRO A 51 44.42 14.96 47.81
CA PRO A 51 43.74 14.42 48.99
C PRO A 51 44.42 14.74 50.35
N THR A 52 44.29 15.98 50.83
CA THR A 52 44.92 16.45 52.09
C THR A 52 43.96 16.25 53.26
N LEU A 53 42.71 16.68 53.10
CA LEU A 53 41.65 16.63 54.15
C LEU A 53 41.07 15.22 54.27
N ALA A 54 41.22 14.41 53.22
CA ALA A 54 40.97 12.95 53.19
C ALA A 54 42.10 12.26 53.97
N GLY A 55 43.34 12.61 53.65
CA GLY A 55 44.52 12.27 54.47
C GLY A 55 44.26 12.52 55.95
N MET A 56 43.80 13.72 56.31
CA MET A 56 43.69 14.18 57.73
C MET A 56 42.58 13.40 58.43
N ALA A 57 41.46 13.14 57.75
CA ALA A 57 40.28 12.40 58.28
C ALA A 57 40.69 10.95 58.58
N GLN A 58 41.42 10.30 57.66
CA GLN A 58 41.99 8.94 57.86
C GLN A 58 42.86 8.94 59.13
N ARG A 59 43.72 9.95 59.32
CA ARG A 59 44.65 10.04 60.48
C ARG A 59 43.88 10.35 61.76
N THR A 60 42.75 11.04 61.66
CA THR A 60 41.86 11.36 62.81
C THR A 60 41.13 10.07 63.21
N LEU A 61 40.58 9.33 62.23
CA LEU A 61 39.73 8.13 62.48
C LEU A 61 40.57 7.05 63.16
N LYS A 62 41.80 6.83 62.67
CA LYS A 62 42.74 5.81 63.18
C LYS A 62 43.19 6.14 64.61
N ASN A 63 43.16 7.41 65.03
CA ASN A 63 43.77 7.89 66.30
C ASN A 63 42.77 8.00 67.46
N LYS A 64 41.47 8.17 67.21
CA LYS A 64 40.49 8.36 68.32
C LYS A 64 39.05 7.98 67.95
N TYR A 65 38.83 7.16 66.92
CA TYR A 65 37.48 6.67 66.53
C TYR A 65 37.46 5.17 66.24
N GLU A 66 38.57 4.45 66.49
CA GLU A 66 38.63 2.97 66.28
C GLU A 66 37.58 2.31 67.17
N SER A 67 37.48 2.71 68.46
CA SER A 67 36.52 2.14 69.44
C SER A 67 35.09 2.62 69.12
N TYR A 68 34.89 3.91 68.85
CA TYR A 68 33.58 4.54 68.54
C TYR A 68 32.96 3.89 67.30
N ASP A 69 33.78 3.53 66.30
CA ASP A 69 33.34 2.93 65.01
C ASP A 69 32.92 1.47 65.24
N ALA A 70 33.70 0.71 66.02
CA ALA A 70 33.42 -0.69 66.42
C ALA A 70 32.11 -0.76 67.22
N ALA A 71 31.93 0.14 68.21
CA ALA A 71 30.77 0.22 69.13
C ALA A 71 29.44 0.48 68.39
N LEU A 72 29.44 1.32 67.35
CA LEU A 72 28.24 1.65 66.53
C LEU A 72 28.21 0.75 65.28
N SER A 73 29.33 0.11 64.94
CA SER A 73 29.52 -0.79 63.78
C SER A 73 29.04 -0.06 62.50
N LEU A 74 29.74 1.03 62.14
CA LEU A 74 29.50 1.80 60.89
C LEU A 74 30.79 1.86 60.07
N HIS A 75 30.68 1.56 58.77
CA HIS A 75 31.71 1.79 57.74
C HIS A 75 31.84 3.31 57.52
N ARG A 76 33.08 3.84 57.49
CA ARG A 76 33.36 5.22 57.06
C ARG A 76 34.23 5.17 55.79
N GLU A 77 33.63 5.48 54.65
CA GLU A 77 34.34 5.73 53.36
C GLU A 77 34.97 7.13 53.41
N ILE A 78 36.25 7.26 53.08
CA ILE A 78 36.97 8.56 52.94
C ILE A 78 37.45 8.69 51.49
N LEU A 79 36.66 9.38 50.66
CA LEU A 79 36.89 9.52 49.19
C LEU A 79 37.43 10.93 48.89
N CYS A 80 38.26 11.01 47.85
CA CYS A 80 38.72 12.27 47.23
C CYS A 80 38.28 12.28 45.77
N TYR A 81 37.95 13.45 45.26
CA TYR A 81 37.43 13.67 43.89
C TYR A 81 38.50 13.29 42.85
N SER A 82 39.75 13.71 43.09
CA SER A 82 40.91 13.55 42.17
C SER A 82 41.25 12.06 41.97
N LYS A 83 41.50 11.32 43.07
CA LYS A 83 42.03 9.92 43.06
C LYS A 83 40.89 8.87 42.97
N ASP A 84 39.75 9.09 43.63
CA ASP A 84 38.61 8.13 43.75
C ASP A 84 37.36 8.66 43.01
N ALA A 85 37.52 9.25 41.81
CA ALA A 85 36.44 9.80 40.95
C ALA A 85 35.48 8.68 40.52
N LYS A 86 36.00 7.47 40.34
CA LYS A 86 35.21 6.28 39.92
C LYS A 86 34.23 5.86 41.02
N GLU A 87 34.63 5.96 42.30
CA GLU A 87 33.81 5.55 43.46
C GLU A 87 32.76 6.62 43.80
N ILE A 88 32.91 7.85 43.26
CA ILE A 88 31.99 9.02 43.49
C ILE A 88 31.01 9.14 42.31
N TYR A 89 31.48 8.95 41.07
CA TYR A 89 30.67 9.11 39.83
C TYR A 89 29.89 7.84 39.50
N TYR A 90 30.28 6.70 40.10
CA TYR A 90 29.79 5.33 39.79
C TYR A 90 30.10 5.03 38.31
N THR A 91 31.40 5.08 37.96
CA THR A 91 31.97 4.85 36.60
C THR A 91 33.01 3.74 36.70
N PRO A 92 32.59 2.46 36.89
CA PRO A 92 33.53 1.35 36.99
C PRO A 92 33.97 0.84 35.60
N ASP A 93 34.96 -0.06 35.57
CA ASP A 93 35.51 -0.69 34.34
C ASP A 93 34.73 -1.98 34.03
N PRO A 94 34.64 -2.43 32.75
CA PRO A 94 34.01 -3.71 32.42
C PRO A 94 34.68 -4.92 33.08
N LEU A 328 62.79 -16.18 -22.77
CA LEU A 328 61.33 -15.92 -22.62
C LEU A 328 60.96 -14.61 -23.35
N GLU A 329 61.24 -13.45 -22.75
CA GLU A 329 60.95 -12.09 -23.29
C GLU A 329 62.24 -11.28 -23.52
N GLU A 330 63.42 -11.84 -23.20
CA GLU A 330 64.73 -11.17 -23.45
C GLU A 330 65.04 -11.18 -24.95
N ILE A 331 64.49 -12.13 -25.72
CA ILE A 331 64.63 -12.21 -27.20
C ILE A 331 63.97 -10.98 -27.84
N THR A 332 62.74 -10.65 -27.43
CA THR A 332 61.95 -9.53 -28.00
C THR A 332 62.60 -8.21 -27.58
N LYS A 333 63.04 -8.10 -26.33
CA LYS A 333 63.78 -6.93 -25.80
C LYS A 333 65.05 -6.69 -26.61
N ASP A 334 65.84 -7.74 -26.85
CA ASP A 334 67.18 -7.67 -27.51
C ASP A 334 67.03 -7.30 -28.99
N HIS A 335 65.99 -7.83 -29.66
CA HIS A 335 65.61 -7.44 -31.05
C HIS A 335 65.22 -5.95 -31.05
N LYS A 336 64.33 -5.53 -30.14
CA LYS A 336 63.85 -4.12 -30.04
C LYS A 336 65.04 -3.20 -29.78
N VAL A 337 66.01 -3.61 -28.95
CA VAL A 337 67.28 -2.85 -28.71
C VAL A 337 68.05 -2.69 -30.02
N LEU A 338 68.06 -3.71 -30.88
CA LEU A 338 68.72 -3.63 -32.20
C LEU A 338 68.01 -2.56 -33.03
N ALA A 339 66.70 -2.68 -33.16
CA ALA A 339 65.84 -1.79 -33.97
C ALA A 339 66.08 -0.33 -33.56
N ARG A 340 66.15 -0.04 -32.25
CA ARG A 340 66.30 1.35 -31.72
C ARG A 340 67.71 1.87 -32.08
N GLN A 341 68.72 1.00 -32.06
CA GLN A 341 70.11 1.37 -32.42
C GLN A 341 70.20 1.66 -33.92
N GLN A 342 69.46 0.90 -34.74
CA GLN A 342 69.37 1.12 -36.21
C GLN A 342 68.65 2.45 -36.50
N LEU A 343 67.57 2.71 -35.76
CA LEU A 343 66.73 3.92 -35.91
C LEU A 343 67.56 5.15 -35.55
N GLN A 344 68.36 5.09 -34.47
CA GLN A 344 69.22 6.22 -34.06
C GLN A 344 70.28 6.49 -35.14
N VAL A 345 70.82 5.43 -35.76
CA VAL A 345 71.86 5.53 -36.82
C VAL A 345 71.24 6.17 -38.06
N LEU A 346 70.02 5.76 -38.42
CA LEU A 346 69.27 6.34 -39.57
C LEU A 346 69.01 7.82 -39.30
N ALA A 347 68.57 8.13 -38.08
CA ALA A 347 68.24 9.49 -37.61
C ALA A 347 69.48 10.40 -37.73
N ARG A 348 70.63 9.97 -37.22
CA ARG A 348 71.86 10.81 -37.21
C ARG A 348 72.31 11.06 -38.65
N TYR A 349 72.05 10.12 -39.57
CA TYR A 349 72.39 10.25 -41.02
C TYR A 349 71.48 11.28 -41.67
N LEU A 350 70.18 11.24 -41.33
CA LEU A 350 69.11 12.14 -41.84
C LEU A 350 69.16 13.50 -41.11
N LYS A 351 70.09 13.66 -40.15
CA LYS A 351 70.25 14.81 -39.22
C LYS A 351 68.89 15.23 -38.65
N MET A 352 68.06 14.23 -38.34
CA MET A 352 66.67 14.37 -37.85
C MET A 352 66.71 14.30 -36.33
N ASP A 353 66.86 15.46 -35.68
CA ASP A 353 66.77 15.64 -34.21
C ASP A 353 65.44 15.04 -33.71
N LEU A 354 65.51 13.95 -32.94
CA LEU A 354 64.33 13.18 -32.48
C LEU A 354 63.77 13.73 -31.17
N ASP A 355 64.50 14.60 -30.46
CA ASP A 355 64.09 15.18 -29.16
C ASP A 355 63.72 16.67 -29.32
N ASN A 356 63.72 17.21 -30.54
CA ASN A 356 63.45 18.65 -30.81
C ASN A 356 62.01 18.99 -30.41
N GLY A 357 61.06 18.10 -30.70
CA GLY A 357 59.67 18.20 -30.20
C GLY A 357 59.66 18.41 -28.69
N GLU A 358 60.29 17.50 -27.95
CA GLU A 358 60.28 17.48 -26.46
C GLU A 358 60.98 18.73 -25.90
N ARG A 359 62.10 19.18 -26.48
CA ARG A 359 62.87 20.35 -25.95
C ARG A 359 61.99 21.60 -25.98
N LYS A 360 61.37 21.87 -27.12
CA LYS A 360 60.34 22.93 -27.32
C LYS A 360 59.22 22.77 -26.30
N PHE A 361 58.58 21.59 -26.23
CA PHE A 361 57.47 21.27 -25.30
C PHE A 361 57.81 21.61 -23.85
N LEU A 362 59.05 21.39 -23.42
CA LEU A 362 59.52 21.67 -22.03
C LEU A 362 59.75 23.18 -21.84
N LYS A 363 60.13 23.92 -22.89
CA LYS A 363 60.29 25.40 -22.82
C LYS A 363 58.91 26.07 -22.76
N GLU A 364 57.97 25.68 -23.62
CA GLU A 364 56.56 26.16 -23.57
C GLU A 364 55.98 25.88 -22.17
N LYS A 365 56.26 24.72 -21.58
CA LYS A 365 55.72 24.33 -20.26
C LYS A 365 56.37 25.15 -19.14
N ASP A 366 57.54 25.75 -19.36
CA ASP A 366 58.14 26.74 -18.40
C ASP A 366 57.48 28.11 -18.60
N THR A 367 57.35 28.56 -19.85
CA THR A 367 56.59 29.79 -20.21
C THR A 367 55.21 29.77 -19.57
N VAL A 368 54.48 28.64 -19.69
CA VAL A 368 53.11 28.47 -19.11
C VAL A 368 53.19 28.69 -17.60
N ALA A 369 54.08 27.98 -16.91
CA ALA A 369 54.25 28.06 -15.44
C ALA A 369 54.57 29.49 -14.99
N GLU A 370 55.28 30.26 -15.82
CA GLU A 370 55.62 31.67 -15.53
C GLU A 370 54.37 32.54 -15.67
N LEU A 371 53.63 32.44 -16.78
CA LEU A 371 52.37 33.19 -16.98
C LEU A 371 51.40 32.82 -15.85
N GLN A 372 51.14 31.54 -15.63
CA GLN A 372 50.25 31.06 -14.55
C GLN A 372 50.65 31.67 -13.21
N ALA A 373 51.93 31.93 -12.95
CA ALA A 373 52.38 32.53 -11.67
C ALA A 373 51.96 34.00 -11.62
N GLN A 374 52.24 34.73 -12.69
CA GLN A 374 51.83 36.15 -12.86
C GLN A 374 50.32 36.29 -12.71
N LEU A 375 49.56 35.41 -13.35
CA LEU A 375 48.08 35.44 -13.36
C LEU A 375 47.52 35.00 -11.99
N ASP A 376 48.17 34.06 -11.30
CA ASP A 376 47.77 33.63 -9.94
C ASP A 376 48.13 34.72 -8.93
N TYR A 377 49.14 35.55 -9.22
CA TYR A 377 49.55 36.67 -8.34
C TYR A 377 48.45 37.75 -8.37
N LEU A 378 48.08 38.20 -9.56
CA LEU A 378 46.96 39.18 -9.76
C LEU A 378 45.66 38.64 -9.17
N ASN A 379 45.37 37.35 -9.29
CA ASN A 379 44.16 36.77 -8.64
C ASN A 379 44.25 36.98 -7.15
N ALA A 380 45.42 36.73 -6.55
CA ALA A 380 45.68 36.85 -5.10
C ALA A 380 45.61 38.31 -4.64
N GLU A 381 46.15 39.27 -5.41
CA GLU A 381 46.10 40.71 -5.08
C GLU A 381 44.66 41.25 -5.24
N LEU A 382 44.12 41.22 -6.44
CA LEU A 382 42.81 41.83 -6.76
C LEU A 382 41.66 41.01 -6.17
N GLY A 383 41.75 39.69 -6.29
CA GLY A 383 40.71 38.78 -5.79
C GLY A 383 39.99 38.18 -6.97
N GLU A 384 39.42 37.00 -6.79
CA GLU A 384 38.63 36.30 -7.81
C GLU A 384 37.44 37.18 -8.23
N PHE A 385 36.77 37.85 -7.29
CA PHE A 385 35.53 38.61 -7.57
C PHE A 385 35.85 39.75 -8.53
N PHE A 386 36.96 40.42 -8.31
CA PHE A 386 37.38 41.62 -9.06
C PHE A 386 37.91 41.21 -10.43
N VAL A 387 38.73 40.16 -10.50
CA VAL A 387 39.32 39.67 -11.78
C VAL A 387 38.21 39.13 -12.67
N ASN A 388 37.21 38.47 -12.12
CA ASN A 388 36.04 38.00 -12.90
C ASN A 388 35.07 39.16 -13.20
N GLY A 389 34.89 40.05 -12.22
CA GLY A 389 33.98 41.20 -12.28
C GLY A 389 34.30 42.12 -13.44
N VAL A 390 35.59 42.32 -13.78
CA VAL A 390 36.03 43.34 -14.79
C VAL A 390 35.98 42.76 -16.20
N ALA A 391 35.45 41.56 -16.39
CA ALA A 391 35.21 40.98 -17.74
C ALA A 391 34.27 41.90 -18.54
N THR A 392 34.68 42.30 -19.75
CA THR A 392 33.84 43.13 -20.67
C THR A 392 32.56 42.39 -21.00
N SER A 393 31.48 43.16 -21.17
CA SER A 393 30.15 42.73 -21.65
C SER A 393 29.78 43.50 -22.91
N PHE A 394 30.15 44.78 -22.97
CA PHE A 394 29.65 45.72 -24.01
C PHE A 394 30.17 45.30 -25.36
N SER A 395 29.37 45.58 -26.38
CA SER A 395 29.67 45.39 -27.80
C SER A 395 28.62 46.13 -28.60
N ARG A 396 29.02 46.92 -29.58
CA ARG A 396 28.05 47.72 -30.36
C ARG A 396 27.01 46.81 -31.04
N LYS A 397 27.39 45.58 -31.39
CA LYS A 397 26.50 44.67 -32.13
C LYS A 397 25.31 44.25 -31.26
N LYS A 398 25.47 44.19 -29.94
CA LYS A 398 24.34 43.83 -29.06
C LYS A 398 23.43 45.04 -28.74
N ALA A 399 23.68 46.24 -29.25
CA ALA A 399 22.78 47.38 -28.98
C ALA A 399 21.42 47.10 -29.60
N ARG A 400 20.33 47.16 -28.81
CA ARG A 400 18.94 47.08 -29.31
C ARG A 400 18.30 48.46 -29.27
N THR A 401 17.78 48.91 -30.40
CA THR A 401 17.19 50.24 -30.57
C THR A 401 15.68 50.12 -30.63
N PHE A 402 14.95 50.76 -29.73
CA PHE A 402 13.48 50.89 -29.77
C PHE A 402 13.16 52.32 -30.17
N ASP A 403 12.48 52.55 -31.30
CA ASP A 403 12.12 53.91 -31.76
C ASP A 403 10.82 53.97 -32.55
N SER A 404 9.99 52.93 -32.56
CA SER A 404 8.78 52.88 -33.44
C SER A 404 7.52 53.22 -32.62
N SER A 405 7.51 54.42 -32.04
CA SER A 405 6.36 54.88 -31.25
C SER A 405 5.19 55.01 -32.21
N TRP A 406 5.44 55.44 -33.44
CA TRP A 406 4.37 55.64 -34.44
C TRP A 406 3.44 54.42 -34.49
N ASN A 407 4.01 53.23 -34.52
CA ASN A 407 3.26 51.95 -34.56
C ASN A 407 2.71 51.56 -33.19
N TRP A 408 3.39 51.83 -32.07
CA TRP A 408 2.90 51.38 -30.75
C TRP A 408 1.77 52.28 -30.28
N ALA A 409 1.71 53.52 -30.73
CA ALA A 409 0.56 54.40 -30.49
C ALA A 409 -0.74 53.69 -30.85
N LYS A 410 -0.81 53.11 -32.03
CA LYS A 410 -2.08 52.55 -32.56
C LYS A 410 -2.44 51.35 -31.70
N GLN A 411 -1.46 50.57 -31.32
CA GLN A 411 -1.67 49.31 -30.56
C GLN A 411 -2.19 49.66 -29.17
N SER A 412 -1.61 50.69 -28.57
CA SER A 412 -1.99 51.27 -27.23
C SER A 412 -3.44 51.70 -27.25
N LEU A 413 -3.85 52.39 -28.32
CA LEU A 413 -5.24 52.82 -28.44
C LEU A 413 -6.12 51.56 -28.54
N LEU A 414 -5.85 50.71 -29.50
CA LEU A 414 -6.70 49.54 -29.85
C LEU A 414 -6.80 48.59 -28.65
N SER A 415 -5.77 48.48 -27.83
CA SER A 415 -5.77 47.61 -26.63
C SER A 415 -6.74 48.19 -25.60
N LEU A 416 -6.68 49.50 -25.39
CA LEU A 416 -7.59 50.27 -24.52
C LEU A 416 -9.02 50.12 -25.03
N TYR A 417 -9.23 50.41 -26.29
CA TYR A 417 -10.55 50.33 -26.94
C TYR A 417 -11.23 48.98 -26.69
N PHE A 418 -10.51 47.88 -26.78
CA PHE A 418 -11.07 46.53 -26.55
C PHE A 418 -11.01 46.15 -25.07
N GLU A 419 -10.10 46.73 -24.30
CA GLU A 419 -10.11 46.56 -22.82
C GLU A 419 -11.42 47.15 -22.27
N ILE A 420 -11.81 48.33 -22.78
CA ILE A 420 -12.99 49.05 -22.23
C ILE A 420 -14.23 48.27 -22.64
N ILE A 421 -14.31 47.89 -23.92
CA ILE A 421 -15.46 47.15 -24.52
C ILE A 421 -15.71 45.82 -23.80
N HIS A 422 -14.68 45.19 -23.22
CA HIS A 422 -14.80 43.91 -22.45
C HIS A 422 -14.85 44.16 -20.95
N GLY A 423 -15.10 45.40 -20.52
CA GLY A 423 -15.22 45.81 -19.11
C GLY A 423 -14.00 45.43 -18.26
N VAL A 424 -12.81 45.35 -18.85
CA VAL A 424 -11.54 45.10 -18.10
C VAL A 424 -11.13 46.40 -17.39
N LEU A 425 -11.22 47.54 -18.09
CA LEU A 425 -11.08 48.90 -17.52
C LEU A 425 -12.46 49.56 -17.46
N LYS A 426 -12.81 50.13 -16.31
CA LYS A 426 -14.06 50.88 -16.03
C LYS A 426 -13.76 52.38 -16.07
N ASN A 427 -14.80 53.20 -15.92
CA ASN A 427 -14.70 54.69 -16.01
C ASN A 427 -14.06 55.30 -14.76
N VAL A 428 -13.82 54.51 -13.69
CA VAL A 428 -13.23 54.98 -12.40
C VAL A 428 -11.71 54.74 -12.39
N ASP A 429 -11.24 53.68 -13.06
CA ASP A 429 -9.83 53.20 -13.03
C ASP A 429 -8.89 54.31 -13.54
N ARG A 430 -7.77 54.54 -12.82
CA ARG A 430 -6.74 55.53 -13.19
C ARG A 430 -5.99 55.09 -14.45
N GLU A 431 -5.96 53.78 -14.71
CA GLU A 431 -5.23 53.15 -15.84
C GLU A 431 -5.77 53.74 -17.15
N VAL A 432 -7.05 54.11 -17.20
CA VAL A 432 -7.71 54.75 -18.38
C VAL A 432 -7.09 56.11 -18.65
N VAL A 433 -6.70 56.83 -17.61
CA VAL A 433 -6.14 58.21 -17.73
C VAL A 433 -4.66 58.09 -18.14
N SER A 434 -3.91 57.20 -17.48
CA SER A 434 -2.48 56.92 -17.77
C SER A 434 -2.33 56.56 -19.27
N GLU A 435 -3.17 55.65 -19.75
CA GLU A 435 -3.16 55.20 -21.17
C GLU A 435 -3.55 56.35 -22.09
N ALA A 436 -4.44 57.25 -21.66
CA ALA A 436 -4.78 58.43 -22.47
C ALA A 436 -3.52 59.27 -22.65
N ILE A 437 -2.84 59.60 -21.56
CA ILE A 437 -1.63 60.48 -21.58
C ILE A 437 -0.64 59.95 -22.60
N ASN A 438 -0.41 58.64 -22.54
CA ASN A 438 0.54 57.94 -23.43
C ASN A 438 0.03 57.97 -24.86
N ILE A 439 -1.27 57.88 -25.11
CA ILE A 439 -1.80 58.07 -26.50
C ILE A 439 -1.61 59.52 -26.94
N MET A 440 -1.91 60.49 -26.09
CA MET A 440 -1.71 61.93 -26.41
C MET A 440 -0.25 62.23 -26.71
N ASN A 441 0.70 61.65 -25.99
CA ASN A 441 2.16 61.88 -26.21
C ASN A 441 2.68 61.25 -27.51
N ARG A 442 1.85 60.44 -28.17
CA ARG A 442 2.17 59.84 -29.47
C ARG A 442 1.27 60.38 -30.56
N SER A 443 0.45 61.38 -30.26
CA SER A 443 -0.46 62.00 -31.25
C SER A 443 0.32 62.40 -32.53
N ASN A 444 -0.23 62.02 -33.67
CA ASN A 444 0.13 62.54 -35.02
C ASN A 444 -1.15 62.44 -35.86
N ASP A 445 -1.11 62.81 -37.13
CA ASP A 445 -2.30 62.77 -38.02
C ASP A 445 -2.76 61.31 -38.19
N ALA A 446 -1.81 60.40 -38.44
CA ALA A 446 -2.11 58.97 -38.72
C ALA A 446 -2.78 58.30 -37.53
N LEU A 447 -2.51 58.73 -36.30
CA LEU A 447 -3.17 58.22 -35.07
C LEU A 447 -4.54 58.87 -34.90
N ILE A 448 -4.65 60.16 -35.22
CA ILE A 448 -5.94 60.89 -35.08
C ILE A 448 -6.95 60.27 -36.04
N LYS A 449 -6.53 59.88 -37.25
CA LYS A 449 -7.42 59.20 -38.22
C LYS A 449 -7.79 57.84 -37.66
N PHE A 450 -6.84 57.12 -37.09
CA PHE A 450 -7.04 55.75 -36.58
C PHE A 450 -8.12 55.77 -35.48
N MET A 451 -8.01 56.69 -34.51
CA MET A 451 -9.02 56.97 -33.44
C MET A 451 -10.34 57.47 -34.08
N GLU A 452 -10.31 58.42 -34.99
CA GLU A 452 -11.57 58.98 -35.54
C GLU A 452 -12.36 57.82 -36.11
N TYR A 453 -11.73 56.96 -36.91
CA TYR A 453 -12.41 55.87 -37.64
C TYR A 453 -13.02 54.88 -36.66
N HIS A 454 -12.26 54.40 -35.69
CA HIS A 454 -12.71 53.32 -34.78
C HIS A 454 -13.82 53.82 -33.89
N ILE A 455 -13.68 55.02 -33.35
CA ILE A 455 -14.66 55.62 -32.40
C ILE A 455 -15.94 55.96 -33.18
N SER A 456 -15.85 56.63 -34.31
CA SER A 456 -17.02 56.92 -35.18
C SER A 456 -17.82 55.63 -35.43
N ASN A 457 -17.15 54.55 -35.81
CA ASN A 457 -17.76 53.25 -36.23
C ASN A 457 -18.23 52.41 -35.04
N THR A 458 -18.00 52.85 -33.80
CA THR A 458 -18.52 52.16 -32.60
C THR A 458 -20.03 52.38 -32.53
N ASP A 459 -20.78 51.30 -32.29
CA ASP A 459 -22.27 51.29 -32.18
C ASP A 459 -22.65 51.18 -30.70
N GLU A 460 -23.01 52.32 -30.10
CA GLU A 460 -23.23 52.53 -28.63
C GLU A 460 -24.49 51.81 -28.15
N THR A 461 -25.35 51.32 -29.06
CA THR A 461 -26.61 50.59 -28.76
C THR A 461 -26.33 49.12 -28.39
N LYS A 462 -25.11 48.62 -28.62
CA LYS A 462 -24.75 47.20 -28.39
C LYS A 462 -24.47 46.92 -26.91
N GLY A 463 -24.20 47.97 -26.11
CA GLY A 463 -23.81 47.81 -24.70
C GLY A 463 -23.45 49.13 -24.05
N GLU A 464 -23.41 49.15 -22.72
CA GLU A 464 -23.06 50.33 -21.90
C GLU A 464 -21.58 50.63 -22.12
N ASN A 465 -20.79 49.55 -22.23
CA ASN A 465 -19.32 49.57 -22.44
C ASN A 465 -19.02 50.29 -23.76
N TYR A 466 -19.80 49.99 -24.81
CA TYR A 466 -19.69 50.62 -26.16
C TYR A 466 -20.02 52.10 -26.09
N GLN A 467 -20.95 52.51 -25.21
CA GLN A 467 -21.28 53.95 -24.99
C GLN A 467 -20.12 54.62 -24.25
N LEU A 468 -19.63 53.98 -23.19
CA LEU A 468 -18.48 54.48 -22.38
C LEU A 468 -17.26 54.63 -23.28
N VAL A 469 -16.99 53.67 -24.17
CA VAL A 469 -15.79 53.76 -25.04
C VAL A 469 -15.99 54.94 -26.00
N LYS A 470 -17.17 55.05 -26.59
CA LYS A 470 -17.48 56.13 -27.58
C LYS A 470 -17.36 57.51 -26.93
N THR A 471 -17.83 57.68 -25.69
CA THR A 471 -17.75 58.99 -24.98
C THR A 471 -16.28 59.37 -24.73
N LEU A 472 -15.51 58.43 -24.17
CA LEU A 472 -14.05 58.56 -23.92
C LEU A 472 -13.31 58.70 -25.26
N GLY A 473 -13.68 57.90 -26.26
CA GLY A 473 -13.10 57.95 -27.61
C GLY A 473 -13.14 59.35 -28.19
N GLU A 474 -14.29 60.00 -28.09
CA GLU A 474 -14.51 61.38 -28.60
C GLU A 474 -13.64 62.35 -27.79
N GLN A 475 -13.54 62.11 -26.49
CA GLN A 475 -12.76 62.98 -25.60
C GLN A 475 -11.29 62.88 -25.98
N LEU A 476 -10.84 61.68 -26.35
CA LEU A 476 -9.41 61.40 -26.54
C LEU A 476 -8.96 62.03 -27.85
N ILE A 477 -9.83 61.99 -28.88
CA ILE A 477 -9.65 62.67 -30.20
C ILE A 477 -9.60 64.19 -30.00
N GLU A 478 -10.43 64.76 -29.13
CA GLU A 478 -10.39 66.22 -28.82
C GLU A 478 -9.04 66.59 -28.21
N ASN A 479 -8.58 65.81 -27.23
CA ASN A 479 -7.24 65.97 -26.63
C ASN A 479 -6.12 65.79 -27.65
N CYS A 480 -6.18 64.72 -28.47
CA CYS A 480 -5.11 64.37 -29.44
C CYS A 480 -5.04 65.39 -30.59
N LYS A 481 -6.14 66.08 -30.92
CA LYS A 481 -6.10 67.19 -31.89
C LYS A 481 -5.39 68.39 -31.25
N GLN A 482 -5.67 68.67 -29.98
CA GLN A 482 -5.17 69.87 -29.25
C GLN A 482 -3.65 69.74 -29.08
N VAL A 483 -3.17 68.55 -28.72
CA VAL A 483 -1.73 68.30 -28.37
C VAL A 483 -0.95 67.77 -29.58
N LEU A 484 -1.53 67.72 -30.77
CA LEU A 484 -0.76 67.62 -32.04
C LEU A 484 0.17 68.84 -32.11
N ASP A 485 1.47 68.62 -32.32
CA ASP A 485 2.50 69.69 -32.49
C ASP A 485 2.91 70.32 -31.14
N VAL A 486 2.42 69.78 -30.02
CA VAL A 486 2.88 70.11 -28.64
C VAL A 486 3.89 69.05 -28.21
N ASP A 487 4.87 69.43 -27.40
CA ASP A 487 5.89 68.50 -26.89
C ASP A 487 5.24 67.50 -25.96
N PRO A 488 5.66 66.22 -26.00
CA PRO A 488 5.12 65.19 -25.13
C PRO A 488 5.60 65.38 -23.70
N VAL A 489 4.75 65.08 -22.73
CA VAL A 489 5.08 65.37 -21.32
C VAL A 489 5.10 64.08 -20.52
N TYR A 490 6.04 64.03 -19.59
CA TYR A 490 6.02 63.14 -18.40
C TYR A 490 4.94 63.69 -17.48
N LYS A 491 3.97 62.87 -17.13
CA LYS A 491 2.89 63.27 -16.19
C LYS A 491 2.43 61.99 -15.51
N ASP A 492 2.88 61.75 -14.28
CA ASP A 492 2.52 60.55 -13.50
C ASP A 492 1.19 60.84 -12.78
N VAL A 493 0.19 60.01 -13.02
CA VAL A 493 -1.15 60.13 -12.39
C VAL A 493 -1.45 58.84 -11.63
N ALA A 494 -0.42 58.09 -11.28
CA ALA A 494 -0.55 56.91 -10.40
C ALA A 494 -0.82 57.43 -8.99
N LYS A 495 -1.66 56.70 -8.26
CA LYS A 495 -2.10 57.04 -6.89
C LYS A 495 -0.90 56.89 -5.93
N PRO A 496 -0.51 57.94 -5.19
CA PRO A 496 0.64 57.87 -4.29
C PRO A 496 0.37 57.01 -3.06
N THR A 497 1.30 56.13 -2.75
CA THR A 497 1.16 55.10 -1.70
C THR A 497 2.11 55.44 -0.55
N GLY A 498 1.72 54.97 0.64
CA GLY A 498 2.52 55.02 1.87
C GLY A 498 2.68 53.61 2.43
N PRO A 499 3.65 53.40 3.33
CA PRO A 499 3.83 52.08 3.92
C PRO A 499 2.76 51.76 4.98
N LYS A 500 2.31 50.50 5.01
CA LYS A 500 1.53 49.88 6.12
C LYS A 500 2.13 48.54 6.50
N THR A 501 2.66 48.45 7.72
CA THR A 501 3.02 47.19 8.45
C THR A 501 1.80 46.74 9.28
N ALA A 502 1.38 45.50 9.11
CA ALA A 502 0.30 44.85 9.90
C ALA A 502 0.81 43.54 10.45
N ILE A 503 0.72 43.35 11.76
CA ILE A 503 0.92 42.03 12.42
C ILE A 503 -0.49 41.50 12.75
N ASP A 504 -0.80 40.27 12.32
CA ASP A 504 -2.11 39.61 12.61
C ASP A 504 -2.05 39.00 14.02
N LYS A 505 -3.15 38.37 14.45
CA LYS A 505 -3.27 37.75 15.80
C LYS A 505 -2.28 36.57 15.94
N ASN A 506 -1.87 35.93 14.84
CA ASN A 506 -0.92 34.78 14.81
C ASN A 506 0.54 35.26 14.65
N GLY A 507 0.78 36.57 14.72
CA GLY A 507 2.13 37.19 14.68
C GLY A 507 2.83 37.05 13.33
N ASN A 508 2.09 37.13 12.22
CA ASN A 508 2.64 37.22 10.84
C ASN A 508 2.79 38.69 10.48
N ILE A 509 4.03 39.12 10.15
CA ILE A 509 4.37 40.51 9.71
C ILE A 509 4.17 40.57 8.20
N THR A 510 3.22 41.39 7.74
CA THR A 510 2.93 41.67 6.32
C THR A 510 3.11 43.17 6.09
N TYR A 511 3.84 43.54 5.05
CA TYR A 511 3.95 44.93 4.55
C TYR A 511 3.14 45.05 3.26
N SER A 512 2.24 46.03 3.21
CA SER A 512 1.52 46.48 1.99
C SER A 512 1.86 47.94 1.71
N GLU A 513 1.68 48.38 0.46
CA GLU A 513 1.56 49.81 0.07
C GLU A 513 0.06 50.14 0.03
N GLU A 514 -0.38 51.12 0.81
CA GLU A 514 -1.80 51.58 0.84
C GLU A 514 -1.84 53.00 0.33
N PRO A 515 -2.98 53.47 -0.25
CA PRO A 515 -3.14 54.87 -0.63
C PRO A 515 -3.11 55.77 0.62
N ARG A 516 -2.40 56.89 0.53
CA ARG A 516 -2.35 57.91 1.62
C ARG A 516 -3.72 58.58 1.71
N GLU A 517 -4.08 59.05 2.89
CA GLU A 517 -5.36 59.76 3.15
C GLU A 517 -5.31 61.14 2.47
N LYS A 518 -4.32 61.95 2.85
CA LYS A 518 -4.21 63.38 2.50
C LYS A 518 -3.89 63.54 1.00
N VAL A 519 -3.05 62.66 0.47
CA VAL A 519 -2.36 62.76 -0.85
C VAL A 519 -2.95 61.73 -1.81
N ARG A 520 -3.75 62.15 -2.79
CA ARG A 520 -4.30 61.23 -3.83
C ARG A 520 -3.85 61.69 -5.24
N LYS A 521 -2.97 62.68 -5.36
CA LYS A 521 -2.39 63.20 -6.63
C LYS A 521 -0.91 63.49 -6.40
N LEU A 522 -0.16 63.89 -7.43
CA LEU A 522 1.23 64.38 -7.23
C LEU A 522 1.21 65.87 -6.89
N SER A 523 0.27 66.66 -7.42
CA SER A 523 0.12 68.09 -7.04
C SER A 523 0.15 68.18 -5.52
N GLN A 524 -0.70 67.41 -4.85
CA GLN A 524 -0.83 67.34 -3.36
C GLN A 524 0.45 66.79 -2.72
N TYR A 525 1.09 65.81 -3.35
CA TYR A 525 2.42 65.30 -2.92
C TYR A 525 3.42 66.45 -2.84
N VAL A 526 3.42 67.36 -3.83
CA VAL A 526 4.42 68.46 -3.86
C VAL A 526 4.07 69.50 -2.81
N GLN A 527 2.77 69.71 -2.55
CA GLN A 527 2.28 70.59 -1.45
C GLN A 527 2.75 70.02 -0.09
N GLU A 528 2.49 68.73 0.18
CA GLU A 528 2.98 68.01 1.40
C GLU A 528 4.50 68.18 1.57
N MET A 529 5.26 68.13 0.48
CA MET A 529 6.73 68.27 0.54
C MET A 529 7.09 69.70 0.93
N ALA A 530 6.42 70.71 0.36
CA ALA A 530 6.74 72.14 0.59
C ALA A 530 6.43 72.57 2.03
N LEU A 531 5.48 71.91 2.71
CA LEU A 531 5.09 72.22 4.11
C LEU A 531 6.03 71.57 5.14
N GLY A 532 6.87 70.64 4.70
CA GLY A 532 7.85 69.97 5.58
C GLY A 532 7.14 69.19 6.66
N GLY A 533 7.55 69.39 7.90
CA GLY A 533 6.89 68.81 9.09
C GLY A 533 7.32 69.51 10.37
N PRO A 534 6.82 69.06 11.55
CA PRO A 534 7.30 69.57 12.83
C PRO A 534 8.80 69.29 13.11
N ILE A 535 9.32 68.17 12.61
CA ILE A 535 10.74 67.73 12.85
C ILE A 535 11.71 68.62 12.04
N THR A 536 11.27 69.07 10.85
CA THR A 536 12.06 69.89 9.89
C THR A 536 12.10 71.37 10.30
N LYS A 537 11.26 71.77 11.26
CA LYS A 537 11.33 73.08 11.98
C LYS A 537 12.76 73.24 12.53
N GLU A 538 13.35 74.43 12.37
CA GLU A 538 14.66 74.79 12.98
C GLU A 538 14.55 76.15 13.67
N SER A 539 15.41 76.40 14.66
CA SER A 539 15.46 77.63 15.50
C SER A 539 16.52 78.59 14.96
N ALA A 604 -11.05 65.19 -9.90
CA ALA A 604 -11.87 64.44 -10.90
C ALA A 604 -11.46 62.95 -11.00
N LEU A 605 -10.33 62.54 -10.40
CA LEU A 605 -9.78 61.15 -10.40
C LEU A 605 -10.62 60.24 -9.49
N ASP A 606 -10.60 58.92 -9.76
CA ASP A 606 -11.15 57.82 -8.93
C ASP A 606 -12.69 57.79 -8.97
N LYS A 607 -13.36 58.67 -9.72
CA LYS A 607 -14.84 58.75 -9.78
C LYS A 607 -15.32 58.78 -11.25
N ASP A 608 -14.68 59.57 -12.11
CA ASP A 608 -14.97 59.64 -13.57
C ASP A 608 -13.66 60.01 -14.29
N SER A 609 -13.10 59.06 -15.03
CA SER A 609 -11.85 59.22 -15.81
C SER A 609 -12.11 60.03 -17.08
N THR A 610 -13.30 59.91 -17.68
CA THR A 610 -13.70 60.55 -18.97
C THR A 610 -13.61 62.09 -18.89
N LYS A 611 -13.96 62.68 -17.74
CA LYS A 611 -13.81 64.14 -17.47
C LYS A 611 -12.34 64.44 -17.14
N GLU A 612 -11.65 63.55 -16.42
CA GLU A 612 -10.21 63.69 -16.05
C GLU A 612 -9.32 63.59 -17.31
N VAL A 613 -9.78 62.87 -18.34
CA VAL A 613 -9.15 62.85 -19.68
C VAL A 613 -9.32 64.25 -20.33
N ALA A 614 -10.50 64.85 -20.27
CA ALA A 614 -10.82 66.14 -20.92
C ALA A 614 -9.96 67.29 -20.35
N SER A 615 -9.39 67.09 -19.15
CA SER A 615 -8.58 68.08 -18.40
C SER A 615 -7.08 67.94 -18.68
N LEU A 616 -6.65 66.94 -19.45
CA LEU A 616 -5.21 66.59 -19.64
C LEU A 616 -4.49 67.65 -20.47
N PRO A 617 -5.04 68.10 -21.63
CA PRO A 617 -4.32 69.06 -22.49
C PRO A 617 -4.22 70.47 -21.87
N ASN A 618 -5.15 70.82 -20.98
CA ASN A 618 -5.32 72.18 -20.39
C ASN A 618 -4.16 72.45 -19.42
N LYS A 619 -3.23 73.32 -19.83
CA LYS A 619 -2.07 73.70 -18.98
C LYS A 619 -2.56 74.66 -17.89
N SER A 620 -2.81 74.13 -16.69
CA SER A 620 -3.39 74.85 -15.52
C SER A 620 -2.49 76.04 -15.13
N THR A 621 -3.04 77.27 -15.24
CA THR A 621 -2.37 78.55 -14.91
C THR A 621 -2.21 78.64 -13.39
N ILE A 622 -0.96 78.64 -12.91
CA ILE A 622 -0.63 78.59 -11.46
C ILE A 622 -0.84 80.01 -10.91
N SER A 623 -1.93 80.22 -10.16
CA SER A 623 -2.26 81.50 -9.50
C SER A 623 -1.07 81.93 -8.61
N LYS A 624 -0.86 81.24 -7.49
CA LYS A 624 0.23 81.50 -6.52
C LYS A 624 1.05 80.21 -6.35
N THR A 625 2.38 80.34 -6.37
CA THR A 625 3.31 79.17 -6.37
C THR A 625 3.20 78.43 -5.03
N VAL A 626 3.54 77.16 -5.04
CA VAL A 626 3.65 76.29 -3.82
C VAL A 626 4.83 76.75 -2.96
N SER A 627 5.79 77.51 -3.50
CA SER A 627 6.99 78.00 -2.74
C SER A 627 6.57 79.10 -1.75
N SER A 628 5.55 79.89 -2.10
CA SER A 628 4.92 80.90 -1.20
C SER A 628 4.35 80.22 0.05
N THR A 629 3.87 78.96 -0.05
CA THR A 629 3.22 78.19 1.05
C THR A 629 4.25 77.53 1.97
N ILE A 630 5.55 77.67 1.72
CA ILE A 630 6.61 77.09 2.60
C ILE A 630 6.58 77.90 3.89
N PRO A 631 6.27 77.28 5.06
CA PRO A 631 6.28 78.00 6.33
C PRO A 631 7.67 78.61 6.60
N ARG A 632 7.71 79.87 7.01
CA ARG A 632 8.96 80.53 7.49
C ARG A 632 9.57 79.64 8.60
N GLU A 633 10.90 79.53 8.60
CA GLU A 633 11.69 78.73 9.59
C GLU A 633 11.24 77.25 9.55
N THR A 634 10.85 76.73 8.39
CA THR A 634 10.59 75.29 8.12
C THR A 634 11.27 74.87 6.81
N ILE A 635 12.15 73.88 6.92
CA ILE A 635 12.90 73.25 5.77
C ILE A 635 11.95 72.24 5.10
N PRO A 636 11.61 72.38 3.81
CA PRO A 636 10.70 71.45 3.17
C PRO A 636 11.30 70.04 3.13
N PHE A 637 10.57 69.05 2.64
CA PHE A 637 11.13 67.67 2.58
C PHE A 637 12.12 67.53 1.42
N LEU A 638 11.81 68.14 0.28
CA LEU A 638 12.75 68.27 -0.86
C LEU A 638 13.20 69.73 -0.93
N HIS A 639 14.51 69.96 -0.84
CA HIS A 639 15.10 71.30 -0.93
C HIS A 639 16.50 71.22 -1.54
N LEU A 640 16.89 72.21 -2.33
CA LEU A 640 18.29 72.39 -2.75
C LEU A 640 19.07 73.03 -1.60
N ARG A 641 20.38 73.12 -1.77
CA ARG A 641 21.34 73.67 -0.80
C ARG A 641 22.30 74.58 -1.54
N LYS A 642 22.77 75.60 -0.85
CA LYS A 642 23.76 76.58 -1.36
C LYS A 642 25.03 76.34 -0.55
N LYS A 643 26.18 76.36 -1.22
CA LYS A 643 27.50 76.31 -0.55
C LYS A 643 27.67 77.68 0.11
N THR A 644 28.07 77.70 1.39
CA THR A 644 28.38 78.92 2.16
C THR A 644 29.83 79.31 1.85
N PRO A 645 30.23 80.58 2.07
CA PRO A 645 31.65 80.98 1.99
C PRO A 645 32.58 80.15 2.89
N ALA A 646 32.07 79.66 4.02
CA ALA A 646 32.77 78.74 4.96
C ALA A 646 33.12 77.40 4.29
N GLY A 647 32.40 77.03 3.22
CA GLY A 647 32.66 75.83 2.39
C GLY A 647 31.59 74.75 2.57
N ASP A 648 30.59 74.98 3.44
CA ASP A 648 29.59 73.97 3.87
C ASP A 648 28.25 74.22 3.17
N TRP A 649 27.52 73.14 2.86
CA TRP A 649 26.23 73.16 2.11
C TRP A 649 25.08 73.33 3.10
N LYS A 650 24.39 74.47 3.05
CA LYS A 650 23.25 74.82 3.93
C LYS A 650 22.00 74.92 3.07
N TYR A 651 20.85 74.57 3.61
CA TYR A 651 19.52 74.85 3.02
C TYR A 651 19.49 76.30 2.50
N ASP A 652 18.95 76.49 1.30
CA ASP A 652 18.63 77.83 0.73
C ASP A 652 17.17 77.82 0.31
N ARG A 653 16.44 78.87 0.69
CA ARG A 653 14.97 78.98 0.47
C ARG A 653 14.69 79.33 -0.99
N GLN A 654 15.48 80.23 -1.60
CA GLN A 654 15.31 80.68 -3.01
C GLN A 654 15.46 79.52 -3.99
N LEU A 655 16.58 78.81 -3.94
CA LEU A 655 16.84 77.63 -4.80
C LEU A 655 15.73 76.61 -4.59
N SER A 656 15.42 76.29 -3.33
CA SER A 656 14.41 75.28 -2.94
C SER A 656 13.02 75.73 -3.41
N SER A 657 12.80 77.03 -3.64
CA SER A 657 11.56 77.55 -4.26
C SER A 657 11.51 77.22 -5.75
N LEU A 658 12.53 77.60 -6.52
CA LEU A 658 12.70 77.27 -7.98
C LEU A 658 12.44 75.78 -8.21
N PHE A 659 13.08 74.94 -7.39
CA PHE A 659 12.97 73.47 -7.46
C PHE A 659 11.52 73.06 -7.28
N LEU A 660 10.87 73.53 -6.22
CA LEU A 660 9.50 73.09 -5.82
C LEU A 660 8.45 73.69 -6.76
N ASP A 661 8.65 74.92 -7.26
CA ASP A 661 7.74 75.52 -8.28
C ASP A 661 7.78 74.65 -9.55
N GLY A 662 8.99 74.32 -10.00
CA GLY A 662 9.26 73.32 -11.06
C GLY A 662 8.49 72.02 -10.83
N LEU A 663 8.54 71.47 -9.63
CA LEU A 663 7.86 70.19 -9.32
C LEU A 663 6.35 70.40 -9.39
N GLU A 664 5.85 71.54 -8.93
CA GLU A 664 4.40 71.81 -8.92
C GLU A 664 3.91 71.91 -10.37
N LYS A 665 4.65 72.63 -11.23
CA LYS A 665 4.35 72.79 -12.68
C LYS A 665 4.29 71.42 -13.34
N ALA A 666 5.33 70.62 -13.15
CA ALA A 666 5.44 69.22 -13.62
C ALA A 666 4.22 68.43 -13.14
N ALA A 667 3.83 68.59 -11.88
CA ALA A 667 2.75 67.79 -11.29
C ALA A 667 1.40 68.16 -11.91
N PHE A 668 1.21 69.40 -12.39
CA PHE A 668 -0.04 69.88 -13.04
C PHE A 668 0.04 69.68 -14.56
N ASN A 669 0.96 70.40 -15.20
CA ASN A 669 1.08 70.49 -16.68
C ASN A 669 1.98 69.40 -17.26
N GLY A 670 2.80 68.75 -16.43
CA GLY A 670 3.83 67.82 -16.90
C GLY A 670 5.03 68.56 -17.44
N VAL A 671 6.09 67.81 -17.70
CA VAL A 671 7.43 68.32 -18.08
C VAL A 671 7.87 67.53 -19.31
N THR A 672 8.40 68.22 -20.31
CA THR A 672 8.95 67.62 -21.56
C THR A 672 10.45 67.44 -21.45
N PHE A 673 10.95 66.35 -22.03
CA PHE A 673 12.40 66.08 -22.19
C PHE A 673 12.76 65.99 -23.67
N LYS A 674 11.90 66.46 -24.56
CA LYS A 674 12.15 66.59 -26.01
C LYS A 674 13.57 67.15 -26.23
N ASP A 675 14.31 66.53 -27.14
CA ASP A 675 15.69 66.94 -27.52
C ASP A 675 16.56 66.96 -26.25
N LYS A 676 16.55 65.85 -25.53
CA LYS A 676 17.43 65.59 -24.38
C LYS A 676 17.92 64.15 -24.48
N TYR A 677 19.25 63.97 -24.53
CA TYR A 677 19.94 62.67 -24.73
C TYR A 677 20.50 62.21 -23.38
N VAL A 678 19.90 61.20 -22.79
CA VAL A 678 20.27 60.74 -21.45
C VAL A 678 21.02 59.42 -21.53
N LEU A 679 22.07 59.22 -20.74
CA LEU A 679 22.70 57.89 -20.50
C LEU A 679 22.35 57.43 -19.10
N ILE A 680 21.70 56.29 -18.91
CA ILE A 680 21.33 55.86 -17.55
C ILE A 680 21.88 54.47 -17.30
N THR A 681 22.66 54.33 -16.22
CA THR A 681 23.15 53.01 -15.74
C THR A 681 22.35 52.65 -14.49
N GLY A 682 22.23 51.35 -14.20
CA GLY A 682 21.54 50.87 -12.99
C GLY A 682 20.05 50.98 -13.08
N ALA A 683 19.47 50.96 -14.28
CA ALA A 683 18.01 51.12 -14.47
C ALA A 683 17.32 49.79 -14.78
N GLY A 684 17.70 48.71 -14.09
CA GLY A 684 17.00 47.42 -14.24
C GLY A 684 15.60 47.47 -13.66
N LYS A 685 14.82 46.42 -13.86
CA LYS A 685 13.44 46.27 -13.34
C LYS A 685 13.41 46.36 -11.81
N GLY A 686 12.34 46.95 -11.27
CA GLY A 686 12.11 47.15 -9.83
C GLY A 686 13.17 48.03 -9.18
N SER A 687 13.67 49.03 -9.90
CA SER A 687 14.66 50.02 -9.38
C SER A 687 14.16 51.45 -9.64
N ILE A 688 14.70 52.42 -8.90
CA ILE A 688 14.43 53.87 -9.09
C ILE A 688 14.74 54.22 -10.53
N GLY A 689 15.86 53.73 -11.05
CA GLY A 689 16.29 53.92 -12.45
C GLY A 689 15.19 53.55 -13.43
N ALA A 690 14.47 52.47 -13.22
CA ALA A 690 13.40 52.01 -14.14
C ALA A 690 12.26 53.03 -14.24
N GLU A 691 11.93 53.69 -13.15
CA GLU A 691 10.84 54.69 -13.04
C GLU A 691 11.32 56.02 -13.62
N VAL A 692 12.61 56.32 -13.48
CA VAL A 692 13.23 57.51 -14.10
C VAL A 692 13.12 57.31 -15.61
N LEU A 693 13.44 56.10 -16.05
CA LEU A 693 13.46 55.75 -17.48
C LEU A 693 12.06 55.90 -18.08
N GLN A 694 11.03 55.37 -17.44
CA GLN A 694 9.63 55.55 -17.92
C GLN A 694 9.34 57.05 -18.07
N GLY A 695 9.75 57.86 -17.11
CA GLY A 695 9.52 59.30 -17.15
C GLY A 695 10.23 59.96 -18.31
N LEU A 696 11.50 59.64 -18.51
CA LEU A 696 12.30 60.19 -19.64
C LEU A 696 11.65 59.83 -20.96
N LEU A 697 11.16 58.61 -21.15
CA LEU A 697 10.57 58.18 -22.45
C LEU A 697 9.26 58.89 -22.64
N GLN A 698 8.48 58.92 -21.57
CA GLN A 698 7.15 59.57 -21.55
C GLN A 698 7.28 61.00 -22.04
N GLY A 699 8.38 61.67 -21.79
CA GLY A 699 8.55 63.09 -22.13
C GLY A 699 9.32 63.28 -23.41
N GLY A 700 9.68 62.20 -24.11
CA GLY A 700 10.29 62.27 -25.44
C GLY A 700 11.80 62.25 -25.43
N ALA A 701 12.42 61.84 -24.34
CA ALA A 701 13.89 61.70 -24.30
C ALA A 701 14.40 60.57 -25.20
N LYS A 702 15.62 60.73 -25.69
CA LYS A 702 16.39 59.63 -26.29
C LYS A 702 17.33 59.11 -25.22
N VAL A 703 17.18 57.87 -24.81
CA VAL A 703 17.87 57.34 -23.63
C VAL A 703 18.75 56.19 -24.06
N VAL A 704 19.99 56.10 -23.55
CA VAL A 704 20.79 54.85 -23.61
C VAL A 704 20.78 54.21 -22.24
N VAL A 705 20.01 53.15 -22.09
CA VAL A 705 19.98 52.36 -20.83
C VAL A 705 20.93 51.20 -21.02
N THR A 706 21.71 50.89 -19.99
CA THR A 706 22.75 49.83 -19.96
C THR A 706 22.28 48.74 -19.01
N THR A 707 22.45 47.49 -19.39
CA THR A 707 21.99 46.35 -18.58
C THR A 707 23.23 45.52 -18.27
N SER A 708 23.24 44.87 -17.11
CA SER A 708 24.32 43.97 -16.67
C SER A 708 23.86 42.51 -16.79
N ARG A 709 22.67 42.27 -17.34
CA ARG A 709 22.05 40.92 -17.43
C ARG A 709 21.38 40.75 -18.78
N PHE A 710 22.01 41.24 -19.84
CA PHE A 710 21.47 41.18 -21.22
C PHE A 710 21.05 39.74 -21.55
N SER A 711 19.83 39.60 -22.03
CA SER A 711 19.06 38.33 -22.12
C SER A 711 17.78 38.65 -22.86
N LYS A 712 16.93 37.66 -23.09
CA LYS A 712 15.67 37.87 -23.83
C LYS A 712 14.66 38.44 -22.87
N GLN A 713 14.61 37.92 -21.64
CA GLN A 713 13.74 38.45 -20.55
C GLN A 713 13.92 39.97 -20.41
N VAL A 714 15.13 40.48 -20.51
CA VAL A 714 15.47 41.94 -20.38
C VAL A 714 15.01 42.71 -21.62
N THR A 715 15.36 42.22 -22.80
CA THR A 715 15.02 42.93 -24.06
C THR A 715 13.51 42.91 -24.23
N ASP A 716 12.81 41.89 -23.75
CA ASP A 716 11.31 41.86 -23.71
C ASP A 716 10.82 42.91 -22.71
N TYR A 717 11.36 42.95 -21.50
CA TYR A 717 11.00 43.99 -20.50
C TYR A 717 11.01 45.38 -21.16
N TYR A 718 12.20 45.82 -21.59
CA TYR A 718 12.45 47.15 -22.20
C TYR A 718 11.59 47.35 -23.44
N GLN A 719 11.37 46.34 -24.27
CA GLN A 719 10.47 46.53 -25.43
C GLN A 719 9.08 46.94 -24.93
N SER A 720 8.57 46.26 -23.91
CA SER A 720 7.22 46.49 -23.34
C SER A 720 7.18 47.87 -22.72
N ILE A 721 8.23 48.34 -22.04
CA ILE A 721 8.31 49.73 -21.51
C ILE A 721 8.14 50.68 -22.70
N TYR A 722 9.08 50.68 -23.61
CA TYR A 722 9.04 51.59 -24.76
C TYR A 722 7.66 51.59 -25.43
N ALA A 723 7.06 50.43 -25.64
CA ALA A 723 5.78 50.31 -26.38
C ALA A 723 4.64 50.91 -25.57
N LYS A 724 4.75 50.92 -24.26
CA LYS A 724 3.74 51.54 -23.37
C LYS A 724 3.96 53.06 -23.35
N TYR A 725 5.19 53.51 -23.12
CA TYR A 725 5.52 54.86 -22.62
C TYR A 725 6.19 55.73 -23.68
N GLY A 726 7.04 55.17 -24.50
CA GLY A 726 7.85 55.94 -25.45
C GLY A 726 7.02 56.92 -26.23
N ALA A 727 7.17 58.19 -25.96
CA ALA A 727 6.43 59.26 -26.64
C ALA A 727 7.07 59.54 -27.99
N LYS A 728 6.35 60.24 -28.87
CA LYS A 728 6.87 60.67 -30.19
C LYS A 728 8.22 61.35 -30.01
N GLY A 729 9.19 60.97 -30.85
CA GLY A 729 10.58 61.46 -30.82
C GLY A 729 11.47 60.79 -29.80
N SER A 730 10.93 60.06 -28.85
CA SER A 730 11.73 59.21 -27.93
C SER A 730 12.41 58.07 -28.68
N THR A 731 13.38 57.45 -28.05
CA THR A 731 14.21 56.38 -28.61
C THR A 731 14.97 55.74 -27.45
N LEU A 732 14.69 54.50 -27.12
CA LEU A 732 15.45 53.78 -26.09
C LEU A 732 16.46 52.88 -26.80
N ILE A 733 17.76 53.03 -26.52
CA ILE A 733 18.84 52.09 -26.90
C ILE A 733 19.22 51.32 -25.63
N VAL A 734 19.21 49.99 -25.68
CA VAL A 734 19.54 49.10 -24.54
C VAL A 734 20.80 48.36 -24.91
N VAL A 735 21.86 48.54 -24.14
CA VAL A 735 23.18 47.94 -24.43
C VAL A 735 23.59 47.11 -23.24
N PRO A 736 24.28 45.98 -23.45
CA PRO A 736 24.90 45.25 -22.36
C PRO A 736 26.06 46.14 -21.90
N PHE A 737 26.46 45.97 -20.66
CA PHE A 737 27.47 46.86 -20.05
C PHE A 737 27.93 46.29 -18.72
N ASN A 738 29.18 46.53 -18.39
CA ASN A 738 29.70 46.21 -17.05
C ASN A 738 30.43 47.44 -16.59
N GLN A 739 29.75 48.34 -15.88
CA GLN A 739 30.32 49.63 -15.40
C GLN A 739 31.63 49.36 -14.61
N GLY A 740 31.85 48.13 -14.16
CA GLY A 740 33.09 47.70 -13.48
C GLY A 740 34.27 47.57 -14.42
N SER A 741 34.07 47.66 -15.71
CA SER A 741 35.12 47.50 -16.72
C SER A 741 35.51 48.87 -17.27
N LYS A 742 36.78 49.23 -17.22
CA LYS A 742 37.32 50.45 -17.84
C LYS A 742 37.09 50.39 -19.35
N GLN A 743 37.30 49.24 -19.96
CA GLN A 743 37.26 49.09 -21.43
C GLN A 743 35.80 49.28 -21.93
N ASP A 744 34.83 48.75 -21.19
CA ASP A 744 33.38 48.94 -21.47
C ASP A 744 33.00 50.41 -21.39
N VAL A 745 33.43 51.09 -20.35
CA VAL A 745 33.17 52.53 -20.10
C VAL A 745 33.68 53.33 -21.31
N GLU A 746 34.92 53.12 -21.74
CA GLU A 746 35.49 53.91 -22.86
C GLU A 746 34.69 53.61 -24.12
N ALA A 747 34.46 52.33 -24.39
CA ALA A 747 33.78 51.80 -25.59
C ALA A 747 32.35 52.32 -25.68
N LEU A 748 31.63 52.31 -24.58
CA LEU A 748 30.23 52.79 -24.55
C LEU A 748 30.18 54.27 -24.90
N ILE A 749 31.05 55.10 -24.35
CA ILE A 749 30.94 56.56 -24.58
C ILE A 749 31.38 56.80 -26.01
N GLU A 750 32.38 56.04 -26.47
CA GLU A 750 32.92 56.13 -27.84
C GLU A 750 31.81 55.72 -28.82
N PHE A 751 30.94 54.79 -28.44
CA PHE A 751 29.83 54.28 -29.29
C PHE A 751 28.71 55.32 -29.41
N ILE A 752 28.36 55.92 -28.30
CA ILE A 752 27.34 56.98 -28.18
C ILE A 752 27.78 58.15 -29.04
N TYR A 753 29.08 58.43 -29.14
CA TYR A 753 29.51 59.69 -29.78
C TYR A 753 30.03 59.44 -31.19
N ASP A 754 30.45 58.21 -31.55
CA ASP A 754 30.84 57.86 -32.95
C ASP A 754 29.66 58.15 -33.86
N THR A 755 29.91 58.47 -35.13
CA THR A 755 28.86 58.77 -36.14
C THR A 755 28.20 57.47 -36.56
N GLU A 756 27.01 57.55 -37.18
CA GLU A 756 26.23 56.37 -37.67
C GLU A 756 27.01 55.64 -38.79
N LYS A 757 27.86 56.36 -39.52
CA LYS A 757 28.78 55.83 -40.58
C LYS A 757 29.74 54.81 -39.95
N ASN A 758 30.30 55.14 -38.78
CA ASN A 758 31.27 54.29 -38.04
C ASN A 758 30.55 53.25 -37.17
N GLY A 759 29.22 53.27 -37.10
CA GLY A 759 28.44 52.28 -36.36
C GLY A 759 28.03 52.74 -34.98
N GLY A 760 28.26 54.02 -34.66
CA GLY A 760 27.77 54.68 -33.44
C GLY A 760 26.33 55.21 -33.54
N LEU A 761 25.91 55.97 -32.54
CA LEU A 761 24.59 56.61 -32.47
C LEU A 761 24.67 58.04 -33.01
N GLY A 762 25.83 58.65 -32.98
CA GLY A 762 25.98 60.04 -33.40
C GLY A 762 25.17 60.93 -32.50
N TRP A 763 25.24 60.64 -31.20
CA TRP A 763 24.55 61.41 -30.14
C TRP A 763 25.54 62.37 -29.51
N ASP A 764 25.04 63.12 -28.54
CA ASP A 764 25.81 64.10 -27.74
C ASP A 764 25.02 64.27 -26.43
N LEU A 765 25.49 63.67 -25.35
CA LEU A 765 24.73 63.49 -24.09
C LEU A 765 24.38 64.84 -23.47
N ASP A 766 23.14 64.96 -23.00
CA ASP A 766 22.62 66.09 -22.18
C ASP A 766 22.58 65.70 -20.71
N ALA A 767 22.42 64.43 -20.38
CA ALA A 767 22.39 63.98 -18.99
C ALA A 767 23.05 62.63 -18.86
N ILE A 768 23.61 62.37 -17.70
CA ILE A 768 24.20 61.08 -17.32
C ILE A 768 23.70 60.78 -15.94
N ILE A 769 23.14 59.61 -15.73
CA ILE A 769 22.50 59.24 -14.45
C ILE A 769 23.12 57.91 -14.08
N PRO A 770 24.31 57.90 -13.44
CA PRO A 770 25.05 56.67 -13.17
C PRO A 770 24.63 56.03 -11.84
N PHE A 771 23.58 55.23 -11.89
CA PHE A 771 22.89 54.64 -10.73
C PHE A 771 23.31 53.18 -10.56
N ALA A 772 24.25 52.70 -11.37
CA ALA A 772 24.75 51.31 -11.28
C ALA A 772 25.47 51.11 -9.95
N ALA A 773 25.05 50.09 -9.22
CA ALA A 773 25.58 49.71 -7.92
C ALA A 773 25.70 48.19 -7.87
N ILE A 774 26.42 47.66 -6.89
CA ILE A 774 26.24 46.27 -6.40
C ILE A 774 26.08 46.33 -4.90
N PRO A 775 25.17 45.52 -4.32
CA PRO A 775 24.90 45.59 -2.88
C PRO A 775 25.98 44.86 -2.09
N GLU A 776 26.53 45.54 -1.08
CA GLU A 776 27.46 45.00 -0.06
C GLU A 776 26.67 44.90 1.25
N GLN A 777 26.60 43.72 1.87
CA GLN A 777 25.84 43.52 3.13
C GLN A 777 26.72 42.79 4.15
N GLY A 778 26.76 43.33 5.37
CA GLY A 778 27.47 42.73 6.52
C GLY A 778 28.97 42.70 6.31
N ILE A 779 29.47 43.51 5.39
CA ILE A 779 30.92 43.69 5.15
C ILE A 779 31.33 44.92 5.94
N GLU A 780 31.70 44.74 7.21
CA GLU A 780 32.25 45.84 8.05
C GLU A 780 33.74 45.90 7.71
N LEU A 781 34.48 46.85 8.29
CA LEU A 781 35.86 47.23 7.86
C LEU A 781 36.76 46.01 7.74
N GLU A 782 36.71 45.09 8.70
CA GLU A 782 37.59 43.89 8.75
C GLU A 782 37.32 42.96 7.55
N HIS A 783 36.18 43.09 6.86
CA HIS A 783 35.74 42.15 5.80
C HIS A 783 35.92 42.74 4.41
N ILE A 784 36.24 44.02 4.29
CA ILE A 784 36.48 44.70 2.97
C ILE A 784 37.50 43.86 2.22
N ASP A 785 37.09 43.28 1.09
CA ASP A 785 37.96 42.41 0.26
C ASP A 785 37.69 42.75 -1.20
N SER A 786 37.79 41.78 -2.10
CA SER A 786 37.64 41.90 -3.57
C SER A 786 36.29 42.55 -3.91
N LYS A 787 35.20 41.97 -3.43
CA LYS A 787 33.88 42.48 -3.80
C LYS A 787 33.75 43.96 -3.47
N SER A 788 34.27 44.41 -2.36
CA SER A 788 34.10 45.81 -1.94
C SER A 788 34.99 46.72 -2.79
N GLU A 789 36.21 46.29 -3.11
CA GLU A 789 37.15 47.04 -3.98
C GLU A 789 36.59 47.10 -5.41
N PHE A 790 35.92 46.05 -5.86
CA PHE A 790 35.21 46.04 -7.16
C PHE A 790 34.03 47.01 -7.18
N ALA A 791 33.23 46.97 -6.13
CA ALA A 791 32.04 47.83 -5.98
C ALA A 791 32.48 49.29 -5.99
N HIS A 792 33.58 49.59 -5.30
CA HIS A 792 34.16 50.94 -5.21
C HIS A 792 34.54 51.43 -6.60
N ARG A 793 34.87 50.53 -7.52
CA ARG A 793 35.28 50.85 -8.91
C ARG A 793 34.06 51.23 -9.73
N ILE A 794 32.99 50.47 -9.58
CA ILE A 794 31.68 50.75 -10.24
C ILE A 794 31.15 52.09 -9.73
N MET A 795 31.08 52.26 -8.41
CA MET A 795 30.32 53.35 -7.77
C MET A 795 31.14 54.63 -7.69
N LEU A 796 32.44 54.58 -7.91
CA LEU A 796 33.24 55.82 -7.90
C LEU A 796 34.16 55.87 -9.10
N THR A 797 35.22 55.07 -9.10
CA THR A 797 36.34 55.23 -10.04
C THR A 797 35.81 55.28 -11.46
N ASN A 798 34.92 54.37 -11.86
CA ASN A 798 34.45 54.28 -13.26
C ASN A 798 33.35 55.30 -13.51
N ILE A 799 32.75 55.92 -12.49
CA ILE A 799 31.85 57.09 -12.73
C ILE A 799 32.71 58.28 -13.11
N LEU A 800 33.90 58.41 -12.54
CA LEU A 800 34.83 59.49 -12.89
C LEU A 800 35.36 59.25 -14.29
N ARG A 801 35.52 57.99 -14.68
CA ARG A 801 36.02 57.64 -16.02
C ARG A 801 34.94 57.87 -17.08
N MET A 802 33.64 57.64 -16.80
CA MET A 802 32.54 57.97 -17.76
C MET A 802 32.51 59.46 -18.01
N MET A 803 32.54 60.25 -16.94
CA MET A 803 32.60 61.72 -17.00
C MET A 803 33.86 62.13 -17.75
N GLY A 804 34.95 61.44 -17.54
CA GLY A 804 36.21 61.77 -18.23
C GLY A 804 36.04 61.58 -19.71
N CYS A 805 35.63 60.37 -20.11
CA CYS A 805 35.33 59.98 -21.50
C CYS A 805 34.37 60.98 -22.17
N VAL A 806 33.30 61.37 -21.49
CA VAL A 806 32.29 62.31 -22.04
C VAL A 806 32.95 63.65 -22.28
N LYS A 807 33.88 64.05 -21.43
CA LYS A 807 34.59 65.35 -21.53
C LYS A 807 35.59 65.28 -22.68
N LYS A 808 36.16 64.12 -22.95
CA LYS A 808 37.15 63.95 -24.03
C LYS A 808 36.42 63.97 -25.35
N GLN A 809 35.26 63.32 -25.44
CA GLN A 809 34.49 63.24 -26.70
C GLN A 809 33.94 64.62 -27.03
N LYS A 810 33.41 65.33 -26.06
CA LYS A 810 32.83 66.67 -26.30
C LYS A 810 33.92 67.67 -26.70
N SER A 811 35.11 67.57 -26.13
CA SER A 811 36.25 68.48 -26.40
C SER A 811 36.93 68.12 -27.72
N ALA A 812 36.85 66.86 -28.14
CA ALA A 812 37.33 66.39 -29.46
C ALA A 812 36.61 67.17 -30.56
N ARG A 813 35.30 67.39 -30.40
CA ARG A 813 34.38 67.93 -31.43
C ARG A 813 34.11 69.40 -31.15
N GLY A 814 34.80 69.97 -30.14
CA GLY A 814 34.70 71.40 -29.77
C GLY A 814 33.26 71.77 -29.46
N ILE A 815 32.65 70.97 -28.59
CA ILE A 815 31.29 71.20 -28.02
C ILE A 815 31.49 71.91 -26.68
N GLU A 816 31.35 73.23 -26.64
CA GLU A 816 31.59 74.03 -25.41
C GLU A 816 30.28 74.55 -24.78
N THR A 817 29.13 74.40 -25.44
CA THR A 817 27.86 75.06 -25.04
C THR A 817 26.73 74.05 -24.87
N ARG A 818 27.01 72.76 -24.83
CA ARG A 818 25.98 71.72 -24.64
C ARG A 818 26.42 70.73 -23.54
N PRO A 819 26.56 71.20 -22.28
CA PRO A 819 27.16 70.39 -21.24
C PRO A 819 26.21 69.25 -20.86
N ALA A 820 26.77 68.14 -20.38
CA ALA A 820 26.02 66.97 -19.88
C ALA A 820 25.85 67.08 -18.37
N GLN A 821 24.62 67.24 -17.93
CA GLN A 821 24.24 67.30 -16.51
C GLN A 821 24.46 65.93 -15.86
N VAL A 822 25.54 65.73 -15.13
CA VAL A 822 25.72 64.47 -14.37
C VAL A 822 24.79 64.51 -13.18
N ILE A 823 24.03 63.45 -12.90
CA ILE A 823 23.13 63.39 -11.72
C ILE A 823 23.64 62.30 -10.81
N LEU A 824 24.40 62.67 -9.79
CA LEU A 824 25.15 61.73 -8.93
C LEU A 824 24.19 61.21 -7.89
N PRO A 825 24.09 59.90 -7.70
CA PRO A 825 23.25 59.34 -6.65
C PRO A 825 24.14 59.47 -5.42
N MET A 826 23.67 60.24 -4.45
CA MET A 826 24.42 60.48 -3.22
C MET A 826 23.61 59.94 -2.06
N SER A 827 24.25 59.83 -0.92
CA SER A 827 23.60 59.31 0.29
C SER A 827 23.74 60.38 1.36
N PRO A 828 22.76 60.44 2.27
CA PRO A 828 22.91 61.25 3.47
C PRO A 828 23.73 60.55 4.57
N ASN A 829 23.72 59.22 4.54
CA ASN A 829 24.30 58.33 5.58
C ASN A 829 25.71 57.92 5.13
N HIS A 830 26.72 58.54 5.73
CA HIS A 830 28.16 58.20 5.54
C HIS A 830 28.67 57.43 6.74
N GLY A 831 28.61 56.11 6.67
CA GLY A 831 29.05 55.18 7.73
C GLY A 831 28.12 55.15 8.91
N THR A 832 26.88 55.60 8.76
CA THR A 832 25.87 55.67 9.85
C THR A 832 25.38 54.26 10.17
N PHE A 833 24.97 53.48 9.18
CA PHE A 833 24.45 52.10 9.36
C PHE A 833 25.58 51.08 9.48
N GLY A 834 26.65 51.19 8.70
CA GLY A 834 27.77 50.24 8.72
C GLY A 834 27.45 48.94 8.01
N GLY A 835 28.45 48.08 7.89
CA GLY A 835 28.35 46.80 7.19
C GLY A 835 27.95 46.96 5.73
N ASP A 836 28.34 48.06 5.09
CA ASP A 836 28.12 48.31 3.64
C ASP A 836 29.48 48.43 2.90
N GLY A 837 30.48 47.66 3.28
CA GLY A 837 31.76 47.64 2.54
C GLY A 837 32.32 49.03 2.34
N MET A 838 32.43 49.46 1.10
CA MET A 838 33.00 50.77 0.72
C MET A 838 31.93 51.64 0.06
N TYR A 839 30.66 51.32 0.25
CA TYR A 839 29.52 52.12 -0.22
C TYR A 839 29.68 53.56 0.24
N SER A 840 29.85 53.76 1.53
CA SER A 840 29.92 55.12 2.12
C SER A 840 31.14 55.89 1.60
N GLU A 841 32.35 55.31 1.47
CA GLU A 841 33.49 56.11 0.92
C GLU A 841 33.33 56.22 -0.61
N SER A 842 32.48 55.43 -1.27
CA SER A 842 32.14 55.66 -2.70
C SER A 842 31.24 56.89 -2.83
N LYS A 843 30.21 56.99 -2.01
CA LYS A 843 29.19 58.05 -2.14
C LYS A 843 29.71 59.36 -1.60
N LEU A 844 30.60 59.33 -0.63
CA LEU A 844 31.14 60.57 -0.04
C LEU A 844 32.10 61.20 -1.04
N SER A 845 32.95 60.40 -1.67
CA SER A 845 34.00 60.81 -2.63
C SER A 845 33.43 61.50 -3.88
N LEU A 846 32.20 61.20 -4.29
CA LEU A 846 31.51 61.93 -5.38
C LEU A 846 31.33 63.41 -5.04
N GLU A 847 31.25 63.78 -3.75
CA GLU A 847 31.05 65.17 -3.29
C GLU A 847 32.28 66.05 -3.52
N THR A 848 33.45 65.49 -3.85
CA THR A 848 34.59 66.28 -4.39
C THR A 848 34.23 66.94 -5.73
N LEU A 849 33.35 66.34 -6.56
CA LEU A 849 33.02 66.88 -7.90
C LEU A 849 32.37 68.26 -7.80
N PHE A 850 31.86 68.64 -6.64
CA PHE A 850 31.25 69.97 -6.45
C PHE A 850 32.31 71.06 -6.41
N ASN A 851 33.52 70.75 -5.95
CA ASN A 851 34.62 71.75 -5.97
C ASN A 851 35.39 71.59 -7.27
N ARG A 852 35.51 70.37 -7.78
CA ARG A 852 36.38 70.09 -8.94
C ARG A 852 35.79 70.78 -10.16
N TRP A 853 34.51 71.07 -10.15
CA TRP A 853 33.86 71.80 -11.26
C TRP A 853 34.44 73.22 -11.36
N HIS A 854 34.67 73.90 -10.25
CA HIS A 854 35.30 75.25 -10.25
C HIS A 854 36.83 75.22 -10.48
N SER A 855 37.51 74.11 -10.21
CA SER A 855 38.98 74.07 -10.04
C SER A 855 39.69 73.47 -11.26
N GLU A 856 39.06 72.51 -11.94
CA GLU A 856 39.60 71.87 -13.17
C GLU A 856 39.00 72.62 -14.39
N SER A 857 38.98 71.99 -15.56
CA SER A 857 38.69 72.65 -16.86
C SER A 857 37.70 71.82 -17.68
N TRP A 858 36.69 71.26 -17.02
CA TRP A 858 35.62 70.47 -17.67
C TRP A 858 34.25 71.09 -17.38
N ALA A 859 34.23 72.25 -16.77
CA ALA A 859 32.99 72.92 -16.32
C ALA A 859 32.09 73.30 -17.51
N ASN A 860 32.63 73.31 -18.73
CA ASN A 860 31.87 73.62 -19.97
C ASN A 860 31.27 72.35 -20.58
N GLN A 861 31.82 71.19 -20.27
CA GLN A 861 31.35 69.92 -20.85
C GLN A 861 30.41 69.22 -19.88
N LEU A 862 30.58 69.40 -18.58
CA LEU A 862 29.78 68.66 -17.56
C LEU A 862 29.29 69.62 -16.50
N THR A 863 28.08 69.38 -16.01
CA THR A 863 27.51 70.06 -14.83
C THR A 863 27.16 68.98 -13.85
N VAL A 864 27.11 69.36 -12.60
CA VAL A 864 27.02 68.39 -11.49
C VAL A 864 25.73 68.72 -10.77
N CYS A 865 24.95 67.70 -10.52
CA CYS A 865 23.64 67.81 -9.86
C CYS A 865 23.58 66.68 -8.86
N GLY A 866 24.11 66.89 -7.65
CA GLY A 866 24.00 65.91 -6.56
C GLY A 866 22.53 65.71 -6.22
N ALA A 867 22.12 64.46 -6.00
CA ALA A 867 20.77 64.17 -5.50
C ALA A 867 20.95 63.26 -4.30
N ILE A 868 20.79 63.83 -3.10
CA ILE A 868 20.87 63.05 -1.84
C ILE A 868 19.57 62.26 -1.78
N ILE A 869 19.61 61.01 -2.23
CA ILE A 869 18.41 60.15 -2.41
C ILE A 869 18.06 59.59 -1.04
N GLY A 870 16.79 59.76 -0.65
CA GLY A 870 16.31 59.40 0.69
C GLY A 870 15.87 57.96 0.77
N TRP A 871 15.18 57.65 1.86
CA TRP A 871 14.64 56.31 2.13
C TRP A 871 13.59 55.98 1.08
N THR A 872 13.94 55.09 0.16
CA THR A 872 13.03 54.63 -0.90
C THR A 872 12.58 53.23 -0.52
N ARG A 873 11.33 52.89 -0.75
CA ARG A 873 10.72 51.57 -0.46
C ARG A 873 10.75 50.74 -1.74
N GLY A 874 11.41 49.57 -1.71
CA GLY A 874 11.66 48.67 -2.86
C GLY A 874 10.39 48.12 -3.48
N THR A 875 10.05 46.86 -3.20
CA THR A 875 8.87 46.14 -3.76
C THR A 875 7.88 45.74 -2.64
N GLY A 876 8.24 44.77 -1.78
CA GLY A 876 7.35 44.21 -0.75
C GLY A 876 8.12 43.53 0.39
N LEU A 877 7.90 43.98 1.63
CA LEU A 877 8.21 43.33 2.94
C LEU A 877 9.70 43.50 3.30
N MET A 878 10.59 42.65 2.76
CA MET A 878 11.98 42.48 3.28
C MET A 878 12.88 43.60 2.73
N SER A 879 12.80 43.86 1.41
CA SER A 879 13.63 44.83 0.66
C SER A 879 13.70 46.15 1.42
N ALA A 880 14.91 46.71 1.58
CA ALA A 880 15.19 48.10 2.02
C ALA A 880 14.51 48.46 3.36
N ASN A 881 14.17 47.46 4.21
CA ASN A 881 13.48 47.65 5.52
C ASN A 881 12.13 48.36 5.33
N ASN A 882 11.19 47.74 4.64
CA ASN A 882 9.85 48.33 4.37
C ASN A 882 8.97 48.23 5.61
N ILE A 883 9.16 47.18 6.41
CA ILE A 883 8.33 46.89 7.60
C ILE A 883 8.46 48.03 8.61
N ILE A 884 9.61 48.71 8.68
CA ILE A 884 9.81 49.83 9.65
C ILE A 884 9.58 51.22 9.00
N ALA A 885 9.18 51.28 7.74
CA ALA A 885 8.94 52.57 7.04
C ALA A 885 7.80 53.32 7.72
N GLU A 886 6.67 52.65 7.98
CA GLU A 886 5.49 53.25 8.69
C GLU A 886 5.93 53.81 10.04
N GLY A 887 6.86 53.12 10.72
CA GLY A 887 7.43 53.48 12.04
C GLY A 887 8.23 54.77 11.99
N ILE A 888 9.12 54.91 11.00
CA ILE A 888 10.03 56.09 10.86
C ILE A 888 9.16 57.27 10.40
N GLU A 889 8.10 57.00 9.65
CA GLU A 889 7.17 58.03 9.15
C GLU A 889 6.38 58.65 10.30
N LYS A 890 6.18 57.93 11.41
CA LYS A 890 5.43 58.44 12.60
C LYS A 890 6.18 59.56 13.32
N MET A 891 7.43 59.92 12.94
CA MET A 891 8.06 61.20 13.38
C MET A 891 7.77 62.37 12.44
N GLY A 892 6.98 62.17 11.38
CA GLY A 892 6.76 63.23 10.37
C GLY A 892 8.03 63.45 9.58
N VAL A 893 8.79 62.36 9.41
CA VAL A 893 9.72 62.10 8.28
C VAL A 893 8.91 61.48 7.14
N ARG A 894 9.35 61.67 5.92
CA ARG A 894 8.72 61.05 4.73
C ARG A 894 9.67 59.99 4.18
N THR A 895 9.15 58.82 3.86
CA THR A 895 9.82 57.83 2.99
C THR A 895 9.17 57.90 1.62
N PHE A 896 9.80 57.32 0.61
CA PHE A 896 9.34 57.47 -0.78
C PHE A 896 9.06 56.10 -1.41
N SER A 897 8.04 56.06 -2.23
CA SER A 897 7.91 55.01 -3.26
C SER A 897 9.03 55.24 -4.27
N GLN A 898 9.26 54.28 -5.15
CA GLN A 898 10.17 54.50 -6.30
C GLN A 898 9.54 55.51 -7.24
N LYS A 899 8.23 55.46 -7.45
CA LYS A 899 7.57 56.41 -8.37
C LYS A 899 7.70 57.85 -7.89
N GLU A 900 7.67 58.10 -6.58
CA GLU A 900 7.84 59.47 -6.02
C GLU A 900 9.31 59.88 -6.17
N MET A 901 10.24 59.04 -5.76
CA MET A 901 11.70 59.34 -5.87
C MET A 901 12.12 59.52 -7.34
N ALA A 902 11.43 58.86 -8.27
CA ALA A 902 11.69 59.01 -9.70
C ALA A 902 11.27 60.42 -10.10
N PHE A 903 10.07 60.79 -9.74
CA PHE A 903 9.48 62.13 -9.97
C PHE A 903 10.38 63.19 -9.35
N ASN A 904 10.92 62.94 -8.17
CA ASN A 904 11.82 63.92 -7.50
C ASN A 904 13.03 64.15 -8.39
N LEU A 905 13.70 63.08 -8.79
CA LEU A 905 14.92 63.11 -9.64
C LEU A 905 14.65 63.69 -11.01
N LEU A 906 13.47 63.49 -11.61
CA LEU A 906 13.20 64.09 -12.95
C LEU A 906 12.98 65.59 -12.77
N GLY A 907 12.58 66.01 -11.58
CA GLY A 907 12.58 67.43 -11.17
C GLY A 907 13.91 68.08 -11.45
N LEU A 908 15.01 67.34 -11.36
CA LEU A 908 16.37 67.88 -11.57
C LEU A 908 16.74 67.95 -13.05
N LEU A 909 15.91 67.47 -13.98
CA LEU A 909 16.09 67.62 -15.45
C LEU A 909 15.11 68.65 -16.01
N THR A 910 14.25 69.26 -15.19
CA THR A 910 13.40 70.41 -15.58
C THR A 910 14.33 71.55 -16.01
N PRO A 911 13.91 72.44 -16.94
CA PRO A 911 14.81 73.46 -17.46
C PRO A 911 15.37 74.42 -16.41
N GLU A 912 14.60 74.71 -15.36
CA GLU A 912 14.96 75.69 -14.29
C GLU A 912 16.19 75.19 -13.55
N VAL A 913 16.14 73.95 -13.05
CA VAL A 913 17.24 73.30 -12.29
C VAL A 913 18.43 73.02 -13.20
N VAL A 914 18.19 72.68 -14.47
CA VAL A 914 19.26 72.50 -15.50
C VAL A 914 19.97 73.84 -15.65
N GLU A 915 19.24 74.94 -15.82
CA GLU A 915 19.85 76.27 -16.02
C GLU A 915 20.71 76.59 -14.78
N LEU A 916 20.25 76.18 -13.61
CA LEU A 916 20.88 76.39 -12.28
C LEU A 916 22.19 75.60 -12.21
N CYS A 917 22.16 74.32 -12.59
CA CYS A 917 23.32 73.38 -12.62
C CYS A 917 24.50 74.01 -13.38
N GLN A 918 24.17 74.75 -14.45
CA GLN A 918 25.13 75.31 -15.42
C GLN A 918 25.75 76.58 -14.81
N LYS A 919 25.05 77.28 -13.93
CA LYS A 919 25.59 78.48 -13.21
C LYS A 919 26.64 78.01 -12.21
N SER A 920 26.25 77.04 -11.38
CA SER A 920 27.10 76.47 -10.30
C SER A 920 26.50 75.16 -9.82
N PRO A 921 27.31 74.19 -9.36
CA PRO A 921 26.85 72.84 -9.05
C PRO A 921 25.70 72.81 -8.04
N VAL A 922 24.71 71.97 -8.30
CA VAL A 922 23.40 71.95 -7.58
C VAL A 922 23.35 70.73 -6.67
N MET A 923 23.22 70.94 -5.37
CA MET A 923 23.03 69.82 -4.44
C MET A 923 21.57 69.85 -4.00
N ALA A 924 20.87 68.76 -4.27
CA ALA A 924 19.45 68.56 -3.97
C ALA A 924 19.38 67.53 -2.87
N ASP A 925 18.60 67.82 -1.83
CA ASP A 925 18.32 66.87 -0.72
C ASP A 925 16.92 66.36 -0.98
N LEU A 926 16.79 65.09 -1.25
CA LEU A 926 15.48 64.45 -1.44
C LEU A 926 15.33 63.43 -0.32
N ASN A 927 15.74 63.81 0.88
CA ASN A 927 15.96 62.87 2.00
C ASN A 927 14.66 62.74 2.80
N GLY A 928 13.75 63.70 2.66
CA GLY A 928 12.42 63.62 3.30
C GLY A 928 12.50 63.89 4.79
N GLY A 929 13.52 64.66 5.21
CA GLY A 929 13.68 65.14 6.59
C GLY A 929 14.34 64.10 7.47
N LEU A 930 14.68 62.95 6.90
CA LEU A 930 15.27 61.81 7.63
C LEU A 930 16.60 62.21 8.27
N GLN A 931 17.19 63.35 7.89
CA GLN A 931 18.45 63.85 8.51
C GLN A 931 18.22 64.41 9.92
N PHE A 932 16.99 64.81 10.26
CA PHE A 932 16.63 65.46 11.55
C PHE A 932 16.28 64.42 12.63
N VAL A 933 16.27 63.14 12.28
CA VAL A 933 16.14 62.00 13.23
C VAL A 933 17.52 61.71 13.80
N PRO A 934 17.77 61.93 15.11
CA PRO A 934 19.06 61.62 15.70
C PRO A 934 19.20 60.10 15.89
N GLU A 935 20.42 59.56 15.75
CA GLU A 935 20.76 58.13 15.99
C GLU A 935 19.84 57.24 15.15
N LEU A 936 19.78 57.51 13.85
CA LEU A 936 18.91 56.76 12.91
C LEU A 936 19.24 55.26 12.95
N LYS A 937 20.49 54.87 13.22
CA LYS A 937 20.85 53.43 13.30
C LYS A 937 20.12 52.81 14.48
N GLU A 938 20.30 53.41 15.65
CA GLU A 938 19.70 52.95 16.93
C GLU A 938 18.18 52.99 16.79
N PHE A 939 17.65 54.07 16.21
CA PHE A 939 16.19 54.32 16.07
C PHE A 939 15.52 53.28 15.18
N THR A 940 16.17 52.83 14.11
CA THR A 940 15.61 51.80 13.18
C THR A 940 15.76 50.41 13.78
N ALA A 941 16.82 50.17 14.54
CA ALA A 941 17.09 48.90 15.26
C ALA A 941 15.99 48.69 16.31
N LYS A 942 15.65 49.76 17.03
CA LYS A 942 14.58 49.76 18.05
C LYS A 942 13.25 49.44 17.37
N LEU A 943 12.92 50.04 16.24
CA LEU A 943 11.63 49.79 15.53
C LEU A 943 11.56 48.34 15.06
N ARG A 944 12.67 47.76 14.61
CA ARG A 944 12.67 46.36 14.13
C ARG A 944 12.42 45.46 15.34
N LYS A 945 13.13 45.70 16.45
CA LYS A 945 13.04 44.91 17.70
C LYS A 945 11.64 45.02 18.32
N GLU A 946 10.97 46.17 18.21
CA GLU A 946 9.58 46.36 18.72
C GLU A 946 8.54 45.68 17.80
N LEU A 947 8.88 45.38 16.54
CA LEU A 947 7.99 44.55 15.66
C LEU A 947 8.26 43.08 15.92
N VAL A 948 9.52 42.71 16.04
CA VAL A 948 9.96 41.28 16.11
C VAL A 948 9.45 40.69 17.43
N GLU A 949 9.66 41.37 18.55
CA GLU A 949 9.16 40.93 19.88
C GLU A 949 7.63 40.73 19.78
N THR A 950 6.90 41.67 19.19
CA THR A 950 5.41 41.60 19.06
C THR A 950 4.96 40.44 18.16
N SER A 951 5.63 40.21 17.04
CA SER A 951 5.40 39.05 16.13
C SER A 951 5.74 37.72 16.84
N GLU A 952 6.87 37.67 17.57
CA GLU A 952 7.38 36.42 18.20
C GLU A 952 6.46 36.03 19.36
N VAL A 953 6.14 36.98 20.22
CA VAL A 953 5.14 36.76 21.30
C VAL A 953 3.91 36.09 20.69
N ARG A 954 3.17 36.80 19.83
CA ARG A 954 1.90 36.32 19.25
C ARG A 954 2.06 34.94 18.58
N LYS A 955 3.24 34.62 18.02
CA LYS A 955 3.53 33.31 17.39
C LYS A 955 3.55 32.23 18.48
N ALA A 956 4.27 32.48 19.59
CA ALA A 956 4.37 31.58 20.77
C ALA A 956 2.99 31.41 21.44
N VAL A 957 2.17 32.46 21.54
CA VAL A 957 0.77 32.36 22.07
C VAL A 957 -0.13 31.61 21.08
N SER A 958 0.11 31.71 19.78
CA SER A 958 -0.69 31.01 18.75
C SER A 958 -0.32 29.52 18.74
N ILE A 959 0.96 29.20 18.96
CA ILE A 959 1.49 27.81 18.98
C ILE A 959 0.94 27.06 20.21
N GLU A 960 0.79 27.75 21.34
CA GLU A 960 0.30 27.17 22.62
C GLU A 960 -1.24 27.00 22.60
N THR A 961 -2.00 27.90 21.98
CA THR A 961 -3.46 27.73 21.77
C THR A 961 -3.75 26.66 20.70
N ALA A 962 -2.84 26.43 19.74
CA ALA A 962 -2.96 25.35 18.75
C ALA A 962 -2.68 23.99 19.41
N LEU A 963 -1.74 23.94 20.38
CA LEU A 963 -1.40 22.69 21.11
C LEU A 963 -2.50 22.38 22.13
N GLU A 964 -2.91 23.33 22.96
CA GLU A 964 -4.08 23.16 23.87
C GLU A 964 -5.23 22.56 23.06
N HIS A 965 -5.62 23.21 21.97
CA HIS A 965 -6.74 22.79 21.09
C HIS A 965 -6.51 21.36 20.58
N LYS A 966 -5.28 21.00 20.19
CA LYS A 966 -4.90 19.63 19.74
C LYS A 966 -5.19 18.61 20.84
N VAL A 967 -4.70 18.85 22.06
CA VAL A 967 -4.80 17.96 23.26
C VAL A 967 -6.28 17.75 23.59
N VAL A 968 -7.05 18.82 23.75
CA VAL A 968 -8.47 18.77 24.20
C VAL A 968 -9.34 18.09 23.14
N ASN A 969 -9.05 18.29 21.84
CA ASN A 969 -9.92 17.81 20.74
C ASN A 969 -9.27 16.62 20.03
N GLY A 970 -8.06 16.22 20.42
CA GLY A 970 -7.29 15.15 19.75
C GLY A 970 -7.10 15.44 18.27
N ASN A 971 -7.58 14.54 17.40
CA ASN A 971 -7.64 14.72 15.93
C ASN A 971 -8.98 14.17 15.39
N SER A 972 -10.05 14.26 16.20
CA SER A 972 -11.43 13.77 15.91
C SER A 972 -12.35 14.96 15.62
N ALA A 973 -12.30 16.01 16.44
CA ALA A 973 -12.99 17.32 16.24
C ALA A 973 -12.12 18.26 15.39
N ASP A 974 -10.92 17.83 14.97
CA ASP A 974 -10.00 18.55 14.04
C ASP A 974 -10.06 17.95 12.62
N ALA A 975 -10.70 16.78 12.43
CA ALA A 975 -10.87 16.08 11.13
C ALA A 975 -12.10 16.62 10.36
N ALA A 976 -13.06 17.24 11.06
CA ALA A 976 -14.29 17.84 10.49
C ALA A 976 -13.97 19.11 9.69
N TYR A 977 -12.85 19.78 10.00
CA TYR A 977 -12.39 21.05 9.37
C TYR A 977 -11.81 20.79 7.97
N ALA A 978 -11.06 19.70 7.78
CA ALA A 978 -10.37 19.33 6.52
C ALA A 978 -11.37 18.89 5.46
N GLN A 979 -11.30 19.53 4.27
CA GLN A 979 -12.25 19.37 3.15
C GLN A 979 -11.52 18.78 1.94
N VAL A 980 -12.25 18.03 1.10
CA VAL A 980 -11.73 17.34 -0.11
C VAL A 980 -11.61 18.36 -1.25
N GLU A 981 -10.42 18.47 -1.84
CA GLU A 981 -10.12 19.35 -3.01
C GLU A 981 -10.24 18.52 -4.29
N ILE A 982 -10.69 19.18 -5.36
CA ILE A 982 -10.84 18.61 -6.72
C ILE A 982 -9.71 19.15 -7.59
N GLN A 983 -8.72 18.31 -7.92
CA GLN A 983 -7.64 18.69 -8.86
C GLN A 983 -8.12 18.47 -10.29
N PRO A 984 -7.99 19.48 -11.17
CA PRO A 984 -8.47 19.36 -12.55
C PRO A 984 -7.69 18.30 -13.32
N ARG A 985 -8.40 17.64 -14.21
CA ARG A 985 -7.85 16.75 -15.26
C ARG A 985 -8.02 17.46 -16.60
N ALA A 986 -6.99 17.39 -17.44
CA ALA A 986 -7.05 17.90 -18.82
C ALA A 986 -8.32 17.32 -19.48
N ASN A 987 -9.14 18.17 -20.08
CA ASN A 987 -10.31 17.71 -20.87
C ASN A 987 -10.21 18.40 -22.23
N ILE A 988 -9.46 17.76 -23.13
CA ILE A 988 -9.03 18.34 -24.44
C ILE A 988 -10.23 18.38 -25.38
N GLN A 989 -10.76 19.57 -25.61
CA GLN A 989 -11.87 19.82 -26.56
C GLN A 989 -11.27 19.90 -27.94
N LEU A 990 -12.11 19.74 -28.96
CA LEU A 990 -11.74 19.85 -30.39
C LEU A 990 -12.02 21.26 -30.91
N ASP A 991 -12.56 22.15 -30.07
CA ASP A 991 -12.71 23.62 -30.37
C ASP A 991 -13.47 23.75 -31.70
N PHE A 992 -14.60 23.06 -31.84
CA PHE A 992 -15.54 23.28 -32.97
C PHE A 992 -16.08 24.69 -32.85
N PRO A 993 -16.55 25.33 -33.95
CA PRO A 993 -17.15 26.65 -33.89
C PRO A 993 -18.50 26.67 -33.17
N GLU A 994 -18.69 27.71 -32.34
CA GLU A 994 -19.90 27.97 -31.53
C GLU A 994 -20.96 28.55 -32.45
N LEU A 995 -21.97 27.74 -32.75
CA LEU A 995 -23.14 28.09 -33.56
C LEU A 995 -24.11 28.90 -32.73
N LYS A 996 -24.51 30.07 -33.22
CA LYS A 996 -25.43 30.97 -32.49
C LYS A 996 -26.86 30.51 -32.72
N PRO A 997 -27.84 31.03 -31.97
CA PRO A 997 -29.25 30.88 -32.34
C PRO A 997 -29.50 31.62 -33.65
N TYR A 998 -30.44 31.13 -34.47
CA TYR A 998 -30.72 31.67 -35.82
C TYR A 998 -31.01 33.17 -35.79
N LYS A 999 -31.63 33.68 -34.73
CA LYS A 999 -31.96 35.13 -34.65
C LYS A 999 -30.66 35.94 -34.66
N GLN A 1000 -29.68 35.54 -33.85
CA GLN A 1000 -28.37 36.24 -33.72
C GLN A 1000 -27.59 36.20 -35.04
N VAL A 1001 -27.71 35.12 -35.80
CA VAL A 1001 -26.90 34.87 -37.04
C VAL A 1001 -27.68 35.35 -38.27
N LYS A 1002 -28.92 35.77 -38.09
CA LYS A 1002 -29.72 36.45 -39.14
C LYS A 1002 -29.40 37.95 -39.13
N GLN A 1003 -28.92 38.48 -38.00
CA GLN A 1003 -28.59 39.92 -37.84
C GLN A 1003 -27.38 40.30 -38.70
N ILE A 1004 -26.29 39.53 -38.65
CA ILE A 1004 -24.96 39.94 -39.21
C ILE A 1004 -25.03 40.07 -40.73
N ALA A 1005 -25.83 39.22 -41.39
CA ALA A 1005 -26.03 39.21 -42.85
C ALA A 1005 -27.25 40.07 -43.18
N PRO A 1006 -27.28 40.77 -44.33
CA PRO A 1006 -28.50 41.45 -44.77
C PRO A 1006 -29.60 40.45 -45.15
N ALA A 1007 -30.87 40.82 -44.95
CA ALA A 1007 -32.06 39.94 -45.15
C ALA A 1007 -32.08 39.43 -46.60
N GLU A 1008 -31.53 40.20 -47.53
CA GLU A 1008 -31.62 39.93 -48.99
C GLU A 1008 -30.78 38.71 -49.33
N LEU A 1009 -29.80 38.40 -48.50
CA LEU A 1009 -28.87 37.27 -48.73
C LEU A 1009 -29.67 35.96 -48.84
N GLU A 1010 -30.71 35.77 -48.02
CA GLU A 1010 -31.37 34.45 -47.87
C GLU A 1010 -31.96 34.00 -49.21
N GLY A 1011 -31.38 32.99 -49.82
CA GLY A 1011 -31.82 32.41 -51.10
C GLY A 1011 -31.18 33.08 -52.29
N LEU A 1012 -30.15 33.91 -52.08
CA LEU A 1012 -29.40 34.61 -53.15
C LEU A 1012 -28.20 33.77 -53.61
N LEU A 1013 -27.43 33.22 -52.68
CA LEU A 1013 -26.19 32.42 -52.98
C LEU A 1013 -26.55 31.03 -53.49
N ASP A 1014 -25.80 30.53 -54.47
CA ASP A 1014 -25.76 29.10 -54.85
C ASP A 1014 -24.73 28.42 -53.96
N LEU A 1015 -25.18 27.64 -52.99
CA LEU A 1015 -24.31 27.05 -51.95
C LEU A 1015 -23.48 25.88 -52.50
N GLU A 1016 -23.61 25.51 -53.78
CA GLU A 1016 -22.69 24.54 -54.42
C GLU A 1016 -21.45 25.27 -54.97
N ARG A 1017 -21.51 26.60 -55.01
CA ARG A 1017 -20.42 27.48 -55.50
C ARG A 1017 -19.81 28.27 -54.32
N VAL A 1018 -20.12 27.90 -53.09
CA VAL A 1018 -19.56 28.56 -51.89
C VAL A 1018 -18.67 27.55 -51.20
N ILE A 1019 -17.38 27.81 -51.12
CA ILE A 1019 -16.38 26.87 -50.55
C ILE A 1019 -16.24 27.15 -49.07
N VAL A 1020 -16.33 26.13 -48.25
CA VAL A 1020 -16.12 26.32 -46.81
C VAL A 1020 -14.93 25.47 -46.38
N VAL A 1021 -14.23 25.93 -45.37
CA VAL A 1021 -13.22 25.09 -44.70
C VAL A 1021 -13.93 24.39 -43.55
N THR A 1022 -13.85 23.08 -43.55
CA THR A 1022 -14.69 22.21 -42.72
C THR A 1022 -13.84 21.59 -41.63
N GLY A 1023 -12.52 21.59 -41.76
CA GLY A 1023 -11.60 20.90 -40.84
C GLY A 1023 -10.19 21.32 -41.14
N PHE A 1024 -9.33 21.46 -40.14
CA PHE A 1024 -7.90 21.69 -40.43
C PHE A 1024 -7.03 21.10 -39.34
N ALA A 1025 -5.77 20.92 -39.68
CA ALA A 1025 -4.73 20.41 -38.78
C ALA A 1025 -3.37 20.82 -39.29
N GLU A 1026 -2.38 20.62 -38.44
CA GLU A 1026 -0.96 20.80 -38.78
C GLU A 1026 -0.10 20.06 -37.78
N VAL A 1027 1.04 19.61 -38.29
CA VAL A 1027 2.19 19.03 -37.54
C VAL A 1027 3.33 20.01 -37.70
N GLY A 1028 3.84 20.55 -36.62
CA GLY A 1028 4.88 21.58 -36.74
C GLY A 1028 5.72 21.69 -35.49
N PRO A 1029 6.58 22.71 -35.45
CA PRO A 1029 7.41 22.99 -34.29
C PRO A 1029 6.72 23.08 -32.95
N TRP A 1030 5.43 23.44 -32.88
CA TRP A 1030 4.66 23.48 -31.61
C TRP A 1030 3.58 22.40 -31.58
N GLY A 1031 3.78 21.33 -32.32
CA GLY A 1031 2.89 20.16 -32.28
C GLY A 1031 1.67 20.35 -33.16
N SER A 1032 0.48 20.23 -32.58
CA SER A 1032 -0.82 20.32 -33.28
C SER A 1032 -1.21 21.79 -33.48
N ALA A 1033 -2.30 22.04 -34.17
CA ALA A 1033 -2.86 23.39 -34.39
C ALA A 1033 -3.39 23.93 -33.08
N ARG A 1034 -3.94 23.07 -32.22
CA ARG A 1034 -4.43 23.44 -30.87
C ARG A 1034 -3.29 23.99 -30.03
N THR A 1035 -2.18 23.27 -29.97
CA THR A 1035 -1.02 23.64 -29.13
C THR A 1035 -0.34 24.85 -29.77
N ARG A 1036 -0.16 24.86 -31.08
CA ARG A 1036 0.49 26.01 -31.71
C ARG A 1036 -0.30 27.28 -31.37
N TRP A 1037 -1.62 27.23 -31.54
CA TRP A 1037 -2.55 28.35 -31.28
C TRP A 1037 -2.44 28.84 -29.84
N GLU A 1038 -2.33 27.98 -28.84
CA GLU A 1038 -2.14 28.40 -27.44
C GLU A 1038 -0.87 29.24 -27.35
N MET A 1039 0.23 28.73 -27.86
CA MET A 1039 1.54 29.38 -27.79
C MET A 1039 1.58 30.63 -28.67
N GLU A 1040 0.79 30.69 -29.74
CA GLU A 1040 0.70 31.89 -30.62
C GLU A 1040 -0.06 32.97 -29.83
N ALA A 1041 -1.26 32.68 -29.37
CA ALA A 1041 -2.21 33.66 -28.81
C ALA A 1041 -1.81 34.05 -27.38
N PHE A 1042 -1.48 33.08 -26.52
CA PHE A 1042 -1.25 33.33 -25.07
C PHE A 1042 0.21 33.12 -24.63
N GLY A 1043 1.08 32.60 -25.49
CA GLY A 1043 2.49 32.37 -25.14
C GLY A 1043 2.68 31.56 -23.86
N GLU A 1044 1.72 30.70 -23.53
CA GLU A 1044 1.80 29.74 -22.40
C GLU A 1044 0.75 28.66 -22.63
N PHE A 1045 1.09 27.42 -22.30
CA PHE A 1045 0.15 26.27 -22.39
C PHE A 1045 -0.84 26.33 -21.24
N SER A 1046 -2.09 25.94 -21.54
CA SER A 1046 -3.15 25.60 -20.58
C SER A 1046 -2.82 24.25 -19.96
N LEU A 1047 -3.70 23.70 -19.12
CA LEU A 1047 -3.56 22.29 -18.65
C LEU A 1047 -3.67 21.36 -19.86
N GLU A 1048 -4.68 21.57 -20.68
CA GLU A 1048 -4.99 20.74 -21.87
C GLU A 1048 -3.81 20.80 -22.83
N GLY A 1049 -3.27 22.01 -23.03
CA GLY A 1049 -2.10 22.23 -23.89
C GLY A 1049 -0.87 21.49 -23.40
N CYS A 1050 -0.51 21.59 -22.13
CA CYS A 1050 0.63 20.82 -21.52
C CYS A 1050 0.46 19.32 -21.77
N VAL A 1051 -0.68 18.80 -21.39
CA VAL A 1051 -0.97 17.35 -21.49
C VAL A 1051 -0.84 16.92 -22.96
N GLU A 1052 -1.42 17.68 -23.88
CA GLU A 1052 -1.34 17.34 -25.31
C GLU A 1052 0.12 17.41 -25.75
N MET A 1053 0.85 18.43 -25.35
CA MET A 1053 2.27 18.56 -25.76
C MET A 1053 3.10 17.46 -25.11
N ALA A 1054 2.78 17.04 -23.89
CA ALA A 1054 3.50 15.97 -23.19
C ALA A 1054 3.22 14.61 -23.86
N TRP A 1055 2.01 14.39 -24.31
CA TRP A 1055 1.61 13.14 -24.98
C TRP A 1055 2.26 13.06 -26.36
N ILE A 1056 2.29 14.17 -27.07
CA ILE A 1056 2.84 14.27 -28.44
C ILE A 1056 4.32 13.91 -28.35
N MET A 1057 5.00 14.57 -27.43
CA MET A 1057 6.47 14.48 -27.27
C MET A 1057 6.83 13.14 -26.66
N GLY A 1058 5.91 12.44 -26.03
CA GLY A 1058 6.15 11.07 -25.54
C GLY A 1058 6.65 11.07 -24.11
N PHE A 1059 6.53 12.17 -23.38
CA PHE A 1059 6.80 12.24 -21.93
C PHE A 1059 5.78 11.40 -21.16
N ILE A 1060 4.51 11.39 -21.56
CA ILE A 1060 3.45 10.65 -20.83
C ILE A 1060 2.72 9.74 -21.80
N SER A 1061 2.52 8.52 -21.37
CA SER A 1061 1.70 7.51 -22.07
C SER A 1061 0.56 7.19 -21.14
N TYR A 1062 -0.50 6.66 -21.70
CA TYR A 1062 -1.66 6.28 -20.89
C TYR A 1062 -1.49 4.82 -20.51
N HIS A 1063 -1.84 4.53 -19.28
CA HIS A 1063 -1.81 3.20 -18.68
C HIS A 1063 -3.19 2.93 -18.09
N ASN A 1064 -3.72 1.74 -18.34
CA ASN A 1064 -4.95 1.21 -17.69
C ASN A 1064 -4.71 -0.26 -17.37
N GLY A 1065 -4.48 -0.55 -16.10
CA GLY A 1065 -4.26 -1.91 -15.59
C GLY A 1065 -3.56 -1.88 -14.25
N ASN A 1066 -3.01 -3.02 -13.86
CA ASN A 1066 -2.22 -3.16 -12.61
C ASN A 1066 -0.83 -2.58 -12.89
N LEU A 1067 -0.37 -1.75 -11.96
CA LEU A 1067 0.90 -1.00 -12.03
C LEU A 1067 1.55 -1.05 -10.64
N LYS A 1068 2.54 -1.94 -10.46
CA LYS A 1068 3.24 -2.23 -9.18
C LYS A 1068 2.19 -2.64 -8.13
N GLY A 1069 1.39 -3.66 -8.47
CA GLY A 1069 0.31 -4.22 -7.64
C GLY A 1069 -1.04 -3.59 -7.95
N ARG A 1070 -1.44 -2.58 -7.16
CA ARG A 1070 -2.76 -1.88 -7.22
C ARG A 1070 -3.06 -1.43 -8.65
N PRO A 1071 -4.35 -1.42 -9.10
CA PRO A 1071 -4.73 -0.98 -10.44
C PRO A 1071 -4.81 0.56 -10.59
N TYR A 1072 -4.21 1.08 -11.67
CA TYR A 1072 -4.09 2.52 -12.00
C TYR A 1072 -4.59 2.75 -13.41
N THR A 1073 -5.46 3.75 -13.54
CA THR A 1073 -6.04 4.21 -14.83
C THR A 1073 -5.68 5.69 -14.98
N GLY A 1074 -4.71 6.00 -15.86
CA GLY A 1074 -4.25 7.38 -16.08
C GLY A 1074 -2.92 7.49 -16.80
N TRP A 1075 -2.33 8.68 -16.69
CA TRP A 1075 -1.04 9.00 -17.35
C TRP A 1075 0.08 8.42 -16.51
N VAL A 1076 1.16 8.01 -17.17
CA VAL A 1076 2.42 7.54 -16.53
C VAL A 1076 3.59 8.13 -17.29
N ASP A 1077 4.72 8.39 -16.61
CA ASP A 1077 5.97 8.85 -17.26
C ASP A 1077 6.45 7.74 -18.19
N SER A 1078 6.58 8.00 -19.49
CA SER A 1078 6.76 6.94 -20.52
C SER A 1078 8.08 6.20 -20.31
N LYS A 1079 9.02 6.79 -19.56
CA LYS A 1079 10.33 6.16 -19.24
C LYS A 1079 10.23 5.33 -17.95
N THR A 1080 9.91 5.96 -16.81
CA THR A 1080 9.90 5.32 -15.47
C THR A 1080 8.59 4.55 -15.17
N LYS A 1081 7.55 4.72 -15.99
CA LYS A 1081 6.19 4.13 -15.79
C LYS A 1081 5.60 4.59 -14.45
N GLU A 1082 6.15 5.65 -13.86
CA GLU A 1082 5.64 6.26 -12.62
C GLU A 1082 4.34 6.98 -12.93
N PRO A 1083 3.24 6.81 -12.15
CA PRO A 1083 2.04 7.60 -12.35
C PRO A 1083 2.28 9.11 -12.30
N VAL A 1084 1.57 9.85 -13.14
CA VAL A 1084 1.61 11.33 -13.26
C VAL A 1084 0.17 11.84 -13.25
N ASP A 1085 -0.14 12.80 -12.38
CA ASP A 1085 -1.44 13.50 -12.36
C ASP A 1085 -1.36 14.66 -13.35
N ASP A 1086 -2.51 15.03 -13.91
CA ASP A 1086 -2.65 16.11 -14.91
C ASP A 1086 -2.10 17.43 -14.35
N LYS A 1087 -2.41 17.75 -13.09
CA LYS A 1087 -1.91 18.97 -12.39
C LYS A 1087 -0.37 18.99 -12.38
N ASP A 1088 0.28 17.83 -12.24
CA ASP A 1088 1.75 17.68 -12.12
C ASP A 1088 2.45 17.80 -13.47
N VAL A 1089 1.75 17.62 -14.60
CA VAL A 1089 2.38 17.58 -15.96
C VAL A 1089 3.03 18.92 -16.26
N LYS A 1090 2.45 20.05 -15.83
CA LYS A 1090 3.06 21.39 -16.01
C LYS A 1090 4.33 21.52 -15.15
N ALA A 1091 4.28 21.02 -13.92
CA ALA A 1091 5.41 21.03 -12.96
C ALA A 1091 6.56 20.16 -13.46
N LYS A 1092 6.25 19.00 -14.05
CA LYS A 1092 7.26 17.95 -14.35
C LYS A 1092 7.88 18.13 -15.73
N TYR A 1093 7.12 18.58 -16.72
CA TYR A 1093 7.55 18.54 -18.14
C TYR A 1093 7.47 19.89 -18.86
N GLU A 1094 6.88 20.95 -18.31
CA GLU A 1094 6.73 22.19 -19.11
C GLU A 1094 8.11 22.69 -19.54
N THR A 1095 9.10 22.68 -18.65
CA THR A 1095 10.47 23.18 -18.92
C THR A 1095 11.10 22.32 -20.03
N SER A 1096 10.91 21.01 -19.97
CA SER A 1096 11.35 20.06 -21.01
C SER A 1096 10.62 20.31 -22.33
N ILE A 1097 9.31 20.54 -22.30
CA ILE A 1097 8.46 20.78 -23.50
C ILE A 1097 8.88 22.07 -24.17
N LEU A 1098 9.11 23.12 -23.39
CA LEU A 1098 9.44 24.47 -23.94
C LEU A 1098 10.85 24.45 -24.53
N GLU A 1099 11.73 23.62 -23.98
CA GLU A 1099 13.14 23.48 -24.40
C GLU A 1099 13.20 22.74 -25.74
N HIS A 1100 12.37 21.71 -25.93
CA HIS A 1100 12.43 20.77 -27.07
C HIS A 1100 11.27 21.03 -28.03
N SER A 1101 10.79 22.26 -28.14
CA SER A 1101 9.78 22.67 -29.14
C SER A 1101 10.18 23.99 -29.76
N GLY A 1102 9.82 24.16 -31.00
CA GLY A 1102 9.89 25.47 -31.62
C GLY A 1102 11.22 25.72 -32.27
N ILE A 1103 11.55 26.98 -32.37
CA ILE A 1103 12.83 27.40 -32.99
C ILE A 1103 13.90 27.20 -31.95
N ARG A 1104 14.88 26.37 -32.27
CA ARG A 1104 15.87 25.90 -31.30
C ARG A 1104 17.04 25.29 -32.06
N LEU A 1105 18.16 25.07 -31.37
CA LEU A 1105 19.38 24.43 -31.93
C LEU A 1105 19.04 23.08 -32.54
N ILE A 1106 19.51 22.88 -33.77
CA ILE A 1106 19.28 21.68 -34.60
C ILE A 1106 19.76 20.49 -33.79
N GLU A 1107 18.85 19.58 -33.51
CA GLU A 1107 19.11 18.33 -32.78
C GLU A 1107 19.51 17.27 -33.81
N PRO A 1108 20.75 16.72 -33.77
CA PRO A 1108 21.17 15.71 -34.76
C PRO A 1108 20.36 14.40 -34.85
N GLU A 1109 19.76 14.01 -33.73
CA GLU A 1109 18.99 12.74 -33.55
C GLU A 1109 17.76 12.76 -34.47
N LEU A 1110 17.25 13.95 -34.78
CA LEU A 1110 16.06 14.19 -35.64
C LEU A 1110 16.47 14.24 -37.12
N PHE A 1111 17.76 14.35 -37.45
CA PHE A 1111 18.26 14.53 -38.84
C PHE A 1111 19.40 13.56 -39.17
N ASN A 1112 19.31 12.30 -38.75
CA ASN A 1112 20.32 11.25 -39.09
C ASN A 1112 21.72 11.73 -38.73
N GLY A 1113 21.90 12.22 -37.51
CA GLY A 1113 23.20 12.67 -36.98
C GLY A 1113 23.78 13.86 -37.74
N TYR A 1114 22.96 14.65 -38.45
CA TYR A 1114 23.41 15.92 -39.05
C TYR A 1114 23.78 16.86 -37.91
N ASN A 1115 25.04 17.28 -37.87
CA ASN A 1115 25.52 18.29 -36.89
C ASN A 1115 26.07 19.44 -37.72
N PRO A 1116 25.42 20.62 -37.76
CA PRO A 1116 25.88 21.72 -38.59
C PRO A 1116 27.27 22.28 -38.23
N GLU A 1117 27.75 22.01 -37.01
CA GLU A 1117 29.13 22.41 -36.60
C GLU A 1117 30.15 21.47 -37.24
N LYS A 1118 29.76 20.25 -37.60
CA LYS A 1118 30.64 19.20 -38.18
C LYS A 1118 29.97 18.59 -39.40
N LYS A 1119 30.03 19.29 -40.53
CA LYS A 1119 29.29 18.91 -41.75
C LYS A 1119 30.23 18.16 -42.70
N GLU A 1120 30.02 16.85 -42.89
CA GLU A 1120 30.96 15.98 -43.67
C GLU A 1120 30.92 16.28 -45.17
N MET A 1121 32.04 16.72 -45.73
CA MET A 1121 32.38 16.69 -47.18
C MET A 1121 33.55 15.72 -47.40
N ILE A 1122 33.93 15.48 -48.66
CA ILE A 1122 35.07 14.59 -49.04
C ILE A 1122 35.95 15.36 -50.01
N GLN A 1123 37.26 15.39 -49.78
CA GLN A 1123 38.21 15.99 -50.74
C GLN A 1123 38.83 14.86 -51.56
N GLU A 1124 38.95 15.08 -52.86
CA GLU A 1124 39.73 14.23 -53.78
C GLU A 1124 41.21 14.52 -53.56
N VAL A 1125 42.01 13.46 -53.36
CA VAL A 1125 43.49 13.52 -53.26
C VAL A 1125 44.04 12.47 -54.21
N ILE A 1126 45.21 12.74 -54.76
CA ILE A 1126 46.02 11.73 -55.51
C ILE A 1126 46.94 11.06 -54.49
N VAL A 1127 47.04 9.74 -54.56
CA VAL A 1127 47.97 8.92 -53.74
C VAL A 1127 49.39 9.28 -54.19
N GLU A 1128 50.26 9.68 -53.26
CA GLU A 1128 51.67 10.08 -53.54
C GLU A 1128 52.56 8.83 -53.57
N GLU A 1129 52.40 7.96 -52.57
CA GLU A 1129 53.08 6.64 -52.43
C GLU A 1129 52.02 5.59 -52.09
N ASP A 1130 52.19 4.38 -52.62
CA ASP A 1130 51.25 3.22 -52.53
C ASP A 1130 50.67 3.04 -51.12
N LEU A 1131 49.52 2.37 -51.04
CA LEU A 1131 48.82 2.05 -49.77
C LEU A 1131 49.16 0.62 -49.32
N GLU A 1132 48.81 0.28 -48.09
CA GLU A 1132 48.79 -1.11 -47.56
C GLU A 1132 47.64 -1.85 -48.24
N PRO A 1133 47.85 -3.10 -48.74
CA PRO A 1133 46.75 -3.89 -49.29
C PRO A 1133 45.69 -4.22 -48.24
N PHE A 1134 44.42 -4.02 -48.57
CA PHE A 1134 43.25 -4.41 -47.75
C PHE A 1134 42.58 -5.60 -48.41
N GLU A 1135 41.85 -6.36 -47.59
CA GLU A 1135 40.98 -7.49 -47.97
C GLU A 1135 39.68 -6.93 -48.56
N ALA A 1136 39.06 -7.64 -49.51
CA ALA A 1136 37.72 -7.32 -50.06
C ALA A 1136 37.23 -8.51 -50.89
N SER A 1137 35.92 -8.63 -51.13
CA SER A 1137 35.32 -9.75 -51.89
C SER A 1137 35.81 -9.72 -53.35
N LYS A 1138 35.55 -10.79 -54.09
CA LYS A 1138 35.86 -10.89 -55.55
C LYS A 1138 35.19 -9.73 -56.29
N GLU A 1139 33.86 -9.60 -56.14
CA GLU A 1139 33.01 -8.62 -56.87
C GLU A 1139 33.48 -7.20 -56.57
N THR A 1140 33.73 -6.87 -55.30
CA THR A 1140 34.17 -5.53 -54.83
C THR A 1140 35.55 -5.20 -55.40
N ALA A 1141 36.46 -6.18 -55.45
CA ALA A 1141 37.80 -6.04 -56.05
C ALA A 1141 37.67 -5.82 -57.56
N GLU A 1142 36.83 -6.61 -58.26
CA GLU A 1142 36.63 -6.44 -59.73
C GLU A 1142 36.13 -5.02 -60.01
N GLN A 1143 35.29 -4.49 -59.12
CA GLN A 1143 34.73 -3.10 -59.16
C GLN A 1143 35.85 -2.08 -58.94
N PHE A 1144 36.76 -2.33 -58.00
CA PHE A 1144 37.91 -1.43 -57.71
C PHE A 1144 38.81 -1.37 -58.94
N LYS A 1145 39.04 -2.53 -59.56
CA LYS A 1145 39.85 -2.72 -60.80
C LYS A 1145 39.20 -1.92 -61.94
N HIS A 1146 37.89 -2.11 -62.15
CA HIS A 1146 37.13 -1.46 -63.25
C HIS A 1146 37.35 0.06 -63.18
N GLN A 1147 37.27 0.62 -61.98
CA GLN A 1147 37.30 2.08 -61.70
C GLN A 1147 38.71 2.59 -61.97
N HIS A 1148 39.71 2.03 -61.28
CA HIS A 1148 41.09 2.58 -61.18
C HIS A 1148 41.93 2.16 -62.39
N GLY A 1149 41.59 1.02 -63.02
CA GLY A 1149 42.34 0.48 -64.17
C GLY A 1149 43.69 -0.05 -63.71
N ASP A 1150 44.78 0.44 -64.30
CA ASP A 1150 46.18 0.04 -63.97
C ASP A 1150 46.55 0.46 -62.54
N LYS A 1151 45.96 1.55 -62.01
CA LYS A 1151 46.36 2.18 -60.70
C LYS A 1151 45.91 1.34 -59.50
N VAL A 1152 45.43 0.11 -59.70
CA VAL A 1152 45.17 -0.84 -58.58
C VAL A 1152 45.76 -2.19 -59.00
N ASP A 1153 46.02 -3.06 -58.02
CA ASP A 1153 46.36 -4.48 -58.25
C ASP A 1153 45.44 -5.33 -57.38
N ILE A 1154 44.63 -6.19 -57.99
CA ILE A 1154 43.78 -7.18 -57.26
C ILE A 1154 44.42 -8.56 -57.41
N PHE A 1155 44.58 -9.29 -56.31
CA PHE A 1155 45.15 -10.66 -56.28
C PHE A 1155 44.31 -11.53 -55.37
N GLU A 1156 43.84 -12.67 -55.88
CA GLU A 1156 43.12 -13.70 -55.10
C GLU A 1156 44.06 -14.21 -53.99
N ILE A 1157 43.52 -14.50 -52.80
CA ILE A 1157 44.23 -15.22 -51.70
C ILE A 1157 43.69 -16.65 -51.69
N PRO A 1158 44.42 -17.65 -52.23
CA PRO A 1158 43.87 -18.99 -52.47
C PRO A 1158 43.26 -19.71 -51.25
N GLU A 1159 43.77 -19.41 -50.05
CA GLU A 1159 43.34 -19.99 -48.75
C GLU A 1159 41.84 -19.76 -48.57
N THR A 1160 41.40 -18.49 -48.68
CA THR A 1160 40.01 -18.01 -48.43
C THR A 1160 39.22 -17.97 -49.77
N GLY A 1161 39.82 -17.45 -50.85
CA GLY A 1161 39.13 -17.07 -52.11
C GLY A 1161 38.75 -15.60 -52.13
N GLU A 1162 38.78 -14.97 -50.95
CA GLU A 1162 38.66 -13.52 -50.70
C GLU A 1162 39.93 -12.83 -51.24
N TYR A 1163 39.77 -11.80 -52.08
CA TYR A 1163 40.85 -11.09 -52.80
C TYR A 1163 41.50 -9.99 -51.94
N SER A 1164 42.65 -9.49 -52.40
CA SER A 1164 43.43 -8.40 -51.78
C SER A 1164 43.58 -7.24 -52.76
N VAL A 1165 43.15 -6.05 -52.36
CA VAL A 1165 43.13 -4.82 -53.21
C VAL A 1165 44.29 -3.94 -52.76
N LYS A 1166 45.07 -3.45 -53.71
CA LYS A 1166 46.33 -2.71 -53.45
C LYS A 1166 46.34 -1.49 -54.37
N LEU A 1167 46.18 -0.29 -53.80
CA LEU A 1167 46.04 0.97 -54.55
C LEU A 1167 47.44 1.51 -54.83
N LEU A 1168 47.81 1.57 -56.11
CA LEU A 1168 49.18 1.93 -56.56
C LEU A 1168 49.36 3.44 -56.43
N LYS A 1169 50.47 3.98 -56.95
CA LYS A 1169 50.77 5.43 -56.97
C LYS A 1169 49.96 6.07 -58.09
N GLY A 1170 49.47 7.29 -57.89
CA GLY A 1170 48.67 8.05 -58.88
C GLY A 1170 47.21 7.62 -58.90
N ALA A 1171 46.78 6.82 -57.92
CA ALA A 1171 45.36 6.45 -57.66
C ALA A 1171 44.66 7.66 -57.02
N THR A 1172 43.34 7.76 -57.22
CA THR A 1172 42.47 8.80 -56.64
C THR A 1172 41.75 8.21 -55.42
N LEU A 1173 41.79 8.93 -54.30
CA LEU A 1173 41.04 8.60 -53.05
C LEU A 1173 40.13 9.77 -52.71
N TYR A 1174 39.27 9.55 -51.72
CA TYR A 1174 38.43 10.60 -51.09
C TYR A 1174 38.61 10.51 -49.58
N ILE A 1175 39.17 11.59 -49.02
CA ILE A 1175 39.39 11.74 -47.56
C ILE A 1175 38.28 12.64 -47.06
N PRO A 1176 37.51 12.20 -46.05
CA PRO A 1176 36.56 13.05 -45.37
C PRO A 1176 37.17 14.31 -44.77
N LYS A 1177 36.44 15.43 -44.81
CA LYS A 1177 36.74 16.62 -43.99
C LYS A 1177 35.41 17.25 -43.53
N ALA A 1178 35.40 17.78 -42.33
CA ALA A 1178 34.25 18.48 -41.74
C ALA A 1178 34.40 19.97 -42.02
N LEU A 1179 33.30 20.58 -42.46
CA LEU A 1179 33.11 22.06 -42.53
C LEU A 1179 32.27 22.49 -41.33
N ARG A 1180 32.62 23.60 -40.64
CA ARG A 1180 31.79 24.26 -39.60
C ARG A 1180 30.83 25.19 -40.34
N PHE A 1181 29.51 24.86 -40.33
CA PHE A 1181 28.42 25.65 -40.95
C PHE A 1181 27.82 26.60 -39.91
N ASP A 1182 27.32 27.74 -40.38
CA ASP A 1182 26.85 28.88 -39.53
C ASP A 1182 25.31 28.96 -39.48
N ARG A 1183 24.55 27.93 -39.85
CA ARG A 1183 23.08 27.85 -39.57
C ARG A 1183 22.84 26.72 -38.58
N LEU A 1184 22.56 27.06 -37.33
CA LEU A 1184 22.62 26.11 -36.20
C LEU A 1184 21.27 25.94 -35.55
N VAL A 1185 20.26 26.64 -36.06
CA VAL A 1185 18.93 26.81 -35.41
C VAL A 1185 17.88 26.51 -36.48
N ALA A 1186 16.82 25.80 -36.13
CA ALA A 1186 15.65 25.62 -37.01
C ALA A 1186 14.38 25.34 -36.21
N GLY A 1187 13.24 25.60 -36.86
CA GLY A 1187 11.90 25.22 -36.40
C GLY A 1187 11.66 23.74 -36.62
N GLN A 1188 12.08 22.92 -35.68
CA GLN A 1188 11.97 21.46 -35.79
C GLN A 1188 10.74 21.04 -35.02
N ILE A 1189 10.22 19.88 -35.38
CA ILE A 1189 9.06 19.27 -34.70
C ILE A 1189 9.49 18.79 -33.33
N PRO A 1190 8.64 18.93 -32.29
CA PRO A 1190 9.07 18.72 -30.92
C PRO A 1190 9.77 17.39 -30.74
N THR A 1191 10.92 17.38 -30.09
CA THR A 1191 11.67 16.15 -29.84
C THR A 1191 10.80 15.13 -29.09
N GLY A 1192 10.70 13.92 -29.64
CA GLY A 1192 9.88 12.83 -29.10
C GLY A 1192 8.73 12.50 -30.02
N TRP A 1193 8.36 13.43 -30.90
CA TRP A 1193 7.26 13.24 -31.87
C TRP A 1193 7.58 11.99 -32.67
N ASN A 1194 6.60 11.13 -32.83
CA ASN A 1194 6.75 9.78 -33.38
C ASN A 1194 5.39 9.33 -33.92
N ALA A 1195 5.30 9.12 -35.23
CA ALA A 1195 4.08 8.67 -35.94
C ALA A 1195 3.39 7.51 -35.22
N LYS A 1196 4.14 6.64 -34.53
CA LYS A 1196 3.58 5.49 -33.78
C LYS A 1196 2.58 5.97 -32.69
N THR A 1197 2.83 7.13 -32.09
CA THR A 1197 1.98 7.74 -31.05
C THR A 1197 0.58 7.98 -31.61
N TYR A 1198 0.47 8.38 -32.86
CA TYR A 1198 -0.81 8.52 -33.59
C TYR A 1198 -1.30 7.16 -34.13
N GLY A 1199 -0.43 6.15 -34.18
CA GLY A 1199 -0.82 4.77 -34.54
C GLY A 1199 -0.49 4.39 -35.98
N ILE A 1200 0.43 5.10 -36.61
CA ILE A 1200 1.02 4.67 -37.89
C ILE A 1200 1.92 3.47 -37.59
N SER A 1201 1.66 2.35 -38.26
CA SER A 1201 2.40 1.06 -38.14
C SER A 1201 3.86 1.24 -38.58
N ASP A 1202 4.74 0.40 -38.04
CA ASP A 1202 6.19 0.34 -38.41
C ASP A 1202 6.39 -0.02 -39.89
N ASP A 1203 5.48 -0.80 -40.48
CA ASP A 1203 5.58 -1.21 -41.90
C ASP A 1203 5.47 0.02 -42.81
N ILE A 1204 4.71 1.03 -42.37
CA ILE A 1204 4.55 2.31 -43.13
C ILE A 1204 5.77 3.17 -42.81
N ILE A 1205 6.15 3.30 -41.55
CA ILE A 1205 7.25 4.23 -41.13
C ILE A 1205 8.57 3.86 -41.81
N SER A 1206 8.87 2.57 -41.92
CA SER A 1206 10.08 2.05 -42.60
C SER A 1206 10.02 2.27 -44.12
N GLN A 1207 8.83 2.34 -44.72
CA GLN A 1207 8.63 2.45 -46.19
C GLN A 1207 8.73 3.92 -46.62
N VAL A 1208 8.00 4.83 -45.98
CA VAL A 1208 7.76 6.20 -46.51
C VAL A 1208 8.83 7.15 -45.99
N ASP A 1209 9.03 8.26 -46.70
CA ASP A 1209 9.82 9.46 -46.29
C ASP A 1209 9.23 10.06 -45.01
N PRO A 1210 10.03 10.66 -44.11
CA PRO A 1210 9.49 11.28 -42.89
C PRO A 1210 8.42 12.34 -43.12
N ILE A 1211 8.49 13.04 -44.25
CA ILE A 1211 7.51 14.10 -44.60
C ILE A 1211 6.12 13.47 -44.74
N THR A 1212 6.02 12.32 -45.38
CA THR A 1212 4.73 11.61 -45.57
C THR A 1212 4.05 11.34 -44.23
N LEU A 1213 4.82 11.09 -43.15
CA LEU A 1213 4.27 10.81 -41.82
C LEU A 1213 3.60 12.06 -41.25
N PHE A 1214 4.20 13.24 -41.44
CA PHE A 1214 3.58 14.52 -41.08
C PHE A 1214 2.27 14.69 -41.85
N VAL A 1215 2.26 14.34 -43.13
CA VAL A 1215 1.02 14.53 -43.93
C VAL A 1215 -0.05 13.55 -43.41
N LEU A 1216 0.29 12.28 -43.20
CA LEU A 1216 -0.69 11.27 -42.77
C LEU A 1216 -1.31 11.69 -41.45
N VAL A 1217 -0.55 12.27 -40.55
CA VAL A 1217 -1.08 12.69 -39.23
C VAL A 1217 -1.93 13.94 -39.42
N SER A 1218 -1.40 14.97 -40.06
CA SER A 1218 -2.16 16.18 -40.47
C SER A 1218 -3.48 15.82 -41.16
N VAL A 1219 -3.57 14.76 -41.95
CA VAL A 1219 -4.81 14.47 -42.72
C VAL A 1219 -5.82 13.83 -41.78
N VAL A 1220 -5.44 12.88 -40.94
CA VAL A 1220 -6.44 12.27 -40.02
C VAL A 1220 -6.87 13.32 -39.02
N GLU A 1221 -5.94 14.16 -38.60
CA GLU A 1221 -6.19 15.13 -37.52
C GLU A 1221 -7.12 16.23 -38.08
N ALA A 1222 -7.05 16.56 -39.36
CA ALA A 1222 -7.99 17.45 -40.09
C ALA A 1222 -9.38 16.82 -40.22
N PHE A 1223 -9.44 15.56 -40.62
CA PHE A 1223 -10.71 14.80 -40.67
C PHE A 1223 -11.37 14.76 -39.28
N ILE A 1224 -10.61 14.65 -38.18
CA ILE A 1224 -11.20 14.71 -36.81
C ILE A 1224 -11.74 16.12 -36.48
N ALA A 1225 -11.05 17.16 -36.91
CA ALA A 1225 -11.47 18.58 -36.78
C ALA A 1225 -12.77 18.86 -37.54
N SER A 1226 -13.05 18.06 -38.55
CA SER A 1226 -14.22 18.19 -39.47
C SER A 1226 -15.29 17.20 -39.02
N GLY A 1227 -15.06 16.50 -37.91
CA GLY A 1227 -16.00 15.60 -37.27
C GLY A 1227 -16.20 14.33 -38.05
N ILE A 1228 -15.24 13.98 -38.92
CA ILE A 1228 -15.30 12.81 -39.85
C ILE A 1228 -14.25 11.80 -39.39
N THR A 1229 -14.59 10.91 -38.48
CA THR A 1229 -13.64 9.94 -37.87
C THR A 1229 -13.34 8.78 -38.86
N ASP A 1230 -14.32 8.39 -39.66
CA ASP A 1230 -14.16 7.40 -40.75
C ASP A 1230 -14.37 8.11 -42.07
N PRO A 1231 -13.31 8.34 -42.86
CA PRO A 1231 -13.45 9.06 -44.11
C PRO A 1231 -14.50 8.47 -45.05
N TYR A 1232 -14.76 7.17 -45.00
CA TYR A 1232 -15.67 6.52 -45.97
C TYR A 1232 -17.06 7.09 -45.79
N GLU A 1233 -17.36 7.65 -44.62
CA GLU A 1233 -18.66 8.32 -44.35
C GLU A 1233 -18.95 9.29 -45.50
N MET A 1234 -17.93 9.99 -45.99
CA MET A 1234 -18.07 10.93 -47.13
C MET A 1234 -18.88 10.27 -48.25
N TYR A 1235 -18.68 8.98 -48.51
CA TYR A 1235 -19.30 8.27 -49.67
C TYR A 1235 -20.76 7.86 -49.37
N LYS A 1236 -21.35 8.30 -48.27
CA LYS A 1236 -22.83 8.29 -48.09
C LYS A 1236 -23.47 9.49 -48.81
N TYR A 1237 -22.69 10.51 -49.14
CA TYR A 1237 -23.16 11.83 -49.60
C TYR A 1237 -22.60 12.19 -50.97
N VAL A 1238 -21.39 11.73 -51.30
CA VAL A 1238 -20.69 12.05 -52.58
C VAL A 1238 -20.12 10.79 -53.21
N HIS A 1239 -19.98 10.81 -54.54
CA HIS A 1239 -19.42 9.70 -55.33
C HIS A 1239 -17.96 9.56 -54.93
N VAL A 1240 -17.36 8.38 -55.11
CA VAL A 1240 -15.91 8.19 -54.86
C VAL A 1240 -15.09 9.08 -55.80
N SER A 1241 -15.67 9.61 -56.87
CA SER A 1241 -14.93 10.44 -57.85
C SER A 1241 -14.91 11.91 -57.45
N GLU A 1242 -15.52 12.27 -56.32
CA GLU A 1242 -15.80 13.69 -55.97
C GLU A 1242 -14.96 14.10 -54.76
N VAL A 1243 -14.13 13.23 -54.21
CA VAL A 1243 -13.17 13.63 -53.15
C VAL A 1243 -11.78 13.83 -53.75
N GLY A 1244 -11.33 15.08 -53.83
CA GLY A 1244 -10.07 15.46 -54.46
C GLY A 1244 -8.96 15.61 -53.43
N ASN A 1245 -7.70 15.58 -53.88
CA ASN A 1245 -6.51 15.92 -53.08
C ASN A 1245 -5.71 16.91 -53.91
N CYS A 1246 -5.84 18.18 -53.55
CA CYS A 1246 -5.32 19.35 -54.28
C CYS A 1246 -4.08 19.86 -53.50
N SER A 1247 -3.58 19.11 -52.50
CA SER A 1247 -2.41 19.48 -51.64
C SER A 1247 -1.08 19.15 -52.30
N GLY A 1248 0.01 19.78 -51.84
CA GLY A 1248 1.32 19.76 -52.53
C GLY A 1248 2.50 20.19 -51.66
N SER A 1249 3.71 20.26 -52.22
CA SER A 1249 4.98 20.50 -51.49
C SER A 1249 5.93 21.34 -52.35
N GLY A 1250 6.95 21.91 -51.73
CA GLY A 1250 7.97 22.68 -52.44
C GLY A 1250 9.07 21.82 -53.04
N MET A 1251 9.62 20.90 -52.25
CA MET A 1251 10.76 20.04 -52.63
C MET A 1251 10.46 18.55 -52.46
N GLY A 1252 9.41 18.19 -51.71
CA GLY A 1252 8.98 16.79 -51.53
C GLY A 1252 9.93 16.03 -50.64
N GLY A 1253 9.96 14.71 -50.79
CA GLY A 1253 10.72 13.80 -49.92
C GLY A 1253 12.20 13.98 -50.14
N VAL A 1254 12.79 15.01 -49.53
CA VAL A 1254 14.24 15.34 -49.64
C VAL A 1254 15.12 14.33 -48.86
N SER A 1255 14.57 13.48 -47.98
CA SER A 1255 15.36 12.39 -47.36
C SER A 1255 15.55 11.25 -48.38
N ALA A 1256 14.57 11.05 -49.26
CA ALA A 1256 14.66 10.06 -50.35
C ALA A 1256 15.59 10.58 -51.45
N LEU A 1257 15.69 11.90 -51.65
CA LEU A 1257 16.63 12.47 -52.65
C LEU A 1257 18.05 12.25 -52.13
N ARG A 1258 18.31 12.60 -50.88
CA ARG A 1258 19.61 12.32 -50.21
C ARG A 1258 19.93 10.84 -50.44
N GLY A 1259 18.99 9.95 -50.13
CA GLY A 1259 19.14 8.50 -50.30
C GLY A 1259 19.62 8.13 -51.69
N MET A 1260 18.99 8.67 -52.73
CA MET A 1260 19.23 8.23 -54.12
C MET A 1260 20.43 8.95 -54.76
N PHE A 1261 20.91 10.08 -54.22
CA PHE A 1261 22.04 10.87 -54.78
C PHE A 1261 23.33 10.70 -53.98
N LYS A 1262 23.23 10.56 -52.66
CA LYS A 1262 24.38 10.54 -51.73
C LYS A 1262 24.49 9.12 -51.16
N ASP A 1263 23.58 8.66 -50.31
CA ASP A 1263 23.70 7.34 -49.65
C ASP A 1263 23.92 6.20 -50.67
N ARG A 1264 23.41 6.29 -51.89
CA ARG A 1264 23.56 5.24 -52.94
C ARG A 1264 24.98 5.29 -53.52
N PHE A 1265 25.49 6.49 -53.77
CA PHE A 1265 26.89 6.80 -54.17
C PHE A 1265 27.85 6.11 -53.20
N LYS A 1266 27.72 6.39 -51.90
CA LYS A 1266 28.54 5.82 -50.79
C LYS A 1266 28.20 4.34 -50.55
N ASP A 1267 27.46 3.70 -51.47
CA ASP A 1267 27.08 2.27 -51.41
C ASP A 1267 26.62 1.89 -49.98
N GLU A 1268 25.84 2.76 -49.34
CA GLU A 1268 25.06 2.45 -48.11
C GLU A 1268 23.83 1.63 -48.52
N PRO A 1269 23.17 0.92 -47.58
CA PRO A 1269 21.95 0.17 -47.89
C PRO A 1269 20.71 1.07 -47.89
N VAL A 1270 20.11 1.27 -49.07
CA VAL A 1270 18.89 2.10 -49.32
C VAL A 1270 17.82 1.16 -49.90
N GLN A 1271 16.53 1.42 -49.59
CA GLN A 1271 15.35 0.69 -50.17
C GLN A 1271 15.34 0.89 -51.69
N ASN A 1272 14.99 -0.14 -52.47
CA ASN A 1272 15.02 -0.10 -53.97
C ASN A 1272 14.06 0.96 -54.51
N ASP A 1273 12.92 1.13 -53.84
CA ASP A 1273 11.80 2.04 -54.24
C ASP A 1273 12.01 3.47 -53.74
N ILE A 1274 13.23 3.87 -53.38
CA ILE A 1274 13.48 5.20 -52.75
C ILE A 1274 12.99 6.27 -53.73
N LEU A 1275 13.19 6.09 -55.03
CA LEU A 1275 12.79 7.08 -56.07
C LEU A 1275 11.36 7.52 -55.77
N GLN A 1276 10.42 6.58 -55.67
CA GLN A 1276 8.97 6.88 -55.61
C GLN A 1276 8.67 7.69 -54.34
N GLU A 1277 9.33 7.41 -53.22
CA GLU A 1277 9.18 8.19 -51.96
C GLU A 1277 9.64 9.65 -52.12
N SER A 1278 10.40 9.98 -53.15
CA SER A 1278 11.04 11.31 -53.32
C SER A 1278 10.04 12.29 -53.91
N PHE A 1279 9.15 11.77 -54.78
CA PHE A 1279 8.24 12.55 -55.65
C PHE A 1279 7.31 13.38 -54.78
N ILE A 1280 7.12 14.65 -55.14
CA ILE A 1280 6.19 15.58 -54.43
C ILE A 1280 4.74 15.05 -54.43
N ASN A 1281 4.36 14.19 -55.37
CA ASN A 1281 2.95 13.73 -55.48
C ASN A 1281 2.75 12.42 -54.74
N THR A 1282 3.77 11.91 -54.07
CA THR A 1282 3.74 10.60 -53.38
C THR A 1282 3.10 10.71 -52.02
N MET A 1283 3.20 11.84 -51.32
CA MET A 1283 2.49 12.05 -50.03
C MET A 1283 0.96 11.93 -50.26
N SER A 1284 0.45 12.60 -51.27
CA SER A 1284 -0.97 12.51 -51.67
C SER A 1284 -1.32 11.09 -52.12
N ALA A 1285 -0.41 10.35 -52.75
CA ALA A 1285 -0.64 8.91 -53.08
C ALA A 1285 -0.85 8.12 -51.80
N TRP A 1286 0.07 8.16 -50.83
CA TRP A 1286 -0.04 7.41 -49.56
C TRP A 1286 -1.33 7.77 -48.83
N VAL A 1287 -1.76 9.02 -48.89
CA VAL A 1287 -3.00 9.47 -48.20
C VAL A 1287 -4.19 8.75 -48.83
N ASN A 1288 -4.23 8.67 -50.15
CA ASN A 1288 -5.35 8.01 -50.86
C ASN A 1288 -5.29 6.51 -50.62
N MET A 1289 -4.07 5.96 -50.58
CA MET A 1289 -3.81 4.50 -50.49
C MET A 1289 -4.07 3.98 -49.08
N LEU A 1290 -4.06 4.84 -48.06
CA LEU A 1290 -4.06 4.40 -46.63
C LEU A 1290 -5.33 4.83 -45.93
N LEU A 1291 -6.00 5.90 -46.36
CA LEU A 1291 -7.09 6.56 -45.59
C LEU A 1291 -8.32 6.78 -46.45
N ILE A 1292 -8.18 7.49 -47.58
CA ILE A 1292 -9.33 8.06 -48.34
C ILE A 1292 -9.87 7.02 -49.31
N SER A 1293 -9.04 6.42 -50.14
CA SER A 1293 -9.47 5.53 -51.24
C SER A 1293 -10.52 6.21 -52.10
N SER A 1294 -10.30 7.47 -52.48
CA SER A 1294 -11.12 8.16 -53.51
C SER A 1294 -10.56 7.88 -54.90
N SER A 1295 -11.28 8.31 -55.91
CA SER A 1295 -10.88 8.35 -57.34
C SER A 1295 -11.12 9.77 -57.82
N GLY A 1296 -10.96 10.70 -56.89
CA GLY A 1296 -11.15 12.13 -57.16
C GLY A 1296 -10.01 12.68 -58.00
N PRO A 1297 -10.08 13.97 -58.31
CA PRO A 1297 -8.97 14.65 -58.94
C PRO A 1297 -7.79 14.64 -57.97
N ILE A 1298 -6.60 14.74 -58.51
CA ILE A 1298 -5.32 14.68 -57.75
C ILE A 1298 -4.43 15.72 -58.41
N LYS A 1299 -4.43 16.94 -57.90
CA LYS A 1299 -3.71 18.03 -58.59
C LYS A 1299 -2.64 18.57 -57.65
N THR A 1300 -1.43 18.07 -57.76
CA THR A 1300 -0.39 18.32 -56.74
C THR A 1300 0.38 19.55 -57.15
N PRO A 1301 0.20 20.72 -56.52
CA PRO A 1301 0.98 21.89 -56.89
C PRO A 1301 2.39 21.89 -56.31
N VAL A 1302 3.24 22.68 -56.95
CA VAL A 1302 4.62 22.95 -56.48
C VAL A 1302 4.82 24.45 -56.50
N GLY A 1303 4.76 25.13 -55.37
CA GLY A 1303 4.79 26.60 -55.37
C GLY A 1303 5.87 27.17 -54.50
N ALA A 1304 6.88 26.37 -54.16
CA ALA A 1304 7.88 26.72 -53.13
C ALA A 1304 7.13 27.23 -51.89
N CYS A 1305 7.32 28.48 -51.49
CA CYS A 1305 6.83 29.05 -50.21
C CYS A 1305 5.36 29.47 -50.35
N ALA A 1306 4.79 29.38 -51.55
CA ALA A 1306 3.38 29.75 -51.87
C ALA A 1306 2.58 28.51 -52.26
N THR A 1307 3.07 27.31 -51.93
CA THR A 1307 2.47 26.04 -52.36
C THR A 1307 1.08 25.87 -51.71
N SER A 1308 0.95 26.23 -50.45
CA SER A 1308 -0.30 26.05 -49.65
C SER A 1308 -1.42 26.95 -50.16
N VAL A 1309 -1.10 28.15 -50.63
CA VAL A 1309 -2.11 29.12 -51.17
C VAL A 1309 -2.45 28.74 -52.60
N GLU A 1310 -1.53 28.18 -53.35
CA GLU A 1310 -1.77 27.61 -54.69
C GLU A 1310 -2.67 26.39 -54.54
N SER A 1311 -2.49 25.61 -53.48
CA SER A 1311 -3.28 24.39 -53.19
C SER A 1311 -4.75 24.79 -53.02
N VAL A 1312 -5.02 25.81 -52.22
CA VAL A 1312 -6.39 26.31 -52.02
C VAL A 1312 -6.95 26.85 -53.35
N ASP A 1313 -6.18 27.64 -54.09
CA ASP A 1313 -6.56 28.13 -55.43
C ASP A 1313 -6.99 26.94 -56.31
N ILE A 1314 -6.24 25.84 -56.33
CA ILE A 1314 -6.54 24.70 -57.24
C ILE A 1314 -7.77 23.97 -56.71
N GLY A 1315 -7.82 23.72 -55.42
CA GLY A 1315 -8.92 23.02 -54.75
C GLY A 1315 -10.22 23.78 -54.84
N VAL A 1316 -10.21 25.10 -54.67
CA VAL A 1316 -11.38 25.94 -55.03
C VAL A 1316 -11.72 25.68 -56.50
N GLU A 1317 -10.87 26.03 -57.48
CA GLU A 1317 -11.15 25.91 -58.95
C GLU A 1317 -11.70 24.50 -59.28
N THR A 1318 -11.38 23.49 -58.49
CA THR A 1318 -11.71 22.07 -58.73
C THR A 1318 -13.15 21.84 -58.31
N ILE A 1319 -13.56 22.40 -57.19
CA ILE A 1319 -14.95 22.29 -56.68
C ILE A 1319 -15.89 23.16 -57.51
N LEU A 1320 -15.51 24.40 -57.77
CA LEU A 1320 -16.33 25.29 -58.60
C LEU A 1320 -16.46 24.74 -60.02
N SER A 1321 -15.66 23.77 -60.45
CA SER A 1321 -15.78 23.16 -61.81
C SER A 1321 -16.63 21.88 -61.81
N GLY A 1322 -17.08 21.41 -60.65
CA GLY A 1322 -17.88 20.18 -60.54
C GLY A 1322 -17.04 18.92 -60.44
N LYS A 1323 -15.74 18.99 -60.70
CA LYS A 1323 -14.86 17.80 -60.77
C LYS A 1323 -14.74 17.16 -59.38
N ALA A 1324 -14.91 17.93 -58.30
CA ALA A 1324 -14.97 17.39 -56.92
C ALA A 1324 -15.96 18.18 -56.07
N ARG A 1325 -16.37 17.63 -54.93
CA ARG A 1325 -17.20 18.34 -53.92
C ARG A 1325 -16.46 18.50 -52.60
N ILE A 1326 -15.43 17.70 -52.33
CA ILE A 1326 -14.50 17.85 -51.19
C ILE A 1326 -13.09 17.85 -51.75
N CYS A 1327 -12.15 18.63 -51.22
CA CYS A 1327 -10.69 18.52 -51.54
C CYS A 1327 -9.96 18.65 -50.23
N ILE A 1328 -9.01 17.79 -49.98
CA ILE A 1328 -7.91 18.06 -49.04
C ILE A 1328 -6.98 19.08 -49.69
N VAL A 1329 -6.59 20.10 -48.97
CA VAL A 1329 -5.61 21.10 -49.47
C VAL A 1329 -4.57 21.34 -48.39
N GLY A 1330 -3.50 22.01 -48.75
CA GLY A 1330 -2.45 22.38 -47.82
C GLY A 1330 -1.10 22.06 -48.38
N GLY A 1331 -0.12 21.97 -47.49
CA GLY A 1331 1.27 21.95 -47.89
C GLY A 1331 2.12 21.29 -46.86
N TYR A 1332 3.27 20.78 -47.27
CA TYR A 1332 4.22 20.10 -46.37
C TYR A 1332 5.63 20.36 -46.86
N ASP A 1333 6.58 20.41 -45.95
CA ASP A 1333 8.01 20.39 -46.31
C ASP A 1333 8.82 19.94 -45.11
N ASP A 1334 9.88 19.18 -45.38
CA ASP A 1334 10.87 18.74 -44.37
C ASP A 1334 12.07 19.68 -44.44
N PHE A 1335 12.85 19.66 -43.35
CA PHE A 1335 14.15 20.33 -43.17
C PHE A 1335 15.20 19.21 -43.15
N GLN A 1336 16.17 19.26 -44.06
CA GLN A 1336 17.32 18.32 -44.12
C GLN A 1336 18.62 19.11 -44.32
N GLU A 1337 19.75 18.40 -44.33
CA GLU A 1337 21.12 18.97 -44.33
C GLU A 1337 21.36 19.77 -45.61
N GLU A 1338 20.99 19.21 -46.76
CA GLU A 1338 21.36 19.74 -48.11
C GLU A 1338 20.61 21.04 -48.37
N GLY A 1339 19.35 21.10 -47.94
CA GLY A 1339 18.47 22.27 -48.13
C GLY A 1339 18.89 23.40 -47.22
N SER A 1340 19.24 23.10 -45.97
CA SER A 1340 19.78 24.10 -45.02
C SER A 1340 20.97 24.78 -45.65
N PHE A 1341 21.92 23.97 -46.10
CA PHE A 1341 23.22 24.44 -46.63
C PHE A 1341 22.96 25.38 -47.82
N GLU A 1342 22.04 24.98 -48.69
CA GLU A 1342 21.84 25.64 -50.00
C GLU A 1342 21.09 26.97 -49.80
N PHE A 1343 20.18 27.04 -48.84
CA PHE A 1343 19.55 28.29 -48.40
C PHE A 1343 20.60 29.23 -47.78
N GLY A 1344 21.66 28.69 -47.17
CA GLY A 1344 22.77 29.47 -46.60
C GLY A 1344 23.68 30.06 -47.67
N ASN A 1345 23.89 29.34 -48.77
CA ASN A 1345 24.74 29.82 -49.91
C ASN A 1345 23.98 30.87 -50.73
N MET A 1346 22.64 30.79 -50.74
CA MET A 1346 21.72 31.79 -51.32
C MET A 1346 21.49 32.95 -50.36
N LYS A 1347 22.01 32.87 -49.13
CA LYS A 1347 21.92 33.92 -48.08
C LYS A 1347 20.45 34.25 -47.78
N ALA A 1348 19.54 33.31 -47.99
CA ALA A 1348 18.09 33.48 -47.76
C ALA A 1348 17.85 33.37 -46.26
N THR A 1349 18.44 32.37 -45.62
CA THR A 1349 18.30 32.09 -44.17
C THR A 1349 19.17 33.03 -43.33
N SER A 1350 18.86 33.11 -42.04
CA SER A 1350 19.64 33.92 -41.07
C SER A 1350 20.93 33.18 -40.70
N ASN A 1351 22.06 33.88 -40.81
CA ASN A 1351 23.37 33.45 -40.27
C ASN A 1351 23.27 33.43 -38.75
N THR A 1352 23.35 32.26 -38.14
CA THR A 1352 23.19 32.06 -36.68
C THR A 1352 24.42 32.56 -35.90
N LEU A 1353 25.60 32.67 -36.52
CA LEU A 1353 26.78 33.22 -35.82
C LEU A 1353 26.57 34.72 -35.63
N GLU A 1354 26.17 35.42 -36.70
CA GLU A 1354 25.83 36.87 -36.67
C GLU A 1354 24.71 37.15 -35.63
N GLU A 1355 23.73 36.28 -35.50
CA GLU A 1355 22.62 36.45 -34.54
C GLU A 1355 23.16 36.41 -33.11
N PHE A 1356 24.04 35.44 -32.80
CA PHE A 1356 24.72 35.32 -31.48
C PHE A 1356 25.65 36.51 -31.23
N GLU A 1357 26.28 37.07 -32.27
CA GLU A 1357 27.09 38.32 -32.14
C GLU A 1357 26.20 39.43 -31.60
N HIS A 1358 24.96 39.50 -32.09
CA HIS A 1358 23.94 40.50 -31.72
C HIS A 1358 23.17 40.07 -30.47
N GLY A 1359 23.57 38.99 -29.79
CA GLY A 1359 23.03 38.61 -28.48
C GLY A 1359 21.65 38.00 -28.55
N ARG A 1360 21.20 37.59 -29.74
CA ARG A 1360 19.86 37.03 -29.97
C ARG A 1360 19.89 35.56 -29.58
N THR A 1361 18.93 35.09 -28.77
CA THR A 1361 18.69 33.65 -28.52
C THR A 1361 17.93 33.06 -29.70
N PRO A 1362 17.95 31.73 -29.92
CA PRO A 1362 17.18 31.11 -31.01
C PRO A 1362 15.74 31.63 -31.17
N ALA A 1363 14.89 31.46 -30.15
CA ALA A 1363 13.47 31.89 -30.12
C ALA A 1363 13.30 33.24 -30.84
N GLU A 1364 14.13 34.24 -30.49
CA GLU A 1364 14.03 35.63 -31.02
C GLU A 1364 14.88 35.84 -32.30
N MET A 1365 15.09 34.83 -33.15
CA MET A 1365 15.88 34.99 -34.40
C MET A 1365 14.98 35.22 -35.62
N SER A 1366 13.73 34.71 -35.59
CA SER A 1366 12.66 34.99 -36.60
C SER A 1366 11.89 36.22 -36.13
N ARG A 1367 12.14 37.39 -36.71
CA ARG A 1367 11.57 38.66 -36.21
C ARG A 1367 11.06 39.47 -37.39
N PRO A 1368 9.93 39.03 -37.98
CA PRO A 1368 9.38 39.69 -39.16
C PRO A 1368 9.07 41.16 -38.90
N ALA A 1369 9.27 41.99 -39.91
CA ALA A 1369 8.84 43.39 -39.99
C ALA A 1369 9.74 44.30 -39.16
N THR A 1370 10.79 43.77 -38.53
CA THR A 1370 11.69 44.55 -37.64
C THR A 1370 12.88 45.09 -38.40
N THR A 1371 13.52 46.10 -37.83
CA THR A 1371 14.66 46.86 -38.40
C THR A 1371 15.80 45.91 -38.74
N THR A 1372 16.04 44.93 -37.87
CA THR A 1372 17.26 44.08 -37.79
C THR A 1372 16.98 42.65 -38.29
N ARG A 1373 15.89 42.46 -39.02
CA ARG A 1373 15.57 41.17 -39.70
C ARG A 1373 16.68 40.86 -40.72
N ASN A 1374 17.06 39.59 -40.87
CA ASN A 1374 18.30 39.24 -41.62
C ASN A 1374 18.21 37.85 -42.25
N GLY A 1375 17.03 37.45 -42.70
CA GLY A 1375 16.82 36.13 -43.31
C GLY A 1375 15.91 35.28 -42.46
N PHE A 1376 15.34 34.27 -43.09
CA PHE A 1376 14.25 33.51 -42.49
C PHE A 1376 14.80 32.33 -41.71
N MET A 1377 13.97 31.78 -40.86
CA MET A 1377 14.27 30.60 -40.04
C MET A 1377 13.67 29.42 -40.77
N GLU A 1378 14.44 28.42 -41.11
CA GLU A 1378 13.90 27.25 -41.81
C GLU A 1378 13.12 26.43 -40.79
N ALA A 1379 12.00 25.85 -41.17
CA ALA A 1379 11.19 24.96 -40.30
C ALA A 1379 10.75 23.74 -41.08
N GLN A 1380 9.95 22.88 -40.47
CA GLN A 1380 9.43 21.68 -41.16
C GLN A 1380 8.04 21.38 -40.64
N GLY A 1381 7.21 20.82 -41.50
CA GLY A 1381 5.94 20.22 -41.08
C GLY A 1381 4.92 20.31 -42.17
N ALA A 1382 3.67 20.13 -41.82
CA ALA A 1382 2.56 20.02 -42.78
C ALA A 1382 1.39 20.78 -42.21
N GLY A 1383 0.57 21.28 -43.09
CA GLY A 1383 -0.75 21.81 -42.74
C GLY A 1383 -1.78 21.37 -43.75
N ILE A 1384 -2.89 20.85 -43.28
CA ILE A 1384 -3.99 20.42 -44.15
C ILE A 1384 -5.26 21.15 -43.73
N GLN A 1385 -6.03 21.58 -44.71
CA GLN A 1385 -7.45 21.94 -44.56
C GLN A 1385 -8.32 20.98 -45.36
N ILE A 1386 -9.54 20.74 -44.91
CA ILE A 1386 -10.59 20.08 -45.73
C ILE A 1386 -11.55 21.18 -46.16
N ILE A 1387 -11.81 21.31 -47.43
CA ILE A 1387 -12.78 22.29 -47.98
C ILE A 1387 -13.87 21.49 -48.70
N MET A 1388 -15.08 22.02 -48.74
CA MET A 1388 -16.23 21.40 -49.41
C MET A 1388 -17.03 22.50 -50.01
N GLN A 1389 -18.03 22.16 -50.82
CA GLN A 1389 -19.17 23.05 -51.12
C GLN A 1389 -19.90 23.28 -49.82
N ALA A 1390 -20.45 24.46 -49.60
CA ALA A 1390 -21.24 24.71 -48.37
C ALA A 1390 -22.48 23.81 -48.36
N ASP A 1391 -23.16 23.70 -49.50
CA ASP A 1391 -24.40 22.91 -49.67
C ASP A 1391 -24.22 21.54 -49.05
N LEU A 1392 -23.10 20.90 -49.34
CA LEU A 1392 -22.79 19.53 -48.83
C LEU A 1392 -22.36 19.57 -47.35
N ALA A 1393 -21.61 20.57 -46.90
CA ALA A 1393 -21.22 20.74 -45.50
C ALA A 1393 -22.47 20.80 -44.62
N LEU A 1394 -23.52 21.51 -45.06
CA LEU A 1394 -24.77 21.67 -44.26
C LEU A 1394 -25.49 20.33 -44.24
N LYS A 1395 -25.49 19.61 -45.36
CA LYS A 1395 -26.18 18.33 -45.52
C LYS A 1395 -25.55 17.31 -44.56
N MET A 1396 -24.23 17.15 -44.65
CA MET A 1396 -23.42 16.19 -43.84
C MET A 1396 -23.37 16.65 -42.38
N GLY A 1397 -23.60 17.93 -42.14
CA GLY A 1397 -23.56 18.51 -40.79
C GLY A 1397 -22.17 18.46 -40.21
N VAL A 1398 -21.17 18.93 -40.98
CA VAL A 1398 -19.76 19.12 -40.51
C VAL A 1398 -19.55 20.55 -40.04
N PRO A 1399 -18.67 20.78 -39.06
CA PRO A 1399 -18.36 22.13 -38.61
C PRO A 1399 -17.88 22.94 -39.80
N ILE A 1400 -18.07 24.24 -39.73
CA ILE A 1400 -17.66 25.18 -40.80
C ILE A 1400 -16.88 26.30 -40.13
N TYR A 1401 -15.56 26.25 -40.29
CA TYR A 1401 -14.63 27.19 -39.65
C TYR A 1401 -14.41 28.42 -40.50
N GLY A 1402 -14.77 28.42 -41.78
CA GLY A 1402 -14.78 29.69 -42.53
C GLY A 1402 -15.08 29.47 -43.98
N ILE A 1403 -15.41 30.53 -44.69
CA ILE A 1403 -15.74 30.50 -46.13
C ILE A 1403 -14.49 30.92 -46.90
N VAL A 1404 -14.06 30.18 -47.91
CA VAL A 1404 -12.94 30.61 -48.79
C VAL A 1404 -13.53 31.48 -49.89
N ALA A 1405 -13.51 32.78 -49.69
CA ALA A 1405 -14.18 33.74 -50.58
C ALA A 1405 -13.39 33.93 -51.88
N MET A 1406 -12.09 33.73 -51.84
CA MET A 1406 -11.20 34.10 -52.97
C MET A 1406 -9.93 33.29 -52.82
N ALA A 1407 -9.28 32.92 -53.91
CA ALA A 1407 -7.90 32.41 -53.80
C ALA A 1407 -7.23 32.59 -55.15
N ALA A 1408 -6.34 33.55 -55.25
CA ALA A 1408 -5.65 33.88 -56.52
C ALA A 1408 -4.19 33.49 -56.43
N THR A 1409 -3.54 33.35 -57.58
CA THR A 1409 -2.06 33.32 -57.71
C THR A 1409 -1.66 34.40 -58.71
N ALA A 1410 -0.36 34.65 -58.82
CA ALA A 1410 0.20 35.62 -59.77
C ALA A 1410 1.71 35.49 -59.80
N THR A 1411 2.27 35.46 -61.02
CA THR A 1411 3.69 35.74 -61.33
C THR A 1411 3.93 37.24 -61.19
N ASP A 1412 5.11 37.75 -61.55
CA ASP A 1412 5.45 39.20 -61.43
C ASP A 1412 5.78 39.74 -62.81
N LYS A 1413 7.01 39.59 -63.32
CA LYS A 1413 7.46 40.37 -64.52
C LYS A 1413 8.81 39.86 -65.02
N ILE A 1414 9.36 40.55 -66.03
CA ILE A 1414 10.74 40.35 -66.54
C ILE A 1414 11.75 40.70 -65.44
N GLY A 1415 12.61 39.75 -65.09
CA GLY A 1415 13.76 39.90 -64.19
C GLY A 1415 14.72 38.75 -64.34
N ARG A 1416 15.85 38.77 -63.61
CA ARG A 1416 16.87 37.68 -63.61
C ARG A 1416 17.04 37.06 -62.21
N SER A 1417 16.35 37.56 -61.17
CA SER A 1417 16.39 37.04 -59.77
C SER A 1417 15.15 36.17 -59.49
N VAL A 1418 15.34 34.86 -59.37
CA VAL A 1418 14.27 33.87 -59.03
C VAL A 1418 13.77 34.12 -57.60
N PRO A 1419 14.63 34.34 -56.57
CA PRO A 1419 14.14 34.57 -55.21
C PRO A 1419 13.59 35.96 -54.86
N ALA A 1420 13.62 36.92 -55.81
CA ALA A 1420 13.07 38.30 -55.63
C ALA A 1420 11.54 38.23 -55.55
N PRO A 1421 10.92 38.73 -54.45
CA PRO A 1421 9.46 38.81 -54.37
C PRO A 1421 8.98 40.08 -55.11
N GLY A 1422 7.82 39.99 -55.76
CA GLY A 1422 7.26 41.05 -56.62
C GLY A 1422 5.82 41.39 -56.25
N LYS A 1423 5.17 42.18 -57.11
CA LYS A 1423 3.87 42.85 -56.85
C LYS A 1423 2.81 42.33 -57.82
N GLY A 1424 2.88 41.06 -58.21
CA GLY A 1424 1.93 40.52 -59.21
C GLY A 1424 0.54 40.34 -58.61
N ILE A 1425 0.49 39.91 -57.36
CA ILE A 1425 -0.76 39.57 -56.63
C ILE A 1425 -1.59 40.85 -56.47
N LEU A 1426 -0.98 42.02 -56.61
CA LEU A 1426 -1.70 43.34 -56.64
C LEU A 1426 -2.88 43.30 -57.62
N THR A 1427 -2.82 42.44 -58.62
CA THR A 1427 -3.89 42.28 -59.64
C THR A 1427 -5.18 41.72 -59.04
N THR A 1428 -5.18 41.19 -57.82
CA THR A 1428 -6.43 40.77 -57.16
C THR A 1428 -7.26 41.99 -56.80
N ALA A 1429 -6.73 43.21 -56.86
CA ALA A 1429 -7.44 44.46 -56.49
C ALA A 1429 -7.53 45.38 -57.71
N ARG A 1430 -7.50 44.80 -58.90
CA ARG A 1430 -7.63 45.61 -60.13
C ARG A 1430 -9.08 46.03 -60.27
N GLU A 1431 -9.34 47.32 -60.43
CA GLU A 1431 -10.64 47.78 -60.98
C GLU A 1431 -10.42 49.10 -61.71
N HIS A 1432 -11.25 49.33 -62.72
CA HIS A 1432 -11.28 50.53 -63.58
C HIS A 1432 -11.99 51.62 -62.79
N HIS A 1433 -11.38 52.80 -62.69
CA HIS A 1433 -11.87 53.95 -61.89
C HIS A 1433 -11.89 55.22 -62.74
N SER A 1434 -12.11 55.10 -64.05
CA SER A 1434 -12.21 56.28 -64.95
C SER A 1434 -13.57 56.95 -64.70
N SER A 1435 -14.63 56.15 -64.80
CA SER A 1435 -16.06 56.53 -64.67
C SER A 1435 -16.65 55.89 -63.41
N VAL A 1436 -16.54 56.59 -62.28
CA VAL A 1436 -17.07 56.19 -60.93
C VAL A 1436 -17.92 57.34 -60.37
N LYS A 1437 -18.64 58.08 -61.21
CA LYS A 1437 -19.45 59.27 -60.79
C LYS A 1437 -20.67 58.78 -59.98
N TYR A 1438 -21.33 57.69 -60.42
CA TYR A 1438 -22.52 57.07 -59.78
C TYR A 1438 -22.29 55.58 -59.55
N ALA A 1439 -22.50 55.13 -58.30
CA ALA A 1439 -22.34 53.73 -57.84
C ALA A 1439 -23.11 52.79 -58.77
N SER A 1440 -22.46 51.72 -59.23
CA SER A 1440 -23.05 50.63 -60.06
C SER A 1440 -24.18 49.98 -59.26
N PRO A 1441 -25.39 49.76 -59.84
CA PRO A 1441 -26.45 49.03 -59.14
C PRO A 1441 -26.02 47.59 -58.85
N ASN A 1442 -25.14 47.03 -59.69
CA ASN A 1442 -24.67 45.62 -59.62
C ASN A 1442 -23.98 45.32 -58.28
N LEU A 1443 -23.48 46.33 -57.58
CA LEU A 1443 -22.81 46.17 -56.26
C LEU A 1443 -23.87 46.12 -55.15
N ASN A 1444 -25.06 46.68 -55.37
CA ASN A 1444 -26.16 46.82 -54.37
C ASN A 1444 -26.86 45.46 -54.25
N MET A 1445 -26.97 44.88 -53.06
CA MET A 1445 -27.51 43.50 -52.91
C MET A 1445 -29.04 43.51 -53.07
N LYS A 1446 -29.71 44.60 -52.75
CA LYS A 1446 -31.19 44.67 -52.88
C LYS A 1446 -31.56 44.49 -54.35
N TYR A 1447 -30.80 45.12 -55.26
CA TYR A 1447 -31.00 45.09 -56.73
C TYR A 1447 -30.82 43.66 -57.21
N ARG A 1448 -29.65 43.11 -56.90
CA ARG A 1448 -29.27 41.72 -57.25
C ARG A 1448 -30.33 40.74 -56.76
N LYS A 1449 -30.88 40.93 -55.56
CA LYS A 1449 -31.93 40.00 -55.04
C LYS A 1449 -33.22 40.19 -55.84
N ARG A 1450 -33.50 41.41 -56.27
CA ARG A 1450 -34.70 41.72 -57.08
C ARG A 1450 -34.60 41.02 -58.44
N GLN A 1451 -33.43 41.06 -59.08
CA GLN A 1451 -33.24 40.49 -60.44
C GLN A 1451 -33.26 38.96 -60.35
N LEU A 1452 -33.02 38.40 -59.16
CA LEU A 1452 -33.05 36.93 -58.93
C LEU A 1452 -34.50 36.50 -58.85
N VAL A 1453 -35.31 37.23 -58.08
CA VAL A 1453 -36.76 36.95 -57.89
C VAL A 1453 -37.46 37.03 -59.27
N THR A 1454 -37.17 38.08 -60.05
CA THR A 1454 -37.69 38.27 -61.42
C THR A 1454 -37.43 37.03 -62.27
N ARG A 1455 -36.24 36.42 -62.14
CA ARG A 1455 -35.82 35.22 -62.91
C ARG A 1455 -36.49 33.99 -62.27
N GLU A 1456 -36.51 33.87 -60.94
CA GLU A 1456 -37.17 32.74 -60.20
C GLU A 1456 -38.64 32.60 -60.63
N ALA A 1457 -39.30 33.72 -60.93
CA ALA A 1457 -40.67 33.79 -61.47
C ALA A 1457 -40.68 33.15 -62.87
N GLN A 1458 -39.75 33.54 -63.74
CA GLN A 1458 -39.68 33.04 -65.15
C GLN A 1458 -39.37 31.54 -65.16
N ILE A 1459 -38.64 31.02 -64.17
CA ILE A 1459 -38.29 29.58 -64.07
C ILE A 1459 -39.58 28.84 -63.74
N LYS A 1460 -40.29 29.29 -62.69
CA LYS A 1460 -41.64 28.81 -62.30
C LYS A 1460 -42.50 28.67 -63.56
N ASP A 1461 -42.58 29.71 -64.41
CA ASP A 1461 -43.36 29.69 -65.69
C ASP A 1461 -42.84 28.58 -66.62
N TRP A 1462 -41.52 28.45 -66.77
CA TRP A 1462 -40.85 27.46 -67.67
C TRP A 1462 -41.09 26.03 -67.16
N VAL A 1463 -41.30 25.83 -65.85
CA VAL A 1463 -41.58 24.48 -65.27
C VAL A 1463 -43.06 24.15 -65.52
N GLU A 1464 -43.96 25.13 -65.43
CA GLU A 1464 -45.40 24.96 -65.82
C GLU A 1464 -45.47 24.59 -67.31
N ASN A 1465 -44.90 25.44 -68.19
CA ASN A 1465 -45.01 25.31 -69.68
C ASN A 1465 -44.27 24.08 -70.21
N GLU A 1466 -43.46 23.41 -69.38
CA GLU A 1466 -42.78 22.13 -69.68
C GLU A 1466 -43.62 20.96 -69.18
N LEU A 1467 -44.34 21.11 -68.06
CA LEU A 1467 -45.24 20.06 -67.50
C LEU A 1467 -46.52 19.99 -68.35
N GLU A 1468 -47.00 21.12 -68.88
CA GLU A 1468 -48.15 21.20 -69.81
C GLU A 1468 -47.81 20.47 -71.12
N ALA A 1469 -46.61 20.70 -71.68
CA ALA A 1469 -46.13 20.08 -72.93
C ALA A 1469 -45.73 18.63 -72.69
N LEU A 1470 -45.40 18.24 -71.45
CA LEU A 1470 -45.11 16.84 -71.06
C LEU A 1470 -46.41 16.03 -71.14
N LYS A 1471 -47.49 16.56 -70.55
CA LYS A 1471 -48.83 15.89 -70.54
C LYS A 1471 -49.27 15.58 -71.99
N LEU A 1472 -49.09 16.54 -72.92
CA LEU A 1472 -49.50 16.41 -74.36
C LEU A 1472 -48.67 15.32 -75.06
N GLU A 1473 -47.35 15.30 -74.88
CA GLU A 1473 -46.42 14.32 -75.54
C GLU A 1473 -46.47 12.96 -74.82
N ALA A 1474 -47.15 12.87 -73.66
CA ALA A 1474 -47.38 11.63 -72.87
C ALA A 1474 -48.77 11.05 -73.14
N GLU A 1475 -49.68 11.81 -73.76
CA GLU A 1475 -51.04 11.33 -74.18
C GLU A 1475 -50.90 10.30 -75.32
N GLU A 1476 -49.91 10.48 -76.22
CA GLU A 1476 -49.65 9.58 -77.38
C GLU A 1476 -48.93 8.30 -76.95
N ILE A 1477 -48.36 8.26 -75.74
CA ILE A 1477 -47.61 7.07 -75.22
C ILE A 1477 -48.63 6.04 -74.75
N PRO A 1478 -48.51 4.74 -75.15
CA PRO A 1478 -49.38 3.68 -74.61
C PRO A 1478 -49.29 3.56 -73.07
N SER A 1479 -50.42 3.22 -72.44
CA SER A 1479 -50.68 3.34 -70.98
C SER A 1479 -49.85 2.34 -70.14
N GLU A 1480 -49.24 1.31 -70.77
CA GLU A 1480 -48.40 0.30 -70.06
C GLU A 1480 -46.98 0.85 -69.82
N ASP A 1481 -46.46 1.73 -70.71
CA ASP A 1481 -45.10 2.36 -70.61
C ASP A 1481 -45.22 3.87 -70.32
N GLN A 1482 -46.40 4.35 -69.90
CA GLN A 1482 -46.66 5.79 -69.60
C GLN A 1482 -46.09 6.15 -68.23
N ASN A 1483 -46.08 5.20 -67.29
CA ASN A 1483 -45.56 5.43 -65.92
C ASN A 1483 -44.05 5.67 -65.97
N GLU A 1484 -43.29 4.74 -66.58
CA GLU A 1484 -41.81 4.80 -66.74
C GLU A 1484 -41.42 6.06 -67.53
N PHE A 1485 -42.17 6.42 -68.56
CA PHE A 1485 -41.89 7.60 -69.44
C PHE A 1485 -42.03 8.90 -68.61
N LEU A 1486 -43.12 9.07 -67.86
CA LEU A 1486 -43.39 10.27 -67.03
C LEU A 1486 -42.35 10.37 -65.90
N LEU A 1487 -41.96 9.25 -65.30
CA LEU A 1487 -40.93 9.19 -64.22
C LEU A 1487 -39.62 9.78 -64.73
N GLU A 1488 -39.08 9.20 -65.82
CA GLU A 1488 -37.81 9.65 -66.45
C GLU A 1488 -37.92 11.14 -66.78
N ARG A 1489 -38.97 11.55 -67.48
CA ARG A 1489 -39.13 12.91 -68.04
C ARG A 1489 -39.38 13.94 -66.92
N THR A 1490 -40.17 13.60 -65.89
CA THR A 1490 -40.46 14.53 -64.76
C THR A 1490 -39.13 14.87 -64.07
N ARG A 1491 -38.33 13.84 -63.77
CA ARG A 1491 -36.95 13.94 -63.21
C ARG A 1491 -36.08 14.87 -64.08
N GLU A 1492 -36.15 14.75 -65.42
CA GLU A 1492 -35.38 15.60 -66.36
C GLU A 1492 -35.84 17.06 -66.22
N ILE A 1493 -37.12 17.36 -65.96
CA ILE A 1493 -37.61 18.76 -65.76
C ILE A 1493 -37.14 19.25 -64.37
N HIS A 1494 -37.33 18.45 -63.33
CA HIS A 1494 -36.78 18.70 -61.98
C HIS A 1494 -35.32 19.16 -62.08
N ASN A 1495 -34.43 18.35 -62.69
CA ASN A 1495 -32.99 18.68 -62.92
C ASN A 1495 -32.84 20.08 -63.50
N GLU A 1496 -33.51 20.34 -64.63
CA GLU A 1496 -33.34 21.55 -65.46
C GLU A 1496 -33.87 22.80 -64.75
N ALA A 1497 -34.84 22.66 -63.85
CA ALA A 1497 -35.35 23.75 -62.97
C ALA A 1497 -34.32 24.06 -61.88
N GLU A 1498 -33.73 23.03 -61.29
CA GLU A 1498 -32.67 23.16 -60.28
C GLU A 1498 -31.48 23.83 -60.96
N SER A 1499 -31.03 23.32 -62.11
CA SER A 1499 -29.92 23.90 -62.92
C SER A 1499 -30.19 25.39 -63.22
N GLN A 1500 -31.41 25.76 -63.59
CA GLN A 1500 -31.73 27.16 -64.02
C GLN A 1500 -31.78 28.08 -62.81
N LEU A 1501 -32.33 27.60 -61.68
CA LEU A 1501 -32.37 28.37 -60.41
C LEU A 1501 -30.92 28.63 -60.03
N ARG A 1502 -30.12 27.57 -59.91
CA ARG A 1502 -28.70 27.61 -59.51
C ARG A 1502 -27.95 28.61 -60.41
N ALA A 1503 -28.03 28.48 -61.72
CA ALA A 1503 -27.40 29.43 -62.66
C ALA A 1503 -27.85 30.86 -62.39
N ALA A 1504 -29.07 31.11 -61.92
CA ALA A 1504 -29.57 32.48 -61.65
C ALA A 1504 -28.93 33.00 -60.37
N GLN A 1505 -28.97 32.17 -59.34
CA GLN A 1505 -28.30 32.42 -58.05
C GLN A 1505 -26.82 32.66 -58.27
N GLN A 1506 -26.21 31.91 -59.18
CA GLN A 1506 -24.79 32.08 -59.58
C GLN A 1506 -24.65 33.42 -60.31
N GLN A 1507 -25.55 33.72 -61.24
CA GLN A 1507 -25.50 34.95 -62.08
C GLN A 1507 -25.61 36.20 -61.18
N TRP A 1508 -26.34 36.16 -60.07
CA TRP A 1508 -26.70 37.36 -59.26
C TRP A 1508 -26.12 37.32 -57.85
N GLY A 1509 -26.00 36.13 -57.25
CA GLY A 1509 -25.51 35.96 -55.87
C GLY A 1509 -24.00 35.82 -55.82
N ASN A 1510 -23.43 34.92 -56.63
CA ASN A 1510 -22.00 34.54 -56.60
C ASN A 1510 -21.15 35.32 -57.60
N ASP A 1511 -21.43 35.22 -58.90
CA ASP A 1511 -20.52 35.63 -60.02
C ASP A 1511 -21.04 36.91 -60.70
N PHE A 1512 -21.55 37.85 -59.92
CA PHE A 1512 -22.09 39.13 -60.42
C PHE A 1512 -20.98 40.10 -60.82
N TYR A 1513 -19.73 39.81 -60.45
CA TYR A 1513 -18.56 40.72 -60.63
C TYR A 1513 -17.51 40.11 -61.56
N LYS A 1514 -17.70 38.90 -62.06
CA LYS A 1514 -16.68 38.19 -62.88
C LYS A 1514 -16.48 38.91 -64.22
N ARG A 1515 -17.50 39.57 -64.75
CA ARG A 1515 -17.45 40.23 -66.07
C ARG A 1515 -17.32 41.76 -65.88
N ASP A 1516 -17.49 42.30 -64.66
CA ASP A 1516 -17.58 43.76 -64.41
C ASP A 1516 -16.19 44.31 -64.12
N PRO A 1517 -15.58 45.09 -65.04
CA PRO A 1517 -14.26 45.67 -64.78
C PRO A 1517 -14.24 46.77 -63.70
N ARG A 1518 -15.40 47.21 -63.21
CA ARG A 1518 -15.50 48.27 -62.17
C ARG A 1518 -15.41 47.66 -60.77
N ILE A 1519 -15.51 46.33 -60.67
CA ILE A 1519 -15.46 45.59 -59.37
C ILE A 1519 -14.22 44.68 -59.35
N ALA A 1520 -13.36 44.87 -58.35
CA ALA A 1520 -12.16 44.03 -58.09
C ALA A 1520 -12.60 42.60 -57.76
N PRO A 1521 -11.79 41.58 -58.11
CA PRO A 1521 -11.98 40.24 -57.57
C PRO A 1521 -11.99 40.12 -56.04
N LEU A 1522 -11.24 41.02 -55.37
CA LEU A 1522 -11.12 41.11 -53.89
C LEU A 1522 -12.33 41.86 -53.34
N ARG A 1523 -12.96 42.74 -54.11
CA ARG A 1523 -14.12 43.53 -53.63
C ARG A 1523 -15.38 42.69 -53.75
N GLY A 1524 -15.56 42.06 -54.90
CA GLY A 1524 -16.68 41.17 -55.21
C GLY A 1524 -16.75 40.03 -54.23
N ALA A 1525 -15.60 39.44 -53.93
CA ALA A 1525 -15.49 38.32 -52.98
C ALA A 1525 -16.15 38.70 -51.65
N LEU A 1526 -15.83 39.86 -51.08
CA LEU A 1526 -16.44 40.32 -49.81
C LEU A 1526 -17.90 40.70 -50.07
N ALA A 1527 -18.15 41.55 -51.07
CA ALA A 1527 -19.48 42.06 -51.48
C ALA A 1527 -20.49 40.93 -51.58
N THR A 1528 -20.06 39.73 -51.97
CA THR A 1528 -20.93 38.54 -52.12
C THR A 1528 -21.78 38.38 -50.85
N TYR A 1529 -21.13 38.40 -49.69
CA TYR A 1529 -21.71 38.16 -48.36
C TYR A 1529 -22.12 39.50 -47.73
N GLY A 1530 -22.07 40.60 -48.45
CA GLY A 1530 -22.54 41.91 -47.93
C GLY A 1530 -21.49 42.65 -47.13
N LEU A 1531 -20.32 42.04 -46.96
CA LEU A 1531 -19.12 42.72 -46.42
C LEU A 1531 -18.64 43.77 -47.42
N THR A 1532 -18.04 44.85 -46.92
CA THR A 1532 -17.30 45.87 -47.71
C THR A 1532 -15.83 45.62 -47.50
N ILE A 1533 -15.00 46.34 -48.25
CA ILE A 1533 -13.51 46.25 -48.17
C ILE A 1533 -13.05 46.59 -46.75
N ASP A 1534 -13.74 47.48 -46.04
CA ASP A 1534 -13.39 47.90 -44.65
C ASP A 1534 -13.54 46.75 -43.65
N ASP A 1535 -14.31 45.71 -43.96
CA ASP A 1535 -14.61 44.56 -43.07
C ASP A 1535 -13.41 43.60 -43.02
N LEU A 1536 -12.50 43.64 -43.99
CA LEU A 1536 -11.21 42.89 -43.96
C LEU A 1536 -10.34 43.38 -42.80
N GLY A 1537 -10.31 42.65 -41.71
CA GLY A 1537 -9.73 43.12 -40.45
C GLY A 1537 -8.29 42.74 -40.28
N VAL A 1538 -7.92 41.54 -40.71
CA VAL A 1538 -6.60 40.94 -40.40
C VAL A 1538 -5.96 40.45 -41.69
N ALA A 1539 -4.70 40.76 -41.90
CA ALA A 1539 -3.90 40.18 -43.00
C ALA A 1539 -2.84 39.33 -42.34
N SER A 1540 -2.82 38.04 -42.65
CA SER A 1540 -1.81 37.10 -42.14
C SER A 1540 -0.71 37.14 -43.19
N PHE A 1541 0.27 38.00 -43.01
CA PHE A 1541 1.42 38.23 -43.93
C PHE A 1541 2.32 37.00 -43.96
N HIS A 1542 2.88 36.70 -45.12
CA HIS A 1542 3.98 35.72 -45.32
C HIS A 1542 5.09 35.98 -44.30
N GLY A 1543 5.67 37.18 -44.30
CA GLY A 1543 6.47 37.73 -43.18
C GLY A 1543 7.58 36.80 -42.72
N THR A 1544 8.59 36.63 -43.57
CA THR A 1544 9.63 35.59 -43.42
C THR A 1544 10.77 36.07 -42.51
N SER A 1545 10.92 37.38 -42.31
CA SER A 1545 12.01 38.01 -41.53
C SER A 1545 13.20 38.20 -42.47
N THR A 1546 12.91 38.47 -43.75
CA THR A 1546 13.90 38.83 -44.80
C THR A 1546 13.64 40.28 -45.19
N LYS A 1547 14.70 41.01 -45.54
CA LYS A 1547 14.67 42.46 -45.85
C LYS A 1547 13.67 42.73 -46.99
N ALA A 1548 13.85 42.03 -48.11
CA ALA A 1548 13.12 42.23 -49.37
C ALA A 1548 11.64 41.92 -49.16
N ASN A 1549 11.35 40.71 -48.67
CA ASN A 1549 9.97 40.13 -48.62
C ASN A 1549 9.05 40.99 -47.77
N ASP A 1550 9.46 41.33 -46.54
CA ASP A 1550 8.58 41.91 -45.48
C ASP A 1550 8.18 43.33 -45.87
N LYS A 1551 9.03 44.05 -46.61
CA LYS A 1551 8.74 45.41 -47.13
C LYS A 1551 7.80 45.27 -48.32
N ASN A 1552 8.22 44.50 -49.31
CA ASN A 1552 7.46 44.21 -50.55
C ASN A 1552 6.00 43.89 -50.18
N GLU A 1553 5.78 42.95 -49.28
CA GLU A 1553 4.44 42.45 -48.87
C GLU A 1553 3.64 43.60 -48.26
N SER A 1554 4.16 44.31 -47.26
CA SER A 1554 3.51 45.51 -46.67
C SER A 1554 3.10 46.48 -47.77
N ALA A 1555 4.01 46.81 -48.69
CA ALA A 1555 3.77 47.76 -49.80
C ALA A 1555 2.65 47.26 -50.70
N THR A 1556 2.57 45.94 -50.92
CA THR A 1556 1.55 45.28 -51.80
C THR A 1556 0.16 45.42 -51.18
N ILE A 1557 0.00 44.98 -49.92
CA ILE A 1557 -1.27 45.07 -49.14
C ILE A 1557 -1.67 46.55 -49.06
N ASN A 1558 -0.75 47.43 -48.75
CA ASN A 1558 -1.06 48.87 -48.66
C ASN A 1558 -1.67 49.32 -50.00
N GLU A 1559 -1.04 49.02 -51.12
CA GLU A 1559 -1.49 49.50 -52.44
C GLU A 1559 -2.84 48.89 -52.81
N MET A 1560 -3.11 47.62 -52.49
CA MET A 1560 -4.44 46.98 -52.67
C MET A 1560 -5.47 47.84 -51.94
N MET A 1561 -5.30 47.99 -50.62
CA MET A 1561 -6.25 48.69 -49.70
C MET A 1561 -6.48 50.11 -50.19
N LYS A 1562 -5.45 50.80 -50.65
CA LYS A 1562 -5.55 52.22 -51.09
C LYS A 1562 -6.34 52.34 -52.40
N HIS A 1563 -6.16 51.41 -53.34
CA HIS A 1563 -6.84 51.45 -54.68
C HIS A 1563 -8.32 51.09 -54.53
N LEU A 1564 -8.64 50.15 -53.64
CA LEU A 1564 -10.02 49.79 -53.24
C LEU A 1564 -10.57 50.75 -52.21
N GLY A 1565 -9.96 51.93 -52.04
CA GLY A 1565 -10.51 53.00 -51.19
C GLY A 1565 -10.99 52.47 -49.85
N ARG A 1566 -10.09 51.80 -49.14
CA ARG A 1566 -10.31 51.46 -47.72
C ARG A 1566 -10.21 52.74 -46.89
N SER A 1567 -10.98 52.82 -45.81
CA SER A 1567 -11.12 54.03 -44.97
C SER A 1567 -9.77 54.41 -44.38
N GLU A 1568 -9.39 55.68 -44.49
CA GLU A 1568 -8.20 56.20 -43.78
C GLU A 1568 -8.44 56.00 -42.29
N GLY A 1569 -7.38 55.65 -41.57
CA GLY A 1569 -7.48 55.27 -40.16
C GLY A 1569 -8.03 53.86 -39.98
N ASN A 1570 -8.16 53.08 -41.04
CA ASN A 1570 -8.61 51.69 -40.85
C ASN A 1570 -7.58 50.76 -41.49
N PRO A 1571 -6.45 50.52 -40.79
CA PRO A 1571 -5.44 49.62 -41.33
C PRO A 1571 -5.84 48.17 -41.09
N VAL A 1572 -5.31 47.27 -41.90
CA VAL A 1572 -5.39 45.81 -41.66
C VAL A 1572 -4.37 45.50 -40.57
N ILE A 1573 -4.68 44.61 -39.67
CA ILE A 1573 -3.77 44.22 -38.57
C ILE A 1573 -2.93 43.03 -39.05
N GLY A 1574 -1.70 43.28 -39.47
CA GLY A 1574 -0.72 42.26 -39.89
C GLY A 1574 -0.46 41.23 -38.80
N VAL A 1575 -0.35 39.97 -39.19
CA VAL A 1575 -0.14 38.81 -38.28
C VAL A 1575 1.04 38.02 -38.85
N PHE A 1576 2.16 38.00 -38.13
CA PHE A 1576 3.41 37.38 -38.59
C PHE A 1576 3.62 36.12 -37.79
N GLN A 1577 3.01 35.00 -38.22
CA GLN A 1577 2.95 33.76 -37.43
C GLN A 1577 4.32 33.07 -37.42
N LYS A 1578 5.20 33.43 -38.36
CA LYS A 1578 6.54 32.82 -38.50
C LYS A 1578 7.52 33.31 -37.43
N PHE A 1579 7.18 34.28 -36.58
CA PHE A 1579 8.07 34.59 -35.43
C PHE A 1579 8.16 33.36 -34.52
N LEU A 1580 7.13 32.55 -34.52
CA LEU A 1580 7.01 31.43 -33.57
C LEU A 1580 7.44 30.13 -34.22
N THR A 1581 7.06 29.91 -35.46
CA THR A 1581 7.15 28.59 -36.14
C THR A 1581 8.38 28.54 -37.03
N GLY A 1582 8.86 29.67 -37.51
CA GLY A 1582 9.83 29.70 -38.61
C GLY A 1582 9.10 29.38 -39.88
N HIS A 1583 9.82 29.31 -40.97
CA HIS A 1583 9.32 29.26 -42.34
C HIS A 1583 9.47 27.85 -42.86
N PRO A 1584 8.39 27.04 -42.94
CA PRO A 1584 8.48 25.69 -43.48
C PRO A 1584 8.36 25.53 -45.00
N LYS A 1585 8.60 26.58 -45.78
CA LYS A 1585 8.44 26.57 -47.26
C LYS A 1585 7.01 26.13 -47.65
N GLY A 1586 6.83 24.93 -48.20
CA GLY A 1586 5.55 24.46 -48.75
C GLY A 1586 4.39 24.65 -47.80
N ALA A 1587 4.62 24.41 -46.52
CA ALA A 1587 3.58 24.32 -45.47
C ALA A 1587 3.25 25.71 -44.95
N ALA A 1588 3.91 26.76 -45.44
CA ALA A 1588 3.93 28.12 -44.85
C ALA A 1588 2.52 28.67 -44.79
N GLY A 1589 1.90 28.74 -45.97
CA GLY A 1589 0.54 29.27 -46.16
C GLY A 1589 -0.47 28.41 -45.43
N ALA A 1590 -0.23 27.11 -45.28
CA ALA A 1590 -1.20 26.19 -44.66
C ALA A 1590 -1.29 26.52 -43.17
N TRP A 1591 -0.16 26.88 -42.59
CA TRP A 1591 -0.09 27.26 -41.18
C TRP A 1591 -0.78 28.59 -41.02
N MET A 1592 -0.59 29.48 -41.98
CA MET A 1592 -1.19 30.84 -41.94
C MET A 1592 -2.70 30.70 -41.99
N MET A 1593 -3.19 29.85 -42.88
CA MET A 1593 -4.61 29.58 -43.14
C MET A 1593 -5.23 28.99 -41.88
N ASN A 1594 -4.54 28.09 -41.20
CA ASN A 1594 -5.05 27.50 -39.95
C ASN A 1594 -5.17 28.59 -38.90
N GLY A 1595 -4.19 29.47 -38.81
CA GLY A 1595 -4.24 30.52 -37.79
C GLY A 1595 -5.25 31.59 -38.16
N ALA A 1596 -5.58 31.73 -39.44
CA ALA A 1596 -6.62 32.68 -39.91
C ALA A 1596 -7.99 32.18 -39.45
N LEU A 1597 -8.25 30.88 -39.64
CA LEU A 1597 -9.48 30.20 -39.21
C LEU A 1597 -9.56 30.29 -37.70
N GLN A 1598 -8.46 30.20 -36.99
CA GLN A 1598 -8.49 30.26 -35.52
C GLN A 1598 -8.65 31.71 -35.09
N ILE A 1599 -8.28 32.68 -35.92
CA ILE A 1599 -8.50 34.11 -35.59
C ILE A 1599 -9.99 34.35 -35.77
N LEU A 1600 -10.57 34.03 -36.91
CA LEU A 1600 -12.02 34.27 -37.18
C LEU A 1600 -12.90 33.70 -36.08
N ASN A 1601 -12.70 32.43 -35.76
CA ASN A 1601 -13.58 31.71 -34.83
C ASN A 1601 -13.28 32.07 -33.40
N SER A 1602 -12.34 32.94 -33.07
CA SER A 1602 -12.11 33.32 -31.66
C SER A 1602 -12.20 34.84 -31.49
N GLY A 1603 -11.81 35.57 -32.53
CA GLY A 1603 -11.72 37.04 -32.51
C GLY A 1603 -10.50 37.54 -31.80
N ILE A 1604 -9.66 36.65 -31.27
CA ILE A 1604 -8.29 36.91 -30.73
C ILE A 1604 -7.36 37.04 -31.92
N ILE A 1605 -6.60 38.11 -31.98
CA ILE A 1605 -5.56 38.34 -33.02
C ILE A 1605 -4.22 38.20 -32.35
N PRO A 1606 -3.37 37.21 -32.69
CA PRO A 1606 -2.11 36.99 -31.97
C PRO A 1606 -1.15 38.12 -32.30
N GLY A 1607 -0.33 38.54 -31.34
CA GLY A 1607 0.72 39.54 -31.58
C GLY A 1607 2.06 38.92 -31.92
N ASN A 1608 2.81 39.54 -32.83
CA ASN A 1608 4.26 39.26 -33.09
C ASN A 1608 5.09 39.66 -31.87
N ARG A 1609 5.33 38.72 -30.95
CA ARG A 1609 6.14 38.91 -29.74
C ARG A 1609 7.63 39.10 -30.05
N ASN A 1610 8.07 38.97 -31.28
CA ASN A 1610 9.47 39.32 -31.63
C ASN A 1610 9.51 40.64 -32.38
N ALA A 1611 8.41 41.38 -32.42
CA ALA A 1611 8.39 42.72 -33.03
C ALA A 1611 9.02 43.66 -32.02
N ASP A 1612 10.34 43.61 -31.88
CA ASP A 1612 11.04 44.47 -30.90
C ASP A 1612 10.80 45.91 -31.36
N ASN A 1613 11.05 46.16 -32.63
CA ASN A 1613 11.11 47.53 -33.14
C ASN A 1613 10.75 47.52 -34.62
N VAL A 1614 9.60 48.09 -34.96
CA VAL A 1614 9.07 47.98 -36.34
C VAL A 1614 9.88 48.87 -37.26
N ASP A 1615 10.28 48.32 -38.39
CA ASP A 1615 11.15 49.01 -39.37
C ASP A 1615 10.54 50.37 -39.71
N LYS A 1616 11.31 51.43 -39.63
CA LYS A 1616 10.88 52.82 -39.93
C LYS A 1616 10.36 52.93 -41.37
N ILE A 1617 10.86 52.09 -42.27
CA ILE A 1617 10.53 52.11 -43.73
C ILE A 1617 9.04 51.80 -43.88
N LEU A 1618 8.51 50.93 -43.04
CA LEU A 1618 7.10 50.47 -43.04
C LEU A 1618 6.13 51.51 -42.48
N GLU A 1619 6.56 52.68 -42.03
CA GLU A 1619 5.63 53.73 -41.54
C GLU A 1619 4.87 54.36 -42.72
N GLN A 1620 5.46 54.39 -43.90
CA GLN A 1620 4.84 55.00 -45.11
C GLN A 1620 3.56 54.26 -45.49
N PHE A 1621 3.38 53.01 -45.02
CA PHE A 1621 2.21 52.14 -45.29
C PHE A 1621 1.17 52.31 -44.18
N GLU A 1622 0.34 53.34 -44.31
CA GLU A 1622 -0.60 53.78 -43.27
C GLU A 1622 -1.73 52.74 -43.13
N TYR A 1623 -1.91 51.86 -44.10
CA TYR A 1623 -3.04 50.89 -44.08
C TYR A 1623 -2.63 49.59 -43.41
N VAL A 1624 -1.48 49.56 -42.75
CA VAL A 1624 -1.02 48.33 -42.05
C VAL A 1624 -0.56 48.69 -40.64
N LEU A 1625 -0.93 47.86 -39.69
CA LEU A 1625 -0.60 47.98 -38.27
C LEU A 1625 0.14 46.72 -37.87
N TYR A 1626 1.20 46.83 -37.09
CA TYR A 1626 2.07 45.69 -36.71
C TYR A 1626 2.02 45.50 -35.21
N PRO A 1627 1.00 44.84 -34.65
CA PRO A 1627 0.93 44.60 -33.23
C PRO A 1627 2.01 43.62 -32.75
N SER A 1628 2.42 43.82 -31.50
CA SER A 1628 3.44 43.06 -30.77
C SER A 1628 2.79 42.33 -29.60
N LYS A 1629 1.49 42.51 -29.38
CA LYS A 1629 0.78 41.80 -28.30
C LYS A 1629 -0.62 41.50 -28.74
N THR A 1630 -1.14 40.38 -28.27
CA THR A 1630 -2.42 39.76 -28.65
C THR A 1630 -3.57 40.66 -28.24
N LEU A 1631 -4.47 40.98 -29.19
CA LEU A 1631 -5.72 41.77 -29.02
C LEU A 1631 -6.92 40.84 -28.96
N LYS A 1632 -7.75 40.92 -27.92
CA LYS A 1632 -9.07 40.23 -27.87
C LYS A 1632 -10.08 41.20 -28.46
N THR A 1633 -10.45 41.05 -29.73
CA THR A 1633 -11.44 41.91 -30.40
C THR A 1633 -12.85 41.47 -30.01
N ASP A 1634 -13.85 42.22 -30.47
CA ASP A 1634 -15.29 41.84 -30.42
C ASP A 1634 -15.61 40.89 -31.59
N GLY A 1635 -14.75 40.84 -32.62
CA GLY A 1635 -14.93 39.94 -33.77
C GLY A 1635 -14.10 40.34 -34.98
N VAL A 1636 -13.62 39.33 -35.71
CA VAL A 1636 -12.97 39.49 -37.03
C VAL A 1636 -13.91 38.90 -38.07
N ARG A 1637 -14.16 39.64 -39.16
CA ARG A 1637 -15.16 39.27 -40.18
C ARG A 1637 -14.48 38.54 -41.35
N ALA A 1638 -13.28 38.97 -41.73
CA ALA A 1638 -12.52 38.35 -42.84
C ALA A 1638 -11.04 38.47 -42.56
N VAL A 1639 -10.24 37.58 -43.13
CA VAL A 1639 -8.77 37.53 -42.95
C VAL A 1639 -8.15 37.33 -44.32
N SER A 1640 -7.18 38.13 -44.72
CA SER A 1640 -6.38 37.91 -45.96
C SER A 1640 -5.22 36.98 -45.61
N ILE A 1641 -4.73 36.18 -46.55
CA ILE A 1641 -3.51 35.35 -46.35
C ILE A 1641 -2.62 35.49 -47.56
N THR A 1642 -1.50 36.17 -47.47
CA THR A 1642 -0.64 36.49 -48.63
C THR A 1642 0.65 35.67 -48.53
N SER A 1643 0.98 34.87 -49.54
CA SER A 1643 2.29 34.17 -49.64
C SER A 1643 2.98 34.58 -50.92
N PHE A 1644 4.32 34.62 -50.87
CA PHE A 1644 5.26 34.96 -51.97
C PHE A 1644 6.34 33.89 -52.00
N GLY A 1645 6.24 32.96 -52.93
CA GLY A 1645 7.22 31.90 -53.13
C GLY A 1645 8.37 32.36 -54.00
N PHE A 1646 9.44 31.56 -54.02
CA PHE A 1646 10.53 31.64 -55.01
C PHE A 1646 9.94 31.25 -56.35
N GLY A 1647 10.43 31.89 -57.41
CA GLY A 1647 10.01 31.62 -58.79
C GLY A 1647 8.77 32.42 -59.12
N GLN A 1648 8.65 33.60 -58.50
CA GLN A 1648 7.57 34.59 -58.73
C GLN A 1648 6.19 34.02 -58.35
N LYS A 1649 6.10 32.99 -57.52
CA LYS A 1649 4.79 32.57 -56.97
C LYS A 1649 4.33 33.61 -55.95
N GLY A 1650 3.26 34.33 -56.25
CA GLY A 1650 2.48 35.12 -55.28
C GLY A 1650 1.08 34.56 -55.17
N GLY A 1651 0.55 34.46 -53.96
CA GLY A 1651 -0.84 34.00 -53.69
C GLY A 1651 -1.58 34.96 -52.78
N GLN A 1652 -2.91 34.96 -52.86
CA GLN A 1652 -3.76 35.58 -51.82
C GLN A 1652 -5.05 34.79 -51.66
N ALA A 1653 -5.39 34.35 -50.46
CA ALA A 1653 -6.73 33.84 -50.12
C ALA A 1653 -7.43 34.82 -49.20
N ILE A 1654 -8.74 35.00 -49.37
CA ILE A 1654 -9.62 35.71 -48.40
C ILE A 1654 -10.42 34.63 -47.70
N VAL A 1655 -10.52 34.66 -46.39
CA VAL A 1655 -11.38 33.74 -45.61
C VAL A 1655 -12.36 34.60 -44.80
N VAL A 1656 -13.66 34.35 -44.94
CA VAL A 1656 -14.73 35.14 -44.28
C VAL A 1656 -15.27 34.33 -43.13
N HIS A 1657 -15.62 34.99 -42.04
CA HIS A 1657 -16.24 34.40 -40.83
C HIS A 1657 -17.44 33.56 -41.23
N PRO A 1658 -17.58 32.31 -40.73
CA PRO A 1658 -18.57 31.37 -41.27
C PRO A 1658 -20.02 31.73 -40.97
N ASP A 1659 -20.24 32.71 -40.10
CA ASP A 1659 -21.61 33.15 -39.74
C ASP A 1659 -22.28 33.85 -40.94
N TYR A 1660 -21.51 34.44 -41.84
CA TYR A 1660 -22.05 35.09 -43.05
C TYR A 1660 -22.66 34.05 -44.01
N LEU A 1661 -22.53 32.76 -43.74
CA LEU A 1661 -23.11 31.70 -44.62
C LEU A 1661 -24.53 31.43 -44.17
N TYR A 1662 -24.76 31.39 -42.86
CA TYR A 1662 -26.01 30.90 -42.21
C TYR A 1662 -27.16 31.87 -42.46
N GLY A 1663 -26.85 33.14 -42.67
CA GLY A 1663 -27.84 34.13 -43.11
C GLY A 1663 -28.31 33.89 -44.52
N ALA A 1664 -27.80 32.87 -45.22
CA ALA A 1664 -28.20 32.56 -46.62
C ALA A 1664 -28.98 31.25 -46.69
N ILE A 1665 -29.48 30.76 -45.56
CA ILE A 1665 -30.38 29.57 -45.51
C ILE A 1665 -31.56 29.88 -44.58
N THR A 1666 -32.56 29.02 -44.61
CA THR A 1666 -33.82 29.14 -43.82
C THR A 1666 -33.55 28.70 -42.38
N GLU A 1667 -34.38 29.14 -41.46
CA GLU A 1667 -34.29 28.82 -40.00
C GLU A 1667 -34.44 27.31 -39.81
N ASP A 1668 -35.19 26.63 -40.68
CA ASP A 1668 -35.42 25.17 -40.55
C ASP A 1668 -34.17 24.40 -40.98
N ARG A 1669 -33.54 24.84 -42.05
CA ARG A 1669 -32.30 24.22 -42.57
C ARG A 1669 -31.13 24.50 -41.61
N TYR A 1670 -31.05 25.69 -41.04
CA TYR A 1670 -30.01 26.03 -40.06
C TYR A 1670 -30.16 25.19 -38.80
N ASN A 1671 -31.39 24.98 -38.33
CA ASN A 1671 -31.60 24.27 -37.05
C ASN A 1671 -31.39 22.79 -37.26
N GLU A 1672 -31.67 22.31 -38.47
CA GLU A 1672 -31.38 20.90 -38.81
C GLU A 1672 -29.87 20.72 -38.68
N TYR A 1673 -29.11 21.64 -39.32
CA TYR A 1673 -27.62 21.70 -39.38
C TYR A 1673 -27.14 21.64 -37.95
N VAL A 1674 -27.56 22.58 -37.13
CA VAL A 1674 -27.01 22.70 -35.77
C VAL A 1674 -27.21 21.41 -34.97
N ALA A 1675 -28.31 20.70 -35.18
CA ALA A 1675 -28.60 19.43 -34.49
C ALA A 1675 -27.61 18.35 -34.95
N LYS A 1676 -27.37 18.27 -36.27
CA LYS A 1676 -26.46 17.30 -36.90
C LYS A 1676 -25.03 17.55 -36.41
N VAL A 1677 -24.66 18.82 -36.32
CA VAL A 1677 -23.27 19.24 -35.96
C VAL A 1677 -23.01 18.80 -34.54
N SER A 1678 -23.89 19.12 -33.62
CA SER A 1678 -23.75 18.75 -32.19
C SER A 1678 -23.59 17.23 -32.03
N ALA A 1679 -24.37 16.47 -32.78
CA ALA A 1679 -24.30 15.01 -32.78
C ALA A 1679 -22.91 14.56 -33.20
N ARG A 1680 -22.34 15.21 -34.21
CA ARG A 1680 -21.04 14.87 -34.81
C ARG A 1680 -19.86 15.32 -33.93
N GLU A 1681 -20.02 16.44 -33.23
CA GLU A 1681 -18.99 16.96 -32.32
C GLU A 1681 -18.82 16.00 -31.15
N LYS A 1682 -19.90 15.37 -30.72
CA LYS A 1682 -19.91 14.44 -29.55
C LYS A 1682 -19.22 13.14 -29.97
N SER A 1683 -19.47 12.67 -31.17
CA SER A 1683 -18.91 11.40 -31.68
C SER A 1683 -17.42 11.57 -31.98
N ALA A 1684 -17.03 12.79 -32.33
CA ALA A 1684 -15.65 13.16 -32.73
C ALA A 1684 -14.81 13.24 -31.46
N TYR A 1685 -15.34 13.89 -30.43
CA TYR A 1685 -14.71 13.95 -29.10
C TYR A 1685 -14.49 12.53 -28.58
N LYS A 1686 -15.49 11.66 -28.71
CA LYS A 1686 -15.38 10.24 -28.31
C LYS A 1686 -14.20 9.57 -29.02
N PHE A 1687 -14.12 9.70 -30.33
CA PHE A 1687 -13.08 9.09 -31.19
C PHE A 1687 -11.71 9.63 -30.83
N PHE A 1688 -11.62 10.95 -30.68
CA PHE A 1688 -10.37 11.65 -30.34
C PHE A 1688 -9.76 11.12 -29.04
N HIS A 1689 -10.50 11.11 -27.96
CA HIS A 1689 -9.95 10.69 -26.65
C HIS A 1689 -9.60 9.22 -26.67
N ASN A 1690 -10.38 8.42 -27.36
CA ASN A 1690 -10.10 6.97 -27.44
C ASN A 1690 -8.82 6.74 -28.25
N GLY A 1691 -8.68 7.43 -29.37
CA GLY A 1691 -7.50 7.29 -30.24
C GLY A 1691 -6.25 7.86 -29.61
N MET A 1692 -6.42 8.85 -28.74
CA MET A 1692 -5.27 9.51 -28.09
C MET A 1692 -4.64 8.51 -27.11
N ILE A 1693 -5.42 7.97 -26.18
CA ILE A 1693 -4.88 7.15 -25.07
C ILE A 1693 -4.44 5.78 -25.57
N TYR A 1694 -5.04 5.25 -26.63
CA TYR A 1694 -4.70 3.91 -27.17
C TYR A 1694 -3.89 3.98 -28.45
N ASN A 1695 -3.28 5.12 -28.72
CA ASN A 1695 -2.39 5.38 -29.87
C ASN A 1695 -3.00 4.85 -31.16
N LYS A 1696 -4.21 5.29 -31.48
CA LYS A 1696 -4.96 4.79 -32.66
C LYS A 1696 -5.92 5.85 -33.20
N LEU A 1697 -5.45 7.07 -33.37
CA LEU A 1697 -6.18 8.14 -34.11
C LEU A 1697 -6.11 7.74 -35.57
N PHE A 1698 -4.91 7.42 -36.02
CA PHE A 1698 -4.69 6.97 -37.41
C PHE A 1698 -5.02 5.50 -37.44
N VAL A 1699 -5.85 5.11 -38.40
CA VAL A 1699 -6.21 3.70 -38.65
C VAL A 1699 -6.19 3.49 -40.15
N SER A 1700 -5.15 2.85 -40.66
CA SER A 1700 -5.05 2.59 -42.12
C SER A 1700 -6.25 1.73 -42.52
N LYS A 1701 -6.84 2.05 -43.64
CA LYS A 1701 -7.81 1.15 -44.30
C LYS A 1701 -7.04 -0.06 -44.84
N GLU A 1702 -7.63 -1.25 -44.67
CA GLU A 1702 -7.12 -2.50 -45.26
C GLU A 1702 -7.70 -2.65 -46.66
N HIS A 1703 -8.98 -2.30 -46.83
CA HIS A 1703 -9.70 -2.45 -48.13
C HIS A 1703 -10.37 -1.16 -48.53
N ALA A 1704 -10.56 -1.01 -49.83
CA ALA A 1704 -11.48 -0.02 -50.45
C ALA A 1704 -12.89 -0.24 -49.92
N PRO A 1705 -13.78 0.76 -50.04
CA PRO A 1705 -15.15 0.57 -49.63
C PRO A 1705 -15.88 -0.37 -50.59
N TYR A 1706 -15.23 -0.78 -51.70
CA TYR A 1706 -15.75 -1.76 -52.68
C TYR A 1706 -14.75 -2.91 -52.84
N THR A 1707 -15.28 -4.12 -53.03
CA THR A 1707 -14.50 -5.30 -53.51
C THR A 1707 -14.02 -5.04 -54.94
N ASP A 1708 -13.17 -5.91 -55.48
CA ASP A 1708 -12.56 -5.71 -56.82
C ASP A 1708 -13.59 -6.02 -57.93
N GLU A 1709 -14.58 -6.88 -57.66
CA GLU A 1709 -15.68 -7.20 -58.62
C GLU A 1709 -16.61 -5.98 -58.81
N LEU A 1710 -16.90 -5.22 -57.75
CA LEU A 1710 -17.78 -4.02 -57.81
C LEU A 1710 -17.02 -2.78 -58.27
N GLU A 1711 -15.68 -2.77 -58.22
CA GLU A 1711 -14.80 -1.58 -58.45
C GLU A 1711 -15.27 -0.81 -59.69
N GLU A 1712 -15.31 -1.47 -60.86
CA GLU A 1712 -15.70 -0.87 -62.16
C GLU A 1712 -17.16 -0.40 -62.13
N ASP A 1713 -18.06 -1.16 -61.48
CA ASP A 1713 -19.50 -0.81 -61.36
C ASP A 1713 -19.67 0.46 -60.53
N VAL A 1714 -18.99 0.55 -59.37
CA VAL A 1714 -19.06 1.76 -58.48
C VAL A 1714 -18.46 2.95 -59.21
N TYR A 1715 -17.35 2.81 -59.93
CA TYR A 1715 -16.73 3.94 -60.67
C TYR A 1715 -17.71 4.53 -61.68
N LEU A 1716 -18.34 3.64 -62.44
CA LEU A 1716 -19.23 3.99 -63.58
C LEU A 1716 -20.64 4.43 -63.12
N ASP A 1717 -21.07 4.17 -61.89
CA ASP A 1717 -22.39 4.68 -61.40
C ASP A 1717 -22.23 5.94 -60.54
N PRO A 1718 -22.56 7.15 -61.04
CA PRO A 1718 -22.42 8.38 -60.25
C PRO A 1718 -23.24 8.46 -58.96
N LEU A 1719 -24.33 7.68 -58.87
CA LEU A 1719 -25.27 7.74 -57.71
C LEU A 1719 -25.02 6.56 -56.77
N ALA A 1720 -24.03 5.71 -57.03
CA ALA A 1720 -23.51 4.71 -56.05
C ALA A 1720 -23.10 5.41 -54.76
N ARG A 1721 -23.60 4.94 -53.61
CA ARG A 1721 -23.24 5.48 -52.27
C ARG A 1721 -22.96 4.29 -51.36
N VAL A 1722 -22.22 4.48 -50.27
CA VAL A 1722 -21.94 3.39 -49.29
C VAL A 1722 -23.08 3.35 -48.28
N SER A 1723 -23.10 2.29 -47.46
CA SER A 1723 -24.14 1.94 -46.47
C SER A 1723 -23.50 0.99 -45.45
N LYS A 1724 -23.84 1.08 -44.17
CA LYS A 1724 -23.31 0.14 -43.12
C LYS A 1724 -23.66 -1.29 -43.54
N ASP A 1725 -22.63 -2.13 -43.61
CA ASP A 1725 -22.77 -3.60 -43.73
C ASP A 1725 -23.27 -4.09 -42.37
N LYS A 1726 -24.37 -4.86 -42.34
CA LYS A 1726 -25.00 -5.37 -41.10
C LYS A 1726 -24.00 -6.28 -40.35
N LYS A 1727 -23.22 -7.08 -41.08
CA LYS A 1727 -22.23 -8.05 -40.51
C LYS A 1727 -21.04 -7.27 -39.93
N SER A 1728 -20.17 -6.72 -40.78
CA SER A 1728 -18.86 -6.14 -40.40
C SER A 1728 -19.02 -4.79 -39.64
N GLY A 1729 -20.12 -4.06 -39.87
CA GLY A 1729 -20.40 -2.76 -39.25
C GLY A 1729 -19.70 -1.60 -39.98
N SER A 1730 -18.98 -1.91 -41.07
CA SER A 1730 -18.15 -0.97 -41.86
C SER A 1730 -18.96 -0.45 -43.06
N LEU A 1731 -18.69 0.78 -43.49
CA LEU A 1731 -19.32 1.42 -44.69
C LEU A 1731 -18.72 0.79 -45.94
N THR A 1732 -19.53 0.08 -46.71
CA THR A 1732 -19.13 -0.58 -47.98
C THR A 1732 -20.17 -0.24 -49.05
N PHE A 1733 -19.76 -0.26 -50.32
CA PHE A 1733 -20.68 -0.39 -51.46
C PHE A 1733 -21.27 -1.79 -51.40
N ASN A 1734 -22.54 -1.88 -51.79
CA ASN A 1734 -23.39 -3.10 -51.81
C ASN A 1734 -23.96 -3.19 -53.23
N SER A 1735 -23.73 -4.32 -53.92
CA SER A 1735 -24.18 -4.58 -55.32
C SER A 1735 -25.59 -4.03 -55.57
N LYS A 1736 -26.50 -4.24 -54.61
CA LYS A 1736 -27.95 -3.87 -54.65
C LYS A 1736 -28.15 -2.37 -54.92
N ASN A 1737 -27.27 -1.48 -54.41
CA ASN A 1737 -27.38 0.00 -54.50
C ASN A 1737 -26.49 0.59 -55.60
N ILE A 1738 -26.16 -0.19 -56.63
CA ILE A 1738 -25.38 0.24 -57.83
C ILE A 1738 -26.19 0.01 -59.11
N GLN A 1739 -26.46 1.09 -59.86
CA GLN A 1739 -27.38 1.18 -61.02
C GLN A 1739 -28.80 0.87 -60.53
N SER A 1740 -29.13 1.36 -59.34
CA SER A 1740 -30.43 1.21 -58.65
C SER A 1740 -31.42 2.24 -59.21
N LYS A 1741 -32.67 1.84 -59.43
CA LYS A 1741 -33.78 2.74 -59.84
C LYS A 1741 -34.06 3.72 -58.70
N ASP A 1742 -33.95 3.28 -57.44
CA ASP A 1742 -34.31 4.04 -56.21
C ASP A 1742 -33.44 5.30 -56.08
N SER A 1743 -32.16 5.24 -56.49
CA SER A 1743 -31.16 6.32 -56.39
C SER A 1743 -31.54 7.52 -57.27
N TYR A 1744 -32.02 7.26 -58.50
CA TYR A 1744 -32.35 8.27 -59.54
C TYR A 1744 -33.80 8.75 -59.36
N ILE A 1745 -34.72 7.81 -59.17
CA ILE A 1745 -36.20 8.06 -59.02
C ILE A 1745 -36.55 8.03 -57.53
N ASN A 1746 -36.47 9.20 -56.87
CA ASN A 1746 -36.79 9.40 -55.43
C ASN A 1746 -38.32 9.56 -55.27
N ALA A 1747 -38.80 9.66 -54.03
CA ALA A 1747 -40.24 9.70 -53.65
C ALA A 1747 -40.96 10.93 -54.21
N ASN A 1748 -40.26 12.04 -54.47
CA ASN A 1748 -40.84 13.30 -55.02
C ASN A 1748 -41.07 13.17 -56.53
N THR A 1749 -40.25 12.40 -57.25
CA THR A 1749 -40.39 12.12 -58.71
C THR A 1749 -41.55 11.15 -58.95
N ILE A 1750 -41.78 10.18 -58.05
CA ILE A 1750 -42.92 9.20 -58.13
C ILE A 1750 -44.24 9.95 -57.89
N GLU A 1751 -44.28 10.83 -56.87
CA GLU A 1751 -45.44 11.67 -56.51
C GLU A 1751 -45.82 12.60 -57.67
N THR A 1752 -44.82 13.27 -58.26
CA THR A 1752 -45.00 14.29 -59.35
C THR A 1752 -45.36 13.60 -60.67
N ALA A 1753 -44.84 12.40 -60.96
CA ALA A 1753 -45.23 11.58 -62.13
C ALA A 1753 -46.69 11.13 -61.99
N LYS A 1754 -47.08 10.71 -60.78
CA LYS A 1754 -48.43 10.15 -60.45
C LYS A 1754 -49.52 11.22 -60.62
N MET A 1755 -49.21 12.49 -60.33
CA MET A 1755 -50.15 13.65 -60.46
C MET A 1755 -50.45 13.94 -61.93
N ILE A 1756 -49.44 13.89 -62.81
CA ILE A 1756 -49.57 14.16 -64.28
C ILE A 1756 -49.96 12.85 -65.02
N GLU A 1757 -49.87 11.68 -64.39
CA GLU A 1757 -50.48 10.42 -64.93
C GLU A 1757 -52.00 10.42 -64.70
N ASN A 1758 -52.48 11.10 -63.64
CA ASN A 1758 -53.92 11.31 -63.32
C ASN A 1758 -54.46 12.59 -63.97
N MET A 1759 -53.70 13.20 -64.88
CA MET A 1759 -53.99 14.50 -65.56
C MET A 1759 -54.36 14.27 -67.03
N THR A 1760 -53.80 13.24 -67.69
CA THR A 1760 -54.03 12.89 -69.12
C THR A 1760 -55.54 12.71 -69.38
N LYS A 1761 -55.99 13.03 -70.61
CA LYS A 1761 -57.43 13.17 -71.01
C LYS A 1761 -58.20 11.86 -70.78
N GLU A 1762 -57.54 10.70 -70.87
CA GLU A 1762 -58.14 9.35 -70.66
C GLU A 1762 -58.49 9.16 -69.17
N LYS A 1763 -57.57 9.52 -68.27
CA LYS A 1763 -57.73 9.36 -66.79
C LYS A 1763 -58.87 10.26 -66.28
N VAL A 1764 -58.83 11.56 -66.60
CA VAL A 1764 -59.92 12.54 -66.27
C VAL A 1764 -59.89 13.70 -67.28
N SER A 1765 -61.08 14.06 -67.80
CA SER A 1765 -61.32 15.18 -68.76
C SER A 1765 -62.70 15.80 -68.52
N ASN A 1766 -63.00 16.89 -69.24
CA ASN A 1766 -64.32 17.57 -69.27
C ASN A 1766 -64.57 18.27 -67.94
N GLY A 1767 -63.67 19.19 -67.57
CA GLY A 1767 -63.74 19.96 -66.30
C GLY A 1767 -62.56 20.90 -66.15
N GLY A 1768 -62.53 21.68 -65.07
CA GLY A 1768 -61.46 22.65 -64.76
C GLY A 1768 -60.11 21.98 -64.63
N VAL A 1769 -59.04 22.71 -64.98
CA VAL A 1769 -57.62 22.26 -64.98
C VAL A 1769 -56.75 23.36 -64.37
N GLY A 1770 -56.07 23.06 -63.27
CA GLY A 1770 -55.07 23.94 -62.64
C GLY A 1770 -53.78 23.19 -62.38
N VAL A 1771 -52.68 23.62 -63.02
CA VAL A 1771 -51.28 23.19 -62.71
C VAL A 1771 -50.53 24.45 -62.24
N ASP A 1772 -49.92 24.39 -61.05
CA ASP A 1772 -49.11 25.50 -60.49
C ASP A 1772 -47.88 24.95 -59.77
N VAL A 1773 -46.69 25.30 -60.30
CA VAL A 1773 -45.35 25.09 -59.68
C VAL A 1773 -45.00 26.33 -58.85
N GLU A 1774 -44.32 26.17 -57.73
CA GLU A 1774 -43.70 27.27 -56.93
C GLU A 1774 -42.32 26.80 -56.45
N LEU A 1775 -41.27 27.57 -56.75
CA LEU A 1775 -39.92 27.36 -56.16
C LEU A 1775 -40.01 27.70 -54.67
N ILE A 1776 -39.64 26.76 -53.79
CA ILE A 1776 -39.78 26.92 -52.31
C ILE A 1776 -38.92 28.11 -51.85
N THR A 1777 -37.82 28.41 -52.56
CA THR A 1777 -36.89 29.55 -52.29
C THR A 1777 -37.63 30.89 -52.38
N SER A 1778 -38.70 30.98 -53.19
CA SER A 1778 -39.51 32.21 -53.40
C SER A 1778 -40.43 32.49 -52.20
N ILE A 1779 -40.76 31.47 -51.41
CA ILE A 1779 -41.55 31.60 -50.13
C ILE A 1779 -40.58 32.07 -49.02
N ASN A 1780 -40.91 33.20 -48.40
CA ASN A 1780 -40.21 33.79 -47.23
C ASN A 1780 -41.11 33.59 -46.00
N VAL A 1781 -40.68 32.73 -45.05
CA VAL A 1781 -41.49 32.28 -43.87
C VAL A 1781 -41.35 33.29 -42.71
N GLU A 1782 -40.32 34.15 -42.73
CA GLU A 1782 -40.14 35.26 -41.74
C GLU A 1782 -41.19 36.36 -41.99
N ASN A 1783 -41.52 36.63 -43.26
CA ASN A 1783 -42.45 37.72 -43.68
C ASN A 1783 -43.86 37.37 -43.19
N ASP A 1784 -44.24 37.85 -42.00
CA ASP A 1784 -45.51 37.49 -41.28
C ASP A 1784 -46.73 38.18 -41.92
N THR A 1785 -46.53 39.23 -42.72
CA THR A 1785 -47.61 39.97 -43.46
C THR A 1785 -48.10 39.17 -44.68
N PHE A 1786 -47.20 38.50 -45.41
CA PHE A 1786 -47.52 37.65 -46.58
C PHE A 1786 -48.27 36.37 -46.13
N ILE A 1787 -47.80 35.74 -45.04
CA ILE A 1787 -48.36 34.46 -44.51
C ILE A 1787 -49.74 34.73 -43.89
N GLU A 1788 -49.89 35.82 -43.12
CA GLU A 1788 -51.17 36.25 -42.48
C GLU A 1788 -52.21 36.59 -43.56
N ARG A 1789 -51.79 37.19 -44.68
CA ARG A 1789 -52.69 37.70 -45.76
C ARG A 1789 -53.18 36.56 -46.66
N ASN A 1790 -52.35 35.53 -46.93
CA ASN A 1790 -52.59 34.50 -47.99
C ASN A 1790 -52.78 33.09 -47.41
N PHE A 1791 -52.74 32.90 -46.08
CA PHE A 1791 -52.90 31.57 -45.42
C PHE A 1791 -53.79 31.70 -44.17
N THR A 1792 -54.76 30.78 -44.03
CA THR A 1792 -55.72 30.69 -42.90
C THR A 1792 -54.97 30.16 -41.67
N PRO A 1793 -55.39 30.49 -40.43
CA PRO A 1793 -54.71 29.99 -39.22
C PRO A 1793 -54.54 28.47 -39.08
N GLN A 1794 -55.39 27.67 -39.75
CA GLN A 1794 -55.29 26.18 -39.79
C GLN A 1794 -54.10 25.76 -40.67
N GLU A 1795 -53.89 26.43 -41.81
CA GLU A 1795 -52.79 26.14 -42.78
C GLU A 1795 -51.43 26.55 -42.20
N ILE A 1796 -51.39 27.67 -41.46
CA ILE A 1796 -50.18 28.23 -40.77
C ILE A 1796 -49.77 27.30 -39.62
N GLU A 1797 -50.74 26.69 -38.92
CA GLU A 1797 -50.50 25.72 -37.82
C GLU A 1797 -49.90 24.42 -38.40
N TYR A 1798 -50.46 23.92 -39.50
CA TYR A 1798 -50.01 22.66 -40.17
C TYR A 1798 -48.59 22.85 -40.73
N CYS A 1799 -48.35 23.93 -41.50
CA CYS A 1799 -47.07 24.27 -42.17
C CYS A 1799 -45.93 24.47 -41.15
N SER A 1800 -46.17 25.24 -40.08
CA SER A 1800 -45.19 25.63 -39.03
C SER A 1800 -44.67 24.43 -38.24
N ALA A 1801 -45.46 23.34 -38.14
CA ALA A 1801 -45.13 22.10 -37.39
C ALA A 1801 -44.31 21.11 -38.22
N GLN A 1802 -44.29 21.26 -39.56
CA GLN A 1802 -43.61 20.33 -40.50
C GLN A 1802 -42.08 20.44 -40.35
N PRO A 1803 -41.31 19.36 -40.65
CA PRO A 1803 -39.85 19.41 -40.62
C PRO A 1803 -39.23 20.50 -41.53
N SER A 1804 -39.82 20.75 -42.70
CA SER A 1804 -39.48 21.85 -43.64
C SER A 1804 -40.70 22.78 -43.78
N VAL A 1805 -40.72 23.87 -42.99
CA VAL A 1805 -41.81 24.89 -42.96
C VAL A 1805 -41.91 25.54 -44.35
N GLN A 1806 -40.76 25.83 -44.97
CA GLN A 1806 -40.66 26.54 -46.28
C GLN A 1806 -41.30 25.69 -47.39
N SER A 1807 -41.00 24.38 -47.41
CA SER A 1807 -41.46 23.41 -48.45
C SER A 1807 -42.94 23.05 -48.28
N SER A 1808 -43.48 23.09 -47.06
CA SER A 1808 -44.92 22.90 -46.75
C SER A 1808 -45.73 24.12 -47.23
N PHE A 1809 -45.34 25.34 -46.80
CA PHE A 1809 -45.97 26.64 -47.19
C PHE A 1809 -45.97 26.80 -48.72
N ALA A 1810 -44.93 26.33 -49.41
CA ALA A 1810 -44.80 26.38 -50.89
C ALA A 1810 -45.72 25.35 -51.54
N GLY A 1811 -45.99 24.23 -50.87
CA GLY A 1811 -46.98 23.21 -51.28
C GLY A 1811 -48.42 23.69 -51.15
N THR A 1812 -48.74 24.36 -50.03
CA THR A 1812 -50.06 25.00 -49.76
C THR A 1812 -50.27 26.18 -50.71
N TRP A 1813 -49.26 27.05 -50.92
CA TRP A 1813 -49.33 28.21 -51.84
C TRP A 1813 -49.49 27.74 -53.29
N SER A 1814 -48.89 26.61 -53.65
CA SER A 1814 -49.02 26.02 -55.02
C SER A 1814 -50.44 25.48 -55.21
N ALA A 1815 -51.01 24.84 -54.18
CA ALA A 1815 -52.36 24.22 -54.17
C ALA A 1815 -53.44 25.30 -54.28
N LYS A 1816 -53.29 26.41 -53.55
CA LYS A 1816 -54.19 27.59 -53.66
C LYS A 1816 -54.20 28.10 -55.11
N GLU A 1817 -53.02 28.38 -55.67
CA GLU A 1817 -52.87 28.95 -57.04
C GLU A 1817 -53.32 27.94 -58.11
N ALA A 1818 -53.16 26.63 -57.89
CA ALA A 1818 -53.62 25.55 -58.79
C ALA A 1818 -55.16 25.57 -58.83
N VAL A 1819 -55.81 25.54 -57.67
CA VAL A 1819 -57.30 25.57 -57.51
C VAL A 1819 -57.85 26.82 -58.22
N PHE A 1820 -57.28 28.00 -57.96
CA PHE A 1820 -57.70 29.31 -58.56
C PHE A 1820 -57.58 29.28 -60.09
N LYS A 1821 -56.57 28.58 -60.65
CA LYS A 1821 -56.38 28.40 -62.11
C LYS A 1821 -57.37 27.38 -62.67
N SER A 1822 -57.77 26.37 -61.86
CA SER A 1822 -58.71 25.28 -62.24
C SER A 1822 -60.12 25.83 -62.44
N LEU A 1823 -60.57 26.73 -61.55
CA LEU A 1823 -61.94 27.34 -61.58
C LEU A 1823 -62.19 28.01 -62.94
N GLY A 1824 -61.14 28.44 -63.64
CA GLY A 1824 -61.22 29.08 -64.97
C GLY A 1824 -61.89 30.45 -64.89
N VAL A 1825 -61.85 31.08 -63.71
CA VAL A 1825 -62.53 32.37 -63.38
C VAL A 1825 -61.46 33.47 -63.34
N LYS A 1826 -61.79 34.66 -63.85
CA LYS A 1826 -60.90 35.84 -63.83
C LYS A 1826 -60.84 36.39 -62.40
N SER A 1827 -59.68 36.91 -61.99
CA SER A 1827 -59.43 37.51 -60.65
C SER A 1827 -60.27 38.78 -60.49
N LEU A 1828 -61.00 38.90 -59.38
CA LEU A 1828 -61.84 40.11 -59.05
C LEU A 1828 -60.91 41.32 -58.88
N GLY A 1829 -59.76 41.14 -58.23
CA GLY A 1829 -58.64 42.10 -58.18
C GLY A 1829 -57.34 41.51 -58.73
N GLY A 1830 -56.44 42.35 -59.24
CA GLY A 1830 -55.13 41.94 -59.79
C GLY A 1830 -54.25 41.28 -58.73
N GLY A 1831 -54.20 41.86 -57.52
CA GLY A 1831 -53.51 41.32 -56.34
C GLY A 1831 -54.48 40.67 -55.37
N ALA A 1832 -55.31 39.73 -55.88
CA ALA A 1832 -56.38 39.02 -55.14
C ALA A 1832 -55.77 38.05 -54.12
N ALA A 1833 -56.14 38.19 -52.84
CA ALA A 1833 -55.72 37.29 -51.73
C ALA A 1833 -56.36 35.91 -51.93
N LEU A 1834 -55.57 34.85 -51.80
CA LEU A 1834 -56.00 33.43 -51.95
C LEU A 1834 -56.58 32.90 -50.63
N LYS A 1835 -56.49 33.68 -49.54
CA LYS A 1835 -57.01 33.35 -48.16
C LYS A 1835 -58.28 32.49 -48.22
N ASP A 1836 -59.18 32.82 -49.15
CA ASP A 1836 -60.53 32.21 -49.33
C ASP A 1836 -60.39 30.70 -49.60
N ILE A 1837 -59.49 30.32 -50.52
CA ILE A 1837 -59.26 28.89 -50.92
C ILE A 1837 -58.40 28.23 -49.83
N GLU A 1838 -59.03 27.57 -48.86
CA GLU A 1838 -58.35 26.80 -47.78
C GLU A 1838 -58.02 25.39 -48.29
N ILE A 1839 -56.81 24.92 -47.99
CA ILE A 1839 -56.32 23.52 -48.27
C ILE A 1839 -56.22 22.79 -46.92
N VAL A 1840 -57.13 21.85 -46.65
CA VAL A 1840 -57.19 21.04 -45.41
C VAL A 1840 -56.23 19.86 -45.54
N ARG A 1841 -54.99 20.02 -45.04
CA ARG A 1841 -53.91 19.00 -45.11
C ARG A 1841 -53.84 18.25 -43.78
N VAL A 1842 -53.78 16.91 -43.84
CA VAL A 1842 -53.49 15.99 -42.70
C VAL A 1842 -52.30 15.12 -43.11
N ASN A 1843 -51.56 14.54 -42.15
CA ASN A 1843 -50.42 13.62 -42.42
C ASN A 1843 -50.92 12.38 -43.16
N LYS A 1844 -50.17 11.93 -44.17
CA LYS A 1844 -50.43 10.76 -45.06
C LYS A 1844 -51.91 10.70 -45.49
N ASN A 1845 -52.50 11.86 -45.82
CA ASN A 1845 -53.92 12.01 -46.26
C ASN A 1845 -53.99 12.97 -47.45
N ALA A 1846 -54.92 12.71 -48.38
CA ALA A 1846 -55.17 13.53 -49.60
C ALA A 1846 -55.68 14.90 -49.18
N PRO A 1847 -55.02 16.01 -49.59
CA PRO A 1847 -55.49 17.36 -49.22
C PRO A 1847 -56.80 17.71 -49.94
N ALA A 1848 -57.79 18.22 -49.20
CA ALA A 1848 -59.13 18.64 -49.69
C ALA A 1848 -59.16 20.16 -49.86
N VAL A 1849 -59.94 20.64 -50.83
CA VAL A 1849 -60.16 22.09 -51.11
C VAL A 1849 -61.44 22.54 -50.39
N GLU A 1850 -61.45 23.76 -49.86
CA GLU A 1850 -62.59 24.37 -49.11
C GLU A 1850 -62.67 25.86 -49.43
N LEU A 1851 -63.69 26.26 -50.20
CA LEU A 1851 -63.90 27.66 -50.67
C LEU A 1851 -64.78 28.39 -49.64
N HIS A 1852 -64.35 29.56 -49.16
CA HIS A 1852 -64.97 30.31 -48.03
C HIS A 1852 -65.71 31.56 -48.55
N GLY A 1853 -64.97 32.60 -48.97
CA GLY A 1853 -65.51 33.93 -49.33
C GLY A 1853 -66.01 34.01 -50.77
N ASN A 1854 -65.31 34.77 -51.62
CA ASN A 1854 -65.69 35.08 -53.03
C ASN A 1854 -65.41 33.88 -53.94
N ALA A 1855 -64.44 33.03 -53.60
CA ALA A 1855 -64.09 31.78 -54.33
C ALA A 1855 -65.27 30.80 -54.31
N LYS A 1856 -66.04 30.76 -53.21
CA LYS A 1856 -67.24 29.89 -53.04
C LYS A 1856 -68.37 30.39 -53.93
N LYS A 1857 -68.49 31.71 -54.11
CA LYS A 1857 -69.44 32.35 -55.06
C LYS A 1857 -69.01 32.03 -56.50
N ALA A 1858 -67.72 32.19 -56.82
CA ALA A 1858 -67.12 32.02 -58.18
C ALA A 1858 -67.18 30.56 -58.64
N ALA A 1859 -67.26 29.60 -57.71
CA ALA A 1859 -67.42 28.14 -57.96
C ALA A 1859 -68.89 27.82 -58.29
N GLU A 1860 -69.84 28.60 -57.78
CA GLU A 1860 -71.30 28.47 -58.05
C GLU A 1860 -71.68 29.26 -59.31
N GLU A 1861 -70.91 30.31 -59.66
CA GLU A 1861 -71.04 31.09 -60.93
C GLU A 1861 -70.62 30.22 -62.13
N ALA A 1862 -69.55 29.42 -61.98
CA ALA A 1862 -69.01 28.51 -63.02
C ALA A 1862 -69.64 27.11 -62.93
N GLY A 1863 -70.47 26.85 -61.91
CA GLY A 1863 -71.18 25.57 -61.70
C GLY A 1863 -70.23 24.45 -61.30
N VAL A 1864 -69.25 24.73 -60.44
CA VAL A 1864 -68.21 23.79 -59.95
C VAL A 1864 -68.73 23.11 -58.67
N THR A 1865 -68.90 21.79 -58.69
CA THR A 1865 -69.46 20.97 -57.58
C THR A 1865 -68.33 20.61 -56.60
N ASP A 1866 -67.30 19.92 -57.10
CA ASP A 1866 -66.15 19.36 -56.32
C ASP A 1866 -64.84 19.87 -56.92
N VAL A 1867 -63.87 20.22 -56.06
CA VAL A 1867 -62.45 20.53 -56.42
C VAL A 1867 -61.55 19.59 -55.59
N LYS A 1868 -60.71 18.79 -56.27
CA LYS A 1868 -59.68 17.92 -55.63
C LYS A 1868 -58.30 18.42 -56.06
N VAL A 1869 -57.35 18.49 -55.13
CA VAL A 1869 -55.94 18.95 -55.36
C VAL A 1869 -54.99 17.84 -54.93
N SER A 1870 -53.93 17.60 -55.71
CA SER A 1870 -52.74 16.78 -55.35
C SER A 1870 -51.53 17.71 -55.16
N ILE A 1871 -50.66 17.42 -54.20
CA ILE A 1871 -49.46 18.25 -53.86
C ILE A 1871 -48.25 17.32 -53.71
N SER A 1872 -47.18 17.60 -54.45
CA SER A 1872 -45.79 17.13 -54.18
C SER A 1872 -44.92 18.35 -53.87
N HIS A 1873 -44.01 18.20 -52.90
CA HIS A 1873 -43.05 19.25 -52.45
C HIS A 1873 -41.75 18.59 -52.03
N ASP A 1874 -40.61 19.12 -52.46
CA ASP A 1874 -39.25 18.69 -52.04
C ASP A 1874 -38.42 19.95 -51.74
N ASP A 1875 -37.09 19.83 -51.73
CA ASP A 1875 -36.12 20.90 -51.38
C ASP A 1875 -36.02 21.96 -52.50
N LEU A 1876 -36.48 21.66 -53.72
CA LEU A 1876 -36.36 22.57 -54.92
C LEU A 1876 -37.69 23.33 -55.12
N GLN A 1877 -38.76 22.59 -55.45
CA GLN A 1877 -40.04 23.13 -55.97
C GLN A 1877 -41.21 22.39 -55.30
N ALA A 1878 -42.37 23.04 -55.25
CA ALA A 1878 -43.68 22.45 -54.89
C ALA A 1878 -44.60 22.52 -56.11
N VAL A 1879 -45.06 21.35 -56.59
CA VAL A 1879 -46.03 21.17 -57.72
C VAL A 1879 -47.40 20.86 -57.09
N ALA A 1880 -48.47 21.46 -57.63
CA ALA A 1880 -49.87 21.21 -57.24
C ALA A 1880 -50.77 21.20 -58.48
N VAL A 1881 -51.54 20.12 -58.64
CA VAL A 1881 -52.52 19.88 -59.73
C VAL A 1881 -53.92 19.82 -59.11
N ALA A 1882 -54.76 20.83 -59.40
CA ALA A 1882 -56.19 20.89 -59.01
C ALA A 1882 -57.07 20.61 -60.23
N VAL A 1883 -57.87 19.54 -60.15
CA VAL A 1883 -58.95 19.20 -61.12
C VAL A 1883 -60.28 19.57 -60.46
N SER A 1884 -61.09 20.40 -61.12
CA SER A 1884 -62.44 20.83 -60.66
C SER A 1884 -63.51 20.22 -61.58
N THR A 1885 -64.32 19.29 -61.05
CA THR A 1885 -65.44 18.61 -61.74
C THR A 1885 -66.76 19.33 -61.42
N LYS A 1886 -67.51 19.69 -62.47
CA LYS A 1886 -68.83 20.37 -62.38
C LYS A 1886 -69.92 19.32 -62.09
N ILE B 140 26.57 -37.57 -8.31
CA ILE B 140 25.13 -37.77 -8.66
C ILE B 140 24.27 -37.39 -7.44
N ALA B 141 23.23 -36.58 -7.65
CA ALA B 141 22.29 -36.08 -6.61
C ALA B 141 21.45 -37.24 -6.05
N ASP B 142 21.01 -37.11 -4.79
CA ASP B 142 20.13 -38.08 -4.08
C ASP B 142 18.67 -37.72 -4.39
N GLU B 143 17.89 -38.68 -4.90
CA GLU B 143 16.44 -38.55 -5.24
C GLU B 143 15.69 -39.75 -4.66
N PRO B 144 14.61 -39.55 -3.86
CA PRO B 144 13.84 -40.68 -3.32
C PRO B 144 13.09 -41.42 -4.43
N VAL B 145 12.96 -42.75 -4.31
CA VAL B 145 12.36 -43.65 -5.33
C VAL B 145 10.92 -43.20 -5.61
N LYS B 146 10.51 -43.29 -6.88
CA LYS B 146 9.16 -42.88 -7.35
C LYS B 146 8.18 -44.02 -7.07
N ALA B 147 6.99 -43.71 -6.52
CA ALA B 147 5.90 -44.68 -6.27
C ALA B 147 5.58 -45.44 -7.57
N SER B 148 5.65 -44.76 -8.72
CA SER B 148 5.44 -45.33 -10.08
C SER B 148 6.41 -46.49 -10.36
N LEU B 149 7.69 -46.34 -9.97
CA LEU B 149 8.75 -47.37 -10.13
C LEU B 149 8.47 -48.53 -9.16
N LEU B 150 8.35 -48.23 -7.86
CA LEU B 150 8.15 -49.21 -6.77
C LEU B 150 6.93 -50.10 -7.08
N LEU B 151 5.80 -49.47 -7.42
CA LEU B 151 4.54 -50.19 -7.79
C LEU B 151 4.79 -51.11 -8.98
N HIS B 152 5.41 -50.60 -10.05
CA HIS B 152 5.77 -51.36 -11.28
C HIS B 152 6.60 -52.59 -10.93
N VAL B 153 7.56 -52.46 -10.01
CA VAL B 153 8.49 -53.56 -9.58
C VAL B 153 7.69 -54.62 -8.80
N LEU B 154 6.85 -54.20 -7.84
CA LEU B 154 6.02 -55.09 -6.98
C LEU B 154 5.09 -55.97 -7.84
N VAL B 155 4.43 -55.39 -8.84
CA VAL B 155 3.49 -56.07 -9.77
C VAL B 155 4.29 -57.02 -10.68
N ALA B 156 5.36 -56.53 -11.31
CA ALA B 156 6.25 -57.28 -12.22
C ALA B 156 6.90 -58.47 -11.48
N HIS B 157 7.44 -58.25 -10.29
CA HIS B 157 8.09 -59.29 -9.44
C HIS B 157 7.08 -60.38 -9.08
N LYS B 158 5.84 -60.00 -8.74
CA LYS B 158 4.78 -60.92 -8.23
C LYS B 158 4.28 -61.82 -9.36
N LEU B 159 4.12 -61.27 -10.56
CA LEU B 159 3.59 -61.99 -11.76
C LEU B 159 4.69 -62.82 -12.44
N LYS B 160 5.95 -62.76 -11.97
CA LYS B 160 7.13 -63.50 -12.51
C LYS B 160 7.38 -63.06 -13.95
N LYS B 161 7.29 -61.75 -14.23
CA LYS B 161 7.46 -61.16 -15.58
C LYS B 161 8.51 -60.04 -15.51
N SER B 162 9.07 -59.68 -16.68
CA SER B 162 10.03 -58.56 -16.86
C SER B 162 9.32 -57.23 -16.64
N LEU B 163 10.07 -56.20 -16.24
CA LEU B 163 9.56 -54.83 -15.94
C LEU B 163 8.99 -54.16 -17.20
N ASP B 164 9.37 -54.63 -18.40
CA ASP B 164 8.92 -54.08 -19.72
C ASP B 164 7.60 -54.74 -20.17
N SER B 165 7.38 -56.02 -19.82
CA SER B 165 6.20 -56.84 -20.19
C SER B 165 4.91 -56.33 -19.51
N ILE B 166 5.04 -55.52 -18.45
CA ILE B 166 3.92 -54.89 -17.68
C ILE B 166 3.76 -53.45 -18.16
N PRO B 167 2.72 -53.11 -18.96
CA PRO B 167 2.43 -51.71 -19.28
C PRO B 167 1.76 -50.97 -18.11
N MET B 168 2.20 -49.74 -17.82
CA MET B 168 1.71 -48.91 -16.69
C MET B 168 0.30 -48.38 -16.97
N SER B 169 -0.14 -48.34 -18.24
CA SER B 169 -1.52 -47.99 -18.65
C SER B 169 -2.35 -49.27 -18.78
N LYS B 170 -2.61 -49.90 -17.63
CA LYS B 170 -3.29 -51.23 -17.49
C LYS B 170 -3.69 -51.42 -16.03
N THR B 171 -4.86 -52.03 -15.76
CA THR B 171 -5.38 -52.31 -14.40
C THR B 171 -4.76 -53.62 -13.87
N ILE B 172 -4.73 -53.81 -12.55
CA ILE B 172 -4.11 -55.00 -11.91
C ILE B 172 -4.95 -56.25 -12.26
N LYS B 173 -6.28 -56.12 -12.29
CA LYS B 173 -7.22 -57.24 -12.61
C LYS B 173 -7.07 -57.66 -14.08
N ASP B 174 -6.64 -56.73 -14.94
CA ASP B 174 -6.35 -56.98 -16.38
C ASP B 174 -5.11 -57.89 -16.52
N LEU B 175 -4.02 -57.54 -15.83
CA LEU B 175 -2.68 -58.20 -15.92
C LEU B 175 -2.70 -59.61 -15.29
N VAL B 176 -3.42 -59.79 -14.19
CA VAL B 176 -3.54 -61.08 -13.45
C VAL B 176 -4.60 -61.95 -14.14
N GLY B 177 -5.60 -61.31 -14.76
CA GLY B 177 -6.72 -61.95 -15.48
C GLY B 177 -7.54 -62.85 -14.59
N GLY B 178 -7.55 -64.15 -14.88
CA GLY B 178 -8.31 -65.19 -14.17
C GLY B 178 -8.06 -65.12 -12.68
N LYS B 179 -6.82 -65.41 -12.29
CA LYS B 179 -6.43 -65.76 -10.90
C LYS B 179 -6.74 -64.58 -9.98
N SER B 180 -7.88 -64.69 -9.27
CA SER B 180 -8.22 -63.80 -8.17
C SER B 180 -7.27 -63.97 -6.99
N THR B 181 -6.71 -65.18 -6.82
CA THR B 181 -5.74 -65.45 -5.77
C THR B 181 -4.53 -64.51 -5.92
N VAL B 182 -4.08 -64.28 -7.16
CA VAL B 182 -2.95 -63.36 -7.50
C VAL B 182 -3.40 -61.91 -7.24
N GLN B 183 -4.61 -61.54 -7.66
CA GLN B 183 -5.16 -60.17 -7.53
C GLN B 183 -5.09 -59.72 -6.07
N ASN B 184 -5.72 -60.47 -5.16
CA ASN B 184 -5.95 -60.06 -3.75
C ASN B 184 -4.64 -60.10 -2.94
N GLU B 185 -3.63 -60.89 -3.36
CA GLU B 185 -2.30 -60.95 -2.71
C GLU B 185 -1.37 -59.87 -3.28
N ILE B 186 -1.63 -59.35 -4.49
CA ILE B 186 -1.02 -58.09 -5.00
C ILE B 186 -1.56 -56.92 -4.17
N LEU B 187 -2.89 -56.81 -4.01
CA LEU B 187 -3.56 -55.72 -3.25
C LEU B 187 -3.13 -55.78 -1.78
N GLY B 188 -2.83 -56.98 -1.25
CA GLY B 188 -2.21 -57.20 0.07
C GLY B 188 -0.82 -56.58 0.14
N ASP B 189 0.01 -56.79 -0.89
CA ASP B 189 1.40 -56.25 -1.02
C ASP B 189 1.36 -54.72 -1.15
N LEU B 190 0.42 -54.15 -1.90
CA LEU B 190 0.20 -52.68 -2.02
C LEU B 190 -0.31 -52.11 -0.69
N GLY B 191 -1.05 -52.90 0.10
CA GLY B 191 -1.55 -52.51 1.43
C GLY B 191 -0.46 -52.52 2.49
N LYS B 192 0.51 -53.44 2.40
CA LYS B 192 1.65 -53.57 3.34
C LYS B 192 2.72 -52.50 3.04
N GLU B 193 2.89 -52.14 1.77
CA GLU B 193 3.99 -51.26 1.29
C GLU B 193 3.63 -49.79 1.55
N PHE B 194 2.47 -49.34 1.04
CA PHE B 194 2.03 -47.92 1.03
C PHE B 194 1.02 -47.62 2.16
N GLY B 195 0.32 -48.65 2.68
CA GLY B 195 -0.66 -48.51 3.77
C GLY B 195 -2.09 -48.38 3.26
N THR B 196 -2.56 -47.13 3.10
CA THR B 196 -3.92 -46.76 2.64
C THR B 196 -3.99 -46.87 1.12
N THR B 197 -5.10 -47.39 0.58
CA THR B 197 -5.32 -47.69 -0.87
C THR B 197 -6.60 -46.99 -1.35
N PRO B 198 -6.70 -46.55 -2.64
CA PRO B 198 -7.97 -46.08 -3.19
C PRO B 198 -8.96 -47.23 -3.39
N GLU B 199 -10.24 -46.89 -3.57
CA GLU B 199 -11.36 -47.87 -3.69
C GLU B 199 -11.28 -48.55 -5.05
N LYS B 200 -11.51 -49.87 -5.06
CA LYS B 200 -11.38 -50.78 -6.24
C LYS B 200 -10.06 -50.46 -6.94
N PRO B 201 -8.89 -50.71 -6.29
CA PRO B 201 -7.60 -50.43 -6.91
C PRO B 201 -7.29 -51.34 -8.11
N GLU B 202 -8.00 -52.47 -8.23
CA GLU B 202 -7.84 -53.46 -9.35
C GLU B 202 -8.63 -53.03 -10.59
N GLU B 203 -9.34 -51.89 -10.55
CA GLU B 203 -10.15 -51.34 -11.67
C GLU B 203 -9.63 -49.96 -12.12
N THR B 204 -8.49 -49.51 -11.59
CA THR B 204 -7.78 -48.28 -12.04
C THR B 204 -6.45 -48.67 -12.67
N PRO B 205 -6.04 -48.09 -13.84
CA PRO B 205 -4.72 -48.36 -14.40
C PRO B 205 -3.59 -47.92 -13.47
N LEU B 206 -2.46 -48.64 -13.55
CA LEU B 206 -1.29 -48.53 -12.63
C LEU B 206 -0.71 -47.10 -12.60
N GLU B 207 -0.88 -46.30 -13.66
CA GLU B 207 -0.49 -44.86 -13.70
C GLU B 207 -1.36 -44.07 -12.72
N GLU B 208 -2.69 -44.11 -12.91
CA GLU B 208 -3.70 -43.38 -12.09
C GLU B 208 -3.67 -43.90 -10.65
N LEU B 209 -3.15 -45.12 -10.40
CA LEU B 209 -2.98 -45.69 -9.04
C LEU B 209 -1.68 -45.16 -8.41
N ALA B 210 -0.58 -45.13 -9.18
CA ALA B 210 0.77 -44.71 -8.73
C ALA B 210 0.78 -43.21 -8.38
N GLU B 211 0.13 -42.38 -9.20
CA GLU B 211 0.04 -40.90 -9.00
C GLU B 211 -0.71 -40.60 -7.69
N THR B 212 -1.72 -41.41 -7.35
CA THR B 212 -2.51 -41.30 -6.09
C THR B 212 -1.68 -41.76 -4.89
N PHE B 213 -0.91 -42.84 -5.06
CA PHE B 213 0.03 -43.39 -4.03
C PHE B 213 1.17 -42.40 -3.76
N GLN B 214 1.64 -41.69 -4.80
CA GLN B 214 2.85 -40.80 -4.77
C GLN B 214 2.63 -39.61 -3.82
N ASP B 215 1.37 -39.19 -3.61
CA ASP B 215 0.99 -38.03 -2.77
C ASP B 215 1.45 -38.25 -1.32
N THR B 216 1.13 -39.39 -0.72
CA THR B 216 1.37 -39.73 0.71
C THR B 216 2.60 -40.63 0.89
N PHE B 217 3.39 -40.83 -0.16
CA PHE B 217 4.62 -41.67 -0.16
C PHE B 217 5.84 -40.75 -0.20
N SER B 218 6.94 -41.17 0.45
CA SER B 218 8.22 -40.41 0.50
C SER B 218 9.40 -41.36 0.71
N GLY B 219 9.88 -41.99 -0.37
CA GLY B 219 11.20 -42.64 -0.50
C GLY B 219 11.40 -43.88 0.38
N ALA B 220 10.51 -44.16 1.33
CA ALA B 220 10.64 -45.24 2.34
C ALA B 220 10.33 -46.58 1.66
N LEU B 221 11.18 -47.61 1.86
CA LEU B 221 10.95 -48.98 1.33
C LEU B 221 9.97 -49.76 2.22
N GLY B 222 9.60 -49.23 3.39
CA GLY B 222 8.56 -49.84 4.26
C GLY B 222 8.88 -51.29 4.58
N LYS B 223 7.84 -52.13 4.64
CA LYS B 223 7.92 -53.54 5.14
C LYS B 223 8.09 -54.50 3.97
N GLN B 224 7.27 -54.37 2.92
CA GLN B 224 7.13 -55.37 1.83
C GLN B 224 8.42 -55.41 1.00
N SER B 225 8.80 -54.29 0.37
CA SER B 225 9.95 -54.20 -0.58
C SER B 225 11.26 -54.49 0.16
N SER B 226 11.42 -54.00 1.39
CA SER B 226 12.53 -54.34 2.34
C SER B 226 12.71 -55.86 2.41
N SER B 227 11.64 -56.60 2.70
CA SER B 227 11.63 -58.07 2.92
C SER B 227 11.68 -58.84 1.58
N LEU B 228 11.29 -58.22 0.45
CA LEU B 228 11.49 -58.79 -0.91
C LEU B 228 12.98 -58.74 -1.30
N LEU B 229 13.66 -57.61 -1.02
CA LEU B 229 15.12 -57.40 -1.29
C LEU B 229 15.96 -58.30 -0.39
N SER B 230 15.58 -58.44 0.89
CA SER B 230 16.20 -59.37 1.86
C SER B 230 16.17 -60.81 1.33
N ARG B 231 15.06 -61.22 0.71
CA ARG B 231 14.91 -62.56 0.05
C ARG B 231 15.82 -62.60 -1.19
N LEU B 232 15.78 -61.57 -2.03
CA LEU B 232 16.55 -61.50 -3.32
C LEU B 232 18.03 -61.81 -3.05
N ILE B 233 18.66 -61.07 -2.13
CA ILE B 233 20.10 -61.24 -1.89
C ILE B 233 20.49 -62.48 -1.10
N SER B 234 19.59 -62.98 -0.28
CA SER B 234 19.94 -64.14 0.54
C SER B 234 19.81 -65.41 -0.27
N SER B 235 19.13 -65.32 -1.41
CA SER B 235 18.94 -66.49 -2.26
C SER B 235 19.72 -66.42 -3.56
N LYS B 236 19.97 -65.22 -4.07
CA LYS B 236 20.67 -65.09 -5.35
C LYS B 236 22.09 -64.60 -5.16
N MET B 237 22.29 -63.56 -4.38
CA MET B 237 23.64 -63.06 -4.12
C MET B 237 24.39 -64.10 -3.32
N PRO B 238 25.69 -64.26 -3.59
CA PRO B 238 26.47 -65.30 -2.91
C PRO B 238 26.77 -65.00 -1.45
N GLY B 239 27.48 -65.89 -0.78
CA GLY B 239 27.87 -65.64 0.59
C GLY B 239 28.91 -64.55 0.59
N GLY B 240 28.85 -63.63 1.55
CA GLY B 240 29.77 -62.53 1.58
C GLY B 240 29.24 -61.42 0.70
N PHE B 241 27.93 -61.36 0.56
CA PHE B 241 27.31 -60.33 -0.27
C PHE B 241 26.02 -59.88 0.39
N THR B 242 26.14 -59.03 1.39
CA THR B 242 24.96 -58.54 2.08
C THR B 242 24.45 -57.28 1.41
N ILE B 243 23.35 -56.73 1.93
CA ILE B 243 22.82 -55.50 1.38
C ILE B 243 23.86 -54.39 1.57
N THR B 244 24.51 -54.35 2.72
CA THR B 244 25.49 -53.31 3.01
C THR B 244 26.62 -53.29 1.99
N VAL B 245 27.17 -54.44 1.66
CA VAL B 245 28.33 -54.50 0.71
C VAL B 245 27.88 -54.03 -0.68
N ALA B 246 26.68 -54.43 -1.10
CA ALA B 246 26.03 -53.97 -2.36
C ALA B 246 25.71 -52.47 -2.29
N ARG B 247 25.32 -51.95 -1.12
CA ARG B 247 25.03 -50.51 -0.89
C ARG B 247 26.33 -49.68 -1.02
N LYS B 248 27.41 -50.10 -0.37
CA LYS B 248 28.76 -49.44 -0.41
C LYS B 248 29.33 -49.50 -1.84
N TYR B 249 29.16 -50.62 -2.54
CA TYR B 249 29.65 -50.85 -3.93
C TYR B 249 28.94 -49.91 -4.92
N LEU B 250 27.62 -49.76 -4.80
CA LEU B 250 26.79 -48.80 -5.59
C LEU B 250 27.21 -47.36 -5.25
N GLN B 251 27.56 -47.08 -3.98
CA GLN B 251 28.06 -45.75 -3.49
C GLN B 251 29.46 -45.47 -4.05
N THR B 252 30.34 -46.47 -4.04
CA THR B 252 31.78 -46.36 -4.44
C THR B 252 31.89 -46.25 -5.96
N ARG B 253 31.57 -47.34 -6.68
CA ARG B 253 31.88 -47.52 -8.13
C ARG B 253 31.04 -46.56 -8.98
N TRP B 254 29.72 -46.60 -8.84
CA TRP B 254 28.74 -45.84 -9.66
C TRP B 254 28.55 -44.42 -9.10
N GLY B 255 28.58 -44.26 -7.78
CA GLY B 255 28.41 -42.98 -7.08
C GLY B 255 26.95 -42.67 -6.84
N LEU B 256 26.18 -43.65 -6.34
CA LEU B 256 24.71 -43.57 -6.12
C LEU B 256 24.41 -43.50 -4.62
N PRO B 257 23.73 -42.42 -4.13
CA PRO B 257 23.23 -42.38 -2.75
C PRO B 257 22.01 -43.29 -2.48
N SER B 258 21.50 -43.27 -1.23
CA SER B 258 20.47 -44.22 -0.70
C SER B 258 19.17 -44.18 -1.51
N GLY B 259 18.74 -42.99 -1.97
CA GLY B 259 17.54 -42.83 -2.81
C GLY B 259 17.61 -43.61 -4.11
N ARG B 260 18.81 -43.72 -4.70
CA ARG B 260 19.08 -44.38 -6.02
C ARG B 260 19.46 -45.85 -5.80
N GLN B 261 20.22 -46.15 -4.74
CA GLN B 261 20.61 -47.54 -4.32
C GLN B 261 19.35 -48.41 -4.21
N ASP B 262 18.33 -47.91 -3.48
CA ASP B 262 16.99 -48.52 -3.36
C ASP B 262 16.42 -48.78 -4.76
N GLY B 263 16.39 -47.74 -5.59
CA GLY B 263 15.93 -47.78 -6.99
C GLY B 263 16.57 -48.93 -7.77
N VAL B 264 17.90 -49.06 -7.70
CA VAL B 264 18.68 -50.09 -8.45
C VAL B 264 18.36 -51.48 -7.87
N LEU B 265 18.34 -51.62 -6.55
CA LEU B 265 17.99 -52.88 -5.83
C LEU B 265 16.60 -53.35 -6.28
N LEU B 266 15.64 -52.44 -6.46
CA LEU B 266 14.25 -52.76 -6.91
C LEU B 266 14.29 -53.24 -8.37
N VAL B 267 15.07 -52.59 -9.24
CA VAL B 267 15.21 -52.96 -10.68
C VAL B 267 15.88 -54.35 -10.77
N ALA B 268 16.76 -54.68 -9.81
CA ALA B 268 17.38 -56.01 -9.65
C ALA B 268 16.30 -57.06 -9.32
N LEU B 269 15.43 -56.74 -8.37
CA LEU B 269 14.32 -57.62 -7.88
C LEU B 269 13.39 -58.01 -9.05
N SER B 270 13.02 -57.04 -9.89
CA SER B 270 12.06 -57.19 -11.03
C SER B 270 12.62 -58.18 -12.06
N ASN B 271 13.91 -58.07 -12.37
CA ASN B 271 14.68 -58.99 -13.26
C ASN B 271 15.58 -59.87 -12.39
N GLU B 272 14.97 -60.62 -11.46
CA GLU B 272 15.65 -61.63 -10.59
C GLU B 272 16.38 -62.62 -11.51
N PRO B 273 17.68 -62.90 -11.23
CA PRO B 273 18.30 -63.83 -12.18
C PRO B 273 17.86 -65.26 -11.97
N ALA B 274 17.14 -65.53 -10.88
CA ALA B 274 16.71 -66.88 -10.55
C ALA B 274 17.85 -67.87 -10.65
N ALA B 275 19.03 -67.48 -10.16
CA ALA B 275 20.21 -68.34 -10.24
C ALA B 275 21.21 -68.01 -9.15
N ARG B 276 21.88 -69.03 -8.64
CA ARG B 276 22.92 -68.81 -7.64
C ARG B 276 24.05 -68.01 -8.29
N LEU B 277 24.30 -66.81 -7.79
CA LEU B 277 25.37 -65.99 -8.36
C LEU B 277 26.67 -66.19 -7.60
N GLY B 278 27.07 -67.44 -7.41
CA GLY B 278 28.29 -67.75 -6.68
C GLY B 278 29.49 -66.84 -6.91
N SER B 279 29.87 -66.64 -8.15
CA SER B 279 30.99 -65.78 -8.46
C SER B 279 30.70 -64.34 -8.07
N GLU B 280 31.57 -63.74 -7.26
CA GLU B 280 31.37 -62.37 -6.82
C GLU B 280 31.34 -61.41 -8.00
N ALA B 281 32.35 -61.48 -8.85
CA ALA B 281 32.42 -60.60 -10.02
C ALA B 281 31.18 -60.75 -10.90
N ASP B 282 30.64 -61.96 -11.00
CA ASP B 282 29.39 -62.18 -11.77
C ASP B 282 28.27 -61.31 -11.17
N ALA B 283 28.18 -61.28 -9.84
CA ALA B 283 27.17 -60.49 -9.07
C ALA B 283 27.47 -58.99 -9.15
N LYS B 284 28.72 -58.57 -9.39
CA LYS B 284 29.09 -57.15 -9.61
C LYS B 284 28.69 -56.73 -11.03
N ALA B 285 28.80 -57.64 -12.01
CA ALA B 285 28.33 -57.45 -13.40
C ALA B 285 26.80 -57.38 -13.45
N PHE B 286 26.11 -58.09 -12.54
CA PHE B 286 24.63 -58.07 -12.36
C PHE B 286 24.20 -56.68 -11.88
N LEU B 287 24.78 -56.18 -10.77
CA LEU B 287 24.44 -54.85 -10.17
C LEU B 287 24.78 -53.72 -11.16
N ASP B 288 25.82 -53.91 -11.99
CA ASP B 288 26.25 -52.97 -13.06
C ASP B 288 25.17 -52.88 -14.15
N SER B 289 24.66 -54.04 -14.62
CA SER B 289 23.58 -54.13 -15.64
C SER B 289 22.31 -53.47 -15.12
N MET B 290 22.01 -53.62 -13.81
CA MET B 290 20.78 -53.08 -13.16
C MET B 290 20.90 -51.57 -12.90
N ALA B 291 22.10 -51.07 -12.56
CA ALA B 291 22.39 -49.63 -12.41
C ALA B 291 22.30 -48.93 -13.78
N GLN B 292 22.60 -49.65 -14.87
CA GLN B 292 22.47 -49.17 -16.27
C GLN B 292 21.01 -49.25 -16.74
N LYS B 293 20.23 -50.19 -16.19
CA LYS B 293 18.76 -50.29 -16.41
C LYS B 293 18.05 -49.15 -15.67
N TYR B 294 18.40 -48.92 -14.39
CA TYR B 294 17.84 -47.83 -13.54
C TYR B 294 18.08 -46.46 -14.18
N ALA B 295 19.32 -46.25 -14.68
CA ALA B 295 19.76 -45.05 -15.42
C ALA B 295 18.89 -44.85 -16.67
N SER B 296 18.62 -45.93 -17.42
CA SER B 296 17.83 -45.91 -18.69
C SER B 296 16.36 -45.56 -18.41
N ILE B 297 15.80 -46.03 -17.28
CA ILE B 297 14.38 -45.79 -16.86
C ILE B 297 14.25 -44.33 -16.37
N VAL B 298 14.95 -43.96 -15.31
CA VAL B 298 14.84 -42.63 -14.62
C VAL B 298 15.43 -41.53 -15.51
N GLY B 299 16.48 -41.84 -16.28
CA GLY B 299 17.12 -40.89 -17.22
C GLY B 299 18.18 -40.05 -16.54
N VAL B 300 19.11 -40.70 -15.81
CA VAL B 300 20.32 -40.08 -15.17
C VAL B 300 21.56 -40.75 -15.79
N ASP B 301 22.43 -39.96 -16.42
CA ASP B 301 23.65 -40.41 -17.15
C ASP B 301 24.68 -40.97 -16.14
N LEU B 302 25.43 -42.01 -16.54
CA LEU B 302 26.53 -42.64 -15.76
C LEU B 302 27.69 -42.99 -16.72
N SER C 5 18.89 -85.28 36.03
CA SER C 5 20.33 -85.18 35.62
C SER C 5 20.44 -85.12 34.09
N THR C 6 20.26 -83.91 33.51
CA THR C 6 20.17 -83.63 32.05
C THR C 6 21.30 -82.66 31.63
N ARG C 7 21.99 -82.96 30.52
CA ARG C 7 23.06 -82.13 29.91
C ARG C 7 22.45 -81.20 28.86
N PRO C 8 22.57 -79.86 29.00
CA PRO C 8 22.01 -78.93 28.00
C PRO C 8 22.69 -79.11 26.63
N LEU C 9 21.88 -79.22 25.57
CA LEU C 9 22.33 -79.24 24.15
C LEU C 9 21.69 -78.04 23.42
N THR C 10 22.53 -77.12 22.93
CA THR C 10 22.14 -75.93 22.15
C THR C 10 22.10 -76.32 20.66
N LEU C 11 20.96 -76.09 20.00
CA LEU C 11 20.85 -76.04 18.51
C LEU C 11 20.57 -74.60 18.10
N SER C 12 21.35 -74.09 17.14
CA SER C 12 21.37 -72.65 16.72
C SER C 12 21.48 -72.53 15.20
N HIS C 13 20.98 -71.41 14.69
CA HIS C 13 21.21 -70.91 13.31
C HIS C 13 21.57 -69.42 13.40
N GLY C 14 22.82 -69.07 13.10
CA GLY C 14 23.35 -67.69 13.24
C GLY C 14 23.20 -67.20 14.67
N SER C 15 22.53 -66.05 14.87
CA SER C 15 22.32 -65.39 16.19
C SER C 15 21.35 -66.19 17.06
N LEU C 16 20.18 -66.56 16.53
CA LEU C 16 19.08 -67.24 17.28
C LEU C 16 19.47 -68.69 17.59
N GLU C 17 19.00 -69.19 18.74
CA GLU C 17 19.40 -70.50 19.32
C GLU C 17 18.27 -71.04 20.21
N HIS C 18 18.36 -72.31 20.62
CA HIS C 18 17.43 -72.96 21.58
C HIS C 18 18.16 -74.06 22.37
N VAL C 19 18.18 -73.94 23.69
CA VAL C 19 18.84 -74.90 24.63
C VAL C 19 17.80 -75.91 25.12
N LEU C 20 18.03 -77.20 24.85
CA LEU C 20 17.17 -78.32 25.28
C LEU C 20 17.91 -79.19 26.30
N LEU C 21 17.24 -79.57 27.39
CA LEU C 21 17.80 -80.42 28.49
C LEU C 21 17.71 -81.91 28.08
N VAL C 22 18.65 -82.37 27.24
CA VAL C 22 18.72 -83.78 26.74
C VAL C 22 19.23 -84.66 27.89
N PRO C 23 18.47 -85.69 28.34
CA PRO C 23 18.98 -86.67 29.33
C PRO C 23 20.31 -87.33 28.91
N THR C 24 21.25 -87.44 29.86
CA THR C 24 22.63 -87.97 29.66
C THR C 24 22.59 -89.44 29.18
N ALA C 25 21.50 -90.16 29.48
CA ALA C 25 21.21 -91.53 28.99
C ALA C 25 21.12 -91.58 27.45
N SER C 26 20.71 -90.48 26.81
CA SER C 26 20.53 -90.35 25.34
C SER C 26 21.06 -89.00 24.83
N PHE C 27 22.24 -88.57 25.29
CA PHE C 27 22.90 -87.31 24.86
C PHE C 27 23.72 -87.55 23.58
N PHE C 28 24.53 -88.61 23.54
CA PHE C 28 25.44 -88.95 22.41
C PHE C 28 24.64 -89.41 21.17
N ILE C 29 23.38 -89.83 21.36
CA ILE C 29 22.40 -90.07 20.24
C ILE C 29 21.89 -88.72 19.72
N ALA C 30 21.70 -87.73 20.60
CA ALA C 30 21.19 -86.37 20.26
C ALA C 30 22.31 -85.48 19.70
N SER C 31 23.56 -85.65 20.17
CA SER C 31 24.72 -84.78 19.83
C SER C 31 25.24 -85.07 18.42
N GLN C 32 25.09 -86.30 17.93
CA GLN C 32 25.41 -86.69 16.52
C GLN C 32 24.37 -86.06 15.59
N LEU C 33 23.07 -86.10 15.95
CA LEU C 33 21.95 -85.49 15.19
C LEU C 33 22.15 -83.97 15.09
N GLN C 34 22.48 -83.31 16.21
CA GLN C 34 22.81 -81.86 16.30
C GLN C 34 23.78 -81.47 15.18
N GLU C 35 24.85 -82.25 14.97
CA GLU C 35 25.88 -82.00 13.93
C GLU C 35 25.28 -82.22 12.54
N GLN C 36 24.55 -83.32 12.34
CA GLN C 36 23.95 -83.72 11.02
C GLN C 36 22.86 -82.72 10.62
N PHE C 37 22.12 -82.17 11.60
CA PHE C 37 21.14 -81.08 11.39
C PHE C 37 21.89 -79.79 11.03
N ASN C 38 22.99 -79.47 11.74
CA ASN C 38 23.82 -78.26 11.50
C ASN C 38 24.47 -78.34 10.11
N LYS C 39 24.71 -79.56 9.59
CA LYS C 39 25.21 -79.79 8.20
C LYS C 39 24.12 -79.34 7.20
N ILE C 40 22.92 -79.93 7.25
CA ILE C 40 21.80 -79.72 6.27
C ILE C 40 21.30 -78.27 6.32
N LEU C 41 21.27 -77.68 7.52
CA LEU C 41 20.93 -76.26 7.77
C LEU C 41 21.93 -75.39 7.00
N PRO C 42 21.48 -74.44 6.14
CA PRO C 42 22.40 -73.65 5.30
C PRO C 42 23.19 -72.59 6.10
N GLU C 43 23.92 -71.71 5.39
CA GLU C 43 24.74 -70.64 5.99
C GLU C 43 23.84 -69.47 6.38
N PRO C 44 23.80 -69.05 7.68
CA PRO C 44 22.97 -67.92 8.10
C PRO C 44 23.24 -66.62 7.32
N THR C 45 22.18 -65.88 6.98
CA THR C 45 22.23 -64.54 6.33
C THR C 45 21.50 -63.53 7.23
N GLU C 46 21.75 -62.24 7.01
CA GLU C 46 21.11 -61.11 7.76
C GLU C 46 19.61 -61.10 7.44
N GLY C 47 18.78 -61.03 8.49
CA GLY C 47 17.30 -61.06 8.39
C GLY C 47 16.74 -62.48 8.36
N PHE C 48 17.56 -63.47 7.98
CA PHE C 48 17.21 -64.91 7.81
C PHE C 48 16.16 -65.07 6.70
N ALA C 49 16.17 -64.15 5.73
CA ALA C 49 15.09 -63.94 4.75
C ALA C 49 15.12 -65.01 3.64
N ALA C 50 16.16 -65.85 3.59
CA ALA C 50 16.28 -66.95 2.60
C ALA C 50 15.25 -68.04 2.91
N ASP C 51 14.80 -68.76 1.87
CA ASP C 51 13.95 -69.97 1.99
C ASP C 51 14.83 -71.14 2.43
N ASP C 52 14.25 -72.13 3.10
CA ASP C 52 14.95 -73.30 3.70
C ASP C 52 15.84 -72.81 4.86
N GLU C 53 15.45 -71.70 5.51
CA GLU C 53 16.26 -71.00 6.53
C GLU C 53 15.32 -70.41 7.59
N PRO C 54 15.42 -70.85 8.87
CA PRO C 54 14.53 -70.37 9.93
C PRO C 54 14.84 -68.94 10.38
N THR C 55 13.79 -68.12 10.55
CA THR C 55 13.86 -66.70 11.00
C THR C 55 13.66 -66.60 12.52
N THR C 56 12.95 -67.56 13.12
CA THR C 56 12.60 -67.58 14.56
C THR C 56 13.12 -68.88 15.19
N PRO C 57 13.42 -68.88 16.51
CA PRO C 57 13.70 -70.11 17.25
C PRO C 57 12.63 -71.20 17.07
N ALA C 58 11.35 -70.81 17.08
CA ALA C 58 10.17 -71.71 16.98
C ALA C 58 10.28 -72.60 15.73
N GLU C 59 10.54 -72.01 14.57
CA GLU C 59 10.60 -72.73 13.26
C GLU C 59 12.00 -73.31 13.02
N LEU C 60 12.96 -73.11 13.93
CA LEU C 60 14.25 -73.84 13.97
C LEU C 60 14.06 -75.15 14.74
N VAL C 61 13.39 -75.10 15.90
CA VAL C 61 13.02 -76.30 16.70
C VAL C 61 12.09 -77.17 15.83
N GLY C 62 11.18 -76.52 15.10
CA GLY C 62 10.31 -77.14 14.09
C GLY C 62 11.10 -77.95 13.08
N LYS C 63 12.10 -77.32 12.42
CA LYS C 63 12.96 -77.97 11.40
C LYS C 63 13.64 -79.22 12.00
N PHE C 64 14.11 -79.11 13.25
CA PHE C 64 14.78 -80.21 14.00
C PHE C 64 13.79 -81.36 14.20
N LEU C 65 12.55 -81.06 14.61
CA LEU C 65 11.46 -82.06 14.82
C LEU C 65 11.12 -82.78 13.52
N GLY C 66 11.12 -82.03 12.40
CA GLY C 66 10.90 -82.55 11.03
C GLY C 66 12.03 -83.46 10.59
N TYR C 67 13.28 -83.06 10.87
CA TYR C 67 14.51 -83.82 10.51
C TYR C 67 14.56 -85.13 11.30
N VAL C 68 14.33 -85.08 12.62
CA VAL C 68 14.39 -86.26 13.53
C VAL C 68 13.30 -87.25 13.08
N SER C 69 12.05 -86.78 12.94
CA SER C 69 10.86 -87.58 12.55
C SER C 69 11.09 -88.33 11.23
N SER C 70 11.86 -87.72 10.30
CA SER C 70 12.26 -88.31 9.00
C SER C 70 13.05 -89.60 9.23
N LEU C 71 13.98 -89.59 10.20
CA LEU C 71 14.89 -90.72 10.54
C LEU C 71 14.14 -91.77 11.37
N VAL C 72 13.22 -91.33 12.24
CA VAL C 72 12.36 -92.22 13.08
C VAL C 72 11.45 -93.02 12.15
N GLU C 73 11.43 -94.35 12.31
CA GLU C 73 10.49 -95.29 11.65
C GLU C 73 9.33 -95.52 12.61
N PRO C 74 8.05 -95.29 12.20
CA PRO C 74 6.91 -95.32 13.13
C PRO C 74 6.64 -96.69 13.79
N SER C 75 6.84 -97.79 13.06
CA SER C 75 6.60 -99.19 13.52
C SER C 75 7.69 -99.60 14.53
N LYS C 76 8.96 -99.66 14.09
CA LYS C 76 10.12 -100.09 14.92
C LYS C 76 10.63 -98.90 15.73
N VAL C 77 10.42 -98.91 17.06
CA VAL C 77 10.81 -97.80 17.98
C VAL C 77 12.33 -97.87 18.19
N GLY C 78 13.08 -97.14 17.37
CA GLY C 78 14.56 -97.06 17.42
C GLY C 78 15.05 -96.09 18.51
N GLN C 79 16.23 -95.53 18.32
CA GLN C 79 16.95 -94.71 19.34
C GLN C 79 16.40 -93.28 19.35
N PHE C 80 16.11 -92.73 18.16
CA PHE C 80 15.78 -91.30 17.97
C PHE C 80 14.36 -90.99 18.50
N ASP C 81 13.50 -92.02 18.65
CA ASP C 81 12.11 -91.89 19.17
C ASP C 81 12.09 -91.22 20.55
N GLN C 82 13.02 -91.60 21.43
CA GLN C 82 13.07 -91.15 22.85
C GLN C 82 13.42 -89.65 22.92
N VAL C 83 14.27 -89.16 22.01
CA VAL C 83 14.71 -87.72 21.95
C VAL C 83 13.68 -86.89 21.17
N LEU C 84 12.93 -87.51 20.25
CA LEU C 84 11.81 -86.86 19.51
C LEU C 84 10.73 -86.43 20.51
N ASN C 85 10.27 -87.35 21.38
CA ASN C 85 9.20 -87.12 22.39
C ASN C 85 9.59 -86.05 23.41
N LEU C 86 10.89 -85.89 23.68
CA LEU C 86 11.45 -84.87 24.59
C LEU C 86 11.56 -83.52 23.87
N CYS C 87 12.02 -83.52 22.61
CA CYS C 87 12.19 -82.31 21.77
C CYS C 87 10.81 -81.75 21.38
N LEU C 88 9.82 -82.62 21.25
CA LEU C 88 8.41 -82.24 20.94
C LEU C 88 7.76 -81.59 22.17
N THR C 89 7.91 -82.21 23.35
CA THR C 89 7.39 -81.72 24.65
C THR C 89 8.05 -80.39 25.03
N GLU C 90 9.32 -80.17 24.66
CA GLU C 90 10.03 -78.88 24.85
C GLU C 90 9.41 -77.82 23.92
N PHE C 91 9.11 -78.19 22.66
CA PHE C 91 8.49 -77.30 21.64
C PHE C 91 7.08 -76.90 22.08
N GLU C 92 6.29 -77.85 22.61
CA GLU C 92 4.91 -77.59 23.13
C GLU C 92 4.97 -76.61 24.30
N ASN C 93 5.75 -76.90 25.33
CA ASN C 93 5.77 -76.13 26.61
C ASN C 93 6.25 -74.69 26.35
N CYS C 94 7.38 -74.53 25.65
CA CYS C 94 8.07 -73.23 25.44
C CYS C 94 7.28 -72.32 24.47
N TYR C 95 6.70 -72.87 23.39
CA TYR C 95 6.19 -72.09 22.23
C TYR C 95 4.66 -72.20 22.10
N LEU C 96 4.05 -73.38 22.28
CA LEU C 96 2.56 -73.57 22.23
C LEU C 96 1.96 -73.32 23.62
N GLU C 97 1.63 -72.07 23.94
CA GLU C 97 1.12 -71.68 25.29
C GLU C 97 -0.36 -72.08 25.41
N GLY C 98 -0.68 -73.37 25.20
CA GLY C 98 -2.06 -73.92 25.21
C GLY C 98 -2.66 -74.02 23.82
N ASN C 99 -2.44 -72.99 22.97
CA ASN C 99 -2.95 -72.86 21.58
C ASN C 99 -2.59 -74.09 20.73
N ASP C 100 -3.21 -74.21 19.54
CA ASP C 100 -2.85 -75.20 18.48
C ASP C 100 -1.70 -74.63 17.63
N ILE C 101 -1.09 -75.48 16.81
CA ILE C 101 0.07 -75.11 15.94
C ILE C 101 -0.32 -74.00 14.96
N HIS C 102 -1.56 -74.04 14.45
CA HIS C 102 -2.14 -73.09 13.46
C HIS C 102 -2.29 -71.69 14.05
N ALA C 103 -2.68 -71.61 15.33
CA ALA C 103 -2.70 -70.35 16.10
C ALA C 103 -1.28 -69.79 16.24
N LEU C 104 -0.26 -70.64 16.48
CA LEU C 104 1.17 -70.22 16.59
C LEU C 104 1.63 -69.70 15.24
N ALA C 105 1.43 -70.50 14.18
CA ALA C 105 1.82 -70.17 12.80
C ALA C 105 1.26 -68.80 12.40
N ALA C 106 0.00 -68.50 12.77
CA ALA C 106 -0.64 -67.17 12.55
C ALA C 106 0.15 -66.07 13.25
N LYS C 107 0.47 -66.26 14.54
CA LYS C 107 1.14 -65.26 15.43
C LYS C 107 2.53 -64.90 14.89
N LEU C 108 3.24 -65.87 14.30
CA LEU C 108 4.57 -65.63 13.66
C LEU C 108 4.42 -64.73 12.43
N LEU C 109 3.34 -64.89 11.65
CA LEU C 109 3.14 -64.17 10.35
C LEU C 109 2.96 -62.66 10.57
N GLN C 110 2.29 -62.26 11.65
CA GLN C 110 1.86 -60.85 11.89
C GLN C 110 2.89 -60.08 12.72
N GLU C 111 3.87 -60.75 13.34
CA GLU C 111 4.90 -60.15 14.25
C GLU C 111 6.30 -60.23 13.61
N ASN C 112 6.69 -61.42 13.15
CA ASN C 112 8.05 -61.73 12.64
C ASN C 112 8.11 -61.55 11.12
N ASP C 113 9.28 -61.81 10.52
CA ASP C 113 9.53 -61.73 9.05
C ASP C 113 9.63 -63.15 8.50
N THR C 114 8.57 -63.93 8.73
CA THR C 114 8.35 -65.31 8.20
C THR C 114 7.46 -65.16 6.95
N THR C 115 7.29 -66.26 6.20
CA THR C 115 6.46 -66.34 4.98
C THR C 115 5.40 -67.44 5.15
N LEU C 116 4.47 -67.55 4.21
CA LEU C 116 3.37 -68.56 4.25
C LEU C 116 3.94 -69.97 4.04
N VAL C 117 4.90 -70.11 3.11
CA VAL C 117 5.57 -71.41 2.79
C VAL C 117 6.38 -71.88 4.01
N LYS C 118 6.95 -70.95 4.78
CA LYS C 118 7.83 -71.27 5.94
C LYS C 118 6.98 -71.75 7.13
N THR C 119 5.82 -71.13 7.34
CA THR C 119 4.86 -71.49 8.41
C THR C 119 4.14 -72.79 8.05
N LYS C 120 4.02 -73.14 6.77
CA LYS C 120 3.47 -74.44 6.30
C LYS C 120 4.51 -75.55 6.47
N GLU C 121 5.81 -75.21 6.44
CA GLU C 121 6.92 -76.13 6.84
C GLU C 121 6.79 -76.40 8.34
N LEU C 122 6.73 -75.35 9.15
CA LEU C 122 6.60 -75.43 10.64
C LEU C 122 5.48 -76.40 11.01
N ILE C 123 4.28 -76.18 10.47
CA ILE C 123 3.05 -76.97 10.77
C ILE C 123 3.30 -78.43 10.35
N LYS C 124 3.76 -78.65 9.12
CA LYS C 124 4.04 -80.02 8.60
C LYS C 124 4.94 -80.73 9.61
N ASN C 125 6.08 -80.10 9.94
CA ASN C 125 7.14 -80.64 10.83
C ASN C 125 6.54 -81.01 12.20
N TYR C 126 5.76 -80.10 12.80
CA TYR C 126 5.10 -80.32 14.12
C TYR C 126 4.16 -81.52 14.04
N ILE C 127 3.32 -81.59 12.99
CA ILE C 127 2.25 -82.61 12.84
C ILE C 127 2.91 -83.95 12.50
N THR C 128 3.94 -83.94 11.65
CA THR C 128 4.70 -85.16 11.27
C THR C 128 5.28 -85.76 12.55
N ALA C 129 6.02 -84.96 13.32
CA ALA C 129 6.61 -85.34 14.63
C ALA C 129 5.52 -86.01 15.49
N ARG C 130 4.42 -85.28 15.74
CA ARG C 130 3.29 -85.68 16.64
C ARG C 130 2.77 -87.08 16.30
N ILE C 131 2.80 -87.49 15.03
CA ILE C 131 2.26 -88.81 14.56
C ILE C 131 3.38 -89.87 14.62
N MET C 132 4.64 -89.48 14.37
CA MET C 132 5.84 -90.37 14.43
C MET C 132 6.23 -90.66 15.89
N ALA C 133 5.75 -89.87 16.85
CA ALA C 133 5.96 -90.03 18.31
C ALA C 133 4.83 -90.84 18.96
N LYS C 134 3.93 -91.44 18.17
CA LYS C 134 2.73 -92.18 18.64
C LYS C 134 1.94 -91.28 19.62
N ARG C 135 1.60 -90.07 19.17
CA ARG C 135 0.84 -89.05 19.94
C ARG C 135 -0.29 -88.52 19.05
N PRO C 136 -1.36 -89.32 18.82
CA PRO C 136 -2.49 -88.88 18.00
C PRO C 136 -3.31 -87.83 18.76
N PHE C 137 -4.17 -87.09 18.03
CA PHE C 137 -4.99 -85.98 18.57
C PHE C 137 -6.28 -86.55 19.15
N ASP C 138 -6.15 -87.32 20.23
CA ASP C 138 -7.27 -88.04 20.92
C ASP C 138 -8.04 -87.05 21.80
N LYS C 139 -7.36 -86.03 22.34
CA LYS C 139 -7.93 -85.03 23.28
C LYS C 139 -8.75 -84.01 22.48
N LYS C 140 -9.99 -83.75 22.91
CA LYS C 140 -10.88 -82.69 22.37
C LYS C 140 -10.27 -81.32 22.69
N SER C 141 -9.96 -80.53 21.66
CA SER C 141 -9.36 -79.17 21.81
C SER C 141 -10.39 -78.25 22.48
N ASN C 142 -9.90 -77.23 23.19
CA ASN C 142 -10.72 -76.15 23.80
C ASN C 142 -10.77 -74.98 22.81
N SER C 143 -11.11 -75.23 21.54
CA SER C 143 -11.20 -74.19 20.49
C SER C 143 -12.39 -73.27 20.83
N ALA C 144 -12.13 -71.97 20.91
CA ALA C 144 -13.10 -70.97 21.39
C ALA C 144 -14.41 -71.11 20.62
N LEU C 145 -14.31 -71.25 19.30
CA LEU C 145 -15.47 -71.38 18.38
C LEU C 145 -16.37 -72.51 18.87
N PHE C 146 -15.89 -73.75 18.90
CA PHE C 146 -16.74 -74.94 19.17
C PHE C 146 -17.20 -74.98 20.63
N ARG C 147 -16.41 -74.42 21.56
CA ARG C 147 -16.84 -74.17 22.96
C ARG C 147 -18.11 -73.31 22.92
N ALA C 148 -18.09 -72.21 22.15
CA ALA C 148 -19.20 -71.23 21.97
C ALA C 148 -20.43 -71.89 21.33
N VAL C 149 -20.22 -72.89 20.46
CA VAL C 149 -21.34 -73.61 19.78
C VAL C 149 -22.03 -74.53 20.79
N GLY C 150 -21.25 -75.21 21.63
CA GLY C 150 -21.74 -76.00 22.78
C GLY C 150 -22.59 -75.15 23.72
N GLU C 151 -22.09 -73.98 24.11
CA GLU C 151 -22.79 -72.98 24.97
C GLU C 151 -24.08 -72.52 24.27
N GLY C 152 -24.01 -72.24 22.96
CA GLY C 152 -25.15 -71.79 22.12
C GLY C 152 -25.10 -70.31 21.77
N ASN C 153 -23.91 -69.70 21.76
CA ASN C 153 -23.64 -68.32 21.30
C ASN C 153 -23.43 -68.30 19.78
N ALA C 154 -23.00 -69.43 19.18
CA ALA C 154 -22.55 -69.53 17.77
C ALA C 154 -23.27 -70.67 17.05
N GLN C 155 -23.84 -70.38 15.88
CA GLN C 155 -24.40 -71.38 14.93
C GLN C 155 -23.42 -71.48 13.76
N LEU C 156 -23.14 -72.71 13.36
CA LEU C 156 -22.09 -73.04 12.35
C LEU C 156 -22.76 -73.70 11.15
N VAL C 157 -22.48 -73.21 9.95
CA VAL C 157 -22.92 -73.87 8.69
C VAL C 157 -21.67 -74.13 7.84
N ALA C 158 -21.52 -75.36 7.33
CA ALA C 158 -20.39 -75.76 6.48
C ALA C 158 -20.81 -75.66 5.01
N ILE C 159 -20.10 -74.83 4.23
CA ILE C 159 -20.36 -74.69 2.77
C ILE C 159 -19.21 -75.34 2.00
N PHE C 160 -19.53 -75.93 0.85
CA PHE C 160 -18.53 -76.56 -0.06
C PHE C 160 -18.68 -75.96 -1.45
N GLY C 161 -17.63 -75.27 -1.90
CA GLY C 161 -17.50 -74.75 -3.27
C GLY C 161 -17.31 -75.87 -4.27
N GLY C 162 -17.40 -75.53 -5.55
CA GLY C 162 -17.22 -76.48 -6.67
C GLY C 162 -16.10 -76.03 -7.58
N GLN C 163 -16.38 -76.04 -8.89
CA GLN C 163 -15.39 -75.74 -9.95
C GLN C 163 -15.27 -74.22 -10.09
N GLY C 164 -14.41 -73.76 -10.99
CA GLY C 164 -14.40 -72.37 -11.47
C GLY C 164 -13.69 -71.42 -10.52
N ASN C 165 -13.33 -71.84 -9.31
CA ASN C 165 -12.80 -70.93 -8.26
C ASN C 165 -11.31 -70.66 -8.55
N THR C 166 -10.57 -71.66 -9.04
CA THR C 166 -9.10 -71.57 -9.31
C THR C 166 -8.77 -72.32 -10.61
N ASP C 167 -7.70 -71.89 -11.29
CA ASP C 167 -7.17 -72.60 -12.48
C ASP C 167 -6.61 -73.96 -12.00
N ASP C 168 -5.62 -73.91 -11.10
CA ASP C 168 -4.86 -75.09 -10.60
C ASP C 168 -5.40 -75.47 -9.22
N TYR C 169 -6.54 -76.17 -9.20
CA TYR C 169 -7.15 -76.78 -7.99
C TYR C 169 -6.23 -77.87 -7.43
N PHE C 170 -5.45 -78.54 -8.27
CA PHE C 170 -4.61 -79.69 -7.86
C PHE C 170 -3.47 -79.23 -6.94
N GLU C 171 -2.98 -78.00 -7.10
CA GLU C 171 -1.92 -77.42 -6.24
C GLU C 171 -2.39 -77.32 -4.78
N GLU C 172 -3.69 -77.17 -4.55
CA GLU C 172 -4.30 -77.15 -3.20
C GLU C 172 -4.26 -78.55 -2.60
N LEU C 173 -4.53 -79.59 -3.42
CA LEU C 173 -4.47 -81.03 -3.00
C LEU C 173 -3.02 -81.44 -2.74
N ARG C 174 -2.09 -80.98 -3.57
CA ARG C 174 -0.63 -81.21 -3.39
C ARG C 174 -0.19 -80.60 -2.05
N ASP C 175 -0.61 -79.36 -1.76
CA ASP C 175 -0.29 -78.59 -0.53
C ASP C 175 -0.89 -79.30 0.71
N LEU C 176 -2.05 -79.97 0.60
CA LEU C 176 -2.64 -80.75 1.73
C LEU C 176 -1.74 -81.95 2.00
N TYR C 177 -1.51 -82.78 1.00
CA TYR C 177 -0.64 -83.98 1.08
C TYR C 177 0.80 -83.56 1.39
N GLN C 178 1.23 -82.35 1.00
CA GLN C 178 2.58 -81.83 1.32
C GLN C 178 2.69 -81.57 2.82
N THR C 179 1.61 -81.10 3.46
CA THR C 179 1.59 -80.64 4.88
C THR C 179 1.03 -81.76 5.78
N TYR C 180 -0.19 -82.24 5.55
CA TYR C 180 -0.93 -83.15 6.46
C TYR C 180 -0.91 -84.60 5.97
N HIS C 181 0.16 -85.10 5.32
CA HIS C 181 0.18 -86.47 4.72
C HIS C 181 0.03 -87.56 5.80
N VAL C 182 0.34 -87.22 7.06
CA VAL C 182 0.26 -88.13 8.24
C VAL C 182 -1.18 -88.22 8.78
N LEU C 183 -2.11 -87.37 8.31
CA LEU C 183 -3.56 -87.39 8.67
C LEU C 183 -4.36 -87.98 7.51
N VAL C 184 -4.36 -87.27 6.37
CA VAL C 184 -5.27 -87.52 5.21
C VAL C 184 -4.69 -88.61 4.31
N GLY C 185 -3.41 -88.98 4.51
CA GLY C 185 -2.72 -90.05 3.75
C GLY C 185 -3.58 -91.27 3.51
N ASP C 186 -4.41 -91.65 4.50
CA ASP C 186 -5.32 -92.82 4.45
C ASP C 186 -6.58 -92.50 3.62
N LEU C 187 -7.10 -91.26 3.70
CA LEU C 187 -8.24 -90.78 2.85
C LEU C 187 -7.84 -90.86 1.37
N ILE C 188 -6.74 -90.20 1.00
CA ILE C 188 -6.25 -90.12 -0.41
C ILE C 188 -6.00 -91.55 -0.92
N LYS C 189 -5.37 -92.41 -0.11
CA LYS C 189 -5.03 -93.81 -0.48
C LYS C 189 -6.32 -94.60 -0.73
N PHE C 190 -7.36 -94.38 0.08
CA PHE C 190 -8.69 -95.02 -0.09
C PHE C 190 -9.39 -94.48 -1.34
N SER C 191 -9.43 -93.16 -1.51
CA SER C 191 -10.16 -92.50 -2.62
C SER C 191 -9.54 -92.95 -3.95
N ALA C 192 -8.21 -92.99 -4.06
CA ALA C 192 -7.46 -93.43 -5.26
C ALA C 192 -7.88 -94.85 -5.64
N GLU C 193 -7.80 -95.81 -4.71
CA GLU C 193 -8.11 -97.25 -4.96
C GLU C 193 -9.61 -97.42 -5.26
N THR C 194 -10.49 -96.61 -4.64
CA THR C 194 -11.94 -96.57 -4.94
C THR C 194 -12.15 -96.19 -6.41
N LEU C 195 -11.53 -95.08 -6.85
CA LEU C 195 -11.59 -94.55 -8.23
C LEU C 195 -11.00 -95.59 -9.20
N SER C 196 -9.77 -96.05 -8.96
CA SER C 196 -9.07 -97.10 -9.75
C SER C 196 -9.94 -98.37 -9.89
N GLU C 197 -10.77 -98.68 -8.89
CA GLU C 197 -11.76 -99.79 -8.95
C GLU C 197 -12.91 -99.38 -9.89
N LEU C 198 -13.43 -98.17 -9.73
CA LEU C 198 -14.60 -97.64 -10.49
C LEU C 198 -14.29 -97.55 -11.99
N ILE C 199 -13.06 -97.18 -12.35
CA ILE C 199 -12.58 -97.13 -13.77
C ILE C 199 -12.63 -98.53 -14.38
N ARG C 200 -12.11 -99.55 -13.69
CA ARG C 200 -12.07 -100.95 -14.18
C ARG C 200 -13.49 -101.52 -14.27
N THR C 201 -14.35 -101.27 -13.27
CA THR C 201 -15.74 -101.79 -13.18
C THR C 201 -16.60 -101.17 -14.28
N THR C 202 -16.77 -99.85 -14.25
CA THR C 202 -17.63 -99.07 -15.19
C THR C 202 -17.24 -99.39 -16.63
N LEU C 203 -18.23 -99.54 -17.51
CA LEU C 203 -18.04 -99.89 -18.95
C LEU C 203 -17.53 -98.65 -19.70
N ASP C 204 -16.50 -98.82 -20.55
CA ASP C 204 -15.99 -97.79 -21.49
C ASP C 204 -15.47 -96.57 -20.71
N ALA C 205 -14.97 -96.78 -19.48
CA ALA C 205 -14.47 -95.71 -18.59
C ALA C 205 -12.98 -95.49 -18.82
N GLU C 206 -12.21 -96.56 -19.10
CA GLU C 206 -10.75 -96.50 -19.33
C GLU C 206 -10.44 -95.69 -20.61
N LYS C 207 -11.39 -95.58 -21.55
CA LYS C 207 -11.25 -94.78 -22.80
C LYS C 207 -11.25 -93.27 -22.49
N VAL C 208 -11.97 -92.84 -21.46
CA VAL C 208 -11.98 -91.43 -20.97
C VAL C 208 -10.71 -91.18 -20.15
N PHE C 209 -10.41 -92.07 -19.19
CA PHE C 209 -9.23 -92.00 -18.30
C PHE C 209 -8.05 -92.70 -18.98
N THR C 210 -7.50 -92.04 -20.00
CA THR C 210 -6.40 -92.53 -20.86
C THR C 210 -5.12 -92.70 -20.03
N GLN C 211 -4.85 -91.73 -19.14
CA GLN C 211 -3.65 -91.68 -18.25
C GLN C 211 -4.06 -92.05 -16.82
N GLY C 212 -5.15 -92.82 -16.67
CA GLY C 212 -5.62 -93.36 -15.38
C GLY C 212 -6.04 -92.29 -14.40
N LEU C 213 -6.14 -92.66 -13.13
CA LEU C 213 -6.56 -91.79 -12.01
C LEU C 213 -5.99 -92.34 -10.70
N ASN C 214 -4.73 -92.77 -10.70
CA ASN C 214 -3.98 -93.08 -9.45
C ASN C 214 -3.33 -91.78 -8.99
N ILE C 215 -3.97 -91.09 -8.04
CA ILE C 215 -3.59 -89.71 -7.61
C ILE C 215 -2.45 -89.80 -6.59
N LEU C 216 -2.27 -90.97 -5.96
CA LEU C 216 -1.10 -91.27 -5.08
C LEU C 216 0.20 -91.08 -5.86
N GLU C 217 0.29 -91.68 -7.05
CA GLU C 217 1.49 -91.56 -7.92
C GLU C 217 1.75 -90.08 -8.22
N TRP C 218 0.69 -89.32 -8.52
CA TRP C 218 0.79 -87.88 -8.94
C TRP C 218 1.23 -87.01 -7.77
N LEU C 219 0.97 -87.43 -6.53
CA LEU C 219 1.28 -86.66 -5.29
C LEU C 219 2.68 -87.02 -4.77
N GLU C 220 3.08 -88.29 -4.86
CA GLU C 220 4.48 -88.76 -4.59
C GLU C 220 5.42 -88.05 -5.56
N ASN C 221 5.33 -88.39 -6.85
CA ASN C 221 6.27 -87.97 -7.93
C ASN C 221 5.56 -86.93 -8.81
N PRO C 222 5.83 -85.62 -8.65
CA PRO C 222 5.21 -84.59 -9.51
C PRO C 222 5.47 -84.67 -11.03
N SER C 223 6.49 -85.41 -11.47
CA SER C 223 6.85 -85.63 -12.90
C SER C 223 5.82 -86.57 -13.58
N ASN C 224 5.34 -87.60 -12.88
CA ASN C 224 4.32 -88.57 -13.36
C ASN C 224 2.90 -87.96 -13.36
N THR C 225 2.67 -86.85 -12.65
CA THR C 225 1.42 -86.07 -12.74
C THR C 225 1.13 -85.78 -14.21
N PRO C 226 -0.07 -86.09 -14.74
CA PRO C 226 -0.43 -85.66 -16.09
C PRO C 226 -0.41 -84.12 -16.25
N ASP C 227 -0.57 -83.66 -17.48
CA ASP C 227 -0.60 -82.21 -17.83
C ASP C 227 -1.81 -81.54 -17.16
N LYS C 228 -1.88 -80.20 -17.21
CA LYS C 228 -2.95 -79.39 -16.58
C LYS C 228 -4.27 -79.51 -17.33
N ASP C 229 -4.24 -79.85 -18.64
CA ASP C 229 -5.45 -80.00 -19.49
C ASP C 229 -6.21 -81.27 -19.07
N TYR C 230 -5.51 -82.36 -18.76
CA TYR C 230 -6.10 -83.63 -18.27
C TYR C 230 -6.75 -83.39 -16.90
N LEU C 231 -6.04 -82.71 -15.99
CA LEU C 231 -6.50 -82.42 -14.60
C LEU C 231 -7.76 -81.56 -14.63
N LEU C 232 -7.77 -80.46 -15.39
CA LEU C 232 -8.93 -79.53 -15.44
C LEU C 232 -10.18 -80.25 -15.99
N SER C 233 -10.05 -81.22 -16.89
CA SER C 233 -11.19 -82.00 -17.47
C SER C 233 -12.09 -82.53 -16.35
N ILE C 234 -13.40 -82.52 -16.52
CA ILE C 234 -14.36 -82.74 -15.40
C ILE C 234 -14.33 -84.18 -14.89
N PRO C 235 -13.98 -85.22 -15.69
CA PRO C 235 -13.83 -86.57 -15.14
C PRO C 235 -12.76 -86.72 -14.04
N ILE C 236 -11.75 -85.83 -14.04
CA ILE C 236 -10.67 -85.78 -13.03
C ILE C 236 -11.01 -84.73 -11.98
N SER C 237 -11.35 -83.52 -12.42
CA SER C 237 -11.59 -82.34 -11.56
C SER C 237 -12.75 -82.62 -10.58
N CYS C 238 -13.84 -83.25 -11.04
CA CYS C 238 -15.04 -83.51 -10.21
C CYS C 238 -14.66 -84.29 -8.96
N PRO C 239 -14.24 -85.57 -9.06
CA PRO C 239 -13.91 -86.37 -7.89
C PRO C 239 -12.83 -85.71 -7.02
N LEU C 240 -11.75 -85.20 -7.61
CA LEU C 240 -10.58 -84.66 -6.84
C LEU C 240 -10.94 -83.36 -6.13
N ILE C 241 -11.96 -82.63 -6.58
CA ILE C 241 -12.46 -81.43 -5.83
C ILE C 241 -13.31 -81.95 -4.68
N GLY C 242 -14.01 -83.07 -4.87
CA GLY C 242 -14.60 -83.84 -3.76
C GLY C 242 -13.56 -84.15 -2.70
N VAL C 243 -12.48 -84.83 -3.11
CA VAL C 243 -11.37 -85.33 -2.25
C VAL C 243 -10.79 -84.15 -1.45
N ILE C 244 -10.51 -83.00 -2.09
CA ILE C 244 -9.89 -81.80 -1.46
C ILE C 244 -10.81 -81.29 -0.33
N GLN C 245 -12.12 -81.30 -0.56
CA GLN C 245 -13.13 -80.82 0.41
C GLN C 245 -13.15 -81.76 1.61
N LEU C 246 -13.23 -83.06 1.35
CA LEU C 246 -13.23 -84.09 2.41
C LEU C 246 -11.89 -84.06 3.16
N ALA C 247 -10.79 -83.77 2.47
CA ALA C 247 -9.45 -83.69 3.07
C ALA C 247 -9.41 -82.54 4.09
N HIS C 248 -9.90 -81.36 3.73
CA HIS C 248 -10.00 -80.19 4.64
C HIS C 248 -10.92 -80.51 5.81
N TYR C 249 -11.96 -81.32 5.59
CA TYR C 249 -12.97 -81.71 6.62
C TYR C 249 -12.39 -82.76 7.58
N VAL C 250 -11.60 -83.69 7.06
CA VAL C 250 -10.78 -84.64 7.87
C VAL C 250 -9.83 -83.80 8.73
N VAL C 251 -8.81 -83.18 8.15
CA VAL C 251 -7.81 -82.35 8.89
C VAL C 251 -8.52 -81.58 10.00
N THR C 252 -9.59 -80.85 9.70
CA THR C 252 -10.31 -80.03 10.70
C THR C 252 -10.86 -80.95 11.81
N ALA C 253 -11.36 -82.14 11.47
CA ALA C 253 -11.91 -83.12 12.45
C ALA C 253 -10.80 -83.69 13.35
N LYS C 254 -9.62 -83.97 12.79
CA LYS C 254 -8.49 -84.58 13.54
C LYS C 254 -7.84 -83.52 14.44
N LEU C 255 -7.41 -82.38 13.91
CA LEU C 255 -6.73 -81.32 14.71
C LEU C 255 -7.60 -80.86 15.89
N LEU C 256 -8.93 -80.99 15.81
CA LEU C 256 -9.88 -80.67 16.91
C LEU C 256 -10.12 -81.91 17.78
N GLY C 257 -9.63 -83.06 17.33
CA GLY C 257 -9.75 -84.35 18.04
C GLY C 257 -11.19 -84.80 18.13
N PHE C 258 -11.99 -84.47 17.13
CA PHE C 258 -13.40 -84.92 17.02
C PHE C 258 -13.43 -86.13 16.08
N THR C 259 -14.47 -86.95 16.22
CA THR C 259 -14.91 -87.90 15.17
C THR C 259 -15.62 -87.06 14.11
N PRO C 260 -15.79 -87.55 12.87
CA PRO C 260 -16.60 -86.83 11.88
C PRO C 260 -18.01 -86.49 12.40
N GLY C 261 -18.70 -87.47 13.00
CA GLY C 261 -20.07 -87.30 13.54
C GLY C 261 -20.12 -86.27 14.65
N GLU C 262 -19.04 -86.12 15.42
CA GLU C 262 -18.92 -85.11 16.51
C GLU C 262 -18.85 -83.72 15.87
N LEU C 263 -17.97 -83.53 14.87
CA LEU C 263 -17.77 -82.23 14.17
C LEU C 263 -19.02 -81.87 13.36
N ARG C 264 -19.73 -82.88 12.84
CA ARG C 264 -21.00 -82.68 12.10
C ARG C 264 -22.10 -82.25 13.07
N SER C 265 -22.16 -82.82 14.28
CA SER C 265 -23.22 -82.54 15.27
C SER C 265 -23.16 -81.07 15.72
N TYR C 266 -21.99 -80.44 15.64
CA TYR C 266 -21.77 -79.01 15.97
C TYR C 266 -22.33 -78.11 14.84
N LEU C 267 -22.41 -78.60 13.61
CA LEU C 267 -22.94 -77.83 12.47
C LEU C 267 -24.46 -77.78 12.57
N LYS C 268 -25.04 -76.57 12.50
CA LYS C 268 -26.50 -76.33 12.45
C LYS C 268 -27.00 -76.83 11.09
N GLY C 269 -26.24 -76.60 10.03
CA GLY C 269 -26.56 -77.10 8.69
C GLY C 269 -25.34 -77.11 7.77
N ALA C 270 -25.46 -77.77 6.62
CA ALA C 270 -24.46 -77.74 5.53
C ALA C 270 -25.17 -77.45 4.20
N THR C 271 -24.42 -76.97 3.23
CA THR C 271 -24.85 -76.80 1.83
C THR C 271 -23.62 -76.71 0.95
N GLY C 272 -23.84 -76.66 -0.35
CA GLY C 272 -22.75 -76.74 -1.32
C GLY C 272 -23.12 -76.01 -2.58
N HIS C 273 -22.24 -75.12 -3.02
CA HIS C 273 -22.30 -74.45 -4.33
C HIS C 273 -21.98 -75.49 -5.40
N SER C 274 -22.90 -75.73 -6.31
CA SER C 274 -22.71 -76.59 -7.50
C SER C 274 -22.44 -78.04 -7.07
N GLN C 275 -21.28 -78.60 -7.41
CA GLN C 275 -20.94 -80.02 -7.20
C GLN C 275 -20.47 -80.24 -5.77
N GLY C 276 -20.21 -79.15 -5.03
CA GLY C 276 -19.98 -79.18 -3.58
C GLY C 276 -21.18 -79.71 -2.82
N LEU C 277 -22.38 -79.61 -3.40
CA LEU C 277 -23.65 -80.08 -2.79
C LEU C 277 -23.56 -81.57 -2.46
N VAL C 278 -22.80 -82.33 -3.24
CA VAL C 278 -22.56 -83.79 -3.03
C VAL C 278 -21.80 -83.99 -1.72
N THR C 279 -20.69 -83.27 -1.51
CA THR C 279 -19.82 -83.45 -0.33
C THR C 279 -20.59 -83.05 0.93
N ALA C 280 -21.49 -82.06 0.82
CA ALA C 280 -22.30 -81.55 1.96
C ALA C 280 -23.29 -82.62 2.44
N VAL C 281 -23.81 -83.48 1.56
CA VAL C 281 -24.74 -84.57 1.97
C VAL C 281 -23.91 -85.76 2.50
N ALA C 282 -22.64 -85.89 2.10
CA ALA C 282 -21.75 -86.98 2.53
C ALA C 282 -21.39 -86.79 4.01
N ILE C 283 -20.92 -85.60 4.41
CA ILE C 283 -20.53 -85.30 5.81
C ILE C 283 -21.75 -85.34 6.73
N ALA C 284 -22.97 -85.15 6.21
CA ALA C 284 -24.22 -85.18 6.99
C ALA C 284 -24.64 -86.62 7.32
N GLU C 285 -24.00 -87.63 6.70
CA GLU C 285 -24.22 -89.08 7.01
C GLU C 285 -23.16 -89.60 8.00
N THR C 286 -21.98 -88.97 8.06
CA THR C 286 -20.78 -89.50 8.78
C THR C 286 -21.06 -89.62 10.27
N ASP C 287 -20.54 -90.69 10.89
CA ASP C 287 -20.80 -91.09 12.30
C ASP C 287 -19.47 -91.13 13.06
N SER C 288 -18.56 -92.04 12.68
CA SER C 288 -17.22 -92.24 13.31
C SER C 288 -16.19 -92.67 12.26
N TRP C 289 -14.88 -92.64 12.59
CA TRP C 289 -13.74 -92.89 11.66
C TRP C 289 -13.87 -94.24 10.93
N GLU C 290 -14.71 -95.15 11.43
CA GLU C 290 -14.96 -96.50 10.85
C GLU C 290 -15.88 -96.36 9.64
N SER C 291 -17.07 -95.75 9.83
CA SER C 291 -18.15 -95.59 8.81
C SER C 291 -17.99 -94.30 7.98
N PHE C 292 -16.90 -93.54 8.17
CA PHE C 292 -16.58 -92.30 7.41
C PHE C 292 -16.23 -92.68 5.97
N PHE C 293 -15.39 -93.71 5.81
CA PHE C 293 -14.87 -94.19 4.50
C PHE C 293 -15.98 -94.93 3.71
N VAL C 294 -17.21 -94.94 4.21
CA VAL C 294 -18.44 -95.35 3.45
C VAL C 294 -19.12 -94.11 2.87
N SER C 295 -19.26 -93.04 3.65
CA SER C 295 -19.79 -91.72 3.19
C SER C 295 -18.92 -91.20 2.05
N VAL C 296 -17.59 -91.25 2.21
CA VAL C 296 -16.60 -90.83 1.19
C VAL C 296 -16.78 -91.66 -0.09
N ARG C 297 -16.96 -92.97 0.05
CA ARG C 297 -17.14 -93.90 -1.11
C ARG C 297 -18.37 -93.45 -1.91
N LYS C 298 -19.42 -92.97 -1.23
CA LYS C 298 -20.62 -92.41 -1.90
C LYS C 298 -20.23 -91.15 -2.68
N ALA C 299 -19.64 -90.15 -2.00
CA ALA C 299 -19.30 -88.82 -2.57
C ALA C 299 -18.39 -88.98 -3.79
N ILE C 300 -17.31 -89.74 -3.65
CA ILE C 300 -16.37 -90.03 -4.77
C ILE C 300 -17.15 -90.69 -5.91
N THR C 301 -18.01 -91.68 -5.63
CA THR C 301 -18.80 -92.38 -6.68
C THR C 301 -19.74 -91.42 -7.43
N VAL C 302 -20.44 -90.54 -6.75
CA VAL C 302 -21.44 -89.60 -7.37
C VAL C 302 -20.70 -88.63 -8.30
N LEU C 303 -19.72 -87.92 -7.77
CA LEU C 303 -18.94 -86.88 -8.50
C LEU C 303 -18.27 -87.52 -9.71
N PHE C 304 -17.62 -88.66 -9.50
CA PHE C 304 -16.99 -89.46 -10.58
C PHE C 304 -17.99 -89.69 -11.73
N PHE C 305 -19.15 -90.28 -11.44
CA PHE C 305 -20.21 -90.62 -12.44
C PHE C 305 -20.88 -89.36 -13.01
N ILE C 306 -20.80 -88.21 -12.34
CA ILE C 306 -21.21 -86.90 -12.93
C ILE C 306 -20.17 -86.56 -13.99
N GLY C 307 -18.93 -86.36 -13.58
CA GLY C 307 -17.77 -86.08 -14.45
C GLY C 307 -17.76 -86.97 -15.67
N VAL C 308 -17.76 -88.29 -15.50
CA VAL C 308 -17.67 -89.28 -16.60
C VAL C 308 -18.81 -89.04 -17.61
N ARG C 309 -20.01 -88.73 -17.15
CA ARG C 309 -21.23 -88.68 -18.01
C ARG C 309 -21.47 -87.26 -18.53
N CYS C 310 -21.25 -86.23 -17.73
CA CYS C 310 -21.32 -84.80 -18.16
C CYS C 310 -20.27 -84.52 -19.24
N TYR C 311 -19.11 -85.20 -19.20
CA TYR C 311 -18.06 -85.09 -20.26
C TYR C 311 -18.59 -85.70 -21.56
N GLU C 312 -19.26 -86.86 -21.48
CA GLU C 312 -19.72 -87.61 -22.68
C GLU C 312 -20.92 -86.91 -23.32
N ALA C 313 -21.76 -86.24 -22.51
CA ALA C 313 -22.98 -85.52 -22.97
C ALA C 313 -22.57 -84.31 -23.81
N TYR C 314 -21.71 -83.43 -23.29
CA TYR C 314 -21.23 -82.20 -23.99
C TYR C 314 -19.71 -82.10 -23.93
N PRO C 315 -18.97 -82.80 -24.82
CA PRO C 315 -17.51 -82.70 -24.87
C PRO C 315 -17.07 -81.32 -25.38
N ASN C 316 -16.02 -80.76 -24.78
CA ASN C 316 -15.44 -79.43 -25.15
C ASN C 316 -14.56 -79.63 -26.38
N THR C 317 -14.93 -78.97 -27.49
CA THR C 317 -14.24 -79.08 -28.81
C THR C 317 -13.24 -77.93 -28.94
N SER C 318 -12.11 -78.18 -29.60
CA SER C 318 -11.07 -77.16 -29.93
C SER C 318 -11.77 -75.95 -30.56
N LEU C 319 -11.24 -74.75 -30.31
CA LEU C 319 -11.84 -73.47 -30.75
C LEU C 319 -10.99 -72.86 -31.88
N PRO C 320 -11.60 -72.13 -32.85
CA PRO C 320 -10.84 -71.34 -33.83
C PRO C 320 -9.89 -70.31 -33.21
N PRO C 321 -8.59 -70.24 -33.62
CA PRO C 321 -7.59 -69.47 -32.90
C PRO C 321 -7.85 -67.95 -32.85
N SER C 322 -8.62 -67.43 -33.82
CA SER C 322 -9.02 -66.01 -33.94
C SER C 322 -9.85 -65.59 -32.71
N ILE C 323 -10.80 -66.43 -32.33
CA ILE C 323 -11.69 -66.24 -31.16
C ILE C 323 -10.83 -66.25 -29.89
N LEU C 324 -10.01 -67.28 -29.71
CA LEU C 324 -9.10 -67.42 -28.54
C LEU C 324 -8.19 -66.19 -28.44
N GLU C 325 -7.63 -65.73 -29.57
CA GLU C 325 -6.75 -64.54 -29.63
C GLU C 325 -7.54 -63.30 -29.20
N ASP C 326 -8.74 -63.12 -29.78
CA ASP C 326 -9.60 -61.94 -29.54
C ASP C 326 -10.01 -61.87 -28.06
N SER C 327 -10.40 -63.01 -27.47
CA SER C 327 -10.80 -63.14 -26.05
C SER C 327 -9.63 -62.81 -25.09
N LEU C 328 -8.37 -63.08 -25.45
CA LEU C 328 -7.19 -62.81 -24.59
C LEU C 328 -6.86 -61.31 -24.62
N GLU C 329 -6.80 -60.69 -25.81
CA GLU C 329 -6.41 -59.27 -26.00
C GLU C 329 -7.46 -58.35 -25.35
N ASN C 330 -8.73 -58.80 -25.29
CA ASN C 330 -9.87 -58.06 -24.69
C ASN C 330 -10.06 -58.41 -23.20
N ASN C 331 -9.21 -59.31 -22.65
CA ASN C 331 -9.08 -59.58 -21.20
C ASN C 331 -10.37 -60.25 -20.71
N GLU C 332 -10.76 -61.33 -21.39
CA GLU C 332 -11.94 -62.18 -21.11
C GLU C 332 -11.49 -63.62 -20.83
N GLY C 333 -10.20 -63.92 -20.88
CA GLY C 333 -9.67 -65.27 -20.61
C GLY C 333 -9.93 -66.25 -21.74
N VAL C 334 -9.44 -67.48 -21.58
CA VAL C 334 -9.61 -68.59 -22.55
C VAL C 334 -11.08 -69.01 -22.57
N PRO C 335 -11.77 -68.97 -23.73
CA PRO C 335 -13.19 -69.37 -23.78
C PRO C 335 -13.46 -70.75 -23.16
N SER C 336 -14.52 -70.80 -22.38
CA SER C 336 -15.02 -71.99 -21.68
C SER C 336 -16.54 -72.04 -21.85
N PRO C 337 -17.22 -73.10 -21.38
CA PRO C 337 -18.68 -73.12 -21.39
C PRO C 337 -19.38 -72.32 -20.28
N MET C 338 -18.65 -71.56 -19.46
CA MET C 338 -19.24 -70.79 -18.34
C MET C 338 -18.52 -69.46 -18.15
N LEU C 339 -19.29 -68.37 -18.12
CA LEU C 339 -18.81 -66.98 -18.25
C LEU C 339 -19.31 -66.15 -17.06
N SER C 340 -18.42 -65.77 -16.14
CA SER C 340 -18.79 -64.93 -14.98
C SER C 340 -18.92 -63.48 -15.43
N ILE C 341 -19.94 -62.76 -14.94
CA ILE C 341 -20.23 -61.32 -15.27
C ILE C 341 -20.49 -60.58 -13.96
N SER C 342 -19.50 -59.82 -13.48
CA SER C 342 -19.52 -59.09 -12.20
C SER C 342 -19.94 -57.62 -12.40
N ASN C 343 -20.77 -57.08 -11.50
CA ASN C 343 -21.21 -55.65 -11.39
C ASN C 343 -22.35 -55.36 -12.37
N LEU C 344 -23.04 -56.39 -12.87
CA LEU C 344 -24.34 -56.23 -13.57
C LEU C 344 -25.42 -56.99 -12.79
N THR C 345 -26.56 -56.34 -12.58
CA THR C 345 -27.76 -56.92 -11.92
C THR C 345 -28.35 -57.96 -12.85
N GLN C 346 -29.06 -58.95 -12.31
CA GLN C 346 -29.54 -60.16 -13.04
C GLN C 346 -30.49 -59.77 -14.20
N GLU C 347 -31.30 -58.71 -14.09
CA GLU C 347 -32.28 -58.33 -15.15
C GLU C 347 -31.52 -57.75 -16.35
N GLN C 348 -30.41 -57.04 -16.09
CA GLN C 348 -29.50 -56.51 -17.14
C GLN C 348 -28.92 -57.69 -17.92
N VAL C 349 -28.22 -58.59 -17.24
CA VAL C 349 -27.65 -59.83 -17.85
C VAL C 349 -28.76 -60.60 -18.58
N GLN C 350 -29.95 -60.77 -17.99
CA GLN C 350 -31.05 -61.55 -18.60
C GLN C 350 -31.55 -60.85 -19.86
N ASP C 351 -31.44 -59.51 -19.92
CA ASP C 351 -31.74 -58.71 -21.13
C ASP C 351 -30.73 -59.07 -22.23
N TYR C 352 -29.43 -58.97 -21.93
CA TYR C 352 -28.31 -59.28 -22.87
C TYR C 352 -28.39 -60.73 -23.36
N VAL C 353 -28.75 -61.71 -22.50
CA VAL C 353 -28.81 -63.15 -22.91
C VAL C 353 -30.08 -63.40 -23.74
N ASN C 354 -31.06 -62.52 -23.71
CA ASN C 354 -32.30 -62.65 -24.54
C ASN C 354 -31.98 -62.19 -25.96
N LYS C 355 -31.26 -61.05 -26.07
CA LYS C 355 -30.77 -60.47 -27.35
C LYS C 355 -29.89 -61.50 -28.07
N THR C 356 -28.94 -62.08 -27.34
CA THR C 356 -27.99 -63.10 -27.84
C THR C 356 -28.73 -64.38 -28.24
N ASN C 357 -29.76 -64.79 -27.49
CA ASN C 357 -30.49 -66.05 -27.74
C ASN C 357 -31.47 -65.90 -28.91
N SER C 358 -31.88 -64.66 -29.22
CA SER C 358 -32.78 -64.32 -30.37
C SER C 358 -32.22 -64.88 -31.68
N HIS C 359 -30.92 -64.66 -31.94
CA HIS C 359 -30.18 -65.08 -33.16
C HIS C 359 -29.94 -66.60 -33.15
N LEU C 360 -29.47 -67.15 -32.03
CA LEU C 360 -29.04 -68.57 -31.93
C LEU C 360 -30.24 -69.49 -32.02
N PRO C 361 -30.08 -70.75 -32.51
CA PRO C 361 -31.14 -71.76 -32.45
C PRO C 361 -31.33 -72.29 -31.02
N ALA C 362 -32.14 -73.34 -30.81
CA ALA C 362 -32.48 -73.91 -29.48
C ALA C 362 -31.22 -74.50 -28.81
N GLY C 363 -30.55 -75.42 -29.51
CA GLY C 363 -29.40 -76.20 -29.00
C GLY C 363 -28.21 -75.36 -28.59
N LYS C 364 -28.03 -74.16 -29.18
CA LYS C 364 -26.84 -73.30 -28.99
C LYS C 364 -27.14 -72.11 -28.07
N GLN C 365 -28.27 -72.13 -27.34
CA GLN C 365 -28.75 -70.98 -26.52
C GLN C 365 -28.02 -70.96 -25.18
N VAL C 366 -27.78 -69.76 -24.65
CA VAL C 366 -27.16 -69.54 -23.31
C VAL C 366 -28.25 -69.20 -22.30
N GLU C 367 -28.12 -69.67 -21.07
CA GLU C 367 -29.01 -69.28 -19.93
C GLU C 367 -28.16 -68.85 -18.74
N ILE C 368 -28.77 -68.10 -17.82
CA ILE C 368 -28.14 -67.73 -16.52
C ILE C 368 -28.18 -68.97 -15.62
N SER C 369 -27.01 -69.50 -15.27
CA SER C 369 -26.84 -70.83 -14.63
C SER C 369 -26.49 -70.69 -13.15
N LEU C 370 -25.94 -69.54 -12.72
CA LEU C 370 -25.62 -69.26 -11.30
C LEU C 370 -25.85 -67.79 -11.00
N VAL C 371 -26.68 -67.52 -10.01
CA VAL C 371 -26.90 -66.16 -9.46
C VAL C 371 -26.19 -66.17 -8.11
N ASN C 372 -24.89 -65.95 -8.11
CA ASN C 372 -24.04 -66.01 -6.89
C ASN C 372 -24.35 -64.81 -6.00
N GLY C 373 -24.39 -63.61 -6.55
CA GLY C 373 -24.69 -62.37 -5.82
C GLY C 373 -25.91 -61.69 -6.38
N ALA C 374 -26.14 -60.45 -5.95
CA ALA C 374 -27.01 -59.46 -6.64
C ALA C 374 -26.36 -59.11 -7.97
N LYS C 375 -25.06 -58.78 -7.91
CA LYS C 375 -24.25 -58.24 -9.02
C LYS C 375 -23.05 -59.19 -9.24
N ASN C 376 -23.34 -60.43 -9.60
CA ASN C 376 -22.31 -61.50 -9.75
C ASN C 376 -22.97 -62.76 -10.31
N LEU C 377 -23.14 -62.82 -11.62
CA LEU C 377 -23.85 -63.93 -12.32
C LEU C 377 -22.83 -64.78 -13.05
N VAL C 378 -23.30 -65.92 -13.55
CA VAL C 378 -22.52 -66.88 -14.38
C VAL C 378 -23.44 -67.46 -15.44
N VAL C 379 -23.06 -67.31 -16.70
CA VAL C 379 -23.86 -67.69 -17.87
C VAL C 379 -23.24 -68.94 -18.48
N SER C 380 -24.02 -70.02 -18.58
CA SER C 380 -23.61 -71.31 -19.20
C SER C 380 -24.14 -71.33 -20.63
N GLY C 381 -23.60 -72.23 -21.44
CA GLY C 381 -23.87 -72.34 -22.88
C GLY C 381 -22.63 -72.80 -23.63
N PRO C 382 -22.73 -73.01 -24.96
CA PRO C 382 -21.57 -73.32 -25.78
C PRO C 382 -20.59 -72.17 -25.76
N PRO C 383 -19.27 -72.41 -25.84
CA PRO C 383 -18.29 -71.33 -25.87
C PRO C 383 -18.38 -70.37 -27.08
N GLN C 384 -18.81 -70.84 -28.26
CA GLN C 384 -19.09 -69.96 -29.43
C GLN C 384 -20.12 -68.91 -29.01
N SER C 385 -21.27 -69.39 -28.55
CA SER C 385 -22.47 -68.60 -28.13
C SER C 385 -22.06 -67.59 -27.07
N LEU C 386 -21.27 -68.01 -26.08
CA LEU C 386 -20.86 -67.17 -24.94
C LEU C 386 -19.89 -66.10 -25.42
N TYR C 387 -19.07 -66.43 -26.41
CA TYR C 387 -18.22 -65.44 -27.12
C TYR C 387 -19.16 -64.40 -27.76
N GLY C 388 -20.13 -64.86 -28.57
CA GLY C 388 -21.21 -64.03 -29.13
C GLY C 388 -21.72 -63.01 -28.13
N LEU C 389 -22.22 -63.50 -26.99
CA LEU C 389 -22.69 -62.69 -25.83
C LEU C 389 -21.60 -61.69 -25.40
N ASN C 390 -20.34 -62.10 -25.39
CA ASN C 390 -19.19 -61.31 -24.88
C ASN C 390 -18.88 -60.13 -25.81
N LEU C 391 -19.13 -60.29 -27.12
CA LEU C 391 -18.95 -59.23 -28.16
C LEU C 391 -20.00 -58.14 -27.92
N THR C 392 -21.26 -58.54 -27.81
CA THR C 392 -22.42 -57.69 -27.39
C THR C 392 -22.10 -56.91 -26.10
N LEU C 393 -21.54 -57.59 -25.10
CA LEU C 393 -21.28 -57.02 -23.76
C LEU C 393 -20.20 -55.92 -23.87
N ARG C 394 -19.09 -56.16 -24.57
CA ARG C 394 -17.89 -55.29 -24.54
C ARG C 394 -18.14 -53.95 -25.24
N LYS C 395 -19.17 -53.84 -26.08
CA LYS C 395 -19.62 -52.55 -26.69
C LYS C 395 -20.17 -51.62 -25.59
N ALA C 396 -21.06 -52.14 -24.75
CA ALA C 396 -21.68 -51.45 -23.58
C ALA C 396 -20.61 -51.06 -22.55
N LYS C 397 -19.61 -51.93 -22.34
CA LYS C 397 -18.55 -51.76 -21.30
C LYS C 397 -17.76 -50.48 -21.54
N ALA C 398 -17.40 -49.80 -20.44
CA ALA C 398 -16.56 -48.59 -20.44
C ALA C 398 -15.09 -49.00 -20.34
N PRO C 399 -14.16 -48.35 -21.09
CA PRO C 399 -12.72 -48.59 -20.90
C PRO C 399 -12.26 -48.45 -19.44
N SER C 400 -11.04 -48.89 -19.16
CA SER C 400 -10.47 -49.00 -17.78
C SER C 400 -10.07 -47.62 -17.25
N GLY C 401 -9.58 -46.74 -18.12
CA GLY C 401 -8.95 -45.46 -17.75
C GLY C 401 -9.96 -44.35 -17.52
N LEU C 402 -10.95 -44.20 -18.43
CA LEU C 402 -11.72 -42.93 -18.61
C LEU C 402 -12.38 -42.53 -17.28
N ASP C 403 -12.37 -41.22 -17.00
CA ASP C 403 -12.93 -40.57 -15.79
C ASP C 403 -14.31 -40.03 -16.16
N GLN C 404 -15.36 -40.64 -15.62
CA GLN C 404 -16.78 -40.27 -15.87
C GLN C 404 -17.32 -39.43 -14.70
N SER C 405 -16.43 -38.80 -13.92
CA SER C 405 -16.78 -37.98 -12.73
C SER C 405 -17.58 -36.74 -13.13
N ARG C 406 -17.37 -36.22 -14.35
CA ARG C 406 -18.00 -34.97 -14.86
C ARG C 406 -19.20 -35.30 -15.76
N ILE C 407 -19.62 -36.56 -15.85
CA ILE C 407 -20.78 -37.00 -16.66
C ILE C 407 -21.92 -37.30 -15.69
N PRO C 408 -23.18 -36.89 -15.99
CA PRO C 408 -24.35 -37.32 -15.22
C PRO C 408 -24.47 -38.85 -15.12
N PHE C 409 -24.94 -39.34 -13.98
CA PHE C 409 -24.87 -40.77 -13.55
C PHE C 409 -25.54 -41.69 -14.58
N SER C 410 -26.73 -41.33 -15.05
CA SER C 410 -27.57 -42.16 -15.97
C SER C 410 -27.01 -42.13 -17.41
N GLU C 411 -26.13 -41.19 -17.73
CA GLU C 411 -25.44 -41.03 -19.04
C GLU C 411 -24.09 -41.77 -19.02
N ARG C 412 -23.68 -42.33 -17.87
CA ARG C 412 -22.36 -43.00 -17.73
C ARG C 412 -22.45 -44.39 -18.38
N LYS C 413 -21.32 -44.86 -18.91
CA LYS C 413 -21.17 -46.24 -19.44
C LYS C 413 -20.94 -47.18 -18.25
N LEU C 414 -21.64 -48.32 -18.24
CA LEU C 414 -21.63 -49.27 -17.09
C LEU C 414 -20.26 -49.93 -17.01
N LYS C 415 -19.58 -49.78 -15.88
CA LYS C 415 -18.24 -50.36 -15.64
C LYS C 415 -18.41 -51.71 -14.95
N PHE C 416 -18.28 -52.80 -15.73
CA PHE C 416 -18.45 -54.20 -15.27
C PHE C 416 -17.38 -55.11 -15.89
N SER C 417 -17.19 -56.26 -15.24
CA SER C 417 -16.21 -57.30 -15.63
C SER C 417 -16.96 -58.47 -16.29
N ASN C 418 -16.33 -59.11 -17.25
CA ASN C 418 -16.81 -60.34 -17.91
C ASN C 418 -15.57 -61.16 -18.25
N ARG C 419 -15.48 -62.34 -17.68
CA ARG C 419 -14.33 -63.24 -17.76
C ARG C 419 -14.87 -64.65 -17.86
N PHE C 420 -14.25 -65.47 -18.69
CA PHE C 420 -14.54 -66.92 -18.83
C PHE C 420 -13.97 -67.65 -17.62
N LEU C 421 -14.76 -68.51 -16.99
CA LEU C 421 -14.31 -69.29 -15.82
C LEU C 421 -13.45 -70.44 -16.31
N PRO C 422 -12.49 -70.91 -15.47
CA PRO C 422 -11.72 -72.12 -15.78
C PRO C 422 -12.51 -73.38 -15.42
N VAL C 423 -13.40 -73.81 -16.31
CA VAL C 423 -14.18 -75.07 -16.12
C VAL C 423 -14.48 -75.64 -17.50
N ALA C 424 -14.47 -76.97 -17.64
CA ALA C 424 -14.48 -77.67 -18.94
C ALA C 424 -15.92 -77.97 -19.42
N SER C 425 -16.89 -78.07 -18.51
CA SER C 425 -18.30 -78.39 -18.85
C SER C 425 -19.24 -77.28 -18.39
N PRO C 426 -20.41 -77.14 -19.06
CA PRO C 426 -21.42 -76.16 -18.70
C PRO C 426 -22.40 -76.71 -17.65
N PHE C 427 -22.03 -76.60 -16.38
CA PHE C 427 -22.87 -77.05 -15.24
C PHE C 427 -24.09 -76.13 -15.15
N HIS C 428 -25.24 -76.69 -14.78
CA HIS C 428 -26.51 -75.97 -14.48
C HIS C 428 -27.14 -75.43 -15.77
N SER C 429 -27.08 -76.21 -16.85
CA SER C 429 -27.54 -75.79 -18.20
C SER C 429 -28.38 -76.89 -18.84
N HIS C 430 -29.08 -76.52 -19.91
CA HIS C 430 -29.93 -77.42 -20.74
C HIS C 430 -29.06 -78.33 -21.62
N LEU C 431 -27.74 -78.13 -21.68
CA LEU C 431 -26.82 -78.90 -22.56
C LEU C 431 -26.57 -80.30 -21.97
N LEU C 432 -26.46 -80.42 -20.65
CA LEU C 432 -26.12 -81.69 -19.93
C LEU C 432 -27.39 -82.47 -19.55
N VAL C 433 -28.58 -82.11 -20.03
CA VAL C 433 -29.86 -82.77 -19.62
C VAL C 433 -29.89 -84.21 -20.09
N PRO C 434 -29.35 -84.57 -21.28
CA PRO C 434 -29.25 -85.97 -21.69
C PRO C 434 -28.52 -86.88 -20.70
N ALA C 435 -27.55 -86.35 -19.96
CA ALA C 435 -26.73 -87.07 -18.95
C ALA C 435 -27.62 -87.55 -17.78
N SER C 436 -28.53 -86.69 -17.29
CA SER C 436 -29.38 -86.90 -16.09
C SER C 436 -29.84 -88.36 -15.97
N ASP C 437 -30.44 -88.88 -17.04
CA ASP C 437 -30.98 -90.27 -17.15
C ASP C 437 -29.87 -91.29 -16.85
N LEU C 438 -28.66 -91.09 -17.39
CA LEU C 438 -27.53 -92.05 -17.27
C LEU C 438 -27.01 -92.09 -15.83
N ILE C 439 -26.80 -90.94 -15.17
CA ILE C 439 -26.20 -90.89 -13.79
C ILE C 439 -27.10 -91.69 -12.84
N ASN C 440 -28.41 -91.43 -12.84
CA ASN C 440 -29.41 -92.09 -11.96
C ASN C 440 -29.33 -93.62 -12.10
N LYS C 441 -29.16 -94.14 -13.32
CA LYS C 441 -29.05 -95.60 -13.63
C LYS C 441 -27.71 -96.19 -13.17
N ASP C 442 -26.67 -95.36 -13.02
CA ASP C 442 -25.28 -95.76 -12.65
C ASP C 442 -25.07 -95.67 -11.13
N LEU C 443 -25.79 -94.77 -10.44
CA LEU C 443 -25.76 -94.66 -8.96
C LEU C 443 -26.44 -95.88 -8.33
N VAL C 444 -27.50 -96.41 -8.97
CA VAL C 444 -28.24 -97.62 -8.50
C VAL C 444 -27.47 -98.90 -8.86
N LYS C 445 -26.54 -98.84 -9.82
CA LYS C 445 -25.65 -99.98 -10.20
C LYS C 445 -24.58 -100.19 -9.13
N ASN C 446 -24.08 -99.10 -8.51
CA ASN C 446 -23.04 -99.15 -7.44
C ASN C 446 -23.70 -99.04 -6.05
N ASN C 447 -25.04 -99.03 -5.98
CA ASN C 447 -25.85 -99.01 -4.73
C ASN C 447 -25.47 -97.80 -3.87
N VAL C 448 -25.33 -96.63 -4.51
CA VAL C 448 -25.08 -95.32 -3.85
C VAL C 448 -26.41 -94.57 -3.82
N SER C 449 -27.07 -94.59 -2.66
CA SER C 449 -28.30 -93.82 -2.35
C SER C 449 -28.09 -93.08 -1.02
N PHE C 450 -28.74 -91.93 -0.87
CA PHE C 450 -28.76 -91.15 0.38
C PHE C 450 -30.20 -91.22 0.94
N ASN C 451 -30.34 -91.51 2.24
CA ASN C 451 -31.63 -91.62 2.96
C ASN C 451 -31.75 -90.48 3.97
N ALA C 452 -32.93 -89.84 4.02
CA ALA C 452 -33.25 -88.72 4.93
C ALA C 452 -33.05 -89.11 6.40
N LYS C 453 -33.21 -90.39 6.75
CA LYS C 453 -32.99 -90.93 8.12
C LYS C 453 -31.49 -90.88 8.48
N ASP C 454 -30.59 -91.16 7.53
CA ASP C 454 -29.11 -91.15 7.75
C ASP C 454 -28.61 -89.72 7.88
N ILE C 455 -29.24 -88.76 7.20
CA ILE C 455 -28.85 -87.32 7.17
C ILE C 455 -29.26 -86.68 8.50
N GLN C 456 -28.29 -86.39 9.37
CA GLN C 456 -28.53 -85.88 10.74
C GLN C 456 -28.80 -84.37 10.72
N ILE C 457 -28.10 -83.61 9.89
CA ILE C 457 -28.23 -82.12 9.82
C ILE C 457 -28.99 -81.76 8.56
N PRO C 458 -29.69 -80.59 8.52
CA PRO C 458 -30.32 -80.11 7.31
C PRO C 458 -29.26 -79.67 6.27
N VAL C 459 -29.27 -80.34 5.11
CA VAL C 459 -28.45 -79.96 3.92
C VAL C 459 -29.35 -79.18 2.95
N TYR C 460 -28.97 -77.94 2.63
CA TYR C 460 -29.82 -76.99 1.86
C TYR C 460 -29.55 -77.18 0.36
N ASP C 461 -30.62 -77.52 -0.36
CA ASP C 461 -30.76 -77.51 -1.84
C ASP C 461 -30.25 -76.16 -2.38
N THR C 462 -29.59 -76.17 -3.53
CA THR C 462 -29.03 -74.96 -4.20
C THR C 462 -30.12 -74.13 -4.90
N PHE C 463 -31.13 -74.79 -5.50
CA PHE C 463 -32.17 -74.12 -6.34
C PHE C 463 -33.11 -73.26 -5.48
N ASP C 464 -33.89 -73.89 -4.59
CA ASP C 464 -35.03 -73.26 -3.86
C ASP C 464 -34.63 -72.90 -2.42
N GLY C 465 -33.65 -73.60 -1.85
CA GLY C 465 -33.13 -73.37 -0.48
C GLY C 465 -33.72 -74.34 0.52
N SER C 466 -34.73 -75.13 0.14
CA SER C 466 -35.39 -76.11 1.05
C SER C 466 -34.36 -77.15 1.52
N ASP C 467 -34.57 -77.71 2.72
CA ASP C 467 -33.82 -78.87 3.27
C ASP C 467 -34.09 -80.07 2.34
N LEU C 468 -33.08 -80.93 2.12
CA LEU C 468 -33.19 -82.14 1.24
C LEU C 468 -33.82 -83.32 2.00
N ARG C 469 -33.86 -83.28 3.33
CA ARG C 469 -34.43 -84.38 4.15
C ARG C 469 -35.96 -84.44 3.98
N VAL C 470 -36.63 -83.30 3.77
CA VAL C 470 -38.12 -83.19 3.70
C VAL C 470 -38.64 -83.58 2.31
N LEU C 471 -37.75 -83.84 1.34
CA LEU C 471 -38.15 -84.26 -0.03
C LEU C 471 -38.83 -85.63 0.01
N SER C 472 -39.72 -85.87 -0.97
CA SER C 472 -40.45 -87.14 -1.18
C SER C 472 -39.58 -88.11 -2.00
N GLY C 473 -39.07 -87.64 -3.16
CA GLY C 473 -38.24 -88.42 -4.10
C GLY C 473 -36.83 -88.65 -3.57
N SER C 474 -36.08 -89.53 -4.25
CA SER C 474 -34.69 -89.92 -3.91
C SER C 474 -33.80 -88.66 -3.90
N ILE C 475 -32.94 -88.54 -2.90
CA ILE C 475 -32.08 -87.36 -2.65
C ILE C 475 -31.02 -87.28 -3.75
N SER C 476 -30.39 -88.41 -4.09
CA SER C 476 -29.33 -88.55 -5.13
C SER C 476 -29.83 -87.98 -6.48
N GLU C 477 -31.10 -88.21 -6.84
CA GLU C 477 -31.70 -87.67 -8.08
C GLU C 477 -31.76 -86.14 -8.00
N ARG C 478 -32.21 -85.58 -6.89
CA ARG C 478 -32.35 -84.11 -6.72
C ARG C 478 -30.97 -83.44 -6.77
N ILE C 479 -29.96 -84.05 -6.15
CA ILE C 479 -28.57 -83.52 -6.10
C ILE C 479 -28.07 -83.40 -7.55
N VAL C 480 -28.11 -84.51 -8.30
CA VAL C 480 -27.61 -84.58 -9.70
C VAL C 480 -28.38 -83.52 -10.52
N ASP C 481 -29.69 -83.48 -10.39
CA ASP C 481 -30.58 -82.49 -11.06
C ASP C 481 -30.14 -81.06 -10.67
N CYS C 482 -29.80 -80.79 -9.41
CA CYS C 482 -29.38 -79.43 -8.94
C CYS C 482 -28.01 -79.05 -9.47
N ILE C 483 -27.15 -80.05 -9.72
CA ILE C 483 -25.76 -79.85 -10.22
C ILE C 483 -25.82 -79.58 -11.73
N ILE C 484 -26.57 -80.39 -12.50
CA ILE C 484 -26.40 -80.45 -13.98
C ILE C 484 -27.45 -79.60 -14.70
N ARG C 485 -28.68 -79.53 -14.19
CA ARG C 485 -29.81 -78.90 -14.92
C ARG C 485 -30.25 -77.60 -14.25
N LEU C 486 -30.72 -77.68 -13.00
CA LEU C 486 -31.33 -76.53 -12.30
C LEU C 486 -30.25 -75.48 -12.07
N PRO C 487 -30.58 -74.17 -12.14
CA PRO C 487 -29.62 -73.13 -11.81
C PRO C 487 -29.32 -73.18 -10.32
N VAL C 488 -28.32 -72.41 -9.89
CA VAL C 488 -27.99 -72.19 -8.47
C VAL C 488 -28.44 -70.76 -8.17
N LYS C 489 -29.18 -70.57 -7.09
CA LYS C 489 -29.54 -69.23 -6.59
C LYS C 489 -28.92 -69.11 -5.21
N TRP C 490 -27.64 -68.75 -5.19
CA TRP C 490 -26.77 -68.83 -3.99
C TRP C 490 -27.33 -67.92 -2.89
N GLU C 491 -27.90 -66.77 -3.22
CA GLU C 491 -28.53 -65.85 -2.23
C GLU C 491 -29.78 -66.48 -1.62
N THR C 492 -30.46 -67.39 -2.35
CA THR C 492 -31.72 -68.06 -1.91
C THR C 492 -31.38 -69.29 -1.08
N THR C 493 -30.27 -69.99 -1.35
CA THR C 493 -29.91 -71.21 -0.58
C THR C 493 -29.32 -70.77 0.77
N THR C 494 -28.56 -69.67 0.80
CA THR C 494 -27.85 -69.19 2.00
C THR C 494 -28.71 -68.26 2.85
N GLN C 495 -30.04 -68.33 2.76
CA GLN C 495 -30.98 -67.51 3.57
C GLN C 495 -31.16 -68.14 4.97
N PHE C 496 -30.39 -69.18 5.32
CA PHE C 496 -30.29 -69.75 6.70
C PHE C 496 -29.75 -68.68 7.65
N LYS C 497 -30.10 -68.80 8.93
CA LYS C 497 -29.57 -67.95 10.03
C LYS C 497 -28.39 -68.69 10.66
N ALA C 498 -27.22 -68.04 10.74
CA ALA C 498 -25.97 -68.64 11.26
C ALA C 498 -24.93 -67.55 11.52
N THR C 499 -24.27 -67.59 12.68
CA THR C 499 -23.25 -66.59 13.08
C THR C 499 -21.91 -66.89 12.43
N HIS C 500 -21.68 -68.13 11.96
CA HIS C 500 -20.38 -68.53 11.36
C HIS C 500 -20.60 -69.49 10.18
N ILE C 501 -19.82 -69.30 9.13
CA ILE C 501 -19.79 -70.16 7.92
C ILE C 501 -18.36 -70.70 7.75
N LEU C 502 -18.21 -72.02 7.74
CA LEU C 502 -16.93 -72.71 7.39
C LEU C 502 -16.93 -73.00 5.89
N ASP C 503 -15.98 -72.41 5.16
CA ASP C 503 -15.69 -72.74 3.75
C ASP C 503 -14.56 -73.75 3.75
N PHE C 504 -14.91 -75.03 3.63
CA PHE C 504 -13.96 -76.14 3.38
C PHE C 504 -13.48 -76.03 1.93
N GLY C 505 -14.40 -75.69 1.01
CA GLY C 505 -14.25 -75.78 -0.46
C GLY C 505 -12.90 -75.30 -0.97
N PRO C 506 -12.53 -75.70 -2.21
CA PRO C 506 -11.24 -75.30 -2.79
C PRO C 506 -11.19 -73.80 -3.10
N GLY C 507 -9.99 -73.30 -3.35
CA GLY C 507 -9.69 -71.89 -3.67
C GLY C 507 -9.12 -71.17 -2.47
N GLY C 508 -9.90 -71.10 -1.38
CA GLY C 508 -9.51 -70.40 -0.15
C GLY C 508 -9.95 -68.95 -0.19
N ALA C 509 -9.01 -68.04 -0.46
CA ALA C 509 -9.27 -66.58 -0.56
C ALA C 509 -10.14 -66.29 -1.79
N SER C 510 -9.93 -67.03 -2.88
CA SER C 510 -10.66 -66.90 -4.17
C SER C 510 -11.77 -67.95 -4.25
N GLY C 511 -12.11 -68.57 -3.13
CA GLY C 511 -13.11 -69.65 -3.05
C GLY C 511 -14.50 -69.12 -2.81
N LEU C 512 -15.42 -70.04 -2.56
CA LEU C 512 -16.85 -69.74 -2.33
C LEU C 512 -17.03 -68.88 -1.08
N GLY C 513 -16.19 -69.10 -0.06
CA GLY C 513 -16.31 -68.43 1.24
C GLY C 513 -16.39 -66.94 1.08
N VAL C 514 -15.31 -66.32 0.59
CA VAL C 514 -15.15 -64.84 0.45
C VAL C 514 -16.25 -64.27 -0.43
N LEU C 515 -16.80 -65.04 -1.38
CA LEU C 515 -17.97 -64.57 -2.18
C LEU C 515 -19.23 -64.51 -1.30
N THR C 516 -19.49 -65.55 -0.50
CA THR C 516 -20.58 -65.58 0.51
C THR C 516 -20.40 -64.46 1.53
N HIS C 517 -19.16 -64.11 1.86
CA HIS C 517 -18.83 -63.00 2.78
C HIS C 517 -19.37 -61.69 2.22
N ARG C 518 -19.14 -61.43 0.93
CA ARG C 518 -19.52 -60.17 0.23
C ARG C 518 -21.04 -60.06 0.20
N ASN C 519 -21.74 -61.16 -0.10
CA ASN C 519 -23.22 -61.20 -0.14
C ASN C 519 -23.83 -60.95 1.23
N LYS C 520 -23.11 -61.26 2.32
CA LYS C 520 -23.68 -61.35 3.69
C LYS C 520 -23.07 -60.29 4.61
N ASP C 521 -22.21 -59.41 4.10
CA ASP C 521 -21.52 -58.38 4.91
C ASP C 521 -22.60 -57.48 5.52
N GLY C 522 -22.55 -57.31 6.84
CA GLY C 522 -23.49 -56.51 7.62
C GLY C 522 -24.77 -57.25 7.98
N THR C 523 -24.83 -58.58 7.86
CA THR C 523 -25.94 -59.41 8.42
C THR C 523 -25.50 -60.14 9.68
N GLY C 524 -24.28 -59.89 10.17
CA GLY C 524 -23.72 -60.49 11.39
C GLY C 524 -23.39 -61.95 11.20
N VAL C 525 -22.81 -62.29 10.04
CA VAL C 525 -22.27 -63.64 9.71
C VAL C 525 -20.77 -63.48 9.47
N ARG C 526 -20.01 -64.43 9.94
CA ARG C 526 -18.53 -64.41 9.87
C ARG C 526 -18.14 -65.64 9.06
N VAL C 527 -17.40 -65.44 7.99
CA VAL C 527 -16.91 -66.57 7.16
C VAL C 527 -15.52 -66.93 7.66
N ILE C 528 -15.31 -68.22 7.92
CA ILE C 528 -13.98 -68.78 8.23
C ILE C 528 -13.62 -69.65 7.03
N VAL C 529 -12.50 -69.32 6.39
CA VAL C 529 -11.93 -70.12 5.27
C VAL C 529 -11.14 -71.28 5.90
N ALA C 530 -11.75 -72.45 6.01
CA ALA C 530 -11.25 -73.61 6.79
C ALA C 530 -10.27 -74.47 5.99
N GLY C 531 -9.67 -73.94 4.92
CA GLY C 531 -8.77 -74.72 4.04
C GLY C 531 -7.51 -73.97 3.66
N THR C 532 -7.25 -72.83 4.31
CA THR C 532 -6.14 -71.90 3.96
C THR C 532 -5.67 -71.21 5.25
N LEU C 533 -4.40 -71.33 5.59
CA LEU C 533 -3.75 -70.47 6.61
C LEU C 533 -3.26 -69.20 5.92
N ASP C 534 -3.69 -68.04 6.40
CA ASP C 534 -3.20 -66.72 5.95
C ASP C 534 -3.53 -65.70 7.04
N ILE C 535 -3.31 -64.43 6.75
CA ILE C 535 -3.78 -63.29 7.58
C ILE C 535 -4.58 -62.33 6.70
N ASN C 536 -5.76 -61.94 7.17
CA ASN C 536 -6.59 -60.88 6.57
C ASN C 536 -6.20 -59.54 7.23
N PRO C 537 -5.64 -58.57 6.48
CA PRO C 537 -5.34 -57.24 7.05
C PRO C 537 -6.56 -56.50 7.62
N ASP C 538 -7.71 -56.60 6.95
CA ASP C 538 -9.00 -55.95 7.36
C ASP C 538 -9.64 -56.75 8.50
N ASP C 539 -9.39 -58.07 8.55
CA ASP C 539 -9.89 -59.00 9.59
C ASP C 539 -11.42 -58.99 9.58
N ASP C 540 -12.02 -59.04 8.40
CA ASP C 540 -13.50 -59.12 8.19
C ASP C 540 -13.90 -60.60 8.05
N TYR C 541 -13.05 -61.44 7.47
CA TYR C 541 -13.25 -62.90 7.40
C TYR C 541 -11.98 -63.61 7.89
N GLY C 542 -12.19 -64.65 8.69
CA GLY C 542 -11.10 -65.42 9.30
C GLY C 542 -10.55 -66.45 8.34
N PHE C 543 -9.38 -66.99 8.68
CA PHE C 543 -8.76 -68.16 8.01
C PHE C 543 -8.78 -69.34 8.98
N LYS C 544 -8.15 -70.44 8.58
CA LYS C 544 -8.14 -71.76 9.26
C LYS C 544 -7.91 -71.60 10.75
N GLN C 545 -6.92 -70.80 11.14
CA GLN C 545 -6.43 -70.68 12.55
C GLN C 545 -7.59 -70.37 13.50
N GLU C 546 -8.53 -69.51 13.09
CA GLU C 546 -9.68 -69.06 13.91
C GLU C 546 -10.53 -70.26 14.34
N ILE C 547 -10.50 -71.39 13.63
CA ILE C 547 -11.24 -72.62 14.03
C ILE C 547 -10.60 -73.20 15.29
N PHE C 548 -9.26 -73.23 15.31
CA PHE C 548 -8.43 -74.03 16.25
C PHE C 548 -8.03 -73.20 17.46
N ASP C 549 -7.79 -71.89 17.28
CA ASP C 549 -7.45 -70.94 18.36
C ASP C 549 -8.40 -71.17 19.55
N VAL C 550 -7.83 -71.12 20.77
CA VAL C 550 -8.47 -71.46 22.07
C VAL C 550 -8.71 -70.19 22.91
N THR C 551 -8.10 -69.05 22.54
CA THR C 551 -8.20 -67.76 23.28
C THR C 551 -9.52 -67.06 22.90
N SER C 552 -9.58 -65.73 22.99
CA SER C 552 -10.75 -64.91 22.56
C SER C 552 -10.77 -64.73 21.03
N ASN C 553 -9.60 -64.76 20.37
CA ASN C 553 -9.44 -64.57 18.90
C ASN C 553 -10.18 -65.64 18.10
N GLY C 554 -10.42 -66.82 18.68
CA GLY C 554 -11.11 -67.94 18.01
C GLY C 554 -12.58 -67.63 17.75
N LEU C 555 -13.27 -67.02 18.72
CA LEU C 555 -14.67 -66.56 18.53
C LEU C 555 -14.66 -65.06 18.25
N LYS C 556 -14.73 -64.69 16.96
CA LYS C 556 -15.02 -63.30 16.52
C LYS C 556 -16.43 -63.25 15.93
N LYS C 557 -16.99 -62.04 15.89
CA LYS C 557 -18.33 -61.75 15.33
C LYS C 557 -18.19 -60.59 14.36
N ASN C 558 -18.92 -60.65 13.25
CA ASN C 558 -18.99 -59.56 12.24
C ASN C 558 -20.18 -58.68 12.57
N PRO C 559 -20.05 -57.34 12.33
CA PRO C 559 -21.13 -56.39 12.57
C PRO C 559 -22.45 -56.80 11.94
N ASN C 560 -23.55 -56.75 12.71
CA ASN C 560 -24.94 -56.77 12.17
C ASN C 560 -25.44 -55.32 12.18
N TRP C 561 -25.46 -54.67 11.02
CA TRP C 561 -25.85 -53.25 10.88
C TRP C 561 -27.30 -53.03 11.34
N LEU C 562 -28.25 -53.86 10.93
CA LEU C 562 -29.65 -53.65 11.33
C LEU C 562 -29.74 -53.59 12.84
N GLU C 563 -28.99 -54.44 13.53
CA GLU C 563 -29.05 -54.56 15.02
C GLU C 563 -28.10 -53.56 15.69
N GLU C 564 -26.94 -53.24 15.11
CA GLU C 564 -25.91 -52.39 15.76
C GLU C 564 -26.28 -50.90 15.65
N TYR C 565 -27.01 -50.52 14.61
CA TYR C 565 -27.39 -49.13 14.23
C TYR C 565 -28.92 -48.99 14.14
N HIS C 566 -29.65 -49.95 14.70
CA HIS C 566 -31.11 -49.88 14.91
C HIS C 566 -31.51 -48.51 15.44
N PRO C 567 -32.49 -47.79 14.86
CA PRO C 567 -33.02 -46.58 15.50
C PRO C 567 -33.88 -47.04 16.69
N LYS C 568 -33.87 -46.26 17.75
CA LYS C 568 -34.58 -46.55 19.03
C LYS C 568 -35.40 -45.31 19.38
N LEU C 569 -36.25 -45.40 20.41
CA LEU C 569 -36.92 -44.23 21.02
C LEU C 569 -36.46 -44.12 22.46
N ILE C 570 -36.20 -42.92 22.93
CA ILE C 570 -35.78 -42.63 24.33
C ILE C 570 -36.54 -41.39 24.79
N LYS C 571 -36.70 -41.22 26.09
CA LYS C 571 -37.62 -40.20 26.65
C LYS C 571 -36.94 -39.50 27.82
N ASN C 572 -36.75 -38.19 27.74
CA ASN C 572 -36.15 -37.41 28.83
C ASN C 572 -37.18 -37.27 29.97
N LYS C 573 -36.73 -36.77 31.12
CA LYS C 573 -37.51 -36.59 32.37
C LYS C 573 -38.85 -35.88 32.08
N SER C 574 -38.82 -34.78 31.31
CA SER C 574 -40.00 -33.98 30.88
C SER C 574 -41.02 -34.85 30.16
N GLY C 575 -40.57 -35.92 29.50
CA GLY C 575 -41.42 -36.85 28.72
C GLY C 575 -41.49 -36.43 27.27
N LYS C 576 -40.35 -36.00 26.73
CA LYS C 576 -40.17 -35.61 25.30
C LYS C 576 -39.45 -36.76 24.61
N ILE C 577 -40.07 -37.34 23.59
CA ILE C 577 -39.57 -38.54 22.87
C ILE C 577 -38.61 -38.07 21.78
N PHE C 578 -37.48 -38.77 21.67
CA PHE C 578 -36.39 -38.52 20.70
C PHE C 578 -36.09 -39.81 19.98
N VAL C 579 -36.00 -39.76 18.66
CA VAL C 579 -35.38 -40.84 17.84
C VAL C 579 -33.93 -40.91 18.29
N GLU C 580 -33.50 -42.06 18.78
CA GLU C 580 -32.14 -42.23 19.34
C GLU C 580 -31.32 -42.87 18.25
N THR C 581 -30.34 -42.14 17.75
CA THR C 581 -29.34 -42.63 16.78
C THR C 581 -27.96 -42.26 17.31
N LYS C 582 -26.92 -42.80 16.71
CA LYS C 582 -25.53 -42.36 16.95
C LYS C 582 -25.41 -40.84 17.00
N PHE C 583 -26.09 -40.12 16.12
CA PHE C 583 -25.88 -38.67 15.92
C PHE C 583 -26.70 -37.92 16.97
N SER C 584 -27.98 -38.26 17.15
CA SER C 584 -28.88 -37.60 18.13
C SER C 584 -28.34 -37.82 19.54
N LYS C 585 -27.79 -38.99 19.85
CA LYS C 585 -27.13 -39.28 21.14
C LYS C 585 -26.08 -38.22 21.46
N LEU C 586 -25.27 -37.81 20.48
CA LEU C 586 -24.13 -36.88 20.70
C LEU C 586 -24.67 -35.47 20.96
N ILE C 587 -25.52 -34.96 20.08
CA ILE C 587 -25.99 -33.55 20.09
C ILE C 587 -27.22 -33.37 20.99
N GLY C 588 -27.87 -34.45 21.37
CA GLY C 588 -28.98 -34.39 22.35
C GLY C 588 -30.20 -33.71 21.81
N ARG C 589 -30.39 -33.76 20.52
CA ARG C 589 -31.53 -33.14 19.79
C ARG C 589 -31.85 -34.10 18.66
N PRO C 590 -33.06 -34.07 18.08
CA PRO C 590 -33.40 -34.96 16.98
C PRO C 590 -32.30 -35.09 15.93
N PRO C 591 -32.23 -36.22 15.23
CA PRO C 591 -31.21 -36.38 14.19
C PRO C 591 -31.60 -35.73 12.86
N LEU C 592 -32.06 -34.48 12.89
CA LEU C 592 -32.47 -33.70 11.70
C LEU C 592 -31.66 -32.41 11.72
N LEU C 593 -30.86 -32.15 10.69
CA LEU C 593 -30.16 -30.85 10.59
C LEU C 593 -30.58 -30.09 9.32
N VAL C 594 -30.72 -28.77 9.46
CA VAL C 594 -30.84 -27.79 8.35
C VAL C 594 -29.44 -27.36 7.99
N PRO C 595 -28.93 -27.75 6.81
CA PRO C 595 -27.52 -27.53 6.50
C PRO C 595 -27.24 -26.06 6.15
N GLY C 596 -25.97 -25.71 5.97
CA GLY C 596 -25.55 -24.32 5.67
C GLY C 596 -25.98 -24.00 4.26
N MET C 597 -26.80 -22.98 4.09
CA MET C 597 -27.33 -22.61 2.75
C MET C 597 -27.06 -21.13 2.53
N THR C 598 -26.37 -20.81 1.43
CA THR C 598 -26.23 -19.43 0.92
C THR C 598 -27.32 -19.20 -0.11
N PRO C 599 -28.30 -18.31 0.15
CA PRO C 599 -28.30 -17.43 1.31
C PRO C 599 -29.30 -17.72 2.45
N CYS C 600 -29.99 -18.87 2.43
CA CYS C 600 -31.15 -19.17 3.32
C CYS C 600 -30.74 -19.15 4.81
N THR C 601 -29.57 -19.70 5.16
CA THR C 601 -29.07 -19.77 6.57
C THR C 601 -27.98 -18.72 6.83
N VAL C 602 -27.82 -17.74 5.95
CA VAL C 602 -26.92 -16.58 6.18
C VAL C 602 -27.59 -15.72 7.25
N SER C 603 -28.92 -15.69 7.27
CA SER C 603 -29.73 -14.83 8.16
C SER C 603 -29.53 -15.24 9.60
N PRO C 604 -29.03 -14.39 10.50
CA PRO C 604 -29.04 -14.71 11.92
C PRO C 604 -30.42 -14.89 12.56
N ASP C 605 -31.49 -14.42 11.92
CA ASP C 605 -32.87 -14.57 12.44
C ASP C 605 -33.36 -16.00 12.17
N PHE C 606 -32.98 -16.60 11.03
CA PHE C 606 -33.39 -17.97 10.64
C PHE C 606 -32.60 -18.99 11.46
N VAL C 607 -31.29 -18.78 11.59
CA VAL C 607 -30.39 -19.69 12.36
C VAL C 607 -30.87 -19.74 13.80
N ALA C 608 -31.40 -18.66 14.35
CA ALA C 608 -31.84 -18.57 15.75
C ALA C 608 -33.26 -19.13 15.88
N ALA C 609 -34.14 -18.87 14.92
CA ALA C 609 -35.51 -19.42 14.92
C ALA C 609 -35.48 -20.95 14.87
N THR C 610 -34.54 -21.51 14.10
CA THR C 610 -34.35 -22.97 13.91
C THR C 610 -33.74 -23.56 15.18
N THR C 611 -32.73 -22.91 15.76
CA THR C 611 -32.01 -23.42 16.97
C THR C 611 -32.96 -23.37 18.16
N ASN C 612 -33.82 -22.34 18.23
CA ASN C 612 -34.84 -22.19 19.31
C ASN C 612 -35.93 -23.24 19.16
N ALA C 613 -36.22 -23.67 17.94
CA ALA C 613 -37.25 -24.71 17.64
C ALA C 613 -36.82 -26.06 18.24
N GLY C 614 -35.53 -26.36 18.29
CA GLY C 614 -34.99 -27.61 18.85
C GLY C 614 -34.03 -28.35 17.96
N TYR C 615 -33.69 -27.82 16.78
CA TYR C 615 -33.10 -28.54 15.65
C TYR C 615 -31.80 -27.88 15.22
N THR C 616 -30.76 -28.66 14.92
CA THR C 616 -29.41 -28.13 14.61
C THR C 616 -29.39 -27.52 13.20
N ILE C 617 -28.70 -26.38 13.05
CA ILE C 617 -28.58 -25.59 11.79
C ILE C 617 -27.21 -24.95 11.75
N GLU C 618 -26.65 -24.82 10.54
CA GLU C 618 -25.35 -24.13 10.28
C GLU C 618 -25.63 -22.67 9.88
N LEU C 619 -24.84 -21.71 10.37
CA LEU C 619 -24.72 -20.34 9.80
C LEU C 619 -23.84 -20.43 8.55
N ALA C 620 -24.34 -19.98 7.39
CA ALA C 620 -23.59 -20.06 6.11
C ALA C 620 -22.47 -19.01 6.10
N GLY C 621 -21.23 -19.47 5.99
CA GLY C 621 -20.02 -18.62 5.88
C GLY C 621 -19.93 -17.96 4.51
N GLY C 622 -20.58 -18.53 3.50
CA GLY C 622 -20.55 -18.05 2.11
C GLY C 622 -21.31 -16.75 1.89
N GLY C 623 -22.05 -16.27 2.88
CA GLY C 623 -22.70 -14.94 2.83
C GLY C 623 -21.94 -13.88 3.61
N TYR C 624 -20.72 -14.17 4.04
CA TYR C 624 -19.86 -13.21 4.79
C TYR C 624 -18.51 -13.12 4.06
N PHE C 625 -17.89 -11.93 4.06
CA PHE C 625 -16.68 -11.62 3.26
C PHE C 625 -15.51 -11.20 4.14
N SER C 626 -15.69 -11.15 5.45
CA SER C 626 -14.69 -10.71 6.44
C SER C 626 -15.03 -11.30 7.79
N ALA C 627 -14.03 -11.52 8.64
CA ALA C 627 -14.22 -11.95 10.04
C ALA C 627 -15.21 -11.00 10.75
N ALA C 628 -15.07 -9.69 10.60
CA ALA C 628 -15.91 -8.68 11.30
C ALA C 628 -17.39 -8.85 10.93
N GLY C 629 -17.68 -9.10 9.65
CA GLY C 629 -19.05 -9.27 9.11
C GLY C 629 -19.71 -10.53 9.64
N MET C 630 -18.95 -11.63 9.68
CA MET C 630 -19.36 -12.92 10.29
C MET C 630 -19.43 -12.80 11.83
N THR C 631 -18.49 -12.11 12.48
CA THR C 631 -18.55 -11.93 13.96
C THR C 631 -19.85 -11.23 14.37
N ALA C 632 -20.29 -10.23 13.60
CA ALA C 632 -21.51 -9.45 13.91
C ALA C 632 -22.74 -10.33 13.73
N ALA C 633 -22.69 -11.22 12.74
CA ALA C 633 -23.74 -12.24 12.43
C ALA C 633 -23.85 -13.23 13.59
N ILE C 634 -22.74 -13.87 13.92
CA ILE C 634 -22.61 -14.78 15.10
C ILE C 634 -23.18 -14.09 16.35
N ASP C 635 -22.81 -12.84 16.65
CA ASP C 635 -23.26 -12.12 17.88
C ASP C 635 -24.77 -11.85 17.83
N SER C 636 -25.31 -11.65 16.64
CA SER C 636 -26.78 -11.51 16.41
C SER C 636 -27.46 -12.85 16.64
N VAL C 637 -26.81 -13.97 16.32
CA VAL C 637 -27.38 -15.33 16.54
C VAL C 637 -27.42 -15.59 18.05
N VAL C 638 -26.28 -15.42 18.72
CA VAL C 638 -26.10 -15.70 20.18
C VAL C 638 -27.12 -14.87 20.97
N SER C 639 -27.26 -13.58 20.66
CA SER C 639 -28.18 -12.66 21.40
C SER C 639 -29.63 -13.16 21.34
N GLN C 640 -30.02 -13.95 20.33
CA GLN C 640 -31.43 -14.37 20.07
C GLN C 640 -31.73 -15.77 20.60
N ILE C 641 -30.76 -16.69 20.60
CA ILE C 641 -30.97 -18.11 21.04
C ILE C 641 -31.01 -18.14 22.57
N GLU C 642 -31.53 -19.25 23.12
CA GLU C 642 -31.70 -19.51 24.57
C GLU C 642 -30.34 -19.90 25.16
N LYS C 643 -30.20 -19.82 26.48
CA LYS C 643 -28.96 -20.22 27.20
C LYS C 643 -28.73 -21.72 26.96
N GLY C 644 -27.50 -22.10 26.66
CA GLY C 644 -27.11 -23.51 26.43
C GLY C 644 -27.27 -23.94 24.98
N SER C 645 -28.15 -23.28 24.21
CA SER C 645 -28.33 -23.57 22.76
C SER C 645 -27.02 -23.33 22.01
N THR C 646 -26.69 -24.21 21.07
CA THR C 646 -25.52 -24.09 20.18
C THR C 646 -26.02 -23.92 18.74
N PHE C 647 -25.09 -23.87 17.79
CA PHE C 647 -25.31 -23.90 16.33
C PHE C 647 -23.98 -24.21 15.68
N GLY C 648 -23.94 -24.35 14.36
CA GLY C 648 -22.66 -24.59 13.67
C GLY C 648 -22.41 -23.59 12.56
N ILE C 649 -21.35 -23.85 11.80
CA ILE C 649 -20.82 -22.93 10.77
C ILE C 649 -20.45 -23.75 9.54
N ASN C 650 -20.94 -23.32 8.38
CA ASN C 650 -20.56 -23.89 7.08
C ASN C 650 -19.53 -22.97 6.43
N LEU C 651 -18.34 -23.48 6.18
CA LEU C 651 -17.33 -22.82 5.31
C LEU C 651 -17.16 -23.61 4.02
N ILE C 652 -17.11 -22.91 2.90
CA ILE C 652 -16.84 -23.48 1.55
C ILE C 652 -15.33 -23.74 1.46
N TYR C 653 -14.91 -24.90 0.97
CA TYR C 653 -13.48 -25.31 0.96
C TYR C 653 -12.76 -24.71 -0.26
N VAL C 654 -13.47 -24.59 -1.38
CA VAL C 654 -12.92 -24.11 -2.69
C VAL C 654 -12.72 -22.60 -2.66
N ASN C 655 -13.22 -21.91 -1.63
CA ASN C 655 -13.00 -20.46 -1.40
C ASN C 655 -11.90 -20.31 -0.35
N PRO C 656 -10.59 -20.33 -0.73
CA PRO C 656 -9.50 -20.26 0.25
C PRO C 656 -9.44 -18.93 1.03
N PHE C 657 -9.96 -17.85 0.45
CA PHE C 657 -10.02 -16.52 1.11
C PHE C 657 -10.97 -16.64 2.31
N MET C 658 -12.12 -17.30 2.14
CA MET C 658 -13.10 -17.50 3.24
C MET C 658 -12.44 -18.27 4.40
N LEU C 659 -11.73 -19.36 4.09
CA LEU C 659 -11.03 -20.22 5.08
C LEU C 659 -9.97 -19.43 5.82
N GLN C 660 -9.36 -18.44 5.18
CA GLN C 660 -8.21 -17.69 5.72
C GLN C 660 -8.69 -16.76 6.84
N TRP C 661 -9.83 -16.07 6.66
CA TRP C 661 -10.42 -15.22 7.74
C TRP C 661 -11.30 -16.07 8.66
N GLY C 662 -11.73 -17.26 8.21
CA GLY C 662 -12.81 -18.07 8.81
C GLY C 662 -12.32 -18.98 9.91
N ILE C 663 -11.31 -19.80 9.62
CA ILE C 663 -10.69 -20.76 10.57
C ILE C 663 -10.12 -20.01 11.79
N PRO C 664 -9.24 -18.98 11.65
CA PRO C 664 -8.80 -18.23 12.82
C PRO C 664 -9.93 -17.58 13.61
N LEU C 665 -11.01 -17.13 12.95
CA LEU C 665 -12.20 -16.50 13.63
C LEU C 665 -12.89 -17.53 14.51
N ILE C 666 -13.12 -18.74 14.01
CA ILE C 666 -13.76 -19.85 14.76
C ILE C 666 -12.86 -20.22 15.93
N LYS C 667 -11.57 -20.41 15.68
CA LYS C 667 -10.58 -20.75 16.75
C LYS C 667 -10.66 -19.74 17.90
N GLU C 668 -10.74 -18.43 17.63
CA GLU C 668 -10.64 -17.40 18.70
C GLU C 668 -12.03 -17.11 19.28
N LEU C 669 -13.10 -17.38 18.54
CA LEU C 669 -14.46 -17.40 19.11
C LEU C 669 -14.62 -18.64 20.01
N ARG C 670 -14.11 -19.80 19.60
CA ARG C 670 -14.22 -21.05 20.41
C ARG C 670 -13.39 -20.92 21.68
N SER C 671 -12.20 -20.32 21.60
CA SER C 671 -11.32 -19.98 22.76
C SER C 671 -12.08 -19.08 23.75
N LYS C 672 -12.86 -18.12 23.26
CA LYS C 672 -13.70 -17.23 24.12
C LYS C 672 -15.04 -17.89 24.52
N GLY C 673 -15.24 -19.17 24.17
CA GLY C 673 -16.40 -19.99 24.57
C GLY C 673 -17.70 -19.57 23.90
N TYR C 674 -17.67 -19.18 22.63
CA TYR C 674 -18.88 -19.00 21.78
C TYR C 674 -19.50 -20.38 21.54
N PRO C 675 -20.84 -20.51 21.61
CA PRO C 675 -21.52 -21.79 21.42
C PRO C 675 -21.54 -22.30 19.97
N ILE C 676 -20.35 -22.55 19.40
CA ILE C 676 -20.15 -23.10 18.04
C ILE C 676 -19.88 -24.58 18.24
N GLN C 677 -20.91 -25.39 18.06
CA GLN C 677 -20.88 -26.84 18.37
C GLN C 677 -20.00 -27.52 17.33
N PHE C 678 -20.05 -27.07 16.10
CA PHE C 678 -19.39 -27.80 15.00
C PHE C 678 -19.22 -26.93 13.78
N LEU C 679 -18.33 -27.41 12.92
CA LEU C 679 -17.94 -26.81 11.64
C LEU C 679 -18.21 -27.83 10.56
N THR C 680 -18.87 -27.41 9.48
CA THR C 680 -19.15 -28.21 8.27
C THR C 680 -18.36 -27.63 7.10
N ILE C 681 -17.42 -28.37 6.54
CA ILE C 681 -16.66 -27.95 5.33
C ILE C 681 -17.42 -28.46 4.11
N GLY C 682 -18.03 -27.55 3.36
CA GLY C 682 -18.72 -27.87 2.09
C GLY C 682 -17.77 -27.88 0.91
N ALA C 683 -18.27 -28.28 -0.25
CA ALA C 683 -17.66 -28.03 -1.58
C ALA C 683 -16.37 -28.83 -1.79
N GLY C 684 -16.05 -29.76 -0.89
CA GLY C 684 -14.74 -30.45 -0.91
C GLY C 684 -14.39 -31.00 0.44
N VAL C 685 -13.49 -31.98 0.48
CA VAL C 685 -13.01 -32.55 1.75
C VAL C 685 -11.60 -32.03 1.96
N PRO C 686 -11.23 -31.57 3.17
CA PRO C 686 -9.86 -31.14 3.42
C PRO C 686 -8.83 -32.28 3.21
N SER C 687 -7.56 -31.90 3.20
CA SER C 687 -6.40 -32.82 3.25
C SER C 687 -6.18 -33.24 4.71
N LEU C 688 -5.52 -34.37 4.93
CA LEU C 688 -5.29 -34.97 6.26
C LEU C 688 -4.73 -33.93 7.24
N GLU C 689 -3.72 -33.14 6.83
CA GLU C 689 -3.01 -32.19 7.74
C GLU C 689 -3.91 -30.99 8.07
N VAL C 690 -4.71 -30.54 7.11
CA VAL C 690 -5.66 -29.41 7.31
C VAL C 690 -6.77 -29.87 8.26
N ALA C 691 -7.27 -31.10 8.10
CA ALA C 691 -8.35 -31.68 8.93
C ALA C 691 -7.81 -31.89 10.34
N SER C 692 -6.57 -32.38 10.47
CA SER C 692 -5.84 -32.54 11.76
C SER C 692 -5.72 -31.21 12.50
N GLU C 693 -5.49 -30.10 11.77
CA GLU C 693 -5.47 -28.72 12.31
C GLU C 693 -6.87 -28.36 12.83
N TYR C 694 -7.92 -28.60 12.03
CA TYR C 694 -9.34 -28.23 12.34
C TYR C 694 -9.82 -29.01 13.56
N ILE C 695 -9.49 -30.30 13.63
CA ILE C 695 -9.91 -31.21 14.72
C ILE C 695 -9.23 -30.77 16.02
N GLU C 696 -7.93 -30.54 15.99
CA GLU C 696 -7.09 -30.37 17.21
C GLU C 696 -7.18 -28.93 17.73
N THR C 697 -7.09 -27.91 16.89
CA THR C 697 -6.93 -26.48 17.31
C THR C 697 -8.28 -25.81 17.61
N LEU C 698 -9.32 -26.06 16.82
CA LEU C 698 -10.57 -25.24 16.83
C LEU C 698 -11.40 -25.48 18.10
N GLY C 699 -11.17 -26.55 18.86
CA GLY C 699 -11.98 -26.85 20.06
C GLY C 699 -13.45 -26.93 19.71
N LEU C 700 -13.78 -27.84 18.78
CA LEU C 700 -15.15 -28.15 18.31
C LEU C 700 -15.58 -29.49 18.91
N LYS C 701 -16.90 -29.74 18.91
CA LYS C 701 -17.49 -31.01 19.38
C LYS C 701 -17.32 -32.06 18.28
N TYR C 702 -17.68 -31.69 17.06
CA TYR C 702 -17.51 -32.55 15.87
C TYR C 702 -17.29 -31.71 14.62
N LEU C 703 -16.92 -32.39 13.55
CA LEU C 703 -16.62 -31.81 12.23
C LEU C 703 -17.54 -32.48 11.24
N GLY C 704 -18.35 -31.70 10.53
CA GLY C 704 -19.13 -32.17 9.38
C GLY C 704 -18.28 -32.04 8.13
N LEU C 705 -18.36 -33.04 7.25
CA LEU C 705 -17.67 -33.08 5.94
C LEU C 705 -18.67 -33.52 4.88
N LYS C 706 -18.72 -32.87 3.72
CA LYS C 706 -19.69 -33.19 2.63
C LYS C 706 -18.91 -33.75 1.46
N PRO C 707 -18.56 -35.05 1.49
CA PRO C 707 -17.93 -35.69 0.35
C PRO C 707 -18.89 -35.71 -0.83
N GLY C 708 -18.36 -35.40 -2.02
CA GLY C 708 -19.10 -35.38 -3.30
C GLY C 708 -19.20 -36.76 -3.93
N SER C 709 -18.07 -37.47 -4.00
CA SER C 709 -17.92 -38.74 -4.75
C SER C 709 -17.43 -39.83 -3.80
N ILE C 710 -17.01 -40.97 -4.36
CA ILE C 710 -16.36 -42.10 -3.63
C ILE C 710 -15.01 -41.62 -3.07
N ASP C 711 -14.13 -41.04 -3.91
CA ASP C 711 -12.75 -40.67 -3.51
C ASP C 711 -12.79 -39.74 -2.30
N ALA C 712 -13.76 -38.83 -2.27
CA ALA C 712 -14.04 -37.90 -1.15
C ALA C 712 -14.42 -38.69 0.10
N ILE C 713 -15.31 -39.68 -0.02
CA ILE C 713 -15.74 -40.56 1.11
C ILE C 713 -14.50 -41.21 1.74
N SER C 714 -13.68 -41.86 0.92
CA SER C 714 -12.38 -42.47 1.29
C SER C 714 -11.48 -41.45 2.00
N GLN C 715 -11.52 -40.19 1.60
CA GLN C 715 -10.74 -39.10 2.25
C GLN C 715 -11.34 -38.76 3.62
N VAL C 716 -12.66 -38.89 3.80
CA VAL C 716 -13.34 -38.65 5.12
C VAL C 716 -12.94 -39.79 6.04
N ILE C 717 -13.13 -41.03 5.59
CA ILE C 717 -12.72 -42.27 6.31
C ILE C 717 -11.27 -42.11 6.81
N ASN C 718 -10.33 -41.67 5.95
CA ASN C 718 -8.90 -41.50 6.29
C ASN C 718 -8.74 -40.46 7.40
N ILE C 719 -9.52 -39.37 7.36
CA ILE C 719 -9.53 -38.34 8.44
C ILE C 719 -10.06 -38.98 9.73
N ALA C 720 -11.02 -39.89 9.64
CA ALA C 720 -11.67 -40.51 10.81
C ALA C 720 -10.70 -41.52 11.47
N LYS C 721 -9.91 -42.27 10.69
CA LYS C 721 -8.85 -43.18 11.21
C LYS C 721 -7.75 -42.37 11.91
N ALA C 722 -7.40 -41.21 11.37
CA ALA C 722 -6.35 -40.31 11.90
C ALA C 722 -6.69 -39.86 13.33
N HIS C 723 -7.98 -39.63 13.63
CA HIS C 723 -8.50 -39.21 14.97
C HIS C 723 -9.67 -40.10 15.35
N PRO C 724 -9.40 -41.36 15.76
CA PRO C 724 -10.47 -42.35 15.96
C PRO C 724 -11.44 -42.00 17.09
N ASN C 725 -11.07 -41.10 17.99
CA ASN C 725 -11.92 -40.64 19.13
C ASN C 725 -12.82 -39.46 18.75
N PHE C 726 -12.51 -38.71 17.69
CA PHE C 726 -13.21 -37.43 17.37
C PHE C 726 -14.42 -37.70 16.49
N PRO C 727 -15.63 -37.22 16.83
CA PRO C 727 -16.81 -37.48 16.02
C PRO C 727 -16.83 -36.70 14.70
N ILE C 728 -16.79 -37.41 13.58
CA ILE C 728 -17.01 -36.84 12.23
C ILE C 728 -18.48 -37.03 11.86
N ALA C 729 -19.08 -36.05 11.20
CA ALA C 729 -20.45 -36.14 10.65
C ALA C 729 -20.35 -36.12 9.13
N LEU C 730 -20.11 -37.28 8.52
CA LEU C 730 -20.15 -37.50 7.05
C LEU C 730 -21.56 -37.16 6.53
N GLN C 731 -21.72 -36.01 5.88
CA GLN C 731 -23.02 -35.53 5.36
C GLN C 731 -23.11 -35.92 3.88
N TRP C 732 -23.84 -36.99 3.58
CA TRP C 732 -23.85 -37.57 2.23
C TRP C 732 -25.05 -37.00 1.46
N THR C 733 -24.80 -36.44 0.29
CA THR C 733 -25.82 -35.78 -0.56
C THR C 733 -25.58 -36.26 -1.98
N GLY C 734 -26.63 -36.62 -2.68
CA GLY C 734 -26.48 -36.94 -4.11
C GLY C 734 -26.51 -35.70 -4.99
N GLY C 735 -26.33 -35.92 -6.28
CA GLY C 735 -26.58 -34.91 -7.33
C GLY C 735 -27.98 -34.30 -7.24
N ARG C 736 -29.00 -35.04 -6.82
CA ARG C 736 -30.39 -34.55 -6.77
C ARG C 736 -30.63 -33.41 -5.75
N GLY C 737 -29.61 -32.96 -5.03
CA GLY C 737 -29.73 -31.87 -4.05
C GLY C 737 -29.75 -30.51 -4.72
N GLY C 738 -30.39 -29.53 -4.09
CA GLY C 738 -30.45 -28.15 -4.58
C GLY C 738 -29.13 -27.44 -4.37
N GLY C 739 -28.90 -26.35 -5.13
CA GLY C 739 -27.64 -25.59 -5.10
C GLY C 739 -26.51 -26.32 -5.79
N HIS C 740 -25.27 -25.97 -5.46
CA HIS C 740 -24.05 -26.58 -6.05
C HIS C 740 -24.12 -28.09 -5.84
N HIS C 741 -24.28 -28.86 -6.91
CA HIS C 741 -24.43 -30.33 -6.78
C HIS C 741 -23.37 -31.06 -7.57
N SER C 742 -23.36 -32.37 -7.41
CA SER C 742 -22.44 -33.33 -8.04
C SER C 742 -23.22 -34.04 -9.13
N PHE C 743 -22.61 -35.03 -9.78
CA PHE C 743 -23.23 -35.83 -10.86
C PHE C 743 -23.69 -37.18 -10.30
N GLU C 744 -23.40 -37.45 -9.02
CA GLU C 744 -23.45 -38.80 -8.38
C GLU C 744 -24.90 -39.17 -8.10
N ASP C 745 -25.19 -40.47 -8.13
CA ASP C 745 -26.47 -41.02 -7.58
C ASP C 745 -26.47 -40.79 -6.06
N ALA C 746 -27.65 -40.81 -5.46
CA ALA C 746 -27.85 -40.75 -4.00
C ALA C 746 -27.47 -42.08 -3.36
N HIS C 747 -27.78 -43.20 -4.01
CA HIS C 747 -27.80 -44.55 -3.41
C HIS C 747 -26.48 -45.30 -3.69
N THR C 748 -26.11 -45.41 -4.95
CA THR C 748 -25.03 -46.32 -5.42
C THR C 748 -23.73 -46.12 -4.61
N PRO C 749 -23.27 -44.88 -4.31
CA PRO C 749 -22.04 -44.68 -3.55
C PRO C 749 -22.06 -45.20 -2.10
N MET C 750 -23.21 -45.08 -1.43
CA MET C 750 -23.42 -45.54 -0.04
C MET C 750 -23.42 -47.07 -0.06
N LEU C 751 -24.26 -47.68 -0.90
CA LEU C 751 -24.26 -49.16 -1.02
C LEU C 751 -22.81 -49.65 -1.08
N GLN C 752 -21.93 -49.00 -1.83
CA GLN C 752 -20.50 -49.42 -1.96
C GLN C 752 -19.76 -49.12 -0.65
N MET C 753 -19.82 -47.89 -0.17
CA MET C 753 -18.96 -47.40 0.94
C MET C 753 -19.56 -47.59 2.34
N TYR C 754 -20.83 -47.99 2.47
CA TYR C 754 -21.54 -48.00 3.77
C TYR C 754 -20.78 -48.89 4.75
N SER C 755 -20.32 -50.07 4.28
CA SER C 755 -19.53 -51.03 5.09
C SER C 755 -18.26 -50.33 5.60
N LYS C 756 -17.50 -49.70 4.72
CA LYS C 756 -16.18 -49.12 5.11
C LYS C 756 -16.40 -47.96 6.07
N ILE C 757 -17.49 -47.23 5.92
CA ILE C 757 -17.86 -46.12 6.86
C ILE C 757 -18.10 -46.76 8.23
N ARG C 758 -18.86 -47.85 8.32
CA ARG C 758 -19.32 -48.40 9.62
C ARG C 758 -18.19 -49.10 10.40
N ARG C 759 -17.03 -49.31 9.80
CA ARG C 759 -15.81 -49.82 10.49
C ARG C 759 -15.16 -48.69 11.30
N HIS C 760 -15.72 -47.47 11.28
CA HIS C 760 -15.22 -46.31 12.07
C HIS C 760 -16.31 -45.78 12.97
N PRO C 761 -16.33 -46.19 14.25
CA PRO C 761 -17.45 -45.83 15.11
C PRO C 761 -17.54 -44.31 15.37
N ASN C 762 -16.53 -43.50 15.03
CA ASN C 762 -16.68 -42.03 15.16
C ASN C 762 -17.48 -41.42 14.01
N ILE C 763 -17.70 -42.12 12.91
CA ILE C 763 -18.39 -41.54 11.74
C ILE C 763 -19.91 -41.66 11.90
N MET C 764 -20.54 -40.51 12.13
CA MET C 764 -22.00 -40.32 12.22
C MET C 764 -22.48 -39.97 10.81
N LEU C 765 -23.24 -40.88 10.22
CA LEU C 765 -23.47 -40.93 8.77
C LEU C 765 -24.85 -40.36 8.45
N ILE C 766 -24.90 -39.20 7.81
CA ILE C 766 -26.13 -38.37 7.68
C ILE C 766 -26.52 -38.28 6.22
N PHE C 767 -27.69 -38.80 5.85
CA PHE C 767 -28.20 -38.81 4.45
C PHE C 767 -28.92 -37.49 4.20
N GLY C 768 -28.61 -36.86 3.07
CA GLY C 768 -29.27 -35.64 2.60
C GLY C 768 -29.62 -35.76 1.14
N SER C 769 -30.48 -34.86 0.67
CA SER C 769 -30.82 -34.62 -0.76
C SER C 769 -32.16 -35.28 -1.08
N GLY C 770 -33.16 -34.47 -1.37
CA GLY C 770 -34.45 -34.93 -1.88
C GLY C 770 -35.36 -35.42 -0.78
N PHE C 771 -35.33 -34.77 0.39
CA PHE C 771 -36.17 -35.16 1.55
C PHE C 771 -37.04 -34.01 2.01
N GLY C 772 -38.31 -34.30 2.30
CA GLY C 772 -39.27 -33.28 2.79
C GLY C 772 -40.32 -33.81 3.74
N SER C 773 -40.25 -35.08 4.13
CA SER C 773 -41.27 -35.70 5.01
C SER C 773 -40.67 -36.90 5.73
N ALA C 774 -41.29 -37.33 6.83
CA ALA C 774 -40.96 -38.57 7.56
C ALA C 774 -41.08 -39.79 6.64
N ASP C 775 -42.05 -39.79 5.73
CA ASP C 775 -42.41 -40.97 4.88
C ASP C 775 -41.21 -41.33 4.00
N ASP C 776 -40.61 -40.35 3.35
CA ASP C 776 -39.56 -40.60 2.33
C ASP C 776 -38.20 -40.76 3.02
N THR C 777 -38.09 -40.39 4.30
CA THR C 777 -36.86 -40.54 5.13
C THR C 777 -36.89 -41.83 5.93
N TYR C 778 -38.06 -42.24 6.43
CA TYR C 778 -38.22 -43.42 7.32
C TYR C 778 -37.40 -44.61 6.82
N PRO C 779 -37.52 -45.06 5.55
CA PRO C 779 -36.74 -46.18 5.07
C PRO C 779 -35.22 -46.12 5.26
N TYR C 780 -34.67 -44.90 5.37
CA TYR C 780 -33.21 -44.68 5.55
C TYR C 780 -32.90 -44.84 7.03
N LEU C 781 -33.77 -44.32 7.88
CA LEU C 781 -33.59 -44.40 9.35
C LEU C 781 -33.57 -45.87 9.77
N THR C 782 -34.52 -46.63 9.22
CA THR C 782 -34.73 -48.07 9.48
C THR C 782 -33.62 -48.91 8.84
N GLY C 783 -33.27 -48.59 7.60
CA GLY C 783 -32.31 -49.35 6.78
C GLY C 783 -33.01 -50.12 5.68
N GLU C 784 -34.35 -50.15 5.63
CA GLU C 784 -35.06 -50.97 4.62
C GLU C 784 -34.88 -50.35 3.22
N TRP C 785 -34.34 -49.14 3.12
CA TRP C 785 -34.08 -48.50 1.80
C TRP C 785 -33.18 -49.39 0.94
N SER C 786 -32.23 -50.10 1.53
CA SER C 786 -31.21 -50.86 0.77
C SER C 786 -31.72 -52.26 0.47
N THR C 787 -32.92 -52.65 0.93
CA THR C 787 -33.48 -53.99 0.64
C THR C 787 -34.14 -54.00 -0.75
N LYS C 788 -34.36 -52.82 -1.35
CA LYS C 788 -34.86 -52.66 -2.73
C LYS C 788 -33.71 -52.84 -3.73
N PHE C 789 -32.45 -52.79 -3.28
CA PHE C 789 -31.26 -52.95 -4.14
C PHE C 789 -30.60 -54.32 -3.88
N ASP C 790 -31.31 -55.23 -3.20
CA ASP C 790 -30.82 -56.58 -2.81
C ASP C 790 -29.53 -56.46 -2.01
N TYR C 791 -29.53 -55.63 -0.96
CA TYR C 791 -28.45 -55.56 0.06
C TYR C 791 -29.07 -55.85 1.42
N PRO C 792 -28.24 -56.09 2.47
CA PRO C 792 -28.72 -56.08 3.85
C PRO C 792 -29.24 -54.70 4.16
N PRO C 793 -29.99 -54.49 5.25
CA PRO C 793 -30.33 -53.14 5.72
C PRO C 793 -29.09 -52.31 6.09
N MET C 794 -29.19 -50.99 5.96
CA MET C 794 -28.05 -50.05 6.15
C MET C 794 -28.56 -48.79 6.83
N PRO C 795 -28.81 -48.80 8.14
CA PRO C 795 -29.45 -47.68 8.80
C PRO C 795 -28.56 -46.45 8.79
N PHE C 796 -29.15 -45.26 8.68
CA PHE C 796 -28.47 -43.95 8.75
C PHE C 796 -28.69 -43.34 10.15
N ASP C 797 -27.82 -42.40 10.52
CA ASP C 797 -27.82 -41.79 11.86
C ASP C 797 -28.60 -40.49 11.87
N GLY C 798 -28.83 -39.86 10.72
CA GLY C 798 -29.60 -38.61 10.66
C GLY C 798 -29.82 -38.13 9.23
N PHE C 799 -30.53 -37.01 9.07
CA PHE C 799 -30.92 -36.44 7.76
C PHE C 799 -30.65 -34.96 7.72
N LEU C 800 -30.57 -34.41 6.51
CA LEU C 800 -30.56 -32.94 6.30
C LEU C 800 -31.58 -32.54 5.24
N PHE C 801 -32.23 -31.41 5.49
CA PHE C 801 -33.34 -30.82 4.71
C PHE C 801 -32.86 -29.42 4.31
N GLY C 802 -32.36 -29.27 3.09
CA GLY C 802 -32.00 -27.95 2.56
C GLY C 802 -33.20 -27.25 1.97
N SER C 803 -33.59 -27.70 0.79
CA SER C 803 -34.67 -27.17 -0.06
C SER C 803 -36.00 -27.15 0.70
N ARG C 804 -36.30 -28.14 1.53
CA ARG C 804 -37.66 -28.25 2.16
C ARG C 804 -37.95 -27.05 3.06
N VAL C 805 -36.91 -26.41 3.62
CA VAL C 805 -37.08 -25.31 4.63
C VAL C 805 -36.85 -23.95 3.97
N MET C 806 -36.89 -23.87 2.64
CA MET C 806 -36.71 -22.59 1.89
C MET C 806 -37.98 -21.75 1.90
N ILE C 807 -39.13 -22.30 2.28
CA ILE C 807 -40.40 -21.53 2.28
C ILE C 807 -40.95 -21.47 3.71
N ALA C 808 -40.12 -21.70 4.71
CA ALA C 808 -40.46 -21.47 6.12
C ALA C 808 -40.77 -19.98 6.34
N LYS C 809 -41.51 -19.65 7.42
CA LYS C 809 -41.89 -18.27 7.78
C LYS C 809 -40.65 -17.43 8.09
N GLU C 810 -39.65 -18.03 8.73
CA GLU C 810 -38.49 -17.34 9.32
C GLU C 810 -37.34 -17.20 8.30
N VAL C 811 -37.52 -17.69 7.07
CA VAL C 811 -36.51 -17.59 5.98
C VAL C 811 -36.73 -16.24 5.29
N LYS C 812 -35.63 -15.59 4.91
CA LYS C 812 -35.62 -14.20 4.41
C LYS C 812 -36.09 -14.17 2.95
N THR C 813 -35.85 -15.25 2.20
CA THR C 813 -36.41 -15.51 0.83
C THR C 813 -37.71 -14.71 0.64
N SER C 814 -37.74 -13.83 -0.37
CA SER C 814 -38.81 -12.83 -0.60
C SER C 814 -40.11 -13.55 -0.91
N PRO C 815 -41.28 -13.02 -0.49
CA PRO C 815 -42.57 -13.68 -0.72
C PRO C 815 -42.83 -14.22 -2.14
N ASP C 816 -42.37 -13.51 -3.18
CA ASP C 816 -42.61 -13.90 -4.59
C ASP C 816 -41.71 -15.09 -4.96
N ALA C 817 -40.48 -15.14 -4.44
CA ALA C 817 -39.56 -16.29 -4.64
C ALA C 817 -40.16 -17.53 -3.98
N LYS C 818 -40.83 -17.35 -2.85
CA LYS C 818 -41.56 -18.45 -2.13
C LYS C 818 -42.73 -18.95 -2.99
N LYS C 819 -43.40 -18.09 -3.77
CA LYS C 819 -44.50 -18.53 -4.67
C LYS C 819 -43.90 -19.28 -5.88
N CYS C 820 -42.75 -18.84 -6.39
CA CYS C 820 -41.98 -19.56 -7.46
C CYS C 820 -41.45 -20.91 -6.96
N ILE C 821 -41.05 -20.99 -5.69
CA ILE C 821 -40.59 -22.26 -5.06
C ILE C 821 -41.76 -23.23 -4.98
N ALA C 822 -42.91 -22.76 -4.49
CA ALA C 822 -44.09 -23.60 -4.22
C ALA C 822 -44.67 -24.10 -5.55
N ALA C 823 -44.55 -23.29 -6.60
CA ALA C 823 -45.07 -23.55 -7.96
C ALA C 823 -44.32 -24.72 -8.61
N CYS C 824 -43.04 -24.94 -8.27
CA CYS C 824 -42.24 -26.09 -8.76
C CYS C 824 -42.87 -27.40 -8.29
N THR C 825 -43.33 -28.21 -9.24
CA THR C 825 -43.93 -29.55 -8.96
C THR C 825 -42.82 -30.50 -8.51
N GLY C 826 -41.62 -30.30 -9.07
CA GLY C 826 -40.46 -31.19 -8.85
C GLY C 826 -40.69 -32.52 -9.50
N VAL C 827 -39.78 -33.47 -9.30
CA VAL C 827 -39.87 -34.83 -9.89
C VAL C 827 -39.50 -35.88 -8.85
N PRO C 828 -39.80 -37.17 -9.10
CA PRO C 828 -39.15 -38.26 -8.36
C PRO C 828 -37.68 -38.50 -8.74
N ASP C 829 -36.96 -39.25 -7.91
CA ASP C 829 -35.49 -39.53 -8.02
C ASP C 829 -35.10 -40.17 -9.36
N ASP C 830 -35.99 -40.88 -10.06
CA ASP C 830 -35.63 -41.52 -11.36
C ASP C 830 -35.45 -40.48 -12.47
N LYS C 831 -35.99 -39.25 -12.32
CA LYS C 831 -36.12 -38.22 -13.39
C LYS C 831 -35.30 -36.96 -13.09
N TRP C 832 -34.52 -36.93 -12.03
CA TRP C 832 -33.83 -35.69 -11.62
C TRP C 832 -32.69 -35.35 -12.59
N GLU C 833 -32.18 -36.29 -13.39
CA GLU C 833 -30.99 -36.04 -14.26
C GLU C 833 -31.42 -35.41 -15.59
N GLN C 834 -32.72 -35.19 -15.78
CA GLN C 834 -33.26 -34.39 -16.90
C GLN C 834 -33.02 -32.89 -16.66
N THR C 835 -32.69 -32.46 -15.44
CA THR C 835 -32.34 -31.04 -15.12
C THR C 835 -31.06 -30.59 -15.83
N TYR C 836 -30.30 -31.51 -16.41
CA TYR C 836 -29.06 -31.21 -17.17
C TYR C 836 -29.36 -30.83 -18.63
N LYS C 837 -30.60 -31.01 -19.10
CA LYS C 837 -30.96 -30.82 -20.53
C LYS C 837 -32.03 -29.73 -20.66
N LYS C 838 -33.10 -29.81 -19.87
CA LYS C 838 -34.30 -28.94 -19.98
C LYS C 838 -34.90 -28.72 -18.59
N PRO C 839 -35.79 -27.72 -18.40
CA PRO C 839 -36.53 -27.58 -17.15
C PRO C 839 -37.33 -28.84 -16.83
N THR C 840 -37.19 -29.33 -15.59
CA THR C 840 -37.70 -30.63 -15.11
C THR C 840 -38.28 -30.42 -13.70
N GLY C 841 -39.60 -30.31 -13.60
CA GLY C 841 -40.29 -29.98 -12.34
C GLY C 841 -40.08 -28.53 -11.96
N GLY C 842 -39.76 -27.69 -12.96
CA GLY C 842 -39.56 -26.23 -12.79
C GLY C 842 -38.16 -25.88 -12.35
N ILE C 843 -37.22 -26.83 -12.40
CA ILE C 843 -35.82 -26.65 -11.91
C ILE C 843 -34.92 -27.03 -13.08
N VAL C 844 -33.77 -26.39 -13.16
CA VAL C 844 -32.76 -26.67 -14.21
C VAL C 844 -31.34 -26.62 -13.63
N THR C 845 -30.40 -27.28 -14.28
CA THR C 845 -28.97 -27.22 -13.92
C THR C 845 -28.29 -26.14 -14.77
N VAL C 846 -27.46 -25.30 -14.17
CA VAL C 846 -26.61 -24.32 -14.88
C VAL C 846 -25.20 -24.38 -14.30
N ARG C 847 -24.17 -24.21 -15.12
CA ARG C 847 -22.76 -24.11 -14.66
C ARG C 847 -22.59 -22.80 -13.89
N SER C 848 -21.79 -22.79 -12.85
CA SER C 848 -21.26 -21.57 -12.19
C SER C 848 -20.07 -21.06 -13.02
N GLU C 849 -19.38 -20.03 -12.52
CA GLU C 849 -18.18 -19.42 -13.17
C GLU C 849 -16.99 -20.41 -13.15
N MET C 850 -16.94 -21.36 -12.19
CA MET C 850 -15.89 -22.41 -12.06
C MET C 850 -16.31 -23.70 -12.80
N GLY C 851 -17.42 -23.67 -13.53
CA GLY C 851 -17.92 -24.80 -14.34
C GLY C 851 -18.47 -25.92 -13.47
N GLU C 852 -19.08 -25.60 -12.32
CA GLU C 852 -19.65 -26.61 -11.40
C GLU C 852 -21.18 -26.46 -11.37
N PRO C 853 -21.94 -27.58 -11.44
CA PRO C 853 -23.38 -27.53 -11.66
C PRO C 853 -24.17 -26.87 -10.53
N ILE C 854 -25.35 -26.32 -10.80
CA ILE C 854 -26.20 -25.66 -9.77
C ILE C 854 -27.65 -25.87 -10.12
N HIS C 855 -28.41 -26.51 -9.23
CA HIS C 855 -29.87 -26.69 -9.41
C HIS C 855 -30.52 -25.39 -9.04
N LYS C 856 -31.21 -24.76 -9.99
CA LYS C 856 -31.94 -23.48 -9.79
C LYS C 856 -33.34 -23.63 -10.34
N ILE C 857 -34.30 -22.98 -9.72
CA ILE C 857 -35.64 -22.75 -10.32
C ILE C 857 -35.45 -22.08 -11.67
N ALA C 858 -36.08 -22.64 -12.71
CA ALA C 858 -35.91 -22.23 -14.11
C ALA C 858 -36.80 -21.02 -14.36
N THR C 859 -36.33 -19.88 -13.85
CA THR C 859 -36.86 -18.53 -14.11
C THR C 859 -36.36 -18.08 -15.49
N ARG C 860 -36.89 -16.96 -16.01
CA ARG C 860 -36.41 -16.36 -17.29
C ARG C 860 -34.91 -16.04 -17.17
N GLY C 861 -34.51 -15.41 -16.06
CA GLY C 861 -33.10 -15.13 -15.73
C GLY C 861 -32.26 -16.39 -15.83
N VAL C 862 -32.65 -17.46 -15.14
CA VAL C 862 -31.87 -18.71 -15.13
C VAL C 862 -31.88 -19.35 -16.51
N MET C 863 -32.97 -19.20 -17.28
CA MET C 863 -33.04 -19.77 -18.65
C MET C 863 -32.03 -19.04 -19.57
N LEU C 864 -31.93 -17.72 -19.46
CA LEU C 864 -30.89 -16.93 -20.17
C LEU C 864 -29.50 -17.45 -19.79
N TRP C 865 -29.25 -17.60 -18.49
CA TRP C 865 -27.97 -18.13 -17.95
C TRP C 865 -27.65 -19.47 -18.62
N LYS C 866 -28.59 -20.41 -18.58
CA LYS C 866 -28.42 -21.75 -19.19
C LYS C 866 -28.13 -21.60 -20.68
N GLU C 867 -28.82 -20.68 -21.35
CA GLU C 867 -28.70 -20.43 -22.81
C GLU C 867 -27.28 -19.92 -23.10
N PHE C 868 -26.79 -18.92 -22.35
CA PHE C 868 -25.43 -18.35 -22.55
C PHE C 868 -24.35 -19.37 -22.16
N ASP C 869 -24.63 -20.35 -21.31
CA ASP C 869 -23.71 -21.49 -21.02
C ASP C 869 -23.55 -22.38 -22.26
N GLU C 870 -24.67 -22.63 -22.96
CA GLU C 870 -24.73 -23.51 -24.16
C GLU C 870 -24.03 -22.85 -25.36
N THR C 871 -24.09 -21.51 -25.49
CA THR C 871 -23.77 -20.77 -26.76
C THR C 871 -22.52 -19.89 -26.65
N ILE C 872 -22.34 -19.14 -25.56
CA ILE C 872 -21.27 -18.11 -25.40
C ILE C 872 -20.15 -18.62 -24.50
N PHE C 873 -20.46 -19.05 -23.27
CA PHE C 873 -19.45 -19.26 -22.20
C PHE C 873 -18.68 -20.57 -22.40
N ASN C 874 -19.15 -21.45 -23.29
CA ASN C 874 -18.47 -22.73 -23.64
C ASN C 874 -17.47 -22.55 -24.78
N LEU C 875 -17.43 -21.37 -25.42
CA LEU C 875 -16.58 -21.11 -26.60
C LEU C 875 -15.13 -20.94 -26.16
N PRO C 876 -14.14 -21.31 -27.00
CA PRO C 876 -12.73 -21.01 -26.71
C PRO C 876 -12.44 -19.51 -26.69
N LYS C 877 -11.30 -19.12 -26.10
CA LYS C 877 -10.91 -17.71 -25.78
C LYS C 877 -10.79 -16.88 -27.06
N ASN C 878 -10.25 -17.47 -28.13
CA ASN C 878 -10.05 -16.81 -29.45
C ASN C 878 -11.39 -16.49 -30.13
N LYS C 879 -12.47 -17.24 -29.80
CA LYS C 879 -13.80 -17.13 -30.46
C LYS C 879 -14.75 -16.25 -29.63
N LEU C 880 -14.45 -15.99 -28.35
CA LEU C 880 -15.39 -15.32 -27.40
C LEU C 880 -15.68 -13.90 -27.87
N VAL C 881 -14.64 -13.08 -28.05
CA VAL C 881 -14.78 -11.62 -28.37
C VAL C 881 -15.52 -11.45 -29.70
N PRO C 882 -15.12 -12.09 -30.82
CA PRO C 882 -15.90 -12.08 -32.07
C PRO C 882 -17.39 -12.42 -31.94
N THR C 883 -17.70 -13.46 -31.15
CA THR C 883 -19.07 -13.95 -30.87
C THR C 883 -19.89 -12.88 -30.16
N LEU C 884 -19.29 -12.22 -29.15
CA LEU C 884 -19.97 -11.19 -28.34
C LEU C 884 -20.33 -10.01 -29.25
N GLU C 885 -19.35 -9.48 -29.99
CA GLU C 885 -19.55 -8.34 -30.94
C GLU C 885 -20.71 -8.64 -31.89
N ALA C 886 -20.73 -9.85 -32.48
CA ALA C 886 -21.76 -10.36 -33.42
C ALA C 886 -23.15 -10.40 -32.76
N LYS C 887 -23.24 -10.88 -31.52
CA LYS C 887 -24.53 -11.16 -30.84
C LYS C 887 -24.96 -9.97 -29.96
N ARG C 888 -24.10 -8.95 -29.83
CA ARG C 888 -24.21 -7.78 -28.92
C ARG C 888 -25.66 -7.36 -28.66
N ASP C 889 -26.41 -7.00 -29.70
CA ASP C 889 -27.75 -6.38 -29.58
C ASP C 889 -28.78 -7.39 -29.07
N TYR C 890 -28.55 -8.68 -29.31
CA TYR C 890 -29.40 -9.77 -28.77
C TYR C 890 -29.10 -9.88 -27.27
N ILE C 891 -27.83 -10.17 -26.95
CA ILE C 891 -27.34 -10.22 -25.55
C ILE C 891 -27.99 -9.08 -24.78
N ILE C 892 -27.82 -7.84 -25.23
CA ILE C 892 -28.28 -6.63 -24.50
C ILE C 892 -29.81 -6.64 -24.31
N SER C 893 -30.60 -7.07 -25.29
CA SER C 893 -32.08 -7.04 -25.15
C SER C 893 -32.51 -8.05 -24.07
N ARG C 894 -31.86 -9.23 -24.06
CA ARG C 894 -32.15 -10.35 -23.13
C ARG C 894 -31.78 -9.92 -21.72
N LEU C 895 -30.54 -9.47 -21.53
CA LEU C 895 -30.03 -8.91 -20.25
C LEU C 895 -31.03 -7.92 -19.68
N ASN C 896 -31.49 -6.95 -20.49
CA ASN C 896 -32.42 -5.88 -20.01
C ASN C 896 -33.82 -6.45 -19.76
N ALA C 897 -34.27 -7.42 -20.54
CA ALA C 897 -35.64 -7.99 -20.46
C ALA C 897 -35.75 -9.03 -19.32
N ASP C 898 -34.75 -9.90 -19.19
CA ASP C 898 -34.86 -11.18 -18.44
C ASP C 898 -34.01 -11.18 -17.16
N PHE C 899 -32.75 -10.79 -17.21
CA PHE C 899 -31.74 -11.08 -16.15
C PHE C 899 -31.78 -10.03 -15.06
N GLN C 900 -31.23 -10.39 -13.90
CA GLN C 900 -31.18 -9.63 -12.61
C GLN C 900 -30.13 -8.50 -12.64
N LYS C 901 -29.03 -8.71 -13.37
CA LYS C 901 -28.02 -7.68 -13.73
C LYS C 901 -28.31 -7.15 -15.13
N PRO C 902 -29.03 -6.03 -15.30
CA PRO C 902 -29.34 -5.50 -16.62
C PRO C 902 -28.12 -4.87 -17.31
N TRP C 903 -28.30 -4.45 -18.56
CA TRP C 903 -27.29 -3.71 -19.37
C TRP C 903 -27.26 -2.31 -18.77
N PHE C 904 -26.09 -1.84 -18.39
CA PHE C 904 -25.99 -0.63 -17.55
C PHE C 904 -26.39 0.56 -18.40
N ALA C 905 -25.67 0.70 -19.53
CA ALA C 905 -25.81 1.77 -20.53
C ALA C 905 -27.09 1.55 -21.33
N THR C 906 -28.22 1.77 -20.68
CA THR C 906 -29.58 1.73 -21.23
C THR C 906 -30.27 2.98 -20.72
N VAL C 907 -30.44 3.97 -21.60
CA VAL C 907 -31.12 5.26 -21.30
C VAL C 907 -32.55 5.20 -21.86
N ASN C 908 -33.55 5.29 -20.99
CA ASN C 908 -35.00 5.30 -21.37
C ASN C 908 -35.35 4.02 -22.14
N GLY C 909 -34.66 2.91 -21.89
CA GLY C 909 -34.90 1.64 -22.59
C GLY C 909 -34.09 1.49 -23.87
N GLN C 910 -33.45 2.55 -24.37
CA GLN C 910 -32.59 2.46 -25.59
C GLN C 910 -31.22 1.90 -25.20
N ALA C 911 -30.98 0.64 -25.55
CA ALA C 911 -29.63 0.02 -25.50
C ALA C 911 -28.64 1.01 -26.08
N ARG C 912 -27.46 1.09 -25.50
CA ARG C 912 -26.44 2.10 -25.85
C ARG C 912 -25.07 1.51 -25.53
N ASP C 913 -24.10 2.30 -25.06
CA ASP C 913 -22.75 1.84 -24.66
C ASP C 913 -22.17 2.93 -23.76
N LEU C 914 -21.32 2.58 -22.80
CA LEU C 914 -20.78 3.59 -21.85
C LEU C 914 -20.19 4.78 -22.60
N ALA C 915 -19.48 4.51 -23.70
CA ALA C 915 -18.78 5.50 -24.56
C ALA C 915 -19.77 6.56 -25.07
N THR C 916 -21.01 6.17 -25.37
CA THR C 916 -22.04 7.04 -25.97
C THR C 916 -23.11 7.43 -24.97
N MET C 917 -22.78 7.45 -23.68
CA MET C 917 -23.64 8.02 -22.61
C MET C 917 -22.96 9.27 -22.07
N THR C 918 -23.75 10.25 -21.65
CA THR C 918 -23.26 11.49 -21.01
C THR C 918 -22.95 11.19 -19.55
N TYR C 919 -22.25 12.09 -18.86
CA TYR C 919 -21.92 11.93 -17.44
C TYR C 919 -23.19 12.06 -16.60
N GLU C 920 -24.15 12.87 -17.02
CA GLU C 920 -25.42 13.00 -16.27
C GLU C 920 -26.11 11.65 -16.32
N GLU C 921 -26.22 11.10 -17.53
CA GLU C 921 -26.97 9.85 -17.83
C GLU C 921 -26.40 8.70 -17.00
N VAL C 922 -25.08 8.63 -16.88
CA VAL C 922 -24.37 7.58 -16.12
C VAL C 922 -24.68 7.72 -14.63
N ALA C 923 -24.64 8.92 -14.05
CA ALA C 923 -24.89 9.13 -12.60
C ALA C 923 -26.38 8.90 -12.28
N LYS C 924 -27.30 9.19 -13.20
CA LYS C 924 -28.76 8.96 -12.97
C LYS C 924 -29.03 7.46 -13.01
N ARG C 925 -28.32 6.74 -13.88
CA ARG C 925 -28.48 5.29 -14.05
C ARG C 925 -27.90 4.59 -12.84
N LEU C 926 -26.84 5.12 -12.25
CA LEU C 926 -26.24 4.51 -11.03
C LEU C 926 -27.27 4.61 -9.92
N VAL C 927 -27.94 5.74 -9.83
CA VAL C 927 -28.95 5.97 -8.76
C VAL C 927 -30.11 5.02 -9.03
N GLU C 928 -30.53 4.87 -10.28
CA GLU C 928 -31.70 4.05 -10.69
C GLU C 928 -31.50 2.57 -10.34
N LEU C 929 -30.26 2.10 -10.28
CA LEU C 929 -29.89 0.67 -10.17
C LEU C 929 -29.31 0.35 -8.79
N MET C 930 -28.91 1.35 -8.01
CA MET C 930 -28.15 1.14 -6.75
C MET C 930 -28.82 1.86 -5.58
N PHE C 931 -30.01 2.44 -5.76
CA PHE C 931 -30.69 3.24 -4.71
C PHE C 931 -32.17 2.92 -4.73
N ILE C 932 -32.64 2.34 -3.63
CA ILE C 932 -33.97 1.72 -3.53
C ILE C 932 -34.94 2.82 -3.10
N ARG C 933 -35.96 3.11 -3.91
CA ARG C 933 -36.90 4.24 -3.67
C ARG C 933 -37.86 3.89 -2.52
N SER C 934 -38.33 2.64 -2.46
CA SER C 934 -39.22 2.13 -1.38
C SER C 934 -38.60 2.40 0.00
N THR C 935 -37.39 1.88 0.25
CA THR C 935 -36.62 2.03 1.51
C THR C 935 -35.98 3.43 1.62
N ASN C 936 -35.80 4.10 0.48
CA ASN C 936 -35.25 5.48 0.35
C ASN C 936 -33.79 5.50 0.83
N SER C 937 -33.00 4.48 0.47
CA SER C 937 -31.56 4.40 0.84
C SER C 937 -30.79 3.46 -0.11
N TRP C 938 -29.47 3.61 -0.07
CA TRP C 938 -28.52 2.83 -0.90
C TRP C 938 -28.51 1.38 -0.39
N PHE C 939 -28.61 0.44 -1.30
CA PHE C 939 -28.71 -0.98 -0.94
C PHE C 939 -27.45 -1.44 -0.20
N ASP C 940 -26.29 -0.95 -0.63
CA ASP C 940 -24.99 -1.18 0.04
C ASP C 940 -24.26 0.16 0.14
N VAL C 941 -23.56 0.42 1.24
CA VAL C 941 -22.78 1.67 1.42
C VAL C 941 -21.70 1.76 0.32
N THR C 942 -21.13 0.63 -0.10
CA THR C 942 -20.04 0.56 -1.11
C THR C 942 -20.54 1.00 -2.47
N TRP C 943 -21.84 0.86 -2.70
CA TRP C 943 -22.50 1.27 -3.97
C TRP C 943 -22.63 2.77 -3.96
N ARG C 944 -22.95 3.35 -2.81
CA ARG C 944 -23.00 4.82 -2.62
C ARG C 944 -21.60 5.38 -2.82
N THR C 945 -20.59 4.77 -2.21
CA THR C 945 -19.16 5.14 -2.40
C THR C 945 -18.75 5.08 -3.88
N PHE C 946 -19.25 4.10 -4.62
CA PHE C 946 -18.94 3.91 -6.08
C PHE C 946 -19.49 5.10 -6.86
N THR C 947 -20.68 5.59 -6.47
CA THR C 947 -21.42 6.68 -7.13
C THR C 947 -20.87 8.05 -6.73
N GLY C 948 -20.42 8.18 -5.50
CA GLY C 948 -19.74 9.40 -5.06
C GLY C 948 -18.44 9.52 -5.82
N ASP C 949 -17.64 8.46 -5.83
CA ASP C 949 -16.34 8.45 -6.54
C ASP C 949 -16.54 8.96 -7.97
N PHE C 950 -17.61 8.53 -8.62
CA PHE C 950 -17.94 8.86 -10.02
C PHE C 950 -18.31 10.32 -10.13
N LEU C 951 -19.05 10.87 -9.16
CA LEU C 951 -19.43 12.33 -9.13
C LEU C 951 -18.19 13.19 -8.84
N ARG C 952 -17.30 12.77 -7.96
CA ARG C 952 -16.00 13.45 -7.80
C ARG C 952 -15.30 13.45 -9.16
N ARG C 953 -15.22 12.31 -9.83
CA ARG C 953 -14.46 12.19 -11.11
C ARG C 953 -15.06 13.19 -12.12
N VAL C 954 -16.35 13.43 -12.05
CA VAL C 954 -17.02 14.40 -12.95
C VAL C 954 -16.46 15.78 -12.69
N GLU C 955 -16.38 16.14 -11.41
CA GLU C 955 -15.88 17.46 -10.98
C GLU C 955 -14.44 17.58 -11.48
N GLU C 956 -13.61 16.57 -11.24
CA GLU C 956 -12.19 16.57 -11.67
C GLU C 956 -12.10 16.87 -13.18
N ARG C 957 -12.91 16.22 -14.02
CA ARG C 957 -12.87 16.35 -15.50
C ARG C 957 -13.27 17.78 -15.92
N PHE C 958 -14.34 18.34 -15.35
CA PHE C 958 -15.02 19.55 -15.89
C PHE C 958 -14.70 20.82 -15.10
N THR C 959 -13.88 20.75 -14.06
CA THR C 959 -13.40 21.94 -13.32
C THR C 959 -12.18 22.47 -14.06
N LYS C 960 -11.97 23.78 -14.04
CA LYS C 960 -10.85 24.46 -14.72
C LYS C 960 -9.69 24.68 -13.74
N SER C 961 -9.99 24.86 -12.46
CA SER C 961 -9.00 25.16 -11.39
C SER C 961 -9.26 24.25 -10.19
N LYS C 962 -8.27 24.17 -9.29
CA LYS C 962 -8.40 23.53 -7.95
C LYS C 962 -9.57 24.19 -7.20
N THR C 963 -10.52 23.37 -6.72
CA THR C 963 -11.76 23.81 -6.00
C THR C 963 -12.09 22.79 -4.91
N LEU C 964 -12.94 23.16 -3.96
CA LEU C 964 -13.53 22.22 -3.00
C LEU C 964 -14.61 21.41 -3.73
N SER C 965 -14.66 20.11 -3.49
CA SER C 965 -15.74 19.22 -3.98
C SER C 965 -17.07 19.67 -3.38
N LEU C 966 -18.15 19.55 -4.15
CA LEU C 966 -19.55 19.79 -3.74
C LEU C 966 -20.07 18.59 -2.94
N ILE C 967 -19.41 17.43 -3.07
CA ILE C 967 -19.73 16.20 -2.29
C ILE C 967 -18.58 15.95 -1.29
N GLN C 968 -18.70 16.54 -0.09
CA GLN C 968 -17.62 16.56 0.93
C GLN C 968 -17.65 15.26 1.74
N SER C 969 -18.84 14.84 2.17
CA SER C 969 -19.12 13.48 2.70
C SER C 969 -20.11 12.81 1.77
N TYR C 970 -19.90 11.53 1.46
CA TYR C 970 -20.84 10.72 0.63
C TYR C 970 -22.21 10.58 1.33
N SER C 971 -22.32 10.92 2.62
CA SER C 971 -23.60 11.10 3.36
C SER C 971 -24.63 11.85 2.52
N LEU C 972 -24.22 12.92 1.84
CA LEU C 972 -25.08 13.83 1.05
C LEU C 972 -25.79 13.07 -0.07
N LEU C 973 -25.29 11.89 -0.45
CA LEU C 973 -25.88 11.07 -1.52
C LEU C 973 -27.11 10.32 -1.01
N ASP C 974 -27.34 10.28 0.31
CA ASP C 974 -28.60 9.71 0.91
C ASP C 974 -29.83 10.54 0.50
N LYS C 975 -29.65 11.68 -0.16
CA LYS C 975 -30.67 12.41 -0.98
C LYS C 975 -30.15 12.57 -2.41
N PRO C 976 -30.10 11.47 -3.21
CA PRO C 976 -29.22 11.41 -4.38
C PRO C 976 -29.57 12.42 -5.49
N ASP C 977 -30.86 12.63 -5.76
CA ASP C 977 -31.39 13.55 -6.81
C ASP C 977 -30.81 14.95 -6.62
N GLU C 978 -30.70 15.40 -5.38
CA GLU C 978 -30.21 16.74 -5.00
C GLU C 978 -28.71 16.82 -5.30
N ALA C 979 -27.95 15.80 -4.89
CA ALA C 979 -26.47 15.72 -5.02
C ALA C 979 -26.10 15.73 -6.51
N ILE C 980 -26.88 15.01 -7.32
CA ILE C 980 -26.73 14.98 -8.80
C ILE C 980 -27.05 16.37 -9.38
N GLU C 981 -28.17 17.00 -9.02
CA GLU C 981 -28.52 18.37 -9.51
C GLU C 981 -27.44 19.37 -9.09
N LYS C 982 -26.91 19.24 -7.88
CA LYS C 982 -25.87 20.16 -7.36
C LYS C 982 -24.59 20.01 -8.17
N VAL C 983 -24.22 18.78 -8.56
CA VAL C 983 -22.95 18.46 -9.27
C VAL C 983 -23.05 18.94 -10.71
N PHE C 984 -24.13 18.58 -11.42
CA PHE C 984 -24.28 18.91 -12.85
C PHE C 984 -24.76 20.35 -13.04
N ASN C 985 -25.09 21.13 -12.01
CA ASN C 985 -25.40 22.58 -12.19
C ASN C 985 -24.09 23.37 -12.14
N ALA C 986 -23.15 22.99 -11.27
CA ALA C 986 -21.78 23.54 -11.23
C ALA C 986 -21.05 23.26 -12.55
N TYR C 987 -21.32 22.10 -13.16
CA TYR C 987 -20.57 21.55 -14.30
C TYR C 987 -21.54 21.13 -15.40
N PRO C 988 -22.30 22.07 -16.00
CA PRO C 988 -23.37 21.70 -16.93
C PRO C 988 -22.85 21.18 -18.28
N ALA C 989 -21.57 21.37 -18.58
CA ALA C 989 -20.87 20.74 -19.73
C ALA C 989 -21.08 19.23 -19.71
N ALA C 990 -20.87 18.62 -18.55
CA ALA C 990 -21.04 17.17 -18.26
C ALA C 990 -22.45 16.67 -18.58
N ARG C 991 -23.48 17.51 -18.69
CA ARG C 991 -24.83 17.05 -19.12
C ARG C 991 -24.83 16.70 -20.60
N GLU C 992 -23.89 17.24 -21.40
CA GLU C 992 -23.90 17.16 -22.90
C GLU C 992 -22.78 16.26 -23.40
N GLN C 993 -21.56 16.44 -22.90
CA GLN C 993 -20.39 15.61 -23.30
C GLN C 993 -20.66 14.14 -23.01
N PHE C 994 -20.29 13.25 -23.93
CA PHE C 994 -20.14 11.81 -23.65
C PHE C 994 -18.95 11.59 -22.74
N LEU C 995 -18.95 10.44 -22.09
CA LEU C 995 -17.84 10.03 -21.21
C LEU C 995 -16.56 10.09 -22.02
N ASN C 996 -15.56 10.78 -21.47
CA ASN C 996 -14.13 10.66 -21.86
C ASN C 996 -13.78 9.16 -21.88
N ALA C 997 -12.82 8.73 -22.70
CA ALA C 997 -12.30 7.36 -22.73
C ALA C 997 -11.49 7.05 -21.47
N GLN C 998 -10.89 8.05 -20.82
CA GLN C 998 -10.11 7.86 -19.58
C GLN C 998 -11.10 7.51 -18.47
N ASP C 999 -12.27 8.14 -18.51
CA ASP C 999 -13.31 8.05 -17.47
C ASP C 999 -14.08 6.74 -17.66
N ILE C 1000 -14.12 6.18 -18.86
CA ILE C 1000 -14.76 4.86 -19.10
C ILE C 1000 -13.93 3.84 -18.37
N ASP C 1001 -12.66 3.78 -18.72
CA ASP C 1001 -11.63 2.92 -18.10
C ASP C 1001 -11.67 2.99 -16.58
N HIS C 1002 -11.77 4.19 -16.01
CA HIS C 1002 -11.87 4.41 -14.55
C HIS C 1002 -13.14 3.76 -14.02
N PHE C 1003 -14.26 3.92 -14.72
CA PHE C 1003 -15.59 3.40 -14.33
C PHE C 1003 -15.57 1.87 -14.36
N LEU C 1004 -15.02 1.26 -15.40
CA LEU C 1004 -14.89 -0.21 -15.50
C LEU C 1004 -13.86 -0.75 -14.48
N SER C 1005 -12.96 0.08 -13.96
CA SER C 1005 -11.93 -0.35 -12.99
C SER C 1005 -12.51 -0.25 -11.58
N MET C 1006 -13.50 0.60 -11.35
CA MET C 1006 -14.24 0.66 -10.06
C MET C 1006 -15.24 -0.51 -10.03
N CYS C 1007 -15.72 -0.95 -11.19
CA CYS C 1007 -16.65 -2.10 -11.33
C CYS C 1007 -15.97 -3.42 -10.98
N GLN C 1008 -14.65 -3.43 -10.72
CA GLN C 1008 -13.85 -4.66 -10.45
C GLN C 1008 -13.14 -4.54 -9.10
N ASN C 1009 -13.46 -3.53 -8.31
CA ASN C 1009 -12.83 -3.34 -6.98
C ASN C 1009 -13.23 -4.55 -6.12
N PRO C 1010 -12.28 -5.34 -5.60
CA PRO C 1010 -12.62 -6.50 -4.76
C PRO C 1010 -13.21 -6.14 -3.39
N MET C 1011 -12.90 -4.96 -2.86
CA MET C 1011 -13.36 -4.49 -1.52
C MET C 1011 -14.65 -3.67 -1.64
N GLN C 1012 -15.61 -4.16 -2.43
CA GLN C 1012 -16.96 -3.56 -2.59
C GLN C 1012 -17.91 -4.63 -3.11
N LYS C 1013 -19.19 -4.46 -2.83
CA LYS C 1013 -20.22 -5.39 -3.33
C LYS C 1013 -20.21 -5.31 -4.84
N PRO C 1014 -20.17 -6.42 -5.58
CA PRO C 1014 -20.28 -6.37 -7.03
C PRO C 1014 -21.51 -5.57 -7.48
N VAL C 1015 -21.28 -4.71 -8.46
CA VAL C 1015 -22.28 -3.79 -9.08
C VAL C 1015 -23.38 -4.64 -9.72
N PRO C 1016 -24.65 -4.19 -9.67
CA PRO C 1016 -25.78 -4.97 -10.13
C PRO C 1016 -26.15 -4.73 -11.58
N PHE C 1017 -25.15 -4.88 -12.44
CA PHE C 1017 -25.25 -4.60 -13.89
C PHE C 1017 -23.99 -5.04 -14.59
N VAL C 1018 -24.16 -5.40 -15.85
CA VAL C 1018 -23.07 -5.69 -16.81
C VAL C 1018 -22.75 -4.33 -17.44
N PRO C 1019 -21.56 -3.76 -17.20
CA PRO C 1019 -21.16 -2.53 -17.86
C PRO C 1019 -20.54 -2.71 -19.26
N VAL C 1020 -20.01 -3.88 -19.59
CA VAL C 1020 -19.28 -4.06 -20.88
C VAL C 1020 -19.27 -5.54 -21.30
N LEU C 1021 -19.48 -5.81 -22.59
CA LEU C 1021 -19.24 -7.14 -23.23
C LEU C 1021 -17.77 -7.22 -23.69
N ASP C 1022 -16.95 -7.99 -22.99
CA ASP C 1022 -15.54 -8.25 -23.36
C ASP C 1022 -15.18 -9.66 -22.90
N ARG C 1023 -13.89 -9.96 -22.71
CA ARG C 1023 -13.41 -11.29 -22.26
C ARG C 1023 -13.94 -11.59 -20.84
N ARG C 1024 -14.20 -10.54 -20.03
CA ARG C 1024 -14.63 -10.63 -18.60
C ARG C 1024 -16.16 -10.67 -18.46
N PHE C 1025 -16.91 -10.98 -19.52
CA PHE C 1025 -18.39 -10.90 -19.50
C PHE C 1025 -18.92 -12.01 -18.60
N GLU C 1026 -18.33 -13.20 -18.67
CA GLU C 1026 -18.74 -14.38 -17.85
C GLU C 1026 -18.72 -14.01 -16.36
N ILE C 1027 -17.70 -13.26 -15.94
CA ILE C 1027 -17.55 -12.79 -14.54
C ILE C 1027 -18.65 -11.76 -14.24
N PHE C 1028 -18.85 -10.76 -15.08
CA PHE C 1028 -19.87 -9.71 -14.81
C PHE C 1028 -21.27 -10.34 -14.73
N PHE C 1029 -21.51 -11.36 -15.56
CA PHE C 1029 -22.81 -12.03 -15.67
C PHE C 1029 -23.06 -12.89 -14.44
N LYS C 1030 -22.05 -13.67 -14.02
CA LYS C 1030 -22.20 -14.77 -13.04
C LYS C 1030 -21.88 -14.33 -11.61
N LYS C 1031 -21.05 -13.33 -11.37
CA LYS C 1031 -20.57 -13.03 -10.00
C LYS C 1031 -21.75 -12.49 -9.17
N ASP C 1032 -21.76 -12.85 -7.87
CA ASP C 1032 -22.64 -12.31 -6.80
C ASP C 1032 -24.09 -12.41 -7.26
N SER C 1033 -24.55 -13.63 -7.44
CA SER C 1033 -25.80 -13.98 -8.16
C SER C 1033 -26.83 -14.63 -7.24
N LEU C 1034 -26.75 -14.49 -5.92
CA LEU C 1034 -27.54 -15.34 -4.99
C LEU C 1034 -28.44 -14.53 -4.08
N TRP C 1035 -27.99 -13.35 -3.66
CA TRP C 1035 -28.73 -12.45 -2.72
C TRP C 1035 -30.03 -11.93 -3.31
N GLN C 1036 -30.19 -11.89 -4.64
CA GLN C 1036 -31.24 -11.08 -5.32
C GLN C 1036 -32.61 -11.61 -4.92
N SER C 1037 -32.76 -12.94 -4.95
CA SER C 1037 -34.01 -13.68 -4.61
C SER C 1037 -34.49 -13.33 -3.20
N GLU C 1038 -33.62 -12.85 -2.29
CA GLU C 1038 -33.98 -12.40 -0.92
C GLU C 1038 -34.26 -10.91 -0.80
N HIS C 1039 -34.00 -10.10 -1.83
CA HIS C 1039 -34.11 -8.62 -1.76
C HIS C 1039 -34.70 -8.08 -3.06
N LEU C 1040 -35.90 -8.52 -3.43
CA LEU C 1040 -36.46 -8.17 -4.75
C LEU C 1040 -36.64 -6.65 -4.85
N GLU C 1041 -36.61 -5.92 -3.74
CA GLU C 1041 -36.62 -4.43 -3.73
C GLU C 1041 -35.48 -3.89 -4.61
N ALA C 1042 -34.32 -4.57 -4.65
CA ALA C 1042 -33.09 -4.11 -5.33
C ALA C 1042 -32.89 -4.81 -6.66
N VAL C 1043 -33.97 -5.25 -7.30
CA VAL C 1043 -33.97 -5.85 -8.65
C VAL C 1043 -34.88 -4.96 -9.50
N VAL C 1044 -34.60 -4.90 -10.81
CA VAL C 1044 -35.39 -4.11 -11.80
C VAL C 1044 -36.82 -4.68 -11.85
N ASP C 1045 -37.83 -3.84 -11.60
CA ASP C 1045 -39.29 -4.19 -11.62
C ASP C 1045 -39.67 -5.07 -10.42
N GLN C 1046 -38.78 -5.25 -9.44
CA GLN C 1046 -38.93 -6.20 -8.30
C GLN C 1046 -39.25 -7.62 -8.84
N ASP C 1047 -38.80 -7.95 -10.04
CA ASP C 1047 -39.28 -9.11 -10.85
C ASP C 1047 -38.47 -10.33 -10.43
N VAL C 1048 -39.11 -11.26 -9.72
CA VAL C 1048 -38.49 -12.53 -9.23
C VAL C 1048 -37.91 -13.27 -10.44
N GLN C 1049 -38.60 -13.21 -11.57
CA GLN C 1049 -38.25 -14.03 -12.76
C GLN C 1049 -36.87 -13.67 -13.31
N ARG C 1050 -36.27 -12.58 -12.86
CA ARG C 1050 -34.90 -12.19 -13.26
C ARG C 1050 -33.87 -12.98 -12.45
N THR C 1051 -34.25 -13.52 -11.28
CA THR C 1051 -33.33 -13.95 -10.20
C THR C 1051 -33.08 -15.46 -10.19
N CYS C 1052 -31.90 -15.86 -9.74
CA CYS C 1052 -31.53 -17.24 -9.37
C CYS C 1052 -32.10 -17.58 -7.98
N ILE C 1053 -32.89 -18.66 -7.90
CA ILE C 1053 -33.38 -19.30 -6.65
C ILE C 1053 -32.84 -20.73 -6.61
N LEU C 1054 -32.03 -21.07 -5.61
CA LEU C 1054 -31.40 -22.42 -5.52
C LEU C 1054 -32.42 -23.38 -4.94
N HIS C 1055 -32.58 -24.58 -5.52
CA HIS C 1055 -33.65 -25.54 -5.13
C HIS C 1055 -33.46 -26.88 -5.81
N GLY C 1056 -33.79 -27.95 -5.11
CA GLY C 1056 -33.47 -29.32 -5.55
C GLY C 1056 -34.65 -29.86 -6.33
N PRO C 1057 -34.42 -30.62 -7.40
CA PRO C 1057 -35.53 -31.13 -8.21
C PRO C 1057 -36.44 -32.04 -7.40
N VAL C 1058 -35.83 -32.96 -6.65
CA VAL C 1058 -36.51 -34.05 -5.90
C VAL C 1058 -37.13 -33.48 -4.64
N ALA C 1059 -36.45 -32.58 -3.93
CA ALA C 1059 -36.97 -31.96 -2.68
C ALA C 1059 -38.06 -30.92 -2.98
N ALA C 1060 -38.31 -30.61 -4.25
CA ALA C 1060 -39.31 -29.62 -4.71
C ALA C 1060 -40.70 -30.23 -4.77
N GLN C 1061 -40.82 -31.54 -4.55
CA GLN C 1061 -42.13 -32.24 -4.46
C GLN C 1061 -42.84 -31.90 -3.13
N PHE C 1062 -42.08 -31.51 -2.10
CA PHE C 1062 -42.57 -31.39 -0.71
C PHE C 1062 -42.54 -29.93 -0.22
N THR C 1063 -41.99 -29.00 -1.00
CA THR C 1063 -42.18 -27.55 -0.81
C THR C 1063 -43.49 -27.16 -1.51
N LYS C 1064 -44.57 -27.00 -0.73
CA LYS C 1064 -45.91 -26.60 -1.23
C LYS C 1064 -46.51 -25.50 -0.34
N VAL C 1065 -46.60 -25.73 0.96
CA VAL C 1065 -47.24 -24.81 1.94
C VAL C 1065 -46.25 -23.69 2.28
N ILE C 1066 -46.61 -22.44 1.98
CA ILE C 1066 -45.74 -21.24 2.19
C ILE C 1066 -45.93 -20.75 3.63
N ASP C 1067 -44.91 -20.09 4.19
CA ASP C 1067 -44.94 -19.40 5.51
C ASP C 1067 -45.46 -20.36 6.59
N GLU C 1068 -45.10 -21.65 6.49
CA GLU C 1068 -45.22 -22.66 7.57
C GLU C 1068 -44.06 -22.38 8.53
N PRO C 1069 -44.25 -22.31 9.86
CA PRO C 1069 -43.12 -22.11 10.79
C PRO C 1069 -42.10 -23.26 10.71
N ILE C 1070 -40.79 -22.96 10.83
CA ILE C 1070 -39.71 -24.01 10.75
C ILE C 1070 -40.01 -25.10 11.78
N LYS C 1071 -40.44 -24.72 12.98
CA LYS C 1071 -40.72 -25.68 14.08
C LYS C 1071 -41.81 -26.66 13.67
N SER C 1072 -42.85 -26.19 12.99
CA SER C 1072 -43.97 -27.02 12.45
C SER C 1072 -43.46 -28.03 11.42
N ILE C 1073 -42.49 -27.67 10.59
CA ILE C 1073 -41.92 -28.57 9.53
C ILE C 1073 -41.07 -29.61 10.24
N MET C 1074 -40.06 -29.16 10.97
CA MET C 1074 -39.03 -30.01 11.62
C MET C 1074 -39.74 -30.97 12.60
N ASP C 1075 -40.64 -30.47 13.45
CA ASP C 1075 -41.44 -31.31 14.38
C ASP C 1075 -42.26 -32.29 13.53
N GLY C 1076 -42.86 -31.85 12.43
CA GLY C 1076 -43.65 -32.70 11.53
C GLY C 1076 -42.88 -33.93 11.09
N ILE C 1077 -41.61 -33.74 10.71
CA ILE C 1077 -40.72 -34.83 10.24
C ILE C 1077 -40.37 -35.72 11.43
N HIS C 1078 -39.93 -35.14 12.56
CA HIS C 1078 -39.51 -35.88 13.78
C HIS C 1078 -40.70 -36.67 14.36
N ASP C 1079 -41.87 -36.04 14.49
CA ASP C 1079 -43.08 -36.66 15.09
C ASP C 1079 -43.60 -37.78 14.17
N GLY C 1080 -43.36 -37.66 12.87
CA GLY C 1080 -43.61 -38.75 11.91
C GLY C 1080 -42.73 -39.93 12.23
N HIS C 1081 -41.44 -39.70 12.41
CA HIS C 1081 -40.44 -40.77 12.66
C HIS C 1081 -40.81 -41.52 13.93
N ILE C 1082 -41.11 -40.77 15.00
CA ILE C 1082 -41.53 -41.30 16.32
C ILE C 1082 -42.77 -42.17 16.13
N LYS C 1083 -43.79 -41.66 15.45
CA LYS C 1083 -45.10 -42.35 15.28
C LYS C 1083 -44.91 -43.71 14.60
N LYS C 1084 -44.17 -43.76 13.48
CA LYS C 1084 -43.89 -44.98 12.69
C LYS C 1084 -43.01 -45.93 13.47
N LEU C 1085 -42.00 -45.42 14.20
CA LEU C 1085 -41.08 -46.26 15.00
C LEU C 1085 -41.88 -46.94 16.09
N LEU C 1086 -42.74 -46.18 16.77
CA LEU C 1086 -43.62 -46.65 17.88
C LEU C 1086 -44.43 -47.84 17.39
N HIS C 1087 -45.03 -47.71 16.21
CA HIS C 1087 -45.93 -48.71 15.59
C HIS C 1087 -45.16 -50.00 15.29
N GLN C 1088 -43.90 -49.90 14.85
CA GLN C 1088 -43.11 -51.02 14.28
C GLN C 1088 -42.32 -51.76 15.37
N TYR C 1089 -41.80 -51.06 16.38
CA TYR C 1089 -40.82 -51.62 17.35
C TYR C 1089 -41.27 -51.53 18.81
N TYR C 1090 -42.41 -50.90 19.10
CA TYR C 1090 -42.91 -50.67 20.49
C TYR C 1090 -44.41 -51.00 20.58
N GLY C 1091 -44.96 -51.76 19.62
CA GLY C 1091 -46.39 -52.14 19.56
C GLY C 1091 -47.35 -51.01 19.91
N ASP C 1092 -47.08 -49.79 19.43
CA ASP C 1092 -47.94 -48.57 19.59
C ASP C 1092 -48.21 -48.28 21.07
N ASP C 1093 -47.22 -48.49 21.96
CA ASP C 1093 -47.36 -48.25 23.43
C ASP C 1093 -46.21 -47.34 23.93
N GLU C 1094 -46.54 -46.10 24.32
CA GLU C 1094 -45.55 -45.07 24.77
C GLU C 1094 -44.88 -45.47 26.11
N SER C 1095 -45.43 -46.45 26.83
CA SER C 1095 -44.96 -46.88 28.17
C SER C 1095 -43.83 -47.91 28.06
N LYS C 1096 -43.54 -48.42 26.85
CA LYS C 1096 -42.39 -49.34 26.62
C LYS C 1096 -41.12 -48.54 26.34
N ILE C 1097 -41.23 -47.22 26.13
CA ILE C 1097 -40.09 -46.34 25.74
C ILE C 1097 -39.16 -46.16 26.93
N PRO C 1098 -37.89 -46.62 26.86
CA PRO C 1098 -36.93 -46.40 27.93
C PRO C 1098 -36.82 -44.89 28.21
N ALA C 1099 -36.86 -44.50 29.49
CA ALA C 1099 -36.67 -43.11 29.94
C ALA C 1099 -35.24 -42.93 30.45
N VAL C 1100 -34.73 -41.70 30.37
CA VAL C 1100 -33.49 -41.21 31.04
C VAL C 1100 -33.81 -39.82 31.56
N GLU C 1101 -32.90 -39.21 32.33
CA GLU C 1101 -33.11 -37.86 32.88
C GLU C 1101 -32.93 -36.88 31.73
N TYR C 1102 -31.74 -36.87 31.13
CA TYR C 1102 -31.36 -35.98 30.02
C TYR C 1102 -30.74 -36.83 28.92
N PHE C 1103 -31.15 -36.56 27.68
CA PHE C 1103 -30.74 -37.32 26.48
C PHE C 1103 -29.73 -36.48 25.72
N GLY C 1104 -28.47 -36.93 25.67
CA GLY C 1104 -27.37 -36.15 25.05
C GLY C 1104 -26.04 -36.27 25.77
N GLY C 1105 -24.97 -35.81 25.11
CA GLY C 1105 -23.60 -35.76 25.63
C GLY C 1105 -22.80 -37.00 25.30
N GLU C 1106 -23.44 -38.12 24.92
CA GLU C 1106 -22.80 -39.45 24.75
C GLU C 1106 -22.05 -39.47 23.42
N SER C 1107 -20.71 -39.50 23.46
CA SER C 1107 -19.79 -39.61 22.29
C SER C 1107 -20.05 -40.92 21.56
N PRO C 1108 -20.03 -40.95 20.22
CA PRO C 1108 -20.31 -42.18 19.46
C PRO C 1108 -19.28 -43.31 19.59
N VAL C 1109 -18.07 -43.04 20.10
CA VAL C 1109 -16.97 -44.05 20.22
C VAL C 1109 -17.29 -45.05 21.34
N ASP C 1110 -17.80 -44.59 22.49
CA ASP C 1110 -18.20 -45.47 23.62
C ASP C 1110 -19.54 -46.16 23.28
N SER C 1121 -23.89 -49.90 41.89
CA SER C 1121 -25.06 -50.09 42.78
C SER C 1121 -24.73 -49.74 44.25
N GLU C 1122 -23.53 -49.21 44.55
CA GLU C 1122 -23.07 -48.91 45.93
C GLU C 1122 -23.66 -47.56 46.38
N ASP C 1123 -24.22 -47.51 47.59
CA ASP C 1123 -24.95 -46.34 48.16
C ASP C 1123 -23.99 -45.45 48.94
N SER C 1124 -23.06 -46.03 49.71
CA SER C 1124 -22.10 -45.32 50.59
C SER C 1124 -20.66 -45.77 50.29
N ALA C 1125 -20.01 -45.13 49.31
CA ALA C 1125 -18.63 -45.44 48.82
C ALA C 1125 -17.62 -44.46 49.40
N VAL C 1126 -16.32 -44.72 49.18
CA VAL C 1126 -15.14 -43.93 49.67
C VAL C 1126 -13.96 -44.20 48.74
N PHE C 1127 -13.74 -43.34 47.76
CA PHE C 1127 -12.65 -43.42 46.75
C PHE C 1127 -11.43 -42.70 47.33
N LYS C 1128 -10.25 -43.19 46.98
CA LYS C 1128 -8.95 -42.58 47.36
C LYS C 1128 -8.15 -42.41 46.09
N ALA C 1129 -7.78 -41.16 45.79
CA ALA C 1129 -6.87 -40.79 44.69
C ALA C 1129 -5.45 -41.18 45.09
N THR C 1130 -4.60 -41.38 44.08
CA THR C 1130 -3.15 -41.68 44.21
C THR C 1130 -2.40 -40.83 43.17
N SER C 1131 -1.11 -41.10 42.97
CA SER C 1131 -0.28 -40.47 41.90
C SER C 1131 -0.61 -41.09 40.54
N SER C 1132 -0.98 -42.38 40.51
CA SER C 1132 -1.17 -43.19 39.28
C SER C 1132 -2.66 -43.34 38.93
N THR C 1133 -3.55 -42.58 39.57
CA THR C 1133 -5.02 -42.71 39.39
C THR C 1133 -5.40 -42.36 37.94
N ASP C 1134 -6.01 -43.33 37.25
CA ASP C 1134 -6.53 -43.22 35.87
C ASP C 1134 -7.69 -42.22 35.88
N GLU C 1135 -7.47 -41.02 35.32
CA GLU C 1135 -8.34 -39.83 35.54
C GLU C 1135 -9.77 -40.11 35.04
N GLU C 1136 -9.91 -40.64 33.83
CA GLU C 1136 -11.22 -40.94 33.18
C GLU C 1136 -11.99 -42.01 33.99
N SER C 1137 -11.30 -43.02 34.54
CA SER C 1137 -11.90 -44.10 35.38
C SER C 1137 -12.40 -43.50 36.69
N TRP C 1138 -11.57 -42.65 37.30
CA TRP C 1138 -11.85 -41.82 38.50
C TRP C 1138 -13.19 -41.10 38.34
N PHE C 1139 -13.33 -40.29 37.28
CA PHE C 1139 -14.55 -39.50 37.02
C PHE C 1139 -15.74 -40.43 36.77
N LYS C 1140 -15.54 -41.56 36.07
CA LYS C 1140 -16.63 -42.55 35.77
C LYS C 1140 -17.16 -43.16 37.08
N ALA C 1141 -16.30 -43.32 38.08
CA ALA C 1141 -16.64 -43.86 39.41
C ALA C 1141 -17.44 -42.82 40.21
N LEU C 1142 -16.99 -41.56 40.23
CA LEU C 1142 -17.69 -40.42 40.89
C LEU C 1142 -19.07 -40.22 40.27
N ALA C 1143 -19.16 -40.27 38.94
CA ALA C 1143 -20.43 -40.06 38.19
C ALA C 1143 -21.46 -41.09 38.63
N GLY C 1144 -21.06 -42.37 38.63
CA GLY C 1144 -21.97 -43.52 38.80
C GLY C 1144 -22.52 -43.96 37.47
N SER C 1145 -23.70 -44.59 37.50
CA SER C 1145 -24.28 -45.35 36.37
C SER C 1145 -25.62 -44.73 35.94
N GLU C 1146 -26.51 -44.47 36.91
CA GLU C 1146 -27.74 -43.65 36.72
C GLU C 1146 -27.36 -42.34 36.02
N ILE C 1147 -28.07 -41.99 34.95
CA ILE C 1147 -27.98 -40.65 34.30
C ILE C 1147 -28.78 -39.69 35.19
N ASN C 1148 -28.08 -38.79 35.88
CA ASN C 1148 -28.68 -37.82 36.84
C ASN C 1148 -27.78 -36.57 36.92
N TRP C 1149 -28.03 -35.71 37.91
CA TRP C 1149 -27.28 -34.47 38.14
C TRP C 1149 -25.81 -34.81 38.38
N ARG C 1150 -25.43 -35.91 39.03
CA ARG C 1150 -23.97 -36.10 39.32
C ARG C 1150 -23.28 -36.74 38.12
N HIS C 1151 -24.00 -37.49 37.30
CA HIS C 1151 -23.46 -38.04 36.04
C HIS C 1151 -23.03 -36.86 35.15
N ALA C 1152 -23.90 -35.86 35.04
CA ALA C 1152 -23.65 -34.63 34.28
C ALA C 1152 -22.44 -33.91 34.88
N SER C 1153 -22.44 -33.74 36.19
CA SER C 1153 -21.43 -32.94 36.93
C SER C 1153 -20.04 -33.47 36.66
N PHE C 1154 -19.86 -34.79 36.54
CA PHE C 1154 -18.52 -35.40 36.51
C PHE C 1154 -18.09 -35.85 35.12
N LEU C 1155 -18.93 -35.77 34.09
CA LEU C 1155 -18.58 -36.32 32.75
C LEU C 1155 -18.84 -35.32 31.62
N CYS C 1156 -19.77 -34.36 31.77
CA CYS C 1156 -19.80 -33.12 30.94
C CYS C 1156 -18.42 -32.44 31.01
N SER C 1157 -17.77 -32.20 29.89
CA SER C 1157 -16.47 -31.46 29.82
C SER C 1157 -16.72 -29.95 29.86
N PHE C 1158 -17.94 -29.51 29.49
CA PHE C 1158 -18.36 -28.08 29.40
C PHE C 1158 -19.62 -27.82 30.22
N ILE C 1159 -19.75 -26.59 30.69
CA ILE C 1159 -20.95 -25.99 31.34
C ILE C 1159 -21.18 -24.67 30.61
N THR C 1160 -22.25 -23.97 30.94
CA THR C 1160 -22.66 -22.73 30.24
C THR C 1160 -22.68 -21.57 31.24
N GLN C 1161 -21.93 -20.50 30.99
CA GLN C 1161 -22.11 -19.19 31.67
C GLN C 1161 -22.89 -18.26 30.74
N ASP C 1162 -24.15 -17.98 31.09
CA ASP C 1162 -25.13 -17.20 30.27
C ASP C 1162 -25.31 -17.91 28.92
N LYS C 1163 -24.53 -17.55 27.90
CA LYS C 1163 -24.64 -18.19 26.56
C LYS C 1163 -23.30 -18.80 26.15
N MET C 1164 -22.24 -18.59 26.93
CA MET C 1164 -20.86 -19.03 26.59
C MET C 1164 -20.64 -20.46 27.12
N PHE C 1165 -19.57 -21.12 26.69
CA PHE C 1165 -19.24 -22.53 27.02
C PHE C 1165 -17.82 -22.60 27.58
N VAL C 1166 -17.73 -22.75 28.89
CA VAL C 1166 -16.45 -22.77 29.64
C VAL C 1166 -16.20 -24.20 30.10
N SER C 1167 -14.96 -24.54 30.41
CA SER C 1167 -14.52 -25.87 30.92
C SER C 1167 -15.28 -26.16 32.21
N ASN C 1168 -15.65 -27.43 32.43
CA ASN C 1168 -16.41 -27.90 33.62
C ASN C 1168 -15.55 -27.71 34.86
N PRO C 1169 -15.94 -26.79 35.78
CA PRO C 1169 -15.13 -26.49 36.96
C PRO C 1169 -15.19 -27.59 38.02
N ILE C 1170 -16.34 -28.27 38.12
CA ILE C 1170 -16.55 -29.46 39.01
C ILE C 1170 -15.53 -30.54 38.62
N ARG C 1171 -15.25 -30.75 37.34
CA ARG C 1171 -14.21 -31.74 36.94
C ARG C 1171 -12.83 -31.21 37.34
N LYS C 1172 -12.55 -29.92 37.17
CA LYS C 1172 -11.22 -29.34 37.51
C LYS C 1172 -10.93 -29.50 39.01
N VAL C 1173 -11.91 -29.15 39.82
CA VAL C 1173 -11.86 -29.22 41.30
C VAL C 1173 -11.58 -30.64 41.77
N PHE C 1174 -12.27 -31.62 41.20
CA PHE C 1174 -12.26 -33.04 41.67
C PHE C 1174 -11.16 -33.84 40.98
N LYS C 1175 -10.40 -33.22 40.07
CA LYS C 1175 -9.25 -33.81 39.34
C LYS C 1175 -8.35 -34.49 40.37
N PRO C 1176 -7.99 -35.78 40.18
CA PRO C 1176 -7.44 -36.60 41.23
C PRO C 1176 -5.93 -36.39 41.41
N SER C 1177 -5.55 -36.12 42.65
CA SER C 1177 -4.14 -35.88 43.08
C SER C 1177 -3.95 -36.59 44.42
N GLN C 1178 -2.72 -37.01 44.72
CA GLN C 1178 -2.38 -37.68 46.01
C GLN C 1178 -3.02 -36.92 47.17
N GLY C 1179 -3.65 -37.65 48.11
CA GLY C 1179 -4.22 -37.11 49.35
C GLY C 1179 -5.74 -37.07 49.30
N MET C 1180 -6.31 -36.86 48.12
CA MET C 1180 -7.78 -36.64 47.92
C MET C 1180 -8.53 -37.91 48.34
N VAL C 1181 -9.76 -37.71 48.83
CA VAL C 1181 -10.63 -38.75 49.46
C VAL C 1181 -12.09 -38.37 49.21
N VAL C 1182 -12.71 -38.94 48.20
CA VAL C 1182 -14.11 -38.57 47.84
C VAL C 1182 -15.08 -39.58 48.45
N GLU C 1183 -15.95 -39.13 49.34
CA GLU C 1183 -16.94 -39.95 50.06
C GLU C 1183 -18.31 -39.59 49.49
N ILE C 1184 -18.99 -40.57 48.87
CA ILE C 1184 -20.38 -40.44 48.35
C ILE C 1184 -21.34 -41.07 49.36
N SER C 1185 -22.38 -40.33 49.75
CA SER C 1185 -23.49 -40.78 50.62
C SER C 1185 -24.79 -40.73 49.84
N ASN C 1186 -25.65 -41.74 49.99
CA ASN C 1186 -26.96 -41.89 49.26
C ASN C 1186 -26.70 -41.92 47.75
N GLY C 1187 -25.80 -42.81 47.31
CA GLY C 1187 -25.37 -42.99 45.91
C GLY C 1187 -26.52 -43.30 44.97
N ASN C 1188 -27.60 -43.95 45.47
CA ASN C 1188 -28.73 -44.46 44.66
C ASN C 1188 -29.83 -43.40 44.54
N THR C 1189 -30.23 -42.77 45.65
CA THR C 1189 -31.21 -41.65 45.63
C THR C 1189 -30.48 -40.38 45.15
N SER C 1190 -30.76 -39.91 43.92
CA SER C 1190 -30.11 -38.70 43.33
C SER C 1190 -30.53 -37.45 44.13
N SER C 1191 -31.78 -37.38 44.59
CA SER C 1191 -32.33 -36.20 45.31
C SER C 1191 -31.62 -35.97 46.66
N LYS C 1192 -30.87 -36.94 47.19
CA LYS C 1192 -30.18 -36.81 48.50
C LYS C 1192 -28.68 -37.05 48.37
N THR C 1193 -28.16 -37.46 47.21
CA THR C 1193 -26.71 -37.78 47.03
C THR C 1193 -25.85 -36.58 47.45
N VAL C 1194 -24.78 -36.82 48.19
CA VAL C 1194 -23.81 -35.78 48.64
C VAL C 1194 -22.38 -36.28 48.40
N VAL C 1195 -21.71 -35.74 47.39
CA VAL C 1195 -20.27 -36.01 47.09
C VAL C 1195 -19.41 -35.07 47.94
N THR C 1196 -18.56 -35.61 48.82
CA THR C 1196 -17.81 -34.84 49.85
C THR C 1196 -16.31 -35.12 49.73
N LEU C 1197 -15.61 -34.29 48.96
CA LEU C 1197 -14.13 -34.31 48.80
C LEU C 1197 -13.49 -33.83 50.09
N SER C 1198 -12.49 -34.57 50.57
CA SER C 1198 -11.64 -34.20 51.73
C SER C 1198 -10.18 -34.28 51.31
N GLU C 1199 -9.38 -33.32 51.76
CA GLU C 1199 -7.93 -33.21 51.45
C GLU C 1199 -7.18 -33.06 52.77
N PRO C 1200 -5.83 -33.25 52.78
CA PRO C 1200 -5.01 -32.92 53.95
C PRO C 1200 -4.81 -31.40 54.11
N VAL C 1201 -5.15 -30.89 55.30
CA VAL C 1201 -5.22 -29.44 55.64
C VAL C 1201 -4.64 -29.25 57.05
N GLN C 1202 -3.41 -28.75 57.16
CA GLN C 1202 -2.65 -28.63 58.44
C GLN C 1202 -2.38 -30.04 58.98
N GLY C 1203 -2.01 -30.98 58.10
CA GLY C 1203 -1.65 -32.37 58.44
C GLY C 1203 -2.84 -33.32 58.43
N GLU C 1204 -3.98 -32.90 58.98
CA GLU C 1204 -5.22 -33.73 59.17
C GLU C 1204 -6.18 -33.53 57.99
N LEU C 1205 -7.15 -34.44 57.86
CA LEU C 1205 -8.08 -34.56 56.69
C LEU C 1205 -9.39 -33.81 56.97
N LYS C 1206 -9.74 -32.82 56.14
CA LYS C 1206 -10.93 -31.95 56.36
C LYS C 1206 -11.78 -31.88 55.11
N PRO C 1207 -13.10 -31.68 55.25
CA PRO C 1207 -13.99 -31.51 54.09
C PRO C 1207 -13.71 -30.18 53.39
N THR C 1208 -13.22 -30.25 52.15
CA THR C 1208 -12.89 -29.07 51.31
C THR C 1208 -14.04 -28.70 50.38
N VAL C 1209 -14.69 -29.69 49.78
CA VAL C 1209 -15.75 -29.50 48.74
C VAL C 1209 -16.93 -30.42 49.08
N ILE C 1210 -18.14 -29.94 48.86
CA ILE C 1210 -19.40 -30.68 49.16
C ILE C 1210 -20.35 -30.36 48.00
N LEU C 1211 -20.28 -31.18 46.96
CA LEU C 1211 -21.19 -31.12 45.80
C LEU C 1211 -22.51 -31.81 46.19
N LYS C 1212 -23.66 -31.16 46.02
CA LYS C 1212 -24.98 -31.76 46.28
C LYS C 1212 -26.08 -30.96 45.59
N LEU C 1213 -27.27 -31.54 45.43
CA LEU C 1213 -28.52 -30.83 45.05
C LEU C 1213 -29.01 -30.01 46.25
N LEU C 1214 -29.48 -28.80 45.98
CA LEU C 1214 -30.01 -27.85 46.98
C LEU C 1214 -31.55 -27.87 46.84
N LYS C 1215 -32.04 -27.57 45.63
CA LYS C 1215 -33.47 -27.68 45.23
C LYS C 1215 -33.54 -28.77 44.16
N GLU C 1216 -34.65 -28.86 43.44
CA GLU C 1216 -34.84 -29.81 42.32
C GLU C 1216 -33.71 -29.62 41.29
N ASN C 1217 -33.50 -28.39 40.83
CA ASN C 1217 -32.74 -28.08 39.58
C ASN C 1217 -31.48 -27.26 39.87
N ILE C 1218 -31.05 -27.13 41.13
CA ILE C 1218 -29.85 -26.34 41.53
C ILE C 1218 -28.83 -27.33 42.10
N ILE C 1219 -27.65 -27.43 41.48
CA ILE C 1219 -26.46 -28.13 42.04
C ILE C 1219 -25.65 -27.09 42.81
N GLN C 1220 -25.41 -27.32 44.10
CA GLN C 1220 -24.60 -26.41 44.94
C GLN C 1220 -23.24 -27.07 45.18
N MET C 1221 -22.17 -26.51 44.63
CA MET C 1221 -20.79 -26.91 44.96
C MET C 1221 -20.25 -25.94 46.02
N GLU C 1222 -20.43 -26.30 47.28
CA GLU C 1222 -19.87 -25.56 48.44
C GLU C 1222 -18.37 -25.84 48.50
N MET C 1223 -17.54 -24.84 48.19
CA MET C 1223 -16.05 -24.89 48.37
C MET C 1223 -15.73 -24.28 49.73
N ILE C 1224 -14.82 -24.92 50.48
CA ILE C 1224 -14.58 -24.60 51.92
C ILE C 1224 -13.12 -24.22 52.09
N GLU C 1225 -12.88 -22.99 52.54
CA GLU C 1225 -11.56 -22.59 53.07
C GLU C 1225 -11.55 -22.85 54.57
N ASN C 1226 -10.51 -23.53 55.06
CA ASN C 1226 -10.31 -23.89 56.49
C ASN C 1226 -9.38 -22.86 57.14
N ARG C 1227 -8.35 -22.40 56.41
CA ARG C 1227 -7.37 -21.37 56.88
C ARG C 1227 -8.03 -19.99 56.85
N THR C 1228 -8.73 -19.64 57.92
CA THR C 1228 -9.55 -18.39 58.04
C THR C 1228 -9.04 -17.55 59.20
N MET C 1229 -9.63 -16.35 59.37
CA MET C 1229 -9.17 -15.37 60.39
C MET C 1229 -9.37 -15.95 61.78
N ASP C 1230 -10.55 -16.53 62.05
CA ASP C 1230 -11.03 -16.92 63.41
C ASP C 1230 -11.10 -18.45 63.56
N GLY C 1231 -10.52 -19.22 62.63
CA GLY C 1231 -10.42 -20.70 62.71
C GLY C 1231 -11.65 -21.44 62.20
N LYS C 1232 -12.83 -20.79 62.23
CA LYS C 1232 -14.12 -21.34 61.71
C LYS C 1232 -14.03 -21.43 60.20
N PRO C 1233 -14.41 -22.57 59.58
CA PRO C 1233 -14.32 -22.71 58.12
C PRO C 1233 -15.29 -21.74 57.44
N VAL C 1234 -14.90 -21.23 56.27
CA VAL C 1234 -15.69 -20.28 55.43
C VAL C 1234 -16.12 -21.02 54.15
N SER C 1235 -17.43 -21.00 53.86
CA SER C 1235 -18.06 -21.64 52.68
C SER C 1235 -18.24 -20.62 51.55
N LEU C 1236 -17.97 -21.04 50.32
CA LEU C 1236 -18.37 -20.32 49.08
C LEU C 1236 -19.33 -21.22 48.31
N PRO C 1237 -20.66 -20.99 48.39
CA PRO C 1237 -21.61 -21.78 47.60
C PRO C 1237 -21.62 -21.24 46.17
N LEU C 1238 -21.06 -22.02 45.24
CA LEU C 1238 -21.23 -21.85 43.78
C LEU C 1238 -22.46 -22.65 43.34
N LEU C 1239 -23.37 -22.02 42.60
CA LEU C 1239 -24.69 -22.57 42.23
C LEU C 1239 -24.72 -22.81 40.72
N TYR C 1240 -25.20 -23.98 40.32
CA TYR C 1240 -25.43 -24.35 38.92
C TYR C 1240 -26.85 -24.84 38.71
N ASN C 1241 -27.58 -24.22 37.78
CA ASN C 1241 -28.84 -24.77 37.21
C ASN C 1241 -28.47 -26.09 36.56
N PHE C 1242 -29.24 -27.13 36.88
CA PHE C 1242 -29.23 -28.42 36.17
C PHE C 1242 -30.53 -28.52 35.35
N ASN C 1243 -30.42 -28.36 34.04
CA ASN C 1243 -31.56 -28.42 33.10
C ASN C 1243 -31.45 -29.72 32.30
N PRO C 1244 -32.27 -30.75 32.61
CA PRO C 1244 -32.23 -32.01 31.86
C PRO C 1244 -32.83 -31.87 30.44
N ASP C 1245 -33.65 -30.84 30.19
CA ASP C 1245 -34.31 -30.64 28.86
C ASP C 1245 -33.29 -30.23 27.79
N ASN C 1246 -32.07 -29.84 28.18
CA ASN C 1246 -30.95 -29.53 27.26
C ASN C 1246 -29.83 -30.54 27.50
N GLY C 1247 -29.95 -31.73 26.93
CA GLY C 1247 -29.06 -32.86 27.24
C GLY C 1247 -27.61 -32.62 26.88
N PHE C 1248 -27.33 -31.79 25.87
CA PHE C 1248 -25.94 -31.56 25.39
C PHE C 1248 -25.13 -30.86 26.48
N ALA C 1249 -25.66 -29.73 26.97
CA ALA C 1249 -25.14 -28.92 28.09
C ALA C 1249 -26.22 -28.75 29.13
N PRO C 1250 -26.40 -29.73 30.04
CA PRO C 1250 -27.43 -29.63 31.06
C PRO C 1250 -27.02 -28.72 32.24
N ILE C 1251 -25.73 -28.44 32.39
CA ILE C 1251 -25.25 -27.64 33.56
C ILE C 1251 -24.83 -26.25 33.06
N SER C 1252 -25.05 -25.26 33.92
CA SER C 1252 -24.88 -23.83 33.64
C SER C 1252 -24.74 -23.07 34.97
N GLU C 1253 -23.67 -22.28 35.15
CA GLU C 1253 -23.51 -21.36 36.31
C GLU C 1253 -24.76 -20.49 36.47
N VAL C 1254 -25.18 -20.27 37.72
CA VAL C 1254 -26.17 -19.23 38.11
C VAL C 1254 -25.40 -17.92 38.29
N MET C 1255 -25.38 -17.07 37.24
CA MET C 1255 -24.44 -15.94 37.12
C MET C 1255 -25.00 -14.71 37.86
N GLU C 1256 -26.26 -14.75 38.28
CA GLU C 1256 -26.87 -13.70 39.16
C GLU C 1256 -26.25 -13.81 40.56
N ASP C 1257 -25.53 -12.77 40.98
CA ASP C 1257 -25.02 -12.58 42.35
C ASP C 1257 -23.75 -13.41 42.56
N ARG C 1258 -23.17 -13.98 41.50
CA ARG C 1258 -21.95 -14.83 41.62
C ARG C 1258 -20.82 -13.98 42.20
N ASN C 1259 -20.68 -12.75 41.71
CA ASN C 1259 -19.66 -11.78 42.17
C ASN C 1259 -19.91 -11.40 43.63
N GLN C 1260 -21.16 -11.21 44.04
CA GLN C 1260 -21.52 -10.83 45.45
C GLN C 1260 -21.22 -12.00 46.40
N ARG C 1261 -21.53 -13.24 45.99
CA ARG C 1261 -21.27 -14.46 46.79
C ARG C 1261 -19.76 -14.71 46.92
N ILE C 1262 -19.01 -14.46 45.86
CA ILE C 1262 -17.54 -14.59 45.90
C ILE C 1262 -16.99 -13.51 46.83
N LYS C 1263 -17.49 -12.27 46.71
CA LYS C 1263 -17.03 -11.12 47.52
C LYS C 1263 -17.30 -11.43 48.99
N GLU C 1264 -18.50 -11.92 49.29
CA GLU C 1264 -18.95 -12.21 50.68
C GLU C 1264 -18.02 -13.22 51.36
N MET C 1265 -17.46 -14.13 50.58
CA MET C 1265 -16.48 -15.11 51.08
C MET C 1265 -15.20 -14.34 51.38
N TYR C 1266 -14.63 -13.69 50.38
CA TYR C 1266 -13.34 -12.98 50.49
C TYR C 1266 -13.42 -11.98 51.65
N TRP C 1267 -14.58 -11.36 51.85
CA TRP C 1267 -14.79 -10.41 52.98
C TRP C 1267 -14.45 -11.08 54.33
N LYS C 1268 -15.05 -12.24 54.61
CA LYS C 1268 -14.90 -12.97 55.88
C LYS C 1268 -13.43 -13.34 56.08
N LEU C 1269 -12.69 -13.56 54.99
CA LEU C 1269 -11.27 -13.98 54.96
C LEU C 1269 -10.29 -12.80 55.11
N TRP C 1270 -10.72 -11.57 54.81
CA TRP C 1270 -9.84 -10.38 54.66
C TRP C 1270 -10.20 -9.27 55.64
N ILE C 1271 -11.49 -9.01 55.85
CA ILE C 1271 -12.03 -7.78 56.53
C ILE C 1271 -12.77 -8.22 57.81
N ASP C 1272 -12.41 -7.65 58.96
CA ASP C 1272 -13.13 -7.87 60.24
C ASP C 1272 -14.11 -6.72 60.44
N GLU C 1273 -15.13 -6.64 59.59
CA GLU C 1273 -16.22 -5.64 59.67
C GLU C 1273 -17.53 -6.34 59.31
N PRO C 1274 -18.71 -5.69 59.49
CA PRO C 1274 -19.97 -6.18 58.91
C PRO C 1274 -19.92 -6.11 57.37
N PHE C 1275 -20.33 -7.20 56.70
CA PHE C 1275 -20.40 -7.27 55.22
C PHE C 1275 -21.37 -6.21 54.70
N ASN C 1276 -20.90 -5.33 53.83
CA ASN C 1276 -21.73 -4.29 53.16
C ASN C 1276 -20.96 -3.72 51.97
N LEU C 1277 -21.37 -4.07 50.74
CA LEU C 1277 -20.73 -3.62 49.47
C LEU C 1277 -21.33 -2.30 48.99
N ASP C 1278 -22.27 -1.71 49.75
CA ASP C 1278 -22.88 -0.38 49.44
C ASP C 1278 -22.10 0.71 50.19
N PHE C 1279 -20.95 1.11 49.64
CA PHE C 1279 -20.25 2.38 49.95
C PHE C 1279 -19.66 2.95 48.64
N ASP C 1280 -19.39 4.26 48.62
CA ASP C 1280 -18.93 4.98 47.40
C ASP C 1280 -17.46 4.65 47.17
N PRO C 1281 -17.05 4.18 45.96
CA PRO C 1281 -15.64 4.02 45.64
C PRO C 1281 -14.81 5.31 45.77
N ARG C 1282 -15.44 6.45 45.46
CA ARG C 1282 -14.77 7.78 45.46
C ARG C 1282 -14.46 8.22 46.89
N ASP C 1283 -15.22 7.76 47.88
CA ASP C 1283 -15.05 8.14 49.30
C ASP C 1283 -13.80 7.45 49.84
N VAL C 1284 -13.12 8.16 50.76
CA VAL C 1284 -11.91 7.68 51.49
C VAL C 1284 -12.33 6.49 52.35
N ILE C 1285 -11.48 5.47 52.40
CA ILE C 1285 -11.65 4.22 53.19
C ILE C 1285 -10.72 4.33 54.39
N LYS C 1286 -11.27 4.24 55.59
CA LYS C 1286 -10.52 4.35 56.86
C LYS C 1286 -10.26 2.93 57.38
N GLY C 1287 -8.99 2.57 57.56
CA GLY C 1287 -8.56 1.34 58.24
C GLY C 1287 -8.44 1.56 59.74
N LYS C 1288 -8.13 0.50 60.49
CA LYS C 1288 -8.04 0.52 61.98
C LYS C 1288 -6.59 0.79 62.41
N ASP C 1289 -6.43 1.43 63.57
CA ASP C 1289 -5.12 1.74 64.19
C ASP C 1289 -4.40 0.45 64.49
N PHE C 1290 -3.28 0.21 63.80
CA PHE C 1290 -2.33 -0.89 64.03
C PHE C 1290 -1.26 -0.40 65.00
N GLU C 1291 -0.99 -1.15 66.06
CA GLU C 1291 0.13 -0.89 67.00
C GLU C 1291 1.21 -1.94 66.71
N ILE C 1292 2.36 -1.52 66.20
CA ILE C 1292 3.44 -2.45 65.75
C ILE C 1292 4.06 -3.04 67.02
N THR C 1293 4.11 -4.37 67.13
CA THR C 1293 4.74 -5.13 68.24
C THR C 1293 6.01 -5.81 67.76
N ALA C 1294 6.88 -6.18 68.68
CA ALA C 1294 8.15 -6.89 68.41
C ALA C 1294 7.84 -8.26 67.80
N LYS C 1295 6.83 -8.96 68.33
CA LYS C 1295 6.42 -10.30 67.84
C LYS C 1295 6.10 -10.22 66.34
N GLU C 1296 5.23 -9.27 65.94
CA GLU C 1296 4.73 -9.12 64.55
C GLU C 1296 5.88 -8.91 63.56
N VAL C 1297 6.88 -8.11 63.91
CA VAL C 1297 8.09 -7.86 63.06
C VAL C 1297 8.90 -9.16 62.93
N TYR C 1298 9.14 -9.90 64.02
CA TYR C 1298 9.92 -11.17 63.96
C TYR C 1298 9.21 -12.10 62.97
N ASP C 1299 7.93 -12.33 63.22
CA ASP C 1299 7.11 -13.27 62.42
C ASP C 1299 7.15 -12.83 60.95
N PHE C 1300 7.00 -11.52 60.69
CA PHE C 1300 7.04 -10.96 59.31
C PHE C 1300 8.41 -11.21 58.68
N THR C 1301 9.51 -10.87 59.36
CA THR C 1301 10.88 -11.01 58.79
C THR C 1301 11.17 -12.48 58.52
N HIS C 1302 10.93 -13.38 59.48
CA HIS C 1302 11.20 -14.84 59.34
C HIS C 1302 10.43 -15.40 58.13
N ALA C 1303 9.16 -15.00 57.99
CA ALA C 1303 8.23 -15.43 56.93
C ALA C 1303 8.73 -15.03 55.53
N VAL C 1304 9.37 -13.86 55.36
CA VAL C 1304 9.86 -13.32 54.05
C VAL C 1304 11.37 -13.52 53.92
N GLY C 1305 12.04 -14.04 54.94
CA GLY C 1305 13.50 -14.28 54.95
C GLY C 1305 14.30 -12.99 54.74
N ASN C 1306 14.08 -12.00 55.62
CA ASN C 1306 14.72 -10.66 55.64
C ASN C 1306 15.56 -10.54 56.90
N ASN C 1307 16.88 -10.74 56.79
CA ASN C 1307 17.79 -10.99 57.94
C ASN C 1307 18.50 -9.69 58.39
N CYS C 1308 18.01 -8.52 58.00
CA CYS C 1308 18.65 -7.20 58.25
C CYS C 1308 18.65 -6.90 59.76
N GLU C 1309 19.81 -6.50 60.31
CA GLU C 1309 20.07 -6.28 61.76
C GLU C 1309 19.14 -5.21 62.34
N ASP C 1310 18.61 -4.30 61.51
CA ASP C 1310 17.71 -3.20 61.97
C ASP C 1310 16.40 -3.76 62.55
N PHE C 1311 16.00 -4.97 62.15
CA PHE C 1311 14.70 -5.61 62.49
C PHE C 1311 14.85 -6.65 63.60
N VAL C 1312 16.08 -6.91 64.04
CA VAL C 1312 16.40 -7.77 65.20
C VAL C 1312 16.44 -6.87 66.44
N SER C 1313 15.99 -7.37 67.62
CA SER C 1313 16.05 -6.64 68.92
C SER C 1313 17.47 -6.68 69.46
N ARG C 1314 18.04 -5.49 69.70
CA ARG C 1314 19.37 -5.28 70.32
C ARG C 1314 19.14 -4.39 71.54
N PRO C 1315 20.08 -4.35 72.51
CA PRO C 1315 20.02 -3.38 73.60
C PRO C 1315 20.43 -1.97 73.16
N ASP C 1316 19.81 -0.94 73.73
CA ASP C 1316 20.08 0.51 73.46
C ASP C 1316 20.00 0.77 71.95
N ARG C 1317 18.84 0.50 71.37
CA ARG C 1317 18.39 0.97 70.03
C ARG C 1317 17.00 0.40 69.77
N THR C 1318 16.05 1.25 69.36
CA THR C 1318 14.67 0.83 69.04
C THR C 1318 14.74 -0.10 67.82
N MET C 1319 13.88 -1.12 67.79
CA MET C 1319 13.76 -2.05 66.64
C MET C 1319 12.87 -1.41 65.56
N LEU C 1320 13.38 -1.32 64.33
CA LEU C 1320 12.61 -0.82 63.15
C LEU C 1320 11.74 -1.97 62.61
N ALA C 1321 10.65 -1.64 61.93
CA ALA C 1321 9.85 -2.57 61.08
C ALA C 1321 10.27 -2.37 59.64
N PRO C 1322 10.27 -3.42 58.79
CA PRO C 1322 10.57 -3.25 57.37
C PRO C 1322 9.49 -2.37 56.72
N MET C 1323 9.79 -1.78 55.57
CA MET C 1323 8.78 -0.95 54.84
C MET C 1323 7.82 -1.87 54.07
N ASP C 1324 8.19 -3.13 53.86
CA ASP C 1324 7.29 -4.20 53.34
C ASP C 1324 6.13 -4.47 54.29
N PHE C 1325 6.37 -4.26 55.59
CA PHE C 1325 5.42 -4.43 56.73
C PHE C 1325 4.27 -3.42 56.61
N ALA C 1326 4.42 -2.39 55.78
CA ALA C 1326 3.34 -1.42 55.49
C ALA C 1326 2.09 -2.12 54.97
N ILE C 1327 2.25 -3.03 54.02
CA ILE C 1327 1.12 -3.78 53.39
C ILE C 1327 0.40 -4.63 54.47
N VAL C 1328 1.11 -5.09 55.50
CA VAL C 1328 0.47 -5.77 56.67
C VAL C 1328 -0.54 -4.79 57.30
N VAL C 1329 -0.10 -3.56 57.58
CA VAL C 1329 -0.91 -2.50 58.27
C VAL C 1329 -2.07 -2.08 57.35
N GLY C 1330 -1.80 -1.94 56.06
CA GLY C 1330 -2.65 -1.24 55.08
C GLY C 1330 -3.61 -2.16 54.37
N TRP C 1331 -3.33 -3.47 54.35
CA TRP C 1331 -4.04 -4.49 53.53
C TRP C 1331 -5.55 -4.40 53.79
N ARG C 1332 -5.99 -4.27 55.03
CA ARG C 1332 -7.45 -4.27 55.35
C ARG C 1332 -8.12 -3.01 54.76
N ALA C 1333 -7.38 -1.93 54.53
CA ALA C 1333 -7.90 -0.70 53.88
C ALA C 1333 -7.74 -0.82 52.36
N ILE C 1334 -6.58 -1.27 51.91
CA ILE C 1334 -6.23 -1.19 50.48
C ILE C 1334 -7.15 -2.12 49.71
N ILE C 1335 -7.33 -3.34 50.21
CA ILE C 1335 -8.11 -4.38 49.47
C ILE C 1335 -9.59 -3.99 49.54
N LYS C 1336 -10.04 -3.38 50.63
CA LYS C 1336 -11.45 -2.97 50.81
C LYS C 1336 -11.87 -2.09 49.62
N ALA C 1337 -10.93 -1.51 48.88
CA ALA C 1337 -11.19 -0.64 47.71
C ALA C 1337 -11.76 -1.41 46.50
N ILE C 1338 -11.44 -2.68 46.32
CA ILE C 1338 -11.92 -3.45 45.13
C ILE C 1338 -13.29 -4.09 45.39
N PHE C 1339 -13.86 -3.93 46.59
CA PHE C 1339 -15.12 -4.61 47.01
C PHE C 1339 -16.37 -3.90 46.54
N PRO C 1340 -16.50 -2.56 46.59
CA PRO C 1340 -17.82 -1.94 46.41
C PRO C 1340 -18.56 -2.34 45.13
N ASN C 1341 -19.89 -2.46 45.22
CA ASN C 1341 -20.81 -2.95 44.15
C ASN C 1341 -20.49 -2.35 42.78
N THR C 1342 -20.09 -1.08 42.74
CA THR C 1342 -19.85 -0.29 41.50
C THR C 1342 -18.48 -0.65 40.87
N VAL C 1343 -17.62 -1.37 41.59
CA VAL C 1343 -16.34 -1.94 41.08
C VAL C 1343 -16.52 -3.46 40.95
N ASP C 1344 -17.57 -3.87 40.23
CA ASP C 1344 -18.09 -5.27 40.18
C ASP C 1344 -17.08 -6.13 39.42
N GLY C 1345 -16.65 -7.24 40.03
CA GLY C 1345 -15.64 -8.13 39.45
C GLY C 1345 -15.59 -9.49 40.11
N ASP C 1346 -15.24 -10.50 39.30
CA ASP C 1346 -14.98 -11.92 39.67
C ASP C 1346 -13.64 -11.97 40.40
N LEU C 1347 -13.69 -12.08 41.72
CA LEU C 1347 -12.54 -11.83 42.61
C LEU C 1347 -11.63 -13.06 42.65
N LEU C 1348 -12.10 -14.20 42.13
CA LEU C 1348 -11.26 -15.41 41.87
C LEU C 1348 -10.28 -15.11 40.74
N LYS C 1349 -10.70 -14.34 39.73
CA LYS C 1349 -9.88 -13.94 38.55
C LYS C 1349 -9.21 -12.58 38.79
N LEU C 1350 -8.96 -12.18 40.04
CA LEU C 1350 -8.28 -10.92 40.37
C LEU C 1350 -6.77 -11.12 40.27
N VAL C 1351 -6.13 -10.24 39.51
CA VAL C 1351 -4.66 -10.18 39.33
C VAL C 1351 -4.17 -8.95 40.09
N HIS C 1352 -3.16 -9.13 40.94
CA HIS C 1352 -2.33 -8.03 41.53
C HIS C 1352 -1.25 -7.68 40.51
N LEU C 1353 -1.34 -6.52 39.89
CA LEU C 1353 -0.43 -6.09 38.79
C LEU C 1353 0.86 -5.57 39.40
N SER C 1354 0.75 -4.57 40.26
CA SER C 1354 1.90 -3.81 40.78
C SER C 1354 1.68 -3.52 42.26
N ASN C 1355 2.76 -3.40 43.00
CA ASN C 1355 2.71 -2.84 44.36
C ASN C 1355 3.92 -1.91 44.51
N GLY C 1356 3.70 -0.76 45.13
CA GLY C 1356 4.74 0.25 45.34
C GLY C 1356 4.63 0.84 46.72
N TYR C 1357 5.76 1.09 47.35
CA TYR C 1357 5.90 1.88 48.59
C TYR C 1357 6.73 3.10 48.30
N LYS C 1358 6.31 4.28 48.74
CA LYS C 1358 7.12 5.52 48.67
C LYS C 1358 7.12 6.13 50.05
N MET C 1359 8.28 6.16 50.71
CA MET C 1359 8.49 6.92 51.97
C MET C 1359 8.26 8.40 51.68
N ILE C 1360 7.69 9.12 52.63
CA ILE C 1360 7.51 10.60 52.51
C ILE C 1360 8.83 11.25 52.87
N PRO C 1361 9.26 12.32 52.14
CA PRO C 1361 10.57 12.92 52.38
C PRO C 1361 10.68 13.49 53.80
N GLY C 1362 11.75 13.10 54.49
CA GLY C 1362 12.00 13.46 55.90
C GLY C 1362 11.62 12.33 56.85
N ALA C 1363 10.49 11.66 56.60
CA ALA C 1363 9.87 10.65 57.50
C ALA C 1363 10.86 9.52 57.77
N LYS C 1364 11.25 9.33 59.04
CA LYS C 1364 12.11 8.22 59.49
C LYS C 1364 11.25 6.95 59.43
N PRO C 1365 11.81 5.74 59.24
CA PRO C 1365 11.00 4.54 59.06
C PRO C 1365 10.17 4.14 60.30
N LEU C 1366 9.31 3.13 60.12
CA LEU C 1366 8.44 2.54 61.18
C LEU C 1366 9.30 1.85 62.25
N GLN C 1367 8.94 2.06 63.52
CA GLN C 1367 9.59 1.44 64.70
C GLN C 1367 8.53 0.67 65.48
N VAL C 1368 8.97 -0.27 66.32
CA VAL C 1368 8.11 -1.01 67.28
C VAL C 1368 7.62 -0.02 68.35
N GLY C 1369 6.30 0.01 68.58
CA GLY C 1369 5.64 0.94 69.53
C GLY C 1369 4.82 2.00 68.80
N ASP C 1370 5.16 2.29 67.53
CA ASP C 1370 4.47 3.31 66.70
C ASP C 1370 3.04 2.83 66.41
N VAL C 1371 2.04 3.56 66.88
CA VAL C 1371 0.61 3.40 66.46
C VAL C 1371 0.46 4.05 65.08
N VAL C 1372 0.20 3.23 64.07
CA VAL C 1372 0.03 3.66 62.66
C VAL C 1372 -1.44 3.61 62.31
N SER C 1373 -1.97 4.71 61.79
CA SER C 1373 -3.30 4.79 61.14
C SER C 1373 -3.10 4.70 59.63
N THR C 1374 -3.98 3.97 58.94
CA THR C 1374 -4.02 3.87 57.47
C THR C 1374 -5.32 4.50 56.97
N THR C 1375 -5.26 5.16 55.82
CA THR C 1375 -6.43 5.44 54.95
C THR C 1375 -6.13 4.78 53.61
N ALA C 1376 -7.11 4.74 52.71
CA ALA C 1376 -6.88 4.37 51.31
C ALA C 1376 -7.97 5.03 50.47
N VAL C 1377 -7.63 5.36 49.24
CA VAL C 1377 -8.52 6.04 48.26
C VAL C 1377 -8.34 5.31 46.94
N ILE C 1378 -9.37 5.25 46.11
CA ILE C 1378 -9.21 4.75 44.73
C ILE C 1378 -8.65 5.89 43.89
N GLU C 1379 -7.37 5.81 43.53
CA GLU C 1379 -6.71 6.78 42.62
C GLU C 1379 -7.48 6.73 41.30
N SER C 1380 -7.59 5.56 40.67
CA SER C 1380 -8.31 5.39 39.39
C SER C 1380 -9.05 4.06 39.36
N VAL C 1381 -10.11 4.01 38.56
CA VAL C 1381 -10.78 2.75 38.14
C VAL C 1381 -11.22 2.92 36.68
N VAL C 1382 -10.47 2.34 35.75
CA VAL C 1382 -10.69 2.47 34.29
C VAL C 1382 -10.99 1.10 33.67
N ASN C 1383 -11.86 1.09 32.66
CA ASN C 1383 -12.23 -0.09 31.86
C ASN C 1383 -11.31 -0.14 30.64
N GLN C 1384 -10.20 -0.87 30.75
CA GLN C 1384 -9.41 -1.29 29.57
C GLN C 1384 -10.27 -2.19 28.69
N PRO C 1385 -9.86 -2.49 27.44
CA PRO C 1385 -10.48 -3.57 26.66
C PRO C 1385 -10.46 -4.94 27.36
N THR C 1386 -9.30 -5.36 27.88
CA THR C 1386 -9.03 -6.69 28.46
C THR C 1386 -9.66 -6.85 29.85
N GLY C 1387 -10.10 -5.76 30.50
CA GLY C 1387 -10.75 -5.76 31.82
C GLY C 1387 -10.66 -4.42 32.53
N LYS C 1388 -10.78 -4.42 33.87
CA LYS C 1388 -10.94 -3.20 34.71
C LYS C 1388 -9.73 -3.06 35.66
N ILE C 1389 -9.00 -1.95 35.57
CA ILE C 1389 -7.79 -1.70 36.39
C ILE C 1389 -8.16 -0.76 37.52
N VAL C 1390 -7.88 -1.18 38.76
CA VAL C 1390 -8.19 -0.40 40.00
C VAL C 1390 -6.85 -0.09 40.66
N ASP C 1391 -6.52 1.21 40.70
CA ASP C 1391 -5.30 1.77 41.35
C ASP C 1391 -5.77 2.27 42.71
N VAL C 1392 -5.01 1.99 43.76
CA VAL C 1392 -5.43 2.30 45.15
C VAL C 1392 -4.22 2.90 45.87
N VAL C 1393 -4.41 4.02 46.55
CA VAL C 1393 -3.30 4.69 47.29
C VAL C 1393 -3.63 4.64 48.77
N GLY C 1394 -2.65 4.23 49.57
CA GLY C 1394 -2.90 3.74 50.92
C GLY C 1394 -1.93 4.37 51.87
N THR C 1395 -2.29 5.54 52.40
CA THR C 1395 -1.38 6.40 53.18
C THR C 1395 -1.32 5.90 54.62
N LEU C 1396 -0.12 5.56 55.09
CA LEU C 1396 0.16 5.19 56.49
C LEU C 1396 0.68 6.44 57.20
N SER C 1397 0.12 6.74 58.37
CA SER C 1397 0.33 7.99 59.16
C SER C 1397 0.49 7.65 60.63
N ARG C 1398 1.52 8.17 61.31
CA ARG C 1398 1.68 8.07 62.78
C ARG C 1398 1.80 9.48 63.38
N ASN C 1399 1.32 9.66 64.61
CA ASN C 1399 1.33 10.96 65.33
C ASN C 1399 0.78 12.04 64.39
N GLY C 1400 -0.29 11.74 63.65
CA GLY C 1400 -0.94 12.68 62.73
C GLY C 1400 -0.21 12.85 61.40
N LYS C 1401 1.12 12.98 61.42
CA LYS C 1401 1.96 13.23 60.21
C LYS C 1401 2.04 11.96 59.34
N PRO C 1402 1.74 12.04 58.01
CA PRO C 1402 1.90 10.89 57.11
C PRO C 1402 3.34 10.42 56.88
N VAL C 1403 3.56 9.09 56.93
CA VAL C 1403 4.88 8.41 56.92
C VAL C 1403 5.18 7.83 55.53
N MET C 1404 4.25 7.08 54.92
CA MET C 1404 4.46 6.53 53.55
C MET C 1404 3.16 6.18 52.82
N GLU C 1405 3.22 6.23 51.49
CA GLU C 1405 2.14 5.83 50.57
C GLU C 1405 2.41 4.40 50.16
N VAL C 1406 1.33 3.63 49.95
CA VAL C 1406 1.35 2.25 49.40
C VAL C 1406 0.40 2.23 48.22
N THR C 1407 0.95 2.34 47.01
CA THR C 1407 0.23 2.23 45.72
C THR C 1407 0.09 0.75 45.35
N SER C 1408 -1.06 0.36 44.83
CA SER C 1408 -1.40 -1.02 44.43
C SER C 1408 -2.30 -0.97 43.19
N SER C 1409 -1.93 -1.69 42.14
CA SER C 1409 -2.74 -1.83 40.92
C SER C 1409 -3.39 -3.22 40.91
N PHE C 1410 -4.71 -3.27 40.96
CA PHE C 1410 -5.50 -4.52 40.80
C PHE C 1410 -6.11 -4.56 39.41
N PHE C 1411 -6.20 -5.76 38.86
CA PHE C 1411 -6.84 -6.03 37.55
C PHE C 1411 -7.98 -7.03 37.83
N TYR C 1412 -9.17 -6.67 37.39
CA TYR C 1412 -10.31 -7.59 37.19
C TYR C 1412 -10.31 -7.92 35.71
N ARG C 1413 -10.22 -9.20 35.35
CA ARG C 1413 -10.24 -9.63 33.93
C ARG C 1413 -11.70 -9.67 33.50
N GLY C 1414 -12.01 -9.23 32.29
CA GLY C 1414 -13.36 -9.40 31.74
C GLY C 1414 -13.70 -8.38 30.68
N ASN C 1415 -14.99 -8.26 30.40
CA ASN C 1415 -15.58 -7.22 29.52
C ASN C 1415 -16.44 -6.31 30.40
N TYR C 1416 -15.98 -5.08 30.66
CA TYR C 1416 -16.66 -4.07 31.49
C TYR C 1416 -16.94 -2.84 30.62
N THR C 1417 -18.20 -2.40 30.62
CA THR C 1417 -18.72 -1.24 29.84
C THR C 1417 -19.40 -0.23 30.77
N ASP C 1418 -19.24 -0.35 32.10
CA ASP C 1418 -19.90 0.50 33.13
C ASP C 1418 -19.09 1.79 33.31
N PHE C 1419 -18.98 2.59 32.25
CA PHE C 1419 -18.16 3.83 32.18
C PHE C 1419 -18.72 4.92 33.09
N GLU C 1420 -19.96 4.78 33.58
CA GLU C 1420 -20.55 5.68 34.60
C GLU C 1420 -19.78 5.59 35.93
N ASN C 1421 -19.13 4.46 36.22
CA ASN C 1421 -18.49 4.18 37.53
C ASN C 1421 -16.98 4.40 37.45
N THR C 1422 -16.39 4.36 36.25
CA THR C 1422 -14.96 4.71 36.03
C THR C 1422 -14.71 6.18 36.39
N PHE C 1423 -13.51 6.46 36.87
CA PHE C 1423 -12.98 7.82 37.18
C PHE C 1423 -11.47 7.72 37.29
N GLN C 1424 -10.78 8.80 37.67
CA GLN C 1424 -9.29 8.86 37.67
C GLN C 1424 -8.85 10.13 38.38
N LYS C 1425 -9.20 10.28 39.67
CA LYS C 1425 -8.72 11.35 40.60
C LYS C 1425 -7.22 11.18 40.88
N THR C 1426 -6.38 11.87 40.11
CA THR C 1426 -4.90 11.89 40.26
C THR C 1426 -4.51 13.09 41.14
N VAL C 1427 -3.39 12.99 41.84
CA VAL C 1427 -2.63 14.13 42.43
C VAL C 1427 -1.34 14.24 41.64
N GLU C 1428 -1.19 15.32 40.88
CA GLU C 1428 -0.12 15.45 39.86
C GLU C 1428 1.19 15.76 40.59
N PRO C 1429 2.35 15.47 39.98
CA PRO C 1429 3.63 15.89 40.53
C PRO C 1429 3.78 17.41 40.44
N VAL C 1430 4.31 18.04 41.48
CA VAL C 1430 4.49 19.51 41.54
C VAL C 1430 5.39 19.91 40.38
N TYR C 1431 4.86 20.77 39.50
CA TYR C 1431 5.57 21.35 38.33
C TYR C 1431 6.01 22.77 38.67
N GLN C 1432 7.17 23.15 38.15
CA GLN C 1432 7.86 24.43 38.40
C GLN C 1432 8.05 25.15 37.05
N MET C 1433 7.92 26.47 37.04
CA MET C 1433 8.31 27.33 35.88
C MET C 1433 9.05 28.54 36.38
N HIS C 1434 10.28 28.71 35.89
CA HIS C 1434 11.06 29.96 35.99
C HIS C 1434 10.58 30.83 34.84
N ILE C 1435 9.85 31.91 35.14
CA ILE C 1435 9.32 32.89 34.15
C ILE C 1435 10.43 33.91 33.87
N LYS C 1436 11.18 33.71 32.78
CA LYS C 1436 12.44 34.45 32.46
C LYS C 1436 12.14 35.63 31.53
N THR C 1437 11.30 35.42 30.51
CA THR C 1437 11.00 36.39 29.43
C THR C 1437 9.63 37.02 29.65
N SER C 1438 9.22 37.93 28.76
CA SER C 1438 7.86 38.53 28.69
C SER C 1438 6.98 37.64 27.81
N LYS C 1439 7.59 36.90 26.89
CA LYS C 1439 6.91 35.88 26.05
C LYS C 1439 6.26 34.80 26.93
N ASP C 1440 6.97 34.32 27.95
CA ASP C 1440 6.48 33.29 28.91
C ASP C 1440 5.25 33.85 29.66
N ILE C 1441 5.28 35.12 30.02
CA ILE C 1441 4.17 35.82 30.74
C ILE C 1441 2.95 35.88 29.81
N ALA C 1442 3.14 36.21 28.53
CA ALA C 1442 2.05 36.39 27.54
C ALA C 1442 1.41 35.04 27.19
N VAL C 1443 2.20 33.97 27.28
CA VAL C 1443 1.73 32.57 27.03
C VAL C 1443 0.88 32.15 28.22
N LEU C 1444 1.37 32.35 29.44
CA LEU C 1444 0.62 32.03 30.68
C LEU C 1444 -0.72 32.78 30.70
N ARG C 1445 -0.71 34.09 30.48
CA ARG C 1445 -1.93 34.96 30.47
C ARG C 1445 -2.93 34.48 29.40
N SER C 1446 -2.46 33.81 28.35
CA SER C 1446 -3.32 33.31 27.24
C SER C 1446 -4.26 32.19 27.76
N LYS C 1447 -3.79 31.41 28.74
CA LYS C 1447 -4.47 30.25 29.38
C LYS C 1447 -5.54 30.74 30.35
N GLU C 1448 -6.82 30.54 30.04
CA GLU C 1448 -7.98 31.04 30.86
C GLU C 1448 -7.97 30.38 32.25
N TRP C 1449 -7.36 29.20 32.37
CA TRP C 1449 -7.24 28.43 33.64
C TRP C 1449 -6.21 29.02 34.60
N PHE C 1450 -5.27 29.82 34.11
CA PHE C 1450 -4.24 30.48 34.96
C PHE C 1450 -4.84 31.75 35.59
N GLN C 1451 -5.50 31.60 36.74
CA GLN C 1451 -6.36 32.67 37.34
C GLN C 1451 -5.70 33.23 38.60
N LEU C 1452 -4.84 34.23 38.43
CA LEU C 1452 -4.17 34.94 39.56
C LEU C 1452 -5.23 35.68 40.38
N ASP C 1453 -5.03 35.79 41.70
CA ASP C 1453 -5.89 36.57 42.63
C ASP C 1453 -5.78 38.05 42.27
N ASP C 1454 -4.54 38.52 42.00
CA ASP C 1454 -4.21 39.87 41.49
C ASP C 1454 -3.84 39.75 40.00
N GLU C 1455 -4.61 40.36 39.10
CA GLU C 1455 -4.42 40.29 37.62
C GLU C 1455 -3.09 40.98 37.21
N ASP C 1456 -2.63 41.95 38.02
CA ASP C 1456 -1.45 42.82 37.74
C ASP C 1456 -0.23 42.39 38.56
N PHE C 1457 -0.16 41.12 38.97
CA PHE C 1457 1.04 40.54 39.65
C PHE C 1457 2.20 40.56 38.64
N ASP C 1458 3.42 40.87 39.10
CA ASP C 1458 4.64 40.87 38.25
C ASP C 1458 5.26 39.46 38.26
N LEU C 1459 5.09 38.72 37.16
CA LEU C 1459 5.56 37.31 37.03
C LEU C 1459 7.05 37.26 36.66
N LEU C 1460 7.66 38.38 36.24
CA LEU C 1460 9.01 38.36 35.61
C LEU C 1460 10.06 37.96 36.66
N ASN C 1461 10.92 37.00 36.30
CA ASN C 1461 12.02 36.43 37.15
C ASN C 1461 11.45 35.86 38.46
N LYS C 1462 10.26 35.26 38.36
CA LYS C 1462 9.60 34.51 39.46
C LYS C 1462 9.64 33.03 39.13
N THR C 1463 9.66 32.21 40.18
CA THR C 1463 9.51 30.74 40.13
C THR C 1463 8.08 30.44 40.59
N LEU C 1464 7.19 30.07 39.66
CA LEU C 1464 5.85 29.53 39.97
C LEU C 1464 5.95 28.02 40.19
N THR C 1465 5.24 27.49 41.19
CA THR C 1465 5.01 26.04 41.40
C THR C 1465 3.51 25.76 41.27
N PHE C 1466 3.16 24.64 40.65
CA PHE C 1466 1.76 24.22 40.37
C PHE C 1466 1.46 22.93 41.11
N GLU C 1467 0.71 23.01 42.21
CA GLU C 1467 0.25 21.86 43.01
C GLU C 1467 -1.18 21.56 42.55
N THR C 1468 -1.32 20.68 41.55
CA THR C 1468 -2.61 20.41 40.85
C THR C 1468 -3.11 18.99 41.16
N GLU C 1469 -4.44 18.85 41.22
CA GLU C 1469 -5.20 17.57 41.22
C GLU C 1469 -6.01 17.51 39.93
N THR C 1470 -6.04 16.36 39.25
CA THR C 1470 -6.73 16.12 37.96
C THR C 1470 -7.83 15.07 38.15
N GLU C 1471 -9.11 15.47 38.17
CA GLU C 1471 -10.29 14.58 38.28
C GLU C 1471 -10.93 14.36 36.91
N VAL C 1472 -10.88 13.13 36.41
CA VAL C 1472 -11.35 12.73 35.05
C VAL C 1472 -12.43 11.66 35.18
N THR C 1473 -13.63 11.90 34.64
CA THR C 1473 -14.70 10.90 34.41
C THR C 1473 -14.70 10.54 32.93
N PHE C 1474 -15.21 9.36 32.59
CA PHE C 1474 -15.16 8.77 31.22
C PHE C 1474 -16.57 8.70 30.64
N LYS C 1475 -16.62 8.67 29.29
CA LYS C 1475 -17.83 8.38 28.48
C LYS C 1475 -17.61 7.03 27.80
N ASN C 1476 -16.49 6.90 27.07
CA ASN C 1476 -16.00 5.67 26.41
C ASN C 1476 -14.63 5.35 27.00
N ALA C 1477 -13.89 4.43 26.37
CA ALA C 1477 -12.53 4.02 26.81
C ALA C 1477 -11.48 5.05 26.35
N ASN C 1478 -11.78 5.88 25.34
CA ASN C 1478 -10.78 6.71 24.61
C ASN C 1478 -10.94 8.20 24.96
N ILE C 1479 -12.17 8.69 25.17
CA ILE C 1479 -12.46 10.12 25.49
C ILE C 1479 -12.90 10.24 26.95
N PHE C 1480 -12.55 11.35 27.59
CA PHE C 1480 -13.07 11.74 28.92
C PHE C 1480 -14.42 12.41 28.67
N SER C 1481 -15.38 12.24 29.58
CA SER C 1481 -16.70 12.94 29.56
C SER C 1481 -16.54 14.28 30.25
N SER C 1482 -15.71 14.34 31.31
CA SER C 1482 -15.47 15.55 32.14
C SER C 1482 -14.01 15.55 32.64
N VAL C 1483 -13.24 16.58 32.31
CA VAL C 1483 -11.88 16.82 32.88
C VAL C 1483 -12.00 17.98 33.86
N LYS C 1484 -11.05 18.08 34.78
CA LYS C 1484 -11.09 19.06 35.90
C LYS C 1484 -9.75 19.03 36.62
N CYS C 1485 -8.79 19.81 36.12
CA CYS C 1485 -7.52 20.13 36.80
C CYS C 1485 -7.78 21.37 37.65
N PHE C 1486 -7.29 21.38 38.88
CA PHE C 1486 -7.43 22.52 39.81
C PHE C 1486 -6.27 22.46 40.81
N GLY C 1487 -6.13 23.51 41.62
CA GLY C 1487 -5.18 23.57 42.74
C GLY C 1487 -4.35 24.84 42.70
N PRO C 1488 -3.67 25.16 43.82
CA PRO C 1488 -2.99 26.44 43.97
C PRO C 1488 -1.84 26.66 42.99
N ILE C 1489 -1.56 27.94 42.71
CA ILE C 1489 -0.33 28.43 42.01
C ILE C 1489 0.47 29.22 43.04
N LYS C 1490 1.67 28.76 43.35
CA LYS C 1490 2.53 29.33 44.40
C LYS C 1490 3.72 30.01 43.74
N VAL C 1491 4.14 31.15 44.27
CA VAL C 1491 5.39 31.86 43.85
C VAL C 1491 6.40 31.70 44.98
N GLU C 1492 7.68 31.53 44.62
CA GLU C 1492 8.80 31.48 45.59
C GLU C 1492 9.10 32.93 45.97
N LEU C 1493 9.06 33.24 47.26
CA LEU C 1493 9.48 34.56 47.78
C LEU C 1493 11.00 34.60 47.86
N PRO C 1494 11.62 35.79 48.00
CA PRO C 1494 13.07 35.88 48.20
C PRO C 1494 13.61 35.10 49.42
N THR C 1495 12.74 34.63 50.31
CA THR C 1495 13.06 33.84 51.52
C THR C 1495 12.88 32.33 51.28
N LYS C 1496 12.65 31.92 50.02
CA LYS C 1496 12.41 30.49 49.63
C LYS C 1496 11.02 30.02 50.09
N GLU C 1497 10.26 30.83 50.83
CA GLU C 1497 8.93 30.45 51.42
C GLU C 1497 7.83 30.72 50.39
N THR C 1498 7.34 29.67 49.73
CA THR C 1498 6.28 29.73 48.70
C THR C 1498 4.97 30.24 49.33
N VAL C 1499 4.28 31.15 48.64
CA VAL C 1499 2.97 31.73 49.04
C VAL C 1499 2.00 31.61 47.86
N GLU C 1500 0.75 31.21 48.11
CA GLU C 1500 -0.31 31.08 47.07
C GLU C 1500 -0.58 32.45 46.46
N ILE C 1501 -0.52 32.57 45.12
CA ILE C 1501 -0.81 33.83 44.37
C ILE C 1501 -1.90 33.62 43.32
N GLY C 1502 -2.42 32.41 43.18
CA GLY C 1502 -3.42 32.12 42.14
C GLY C 1502 -3.94 30.71 42.28
N ILE C 1503 -4.71 30.27 41.30
CA ILE C 1503 -5.26 28.88 41.23
C ILE C 1503 -5.22 28.45 39.77
N VAL C 1504 -4.95 27.17 39.51
CA VAL C 1504 -5.43 26.50 38.29
C VAL C 1504 -6.90 26.21 38.52
N ASP C 1505 -7.75 26.42 37.51
CA ASP C 1505 -9.23 26.22 37.60
C ASP C 1505 -9.76 25.87 36.21
N TYR C 1506 -9.20 24.80 35.64
CA TYR C 1506 -9.62 24.21 34.35
C TYR C 1506 -10.80 23.29 34.61
N GLU C 1507 -11.69 23.21 33.63
CA GLU C 1507 -12.98 22.48 33.77
C GLU C 1507 -13.57 22.34 32.37
N ALA C 1508 -13.46 21.14 31.81
CA ALA C 1508 -13.91 20.80 30.45
C ALA C 1508 -14.98 19.70 30.54
N GLY C 1509 -15.75 19.54 29.47
CA GLY C 1509 -16.54 18.33 29.16
C GLY C 1509 -15.78 17.45 28.19
N ALA C 1510 -16.48 16.76 27.28
CA ALA C 1510 -15.89 15.82 26.31
C ALA C 1510 -14.53 16.34 25.83
N SER C 1511 -13.43 15.70 26.27
CA SER C 1511 -12.03 16.02 25.89
C SER C 1511 -11.29 14.73 25.56
N HIS C 1512 -10.08 14.82 24.97
CA HIS C 1512 -9.18 13.67 24.69
C HIS C 1512 -7.88 13.82 25.49
N GLY C 1513 -7.94 14.55 26.61
CA GLY C 1513 -6.72 14.89 27.38
C GLY C 1513 -6.90 16.13 28.22
N ASN C 1514 -5.88 16.40 29.04
CA ASN C 1514 -5.84 17.48 30.06
C ASN C 1514 -4.71 18.40 29.66
N PRO C 1515 -5.02 19.60 29.15
CA PRO C 1515 -4.01 20.46 28.55
C PRO C 1515 -3.08 21.07 29.63
N VAL C 1516 -3.61 21.29 30.83
CA VAL C 1516 -2.86 21.96 31.94
C VAL C 1516 -1.57 21.19 32.22
N VAL C 1517 -1.66 19.89 32.42
CA VAL C 1517 -0.50 19.03 32.81
C VAL C 1517 0.43 18.90 31.60
N ASP C 1518 -0.14 18.74 30.40
CA ASP C 1518 0.61 18.74 29.11
C ASP C 1518 1.39 20.04 28.94
N PHE C 1519 0.72 21.19 29.05
CA PHE C 1519 1.36 22.54 29.06
C PHE C 1519 2.47 22.64 30.11
N LEU C 1520 2.24 22.20 31.34
CA LEU C 1520 3.25 22.24 32.44
C LEU C 1520 4.39 21.25 32.19
N LYS C 1521 4.14 20.09 31.57
CA LYS C 1521 5.23 19.11 31.24
C LYS C 1521 6.24 19.76 30.27
N ARG C 1522 5.73 20.28 29.15
CA ARG C 1522 6.54 20.91 28.07
C ARG C 1522 7.30 22.13 28.63
N ASN C 1523 6.62 23.07 29.29
CA ASN C 1523 7.22 24.37 29.71
C ASN C 1523 7.80 24.35 31.13
N GLY C 1524 7.58 23.31 31.93
CA GLY C 1524 7.99 23.27 33.35
C GLY C 1524 9.08 22.23 33.63
N SER C 1525 9.07 21.74 34.87
CA SER C 1525 10.07 20.82 35.47
C SER C 1525 9.49 20.32 36.80
N THR C 1526 9.99 19.21 37.32
CA THR C 1526 9.28 18.40 38.34
C THR C 1526 9.92 18.56 39.72
N LEU C 1527 10.88 19.48 39.87
CA LEU C 1527 11.67 19.71 41.12
C LEU C 1527 12.79 18.67 41.26
N GLU C 1528 12.68 17.51 40.60
CA GLU C 1528 13.65 16.39 40.68
C GLU C 1528 13.71 15.69 39.33
N GLN C 1529 14.91 15.62 38.74
CA GLN C 1529 15.19 15.02 37.42
C GLN C 1529 15.95 13.72 37.62
N LYS C 1530 15.45 12.62 37.07
CA LYS C 1530 16.22 11.36 36.94
C LYS C 1530 17.31 11.56 35.90
N VAL C 1531 18.57 11.47 36.31
CA VAL C 1531 19.73 11.51 35.37
C VAL C 1531 20.32 10.10 35.34
N ASN C 1532 20.35 9.51 34.14
CA ASN C 1532 20.87 8.14 33.89
C ASN C 1532 22.38 8.16 33.98
N LEU C 1533 22.97 7.06 34.44
CA LEU C 1533 24.43 6.81 34.28
C LEU C 1533 24.67 6.50 32.80
N GLU C 1534 25.92 6.69 32.35
CA GLU C 1534 26.40 6.35 30.98
C GLU C 1534 26.08 4.88 30.69
N ASN C 1535 26.38 3.98 31.64
CA ASN C 1535 26.21 2.50 31.51
C ASN C 1535 25.67 1.94 32.81
N PRO C 1536 24.54 1.18 32.78
CA PRO C 1536 24.09 0.45 33.96
C PRO C 1536 25.24 -0.37 34.57
N ILE C 1537 25.46 -0.21 35.87
CA ILE C 1537 26.41 -1.00 36.69
C ILE C 1537 25.67 -2.22 37.21
N PRO C 1538 26.06 -3.47 36.87
CA PRO C 1538 25.50 -4.64 37.53
C PRO C 1538 26.01 -4.68 38.98
N ILE C 1539 25.08 -4.74 39.95
CA ILE C 1539 25.38 -4.81 41.41
C ILE C 1539 25.60 -6.28 41.79
N ALA C 1540 24.64 -7.14 41.46
CA ALA C 1540 24.66 -8.58 41.79
C ALA C 1540 23.68 -9.34 40.90
N VAL C 1541 23.75 -10.68 40.95
CA VAL C 1541 22.75 -11.63 40.37
C VAL C 1541 22.47 -12.67 41.45
N LEU C 1542 21.40 -12.48 42.23
CA LEU C 1542 21.17 -13.16 43.53
C LEU C 1542 20.05 -14.19 43.39
N ASP C 1543 20.16 -15.28 44.15
CA ASP C 1543 19.26 -16.47 44.06
C ASP C 1543 18.36 -16.53 45.29
N SER C 1544 17.04 -16.55 45.07
CA SER C 1544 16.00 -16.66 46.11
C SER C 1544 15.09 -17.84 45.79
N TYR C 1545 14.56 -18.46 46.85
CA TYR C 1545 13.69 -19.66 46.84
C TYR C 1545 12.35 -19.27 47.45
N THR C 1546 11.26 -19.52 46.73
CA THR C 1546 9.88 -19.42 47.25
C THR C 1546 9.66 -20.57 48.22
N PRO C 1547 8.96 -20.37 49.35
CA PRO C 1547 8.88 -21.41 50.37
C PRO C 1547 7.90 -22.51 49.93
N SER C 1548 8.18 -23.75 50.34
CA SER C 1548 7.42 -25.01 50.01
C SER C 1548 5.91 -24.78 50.17
N THR C 1549 5.49 -24.00 51.17
CA THR C 1549 4.08 -23.64 51.44
C THR C 1549 3.94 -22.14 51.70
N ASN C 1550 2.78 -21.58 51.38
CA ASN C 1550 2.43 -20.14 51.55
C ASN C 1550 1.54 -19.94 52.79
N GLU C 1551 1.65 -20.81 53.78
CA GLU C 1551 0.94 -20.69 55.07
C GLU C 1551 1.58 -19.58 55.91
N PRO C 1552 2.93 -19.55 56.10
CA PRO C 1552 3.57 -18.54 56.95
C PRO C 1552 3.26 -17.11 56.46
N TYR C 1553 3.53 -16.80 55.20
CA TYR C 1553 3.27 -15.44 54.67
C TYR C 1553 1.77 -15.10 54.78
N ALA C 1554 0.86 -16.06 54.73
CA ALA C 1554 -0.61 -15.82 54.82
C ALA C 1554 -0.99 -15.43 56.25
N ARG C 1555 -0.37 -16.06 57.26
CA ARG C 1555 -0.67 -15.80 58.69
C ARG C 1555 -0.23 -14.38 59.05
N VAL C 1556 1.00 -13.99 58.69
CA VAL C 1556 1.63 -12.71 59.14
C VAL C 1556 1.00 -11.53 58.38
N SER C 1557 0.79 -11.69 57.07
CA SER C 1557 0.30 -10.61 56.16
C SER C 1557 -1.19 -10.36 56.40
N GLY C 1558 -1.96 -11.44 56.54
CA GLY C 1558 -3.44 -11.42 56.62
C GLY C 1558 -4.08 -11.57 55.25
N ASP C 1559 -3.30 -11.86 54.20
CA ASP C 1559 -3.83 -12.23 52.86
C ASP C 1559 -4.17 -13.73 52.85
N LEU C 1560 -5.37 -14.06 53.34
CA LEU C 1560 -5.87 -15.46 53.40
C LEU C 1560 -6.61 -15.80 52.11
N ASN C 1561 -6.16 -15.29 50.96
CA ASN C 1561 -6.72 -15.64 49.64
C ASN C 1561 -6.51 -17.13 49.46
N PRO C 1562 -7.60 -17.92 49.29
CA PRO C 1562 -7.48 -19.37 49.14
C PRO C 1562 -6.51 -19.85 48.06
N ILE C 1563 -6.36 -19.13 46.96
CA ILE C 1563 -5.53 -19.59 45.80
C ILE C 1563 -4.06 -19.79 46.18
N HIS C 1564 -3.60 -19.31 47.33
CA HIS C 1564 -2.18 -19.44 47.75
C HIS C 1564 -2.02 -20.70 48.59
N VAL C 1565 -3.13 -21.29 49.04
CA VAL C 1565 -3.12 -22.32 50.12
C VAL C 1565 -3.90 -23.57 49.70
N SER C 1566 -5.00 -23.43 48.99
CA SER C 1566 -5.97 -24.52 48.70
C SER C 1566 -5.90 -24.92 47.22
N ARG C 1567 -5.38 -26.12 46.94
CA ARG C 1567 -5.35 -26.74 45.59
C ARG C 1567 -6.70 -26.59 44.89
N HIS C 1568 -7.84 -26.75 45.59
CA HIS C 1568 -9.20 -26.78 44.97
C HIS C 1568 -9.61 -25.41 44.41
N PHE C 1569 -9.40 -24.34 45.19
CA PHE C 1569 -9.63 -22.94 44.77
C PHE C 1569 -8.62 -22.52 43.71
N ALA C 1570 -7.37 -22.97 43.77
CA ALA C 1570 -6.37 -22.66 42.71
C ALA C 1570 -6.80 -23.29 41.37
N SER C 1571 -7.33 -24.51 41.42
CA SER C 1571 -7.85 -25.30 40.27
C SER C 1571 -9.08 -24.60 39.70
N TYR C 1572 -9.91 -24.03 40.58
CA TYR C 1572 -11.16 -23.35 40.18
C TYR C 1572 -10.84 -22.02 39.48
N ALA C 1573 -9.72 -21.39 39.85
CA ALA C 1573 -9.26 -20.08 39.32
C ALA C 1573 -8.32 -20.28 38.10
N ASN C 1574 -8.18 -21.51 37.61
CA ASN C 1574 -7.39 -21.92 36.42
C ASN C 1574 -5.92 -21.57 36.58
N LEU C 1575 -5.40 -21.59 37.81
CA LEU C 1575 -3.97 -21.28 38.08
C LEU C 1575 -3.17 -22.59 38.07
N PRO C 1576 -1.89 -22.53 37.68
CA PRO C 1576 -1.05 -23.75 37.58
C PRO C 1576 -0.80 -24.51 38.89
N GLY C 1577 -1.14 -23.92 40.03
CA GLY C 1577 -1.09 -24.56 41.35
C GLY C 1577 -1.38 -23.55 42.44
N THR C 1578 -1.14 -23.91 43.70
CA THR C 1578 -1.12 -22.93 44.80
C THR C 1578 0.05 -21.98 44.56
N ILE C 1579 -0.20 -20.83 43.91
CA ILE C 1579 0.86 -19.84 43.54
C ILE C 1579 1.33 -19.12 44.80
N THR C 1580 2.61 -18.78 44.82
CA THR C 1580 3.24 -17.93 45.85
C THR C 1580 2.61 -16.54 45.79
N HIS C 1581 2.19 -16.00 46.93
CA HIS C 1581 1.76 -14.59 47.06
C HIS C 1581 2.78 -13.71 46.35
N GLY C 1582 2.33 -12.83 45.45
CA GLY C 1582 3.18 -11.82 44.79
C GLY C 1582 3.91 -11.00 45.83
N MET C 1583 3.17 -10.57 46.86
CA MET C 1583 3.69 -9.74 47.97
C MET C 1583 4.83 -10.44 48.70
N PHE C 1584 4.88 -11.77 48.72
CA PHE C 1584 6.04 -12.50 49.30
C PHE C 1584 7.24 -12.23 48.40
N SER C 1585 7.11 -12.43 47.09
CA SER C 1585 8.24 -12.29 46.12
C SER C 1585 8.77 -10.83 46.16
N SER C 1586 7.85 -9.87 46.23
CA SER C 1586 8.15 -8.43 46.45
C SER C 1586 9.05 -8.31 47.68
N ALA C 1587 8.59 -8.78 48.82
CA ALA C 1587 9.29 -8.59 50.11
C ALA C 1587 10.63 -9.33 50.13
N SER C 1588 10.72 -10.43 49.38
CA SER C 1588 11.89 -11.33 49.33
C SER C 1588 13.01 -10.65 48.54
N VAL C 1589 12.65 -9.97 47.46
CA VAL C 1589 13.58 -9.25 46.54
C VAL C 1589 13.92 -7.90 47.14
N ARG C 1590 12.99 -7.21 47.79
CA ARG C 1590 13.29 -5.93 48.49
C ARG C 1590 14.30 -6.16 49.62
N ALA C 1591 14.39 -7.37 50.16
CA ALA C 1591 15.38 -7.74 51.21
C ALA C 1591 16.77 -7.87 50.59
N LEU C 1592 16.85 -8.29 49.34
CA LEU C 1592 18.13 -8.37 48.58
C LEU C 1592 18.58 -6.95 48.25
N ILE C 1593 17.78 -6.19 47.48
CA ILE C 1593 17.95 -4.73 47.24
C ILE C 1593 18.50 -4.03 48.50
N GLU C 1594 17.87 -4.23 49.65
CA GLU C 1594 18.21 -3.58 50.94
C GLU C 1594 19.56 -4.11 51.45
N ASN C 1595 19.90 -5.35 51.16
CA ASN C 1595 21.21 -5.94 51.58
C ASN C 1595 22.32 -5.41 50.69
N TRP C 1596 22.11 -5.39 49.37
CA TRP C 1596 23.17 -5.28 48.32
C TRP C 1596 23.30 -3.86 47.75
N ALA C 1597 22.24 -3.04 47.76
CA ALA C 1597 22.25 -1.64 47.27
C ALA C 1597 22.20 -0.62 48.43
N ALA C 1598 21.50 -0.94 49.51
CA ALA C 1598 21.40 -0.09 50.72
C ALA C 1598 22.43 -0.51 51.78
N ASP C 1599 23.32 -1.45 51.46
CA ASP C 1599 24.44 -1.86 52.36
C ASP C 1599 23.90 -2.26 53.75
N SER C 1600 22.78 -2.98 53.78
CA SER C 1600 22.08 -3.50 55.00
C SER C 1600 21.70 -2.36 55.94
N VAL C 1601 21.23 -1.24 55.42
CA VAL C 1601 20.65 -0.12 56.23
C VAL C 1601 19.23 0.13 55.71
N SER C 1602 18.21 -0.16 56.51
CA SER C 1602 16.79 -0.23 56.09
C SER C 1602 16.31 1.14 55.63
N SER C 1603 16.61 2.16 56.44
CA SER C 1603 16.16 3.58 56.32
C SER C 1603 16.56 4.20 54.97
N ARG C 1604 17.66 3.73 54.38
CA ARG C 1604 18.16 4.18 53.05
C ARG C 1604 17.17 3.85 51.92
N VAL C 1605 16.29 2.88 52.07
CA VAL C 1605 15.37 2.51 50.97
C VAL C 1605 14.14 3.42 51.07
N ARG C 1606 14.00 4.37 50.16
CA ARG C 1606 12.96 5.44 50.26
C ARG C 1606 11.81 5.12 49.31
N GLY C 1607 12.03 4.27 48.32
CA GLY C 1607 10.98 3.93 47.35
C GLY C 1607 11.24 2.57 46.80
N TYR C 1608 10.19 1.84 46.50
CA TYR C 1608 10.32 0.45 46.02
C TYR C 1608 9.03 0.14 45.28
N THR C 1609 9.08 -0.06 43.97
CA THR C 1609 7.91 -0.57 43.22
C THR C 1609 8.29 -1.93 42.70
N CYS C 1610 7.30 -2.76 42.42
CA CYS C 1610 7.48 -4.04 41.71
C CYS C 1610 6.23 -4.29 40.87
N GLN C 1611 6.44 -4.56 39.57
CA GLN C 1611 5.42 -5.10 38.67
C GLN C 1611 5.52 -6.61 38.82
N PHE C 1612 4.40 -7.28 39.09
CA PHE C 1612 4.27 -8.77 39.04
C PHE C 1612 3.97 -9.14 37.59
N VAL C 1613 4.81 -9.96 36.99
CA VAL C 1613 4.70 -10.24 35.52
C VAL C 1613 4.07 -11.62 35.30
N ASP C 1614 4.49 -12.65 36.05
CA ASP C 1614 4.03 -14.06 35.91
C ASP C 1614 4.00 -14.76 37.27
N MET C 1615 3.12 -15.76 37.39
CA MET C 1615 2.91 -16.54 38.64
C MET C 1615 4.19 -17.33 38.94
N VAL C 1616 4.47 -17.47 40.23
CA VAL C 1616 5.56 -18.28 40.81
C VAL C 1616 4.92 -19.40 41.62
N LEU C 1617 5.31 -20.64 41.36
CA LEU C 1617 4.91 -21.82 42.16
C LEU C 1617 5.87 -21.96 43.35
N PRO C 1618 5.47 -22.66 44.45
CA PRO C 1618 6.39 -22.93 45.55
C PRO C 1618 7.58 -23.77 45.11
N ASN C 1619 8.67 -23.73 45.88
CA ASN C 1619 9.93 -24.47 45.60
C ASN C 1619 10.49 -24.08 44.23
N THR C 1620 10.43 -22.79 43.88
CA THR C 1620 10.96 -22.25 42.61
C THR C 1620 12.20 -21.44 42.96
N ALA C 1621 13.30 -21.69 42.26
CA ALA C 1621 14.57 -20.93 42.37
C ALA C 1621 14.52 -19.76 41.39
N LEU C 1622 14.71 -18.54 41.92
CA LEU C 1622 14.55 -17.25 41.21
C LEU C 1622 15.91 -16.56 41.16
N LYS C 1623 16.31 -16.03 40.02
CA LYS C 1623 17.55 -15.21 39.86
C LYS C 1623 17.11 -13.75 39.71
N THR C 1624 17.70 -12.86 40.52
CA THR C 1624 17.40 -11.40 40.52
C THR C 1624 18.66 -10.66 40.07
N SER C 1625 18.63 -10.07 38.87
CA SER C 1625 19.73 -9.23 38.35
C SER C 1625 19.43 -7.77 38.68
N ILE C 1626 20.05 -7.28 39.76
CA ILE C 1626 19.92 -5.88 40.29
C ILE C 1626 20.91 -5.00 39.55
N GLN C 1627 20.49 -3.87 39.00
CA GLN C 1627 21.40 -2.88 38.35
C GLN C 1627 21.28 -1.51 39.03
N HIS C 1628 22.31 -0.68 38.95
CA HIS C 1628 22.29 0.78 39.26
C HIS C 1628 22.20 1.53 37.93
N VAL C 1629 21.07 2.17 37.68
CA VAL C 1629 20.67 2.74 36.36
C VAL C 1629 20.82 4.26 36.34
N GLY C 1630 20.81 4.93 37.50
CA GLY C 1630 20.86 6.40 37.54
C GLY C 1630 20.78 6.99 38.92
N MET C 1631 20.57 8.29 38.99
CA MET C 1631 20.44 9.03 40.26
C MET C 1631 19.21 9.92 40.17
N ILE C 1632 18.73 10.42 41.30
CA ILE C 1632 17.60 11.39 41.37
C ILE C 1632 17.84 12.29 42.58
N ASN C 1633 18.60 13.36 42.40
CA ASN C 1633 18.84 14.33 43.49
C ASN C 1633 19.49 13.58 44.66
N GLY C 1634 20.52 12.80 44.37
CA GLY C 1634 21.40 12.20 45.38
C GLY C 1634 20.90 10.86 45.90
N ARG C 1635 20.00 10.20 45.16
CA ARG C 1635 19.45 8.88 45.51
C ARG C 1635 19.70 7.95 44.33
N LYS C 1636 20.12 6.72 44.58
CA LYS C 1636 20.44 5.71 43.53
C LYS C 1636 19.12 5.18 42.96
N LEU C 1637 19.02 5.03 41.64
CA LEU C 1637 17.89 4.37 40.95
C LEU C 1637 18.30 2.93 40.63
N ILE C 1638 17.89 1.98 41.44
CA ILE C 1638 18.12 0.53 41.19
C ILE C 1638 16.93 0.02 40.38
N LYS C 1639 17.21 -0.62 39.25
CA LYS C 1639 16.26 -1.42 38.44
C LYS C 1639 16.62 -2.88 38.68
N PHE C 1640 15.66 -3.77 38.92
CA PHE C 1640 15.86 -5.24 39.05
C PHE C 1640 14.87 -5.98 38.16
N GLU C 1641 15.10 -7.27 38.03
CA GLU C 1641 14.42 -8.18 37.09
C GLU C 1641 14.64 -9.59 37.62
N THR C 1642 13.59 -10.25 38.13
CA THR C 1642 13.68 -11.60 38.71
C THR C 1642 13.09 -12.61 37.71
N ARG C 1643 13.86 -13.64 37.36
CA ARG C 1643 13.49 -14.72 36.42
C ARG C 1643 13.47 -16.05 37.17
N ASN C 1644 12.72 -17.04 36.68
CA ASN C 1644 12.68 -18.44 37.24
C ASN C 1644 13.73 -19.31 36.53
N GLU C 1645 13.68 -20.64 36.72
CA GLU C 1645 14.62 -21.63 36.11
C GLU C 1645 14.51 -21.64 34.58
N ASP C 1646 13.33 -21.32 34.03
CA ASP C 1646 13.06 -21.27 32.57
C ASP C 1646 13.50 -19.92 31.97
N ASP C 1647 14.12 -19.04 32.77
CA ASP C 1647 14.61 -17.70 32.33
C ASP C 1647 13.40 -16.93 31.74
N VAL C 1648 12.32 -16.90 32.51
CA VAL C 1648 11.07 -16.11 32.26
C VAL C 1648 11.02 -14.99 33.30
N VAL C 1649 10.85 -13.74 32.85
CA VAL C 1649 10.75 -12.57 33.76
C VAL C 1649 9.43 -12.71 34.53
N VAL C 1650 9.53 -12.59 35.85
CA VAL C 1650 8.47 -12.89 36.85
C VAL C 1650 8.18 -11.65 37.71
N LEU C 1651 9.17 -10.78 37.87
CA LEU C 1651 9.10 -9.65 38.82
C LEU C 1651 10.17 -8.62 38.45
N THR C 1652 9.78 -7.57 37.76
CA THR C 1652 10.58 -6.34 37.53
C THR C 1652 10.19 -5.31 38.57
N GLY C 1653 11.01 -4.28 38.73
CA GLY C 1653 10.74 -3.17 39.67
C GLY C 1653 11.93 -2.25 39.86
N GLU C 1654 11.66 -1.03 40.31
CA GLU C 1654 12.66 -0.01 40.66
C GLU C 1654 12.68 0.16 42.16
N ALA C 1655 13.84 0.55 42.69
CA ALA C 1655 14.02 1.12 44.04
C ALA C 1655 14.59 2.53 43.92
N GLU C 1656 14.55 3.31 44.98
CA GLU C 1656 15.31 4.56 45.20
C GLU C 1656 16.01 4.42 46.55
N ILE C 1657 17.34 4.59 46.58
CA ILE C 1657 18.18 4.33 47.78
C ILE C 1657 18.98 5.59 48.11
N GLU C 1658 18.67 6.21 49.25
CA GLU C 1658 19.53 7.25 49.86
C GLU C 1658 20.97 6.74 49.94
N GLN C 1659 21.90 7.48 49.33
CA GLN C 1659 23.36 7.32 49.55
C GLN C 1659 23.65 7.52 51.02
N PRO C 1660 24.76 6.94 51.54
CA PRO C 1660 25.12 7.06 52.95
C PRO C 1660 25.25 8.53 53.40
N VAL C 1661 24.98 8.82 54.68
CA VAL C 1661 25.12 10.18 55.28
C VAL C 1661 26.47 10.75 54.85
N THR C 1662 26.43 11.80 54.01
CA THR C 1662 27.64 12.39 53.36
C THR C 1662 28.02 13.70 54.07
N THR C 1663 29.31 14.05 54.03
CA THR C 1663 29.83 15.42 54.29
C THR C 1663 30.84 15.73 53.18
N PHE C 1664 30.75 16.91 52.58
CA PHE C 1664 31.74 17.39 51.57
C PHE C 1664 32.71 18.30 52.27
N VAL C 1665 33.99 17.98 52.19
CA VAL C 1665 35.06 18.88 52.69
C VAL C 1665 35.77 19.38 51.44
N PHE C 1666 36.07 20.68 51.43
CA PHE C 1666 36.67 21.40 50.30
C PHE C 1666 38.07 21.82 50.72
N THR C 1667 39.06 21.31 50.00
CA THR C 1667 40.51 21.56 50.20
C THR C 1667 40.75 23.06 50.20
N GLY C 1668 41.70 23.52 51.03
CA GLY C 1668 42.22 24.90 50.95
C GLY C 1668 43.41 24.99 50.00
N GLN C 1669 44.16 26.09 50.12
CA GLN C 1669 45.41 26.34 49.37
C GLN C 1669 46.35 25.14 49.49
N GLY C 1670 46.91 24.70 48.36
CA GLY C 1670 47.91 23.62 48.32
C GLY C 1670 48.61 23.56 46.98
N SER C 1671 48.41 22.47 46.23
CA SER C 1671 48.98 22.24 44.88
C SER C 1671 48.20 23.07 43.87
N GLN C 1672 48.89 23.98 43.19
CA GLN C 1672 48.35 24.87 42.13
C GLN C 1672 48.97 24.42 40.80
N GLU C 1673 48.89 23.12 40.49
CA GLU C 1673 49.45 22.53 39.25
C GLU C 1673 48.80 23.27 38.05
N GLN C 1674 49.62 23.72 37.12
CA GLN C 1674 49.15 24.29 35.83
C GLN C 1674 48.22 23.27 35.15
N GLY C 1675 47.22 23.76 34.42
CA GLY C 1675 46.19 22.93 33.78
C GLY C 1675 45.26 22.23 34.77
N MET C 1676 45.07 22.75 36.01
CA MET C 1676 44.18 22.08 37.01
C MET C 1676 42.73 22.37 36.65
N GLY C 1677 41.88 21.33 36.74
CA GLY C 1677 40.45 21.35 36.38
C GLY C 1677 40.24 21.41 34.88
N MET C 1678 41.29 21.29 34.06
CA MET C 1678 41.20 21.55 32.61
C MET C 1678 40.78 20.28 31.86
N ASP C 1679 41.10 19.10 32.42
CA ASP C 1679 40.59 17.80 31.94
C ASP C 1679 39.06 17.78 32.04
N LEU C 1680 38.53 18.20 33.21
CA LEU C 1680 37.07 18.22 33.47
C LEU C 1680 36.41 19.29 32.59
N TYR C 1681 37.05 20.45 32.45
CA TYR C 1681 36.59 21.58 31.60
C TYR C 1681 36.40 21.14 30.13
N LYS C 1682 37.24 20.25 29.63
CA LYS C 1682 37.16 19.74 28.23
C LYS C 1682 35.89 18.87 28.05
N THR C 1683 35.44 18.15 29.07
CA THR C 1683 34.39 17.10 28.97
C THR C 1683 33.03 17.59 29.48
N SER C 1684 32.98 18.14 30.70
CA SER C 1684 31.73 18.45 31.46
C SER C 1684 31.11 19.75 30.94
N LYS C 1685 29.79 19.79 30.76
CA LYS C 1685 29.05 21.01 30.35
C LYS C 1685 28.81 21.95 31.54
N ALA C 1686 28.77 21.43 32.77
CA ALA C 1686 28.50 22.22 33.99
C ALA C 1686 29.81 22.80 34.53
N ALA C 1687 30.95 22.11 34.34
CA ALA C 1687 32.29 22.68 34.58
C ALA C 1687 32.53 23.79 33.56
N GLN C 1688 32.13 23.60 32.30
CA GLN C 1688 32.32 24.61 31.24
C GLN C 1688 31.59 25.88 31.65
N ASP C 1689 30.30 25.78 31.96
CA ASP C 1689 29.43 26.90 32.43
C ASP C 1689 30.07 27.65 33.59
N VAL C 1690 30.67 26.98 34.58
CA VAL C 1690 31.35 27.64 35.73
C VAL C 1690 32.57 28.44 35.24
N TRP C 1691 33.42 27.81 34.43
CA TRP C 1691 34.71 28.42 33.99
C TRP C 1691 34.46 29.53 32.99
N ASN C 1692 33.43 29.41 32.16
CA ASN C 1692 33.15 30.43 31.11
C ASN C 1692 32.45 31.62 31.75
N ARG C 1693 31.60 31.41 32.75
CA ARG C 1693 30.99 32.51 33.51
C ARG C 1693 32.08 33.30 34.25
N ALA C 1694 33.05 32.58 34.81
CA ALA C 1694 34.09 33.16 35.70
C ALA C 1694 35.05 33.96 34.84
N ASP C 1695 35.43 33.37 33.71
CA ASP C 1695 36.45 33.93 32.79
C ASP C 1695 35.87 35.17 32.15
N ASN C 1696 34.62 35.11 31.70
CA ASN C 1696 33.94 36.29 31.09
C ASN C 1696 33.86 37.43 32.10
N HIS C 1697 33.63 37.12 33.35
CA HIS C 1697 33.44 38.15 34.40
C HIS C 1697 34.78 38.76 34.79
N PHE C 1698 35.84 37.96 34.85
CA PHE C 1698 37.23 38.44 35.05
C PHE C 1698 37.68 39.33 33.89
N LYS C 1699 37.45 38.93 32.63
CA LYS C 1699 37.76 39.75 31.42
C LYS C 1699 37.07 41.12 31.51
N ASP C 1700 35.78 41.14 31.80
CA ASP C 1700 34.96 42.37 31.79
C ASP C 1700 35.30 43.23 33.00
N THR C 1701 35.80 42.64 34.08
CA THR C 1701 35.89 43.33 35.39
C THR C 1701 37.33 43.72 35.66
N TYR C 1702 38.28 42.83 35.43
CA TYR C 1702 39.70 43.03 35.80
C TYR C 1702 40.62 42.81 34.60
N GLY C 1703 40.05 42.68 33.41
CA GLY C 1703 40.79 42.55 32.14
C GLY C 1703 41.86 41.47 32.16
N PHE C 1704 41.59 40.30 32.70
CA PHE C 1704 42.36 39.09 32.39
C PHE C 1704 41.42 37.89 32.36
N SER C 1705 41.88 36.84 31.69
CA SER C 1705 41.24 35.51 31.57
C SER C 1705 41.91 34.57 32.57
N ILE C 1706 41.21 34.22 33.65
CA ILE C 1706 41.65 33.21 34.65
C ILE C 1706 41.93 31.88 33.92
N LEU C 1707 41.15 31.50 32.90
CA LEU C 1707 41.36 30.26 32.11
C LEU C 1707 42.75 30.28 31.49
N ASP C 1708 43.14 31.39 30.85
CA ASP C 1708 44.53 31.57 30.35
C ASP C 1708 45.50 31.23 31.49
N ILE C 1709 45.45 31.97 32.59
CA ILE C 1709 46.41 31.86 33.74
C ILE C 1709 46.45 30.43 34.25
N VAL C 1710 45.34 29.70 34.25
CA VAL C 1710 45.32 28.29 34.73
C VAL C 1710 46.03 27.41 33.70
N ILE C 1711 45.69 27.54 32.41
CA ILE C 1711 46.17 26.68 31.28
C ILE C 1711 47.68 26.86 31.10
N ASN C 1712 48.13 28.09 30.85
CA ASN C 1712 49.47 28.37 30.25
C ASN C 1712 50.34 29.24 31.17
N ASN C 1713 49.89 29.53 32.40
CA ASN C 1713 50.70 29.98 33.57
C ASN C 1713 51.79 30.97 33.18
N PRO C 1714 51.44 32.17 32.69
CA PRO C 1714 52.46 33.11 32.22
C PRO C 1714 53.26 33.65 33.40
N VAL C 1715 54.47 34.12 33.14
CA VAL C 1715 55.38 34.70 34.17
C VAL C 1715 54.99 36.15 34.44
N ASN C 1716 54.50 36.85 33.42
CA ASN C 1716 54.00 38.24 33.52
C ASN C 1716 52.65 38.32 32.84
N LEU C 1717 51.82 39.26 33.28
CA LEU C 1717 50.49 39.52 32.71
C LEU C 1717 50.25 41.01 32.82
N THR C 1718 50.17 41.69 31.68
CA THR C 1718 49.91 43.14 31.63
C THR C 1718 48.42 43.34 31.37
N ILE C 1719 47.78 44.08 32.26
CA ILE C 1719 46.39 44.56 32.08
C ILE C 1719 46.54 45.90 31.38
N HIS C 1720 45.63 46.22 30.46
CA HIS C 1720 45.63 47.49 29.69
C HIS C 1720 44.28 48.16 29.91
N PHE C 1721 44.25 49.46 30.15
CA PHE C 1721 43.03 50.22 30.52
C PHE C 1721 42.60 51.17 29.40
N GLY C 1722 42.78 50.79 28.13
CA GLY C 1722 42.37 51.60 26.98
C GLY C 1722 40.90 51.43 26.69
N GLY C 1723 40.22 52.47 26.22
CA GLY C 1723 38.84 52.36 25.72
C GLY C 1723 37.84 52.75 26.79
N GLU C 1724 36.57 52.43 26.58
CA GLU C 1724 35.49 52.58 27.58
C GLU C 1724 35.56 51.39 28.53
N LYS C 1725 35.82 50.19 28.03
CA LYS C 1725 36.01 48.98 28.86
C LYS C 1725 37.20 49.19 29.80
N GLY C 1726 38.34 49.59 29.25
CA GLY C 1726 39.59 49.79 30.02
C GLY C 1726 39.44 50.79 31.16
N LYS C 1727 38.59 51.81 31.03
CA LYS C 1727 38.36 52.81 32.10
C LYS C 1727 37.61 52.12 33.23
N ARG C 1728 36.57 51.34 32.91
CA ARG C 1728 35.77 50.63 33.93
C ARG C 1728 36.69 49.66 34.67
N ILE C 1729 37.50 48.93 33.92
CA ILE C 1729 38.46 47.96 34.50
C ILE C 1729 39.49 48.69 35.35
N ARG C 1730 39.89 49.90 34.99
CA ARG C 1730 40.89 50.65 35.79
C ARG C 1730 40.23 51.17 37.07
N GLU C 1731 38.95 51.49 37.00
CA GLU C 1731 38.21 52.00 38.18
C GLU C 1731 38.09 50.86 39.20
N ASN C 1732 37.82 49.63 38.74
CA ASN C 1732 37.69 48.40 39.57
C ASN C 1732 39.00 47.98 40.23
N TYR C 1733 40.15 48.44 39.75
CA TYR C 1733 41.44 48.19 40.44
C TYR C 1733 41.67 49.32 41.44
N SER C 1734 41.25 50.53 41.12
CA SER C 1734 41.44 51.74 41.98
C SER C 1734 40.45 51.75 43.15
N ALA C 1735 39.40 50.94 43.11
CA ALA C 1735 38.37 50.85 44.17
C ALA C 1735 38.79 49.86 45.27
N MET C 1736 39.87 49.09 45.04
CA MET C 1736 40.31 47.98 45.94
C MET C 1736 41.23 48.56 47.03
N ILE C 1737 40.76 48.62 48.27
CA ILE C 1737 41.50 49.23 49.42
C ILE C 1737 41.80 48.16 50.46
N PHE C 1738 42.79 48.42 51.33
CA PHE C 1738 43.12 47.58 52.50
C PHE C 1738 43.52 48.48 53.68
N GLU C 1739 43.18 48.06 54.90
CA GLU C 1739 43.60 48.74 56.15
C GLU C 1739 44.74 47.93 56.76
N THR C 1740 45.74 48.62 57.32
CA THR C 1740 46.83 48.04 58.14
C THR C 1740 47.22 49.00 59.26
N ILE C 1741 48.12 48.55 60.14
CA ILE C 1741 48.69 49.36 61.27
C ILE C 1741 50.04 49.93 60.81
N VAL C 1742 50.12 51.27 60.76
CA VAL C 1742 51.33 52.10 60.51
C VAL C 1742 51.65 52.86 61.80
N ASP C 1743 52.48 52.29 62.68
CA ASP C 1743 52.92 52.89 63.96
C ASP C 1743 51.69 53.09 64.87
N GLY C 1744 51.01 52.00 65.22
CA GLY C 1744 49.81 51.98 66.09
C GLY C 1744 48.70 52.89 65.58
N LYS C 1745 48.53 52.98 64.25
CA LYS C 1745 47.49 53.83 63.59
C LYS C 1745 46.86 53.05 62.43
N LEU C 1746 45.52 52.99 62.39
CA LEU C 1746 44.74 52.34 61.30
C LEU C 1746 44.76 53.26 60.07
N LYS C 1747 45.54 52.88 59.06
CA LYS C 1747 45.74 53.61 57.78
C LYS C 1747 45.09 52.81 56.65
N THR C 1748 44.25 53.46 55.82
CA THR C 1748 43.47 52.85 54.71
C THR C 1748 44.16 53.14 53.36
N GLU C 1749 45.39 52.63 53.19
CA GLU C 1749 46.17 52.62 51.93
C GLU C 1749 45.34 51.92 50.83
N LYS C 1750 45.73 52.05 49.56
CA LYS C 1750 45.07 51.36 48.40
C LYS C 1750 45.90 50.16 47.94
N ILE C 1751 45.23 49.07 47.56
CA ILE C 1751 45.85 47.96 46.80
C ILE C 1751 46.07 48.52 45.40
N PHE C 1752 47.25 48.31 44.80
CA PHE C 1752 47.63 48.86 43.47
C PHE C 1752 47.78 50.37 43.60
N LYS C 1753 48.80 50.77 44.36
CA LYS C 1753 49.06 52.18 44.74
C LYS C 1753 49.50 52.95 43.48
N GLU C 1754 50.09 52.26 42.50
CA GLU C 1754 50.67 52.84 41.26
C GLU C 1754 49.63 52.95 40.13
N ILE C 1755 48.49 52.27 40.22
CA ILE C 1755 47.30 52.54 39.35
C ILE C 1755 46.58 53.79 39.85
N ASN C 1756 46.60 54.84 39.04
CA ASN C 1756 45.89 56.13 39.27
C ASN C 1756 45.10 56.46 38.01
N GLU C 1757 44.40 57.60 38.00
CA GLU C 1757 43.46 58.03 36.92
C GLU C 1757 44.15 58.09 35.55
N HIS C 1758 45.47 58.34 35.52
CA HIS C 1758 46.28 58.50 34.27
C HIS C 1758 46.83 57.17 33.76
N SER C 1759 47.04 56.15 34.62
CA SER C 1759 47.55 54.80 34.21
C SER C 1759 46.81 54.30 32.97
N THR C 1760 47.57 53.66 32.09
CA THR C 1760 47.11 53.01 30.84
C THR C 1760 47.24 51.48 30.97
N SER C 1761 48.15 51.03 31.82
CA SER C 1761 48.45 49.60 32.03
C SER C 1761 48.81 49.35 33.49
N TYR C 1762 48.78 48.08 33.88
CA TYR C 1762 49.40 47.57 35.12
C TYR C 1762 49.92 46.17 34.85
N THR C 1763 51.13 45.84 35.31
CA THR C 1763 51.72 44.49 35.06
C THR C 1763 51.91 43.72 36.37
N PHE C 1764 51.34 42.52 36.40
CA PHE C 1764 51.50 41.51 37.48
C PHE C 1764 52.79 40.74 37.22
N ARG C 1765 53.75 40.83 38.14
CA ARG C 1765 55.07 40.16 38.05
C ARG C 1765 54.99 38.83 38.77
N SER C 1766 55.92 37.92 38.47
CA SER C 1766 56.16 36.65 39.21
C SER C 1766 57.55 36.11 38.83
N GLU C 1767 57.96 35.00 39.45
CA GLU C 1767 59.30 34.40 39.25
C GLU C 1767 59.17 33.26 38.24
N LYS C 1768 58.44 32.20 38.61
CA LYS C 1768 58.24 30.99 37.76
C LYS C 1768 56.90 31.07 37.02
N GLY C 1769 55.87 31.60 37.68
CA GLY C 1769 54.53 31.72 37.09
C GLY C 1769 53.57 32.43 38.03
N LEU C 1770 52.50 32.97 37.44
CA LEU C 1770 51.52 33.81 38.16
C LEU C 1770 50.51 32.93 38.87
N LEU C 1771 50.35 31.69 38.41
CA LEU C 1771 49.41 30.73 39.04
C LEU C 1771 49.84 30.48 40.49
N SER C 1772 51.14 30.54 40.78
CA SER C 1772 51.74 30.45 42.15
C SER C 1772 51.34 31.65 43.06
N ALA C 1773 51.07 32.83 42.49
CA ALA C 1773 50.74 34.09 43.22
C ALA C 1773 49.35 33.97 43.84
N THR C 1774 49.14 34.50 45.05
CA THR C 1774 47.96 34.11 45.87
C THR C 1774 46.67 34.56 45.16
N GLN C 1775 46.67 35.73 44.53
CA GLN C 1775 45.48 36.36 43.91
C GLN C 1775 44.97 35.57 42.68
N PHE C 1776 45.77 34.69 42.09
CA PHE C 1776 45.34 33.89 40.93
C PHE C 1776 45.19 32.43 41.36
N THR C 1777 46.00 32.01 42.32
CA THR C 1777 45.88 30.67 42.93
C THR C 1777 44.46 30.54 43.47
N GLN C 1778 44.09 31.46 44.37
CA GLN C 1778 42.79 31.40 45.10
C GLN C 1778 41.64 31.20 44.12
N PRO C 1779 41.34 32.11 43.18
CA PRO C 1779 40.16 31.98 42.32
C PRO C 1779 40.20 30.74 41.43
N ALA C 1780 41.38 30.31 41.03
CA ALA C 1780 41.59 29.12 40.19
C ALA C 1780 41.17 27.88 40.98
N LEU C 1781 41.66 27.77 42.21
CA LEU C 1781 41.37 26.64 43.13
C LEU C 1781 39.89 26.61 43.47
N THR C 1782 39.33 27.74 43.90
CA THR C 1782 37.87 27.92 44.13
C THR C 1782 37.05 27.55 42.90
N LEU C 1783 37.48 27.86 41.68
CA LEU C 1783 36.72 27.51 40.44
C LEU C 1783 36.89 26.04 40.14
N MET C 1784 38.06 25.46 40.40
CA MET C 1784 38.26 24.01 40.19
C MET C 1784 37.25 23.28 41.08
N GLU C 1785 37.11 23.74 42.33
CA GLU C 1785 36.32 23.07 43.39
C GLU C 1785 34.85 23.26 43.06
N LYS C 1786 34.46 24.45 42.65
CA LYS C 1786 33.06 24.72 42.23
C LYS C 1786 32.71 23.84 41.01
N ALA C 1787 33.61 23.67 40.07
CA ALA C 1787 33.32 23.06 38.76
C ALA C 1787 33.17 21.53 38.92
N ALA C 1788 34.07 20.94 39.70
CA ALA C 1788 34.03 19.53 40.17
C ALA C 1788 32.68 19.27 40.80
N PHE C 1789 32.21 20.19 41.64
CA PHE C 1789 30.93 20.01 42.36
C PHE C 1789 29.77 20.10 41.36
N GLU C 1790 29.67 21.20 40.65
CA GLU C 1790 28.55 21.43 39.69
C GLU C 1790 28.48 20.29 38.67
N ASP C 1791 29.61 19.62 38.40
CA ASP C 1791 29.66 18.40 37.56
C ASP C 1791 28.89 17.27 38.24
N LEU C 1792 29.31 16.92 39.47
CA LEU C 1792 28.62 15.97 40.38
C LEU C 1792 27.13 16.30 40.42
N LYS C 1793 26.75 17.51 40.80
CA LYS C 1793 25.34 17.94 40.95
C LYS C 1793 24.56 17.72 39.64
N SER C 1794 25.16 17.94 38.48
CA SER C 1794 24.55 17.66 37.15
C SER C 1794 24.32 16.15 36.98
N LYS C 1795 25.24 15.34 37.49
CA LYS C 1795 25.18 13.86 37.46
C LYS C 1795 24.14 13.31 38.45
N GLY C 1796 23.57 14.14 39.34
CA GLY C 1796 22.58 13.71 40.35
C GLY C 1796 23.22 13.09 41.59
N LEU C 1797 24.49 13.36 41.88
CA LEU C 1797 25.25 12.61 42.91
C LEU C 1797 25.33 13.35 44.26
N ILE C 1798 24.58 14.42 44.46
CA ILE C 1798 24.70 15.25 45.69
C ILE C 1798 23.44 15.09 46.52
N PRO C 1799 23.56 14.43 47.70
CA PRO C 1799 22.45 14.33 48.64
C PRO C 1799 21.93 15.70 49.08
N ALA C 1800 20.62 15.81 49.24
CA ALA C 1800 19.89 17.06 49.57
C ALA C 1800 20.26 17.53 50.98
N ASP C 1801 20.48 16.62 51.93
CA ASP C 1801 20.65 16.97 53.38
C ASP C 1801 22.13 16.88 53.79
N ALA C 1802 23.06 16.81 52.83
CA ALA C 1802 24.49 16.55 53.09
C ALA C 1802 25.11 17.71 53.84
N THR C 1803 25.92 17.41 54.85
CA THR C 1803 26.71 18.41 55.60
C THR C 1803 27.92 18.79 54.75
N PHE C 1804 28.55 19.90 55.09
CA PHE C 1804 29.76 20.38 54.39
C PHE C 1804 30.54 21.34 55.24
N ALA C 1805 31.80 21.45 54.89
CA ALA C 1805 32.81 22.28 55.55
C ALA C 1805 33.91 22.47 54.53
N GLY C 1806 34.73 23.49 54.73
CA GLY C 1806 35.89 23.73 53.87
C GLY C 1806 37.03 24.25 54.69
N HIS C 1807 38.23 23.79 54.38
CA HIS C 1807 39.46 24.23 55.06
C HIS C 1807 39.91 25.56 54.48
N SER C 1808 39.75 26.63 55.25
CA SER C 1808 40.24 28.00 54.95
C SER C 1808 39.54 28.54 53.69
N LEU C 1809 40.27 28.77 52.60
CA LEU C 1809 39.70 29.17 51.30
C LEU C 1809 38.56 28.22 50.88
N GLY C 1810 38.73 26.93 51.12
CA GLY C 1810 37.75 25.90 50.74
C GLY C 1810 36.35 26.22 51.24
N GLU C 1811 36.24 27.16 52.19
CA GLU C 1811 34.95 27.56 52.78
C GLU C 1811 34.10 28.31 51.74
N TYR C 1812 34.71 29.10 50.84
CA TYR C 1812 33.98 29.93 49.86
C TYR C 1812 33.48 29.01 48.75
N ALA C 1813 34.35 28.12 48.28
CA ALA C 1813 34.01 27.11 47.27
C ALA C 1813 32.82 26.27 47.73
N ALA C 1814 32.83 25.91 49.03
CA ALA C 1814 31.82 25.07 49.73
C ALA C 1814 30.46 25.77 49.75
N LEU C 1815 30.44 27.03 50.19
CA LEU C 1815 29.22 27.85 50.33
C LEU C 1815 28.60 28.16 48.96
N ALA C 1816 29.38 28.47 47.93
CA ALA C 1816 28.86 28.64 46.55
C ALA C 1816 28.31 27.31 46.02
N SER C 1817 28.97 26.20 46.36
CA SER C 1817 28.63 24.83 45.92
C SER C 1817 27.31 24.34 46.56
N LEU C 1818 27.22 24.31 47.89
CA LEU C 1818 26.13 23.60 48.65
C LEU C 1818 24.97 24.55 48.95
N ALA C 1819 25.24 25.84 49.17
CA ALA C 1819 24.23 26.82 49.60
C ALA C 1819 23.82 27.75 48.44
N ASP C 1820 24.69 27.97 47.44
CA ASP C 1820 24.46 28.94 46.33
C ASP C 1820 24.19 30.32 46.95
N VAL C 1821 25.07 30.74 47.86
CA VAL C 1821 24.96 32.04 48.56
C VAL C 1821 25.49 33.16 47.65
N MET C 1822 26.51 32.85 46.83
CA MET C 1822 27.11 33.76 45.82
C MET C 1822 26.96 33.16 44.42
N SER C 1823 26.70 34.00 43.42
CA SER C 1823 26.96 33.68 41.98
C SER C 1823 28.44 33.38 41.78
N ILE C 1824 28.78 32.61 40.73
CA ILE C 1824 30.20 32.42 40.30
C ILE C 1824 30.87 33.79 40.30
N GLU C 1825 30.26 34.79 39.67
CA GLU C 1825 30.85 36.14 39.45
C GLU C 1825 31.24 36.79 40.78
N SER C 1826 30.34 36.80 41.76
CA SER C 1826 30.62 37.27 43.14
C SER C 1826 31.71 36.41 43.78
N LEU C 1827 31.58 35.08 43.71
CA LEU C 1827 32.53 34.12 44.32
C LEU C 1827 33.96 34.45 43.86
N VAL C 1828 34.15 34.63 42.57
CA VAL C 1828 35.51 34.82 41.99
C VAL C 1828 36.03 36.21 42.37
N GLU C 1829 35.17 37.24 42.45
CA GLU C 1829 35.60 38.60 42.87
C GLU C 1829 36.13 38.51 44.30
N VAL C 1830 35.30 37.96 45.19
CA VAL C 1830 35.59 37.89 46.65
C VAL C 1830 36.94 37.20 46.87
N VAL C 1831 37.17 36.03 46.29
CA VAL C 1831 38.43 35.28 46.51
C VAL C 1831 39.61 35.96 45.80
N PHE C 1832 39.38 36.72 44.73
CA PHE C 1832 40.43 37.51 44.07
C PHE C 1832 40.92 38.57 45.06
N TYR C 1833 39.96 39.33 45.60
CA TYR C 1833 40.14 40.45 46.56
C TYR C 1833 40.78 39.93 47.86
N ARG C 1834 40.44 38.70 48.23
CA ARG C 1834 40.98 37.99 49.42
C ARG C 1834 42.47 37.76 49.17
N GLY C 1835 42.81 37.17 48.04
CA GLY C 1835 44.20 36.96 47.63
C GLY C 1835 44.99 38.25 47.60
N MET C 1836 44.41 39.35 47.11
CA MET C 1836 45.11 40.65 47.03
C MET C 1836 45.28 41.20 48.43
N THR C 1837 44.24 41.11 49.29
CA THR C 1837 44.31 41.54 50.72
C THR C 1837 45.40 40.74 51.48
N MET C 1838 45.53 39.43 51.25
CA MET C 1838 46.63 38.56 51.79
C MET C 1838 47.97 39.12 51.28
N GLN C 1839 48.11 39.24 49.96
CA GLN C 1839 49.38 39.64 49.29
C GLN C 1839 49.98 40.85 50.00
N VAL C 1840 49.19 41.90 50.27
CA VAL C 1840 49.71 43.24 50.70
C VAL C 1840 49.63 43.41 52.22
N ALA C 1841 48.95 42.51 52.94
CA ALA C 1841 48.67 42.57 54.40
C ALA C 1841 49.93 42.89 55.22
N VAL C 1842 51.09 42.48 54.72
CA VAL C 1842 52.41 42.65 55.41
C VAL C 1842 53.25 43.66 54.64
N PRO C 1843 54.18 44.37 55.32
CA PRO C 1843 55.29 45.05 54.66
C PRO C 1843 56.24 44.03 54.02
N ARG C 1844 56.77 44.37 52.83
CA ARG C 1844 57.75 43.56 52.06
C ARG C 1844 58.95 44.46 51.70
N ASP C 1845 60.11 43.84 51.41
CA ASP C 1845 61.35 44.54 50.96
C ASP C 1845 61.26 44.77 49.44
N GLU C 1846 62.40 45.02 48.79
CA GLU C 1846 62.49 45.32 47.33
C GLU C 1846 62.18 44.06 46.50
N LEU C 1847 62.64 42.88 46.96
CA LEU C 1847 62.51 41.58 46.27
C LEU C 1847 61.20 40.88 46.65
N GLY C 1848 60.42 41.45 47.59
CA GLY C 1848 59.04 41.03 47.90
C GLY C 1848 58.98 39.85 48.86
N ARG C 1849 59.98 39.69 49.75
CA ARG C 1849 60.00 38.67 50.83
C ARG C 1849 59.80 39.39 52.17
N SER C 1850 58.88 38.89 53.01
CA SER C 1850 58.47 39.47 54.32
C SER C 1850 59.21 38.76 55.46
N ASN C 1851 59.02 39.24 56.69
CA ASN C 1851 59.61 38.66 57.93
C ASN C 1851 58.52 37.91 58.69
N TYR C 1852 57.64 37.21 57.96
CA TYR C 1852 56.59 36.30 58.49
C TYR C 1852 56.64 34.99 57.68
N GLY C 1853 56.12 33.92 58.27
CA GLY C 1853 56.10 32.59 57.64
C GLY C 1853 55.19 31.63 58.39
N MET C 1854 55.24 30.36 58.00
CA MET C 1854 54.40 29.29 58.57
C MET C 1854 55.22 28.00 58.70
N ILE C 1855 55.07 27.30 59.83
CA ILE C 1855 55.72 25.98 60.10
C ILE C 1855 54.62 24.96 60.39
N ALA C 1856 54.79 23.75 59.83
CA ALA C 1856 53.96 22.55 60.11
C ALA C 1856 54.60 21.80 61.29
N ILE C 1857 53.92 21.80 62.44
CA ILE C 1857 54.41 21.17 63.70
C ILE C 1857 53.66 19.87 63.94
N ASN C 1858 54.39 18.75 64.06
CA ASN C 1858 53.89 17.44 64.53
C ASN C 1858 54.36 17.24 65.98
N PRO C 1859 53.50 17.49 67.00
CA PRO C 1859 53.88 17.29 68.40
C PRO C 1859 54.22 15.82 68.74
N GLY C 1860 53.67 14.86 67.98
CA GLY C 1860 53.93 13.42 68.15
C GLY C 1860 55.40 13.07 67.92
N ARG C 1861 56.06 13.76 66.99
CA ARG C 1861 57.42 13.39 66.48
C ARG C 1861 58.51 13.96 67.40
N VAL C 1862 58.24 15.02 68.17
CA VAL C 1862 59.19 15.58 69.19
C VAL C 1862 59.21 14.67 70.43
N ALA C 1863 58.03 14.24 70.89
CA ALA C 1863 57.86 13.33 72.05
C ALA C 1863 56.41 12.82 72.06
N ALA C 1864 56.20 11.53 72.34
CA ALA C 1864 54.87 10.88 72.36
C ALA C 1864 54.00 11.47 73.49
N SER C 1865 54.64 12.02 74.53
CA SER C 1865 53.99 12.65 75.71
C SER C 1865 53.70 14.15 75.48
N PHE C 1866 54.26 14.75 74.41
CA PHE C 1866 54.09 16.18 74.06
C PHE C 1866 52.71 16.38 73.41
N SER C 1867 51.71 16.73 74.23
CA SER C 1867 50.28 16.87 73.82
C SER C 1867 50.10 18.19 73.07
N GLN C 1868 48.85 18.51 72.69
CA GLN C 1868 48.45 19.79 72.06
C GLN C 1868 48.64 20.92 73.06
N GLU C 1869 47.96 20.87 74.22
CA GLU C 1869 47.97 21.96 75.25
C GLU C 1869 49.38 22.16 75.82
N ALA C 1870 50.31 21.22 75.57
CA ALA C 1870 51.77 21.40 75.74
C ALA C 1870 52.30 22.38 74.69
N LEU C 1871 52.11 22.05 73.40
CA LEU C 1871 52.56 22.87 72.24
C LEU C 1871 51.96 24.28 72.33
N GLN C 1872 50.66 24.37 72.65
CA GLN C 1872 49.94 25.67 72.81
C GLN C 1872 50.64 26.46 73.92
N TYR C 1873 51.02 25.80 75.01
CA TYR C 1873 51.69 26.41 76.20
C TYR C 1873 53.10 26.91 75.83
N VAL C 1874 53.85 26.19 75.00
CA VAL C 1874 55.21 26.59 74.52
C VAL C 1874 55.09 27.84 73.63
N VAL C 1875 54.07 27.89 72.77
CA VAL C 1875 53.89 28.94 71.72
C VAL C 1875 53.40 30.25 72.36
N GLU C 1876 52.40 30.20 73.25
CA GLU C 1876 51.97 31.38 74.04
C GLU C 1876 53.18 31.94 74.81
N ARG C 1877 53.98 31.08 75.45
CA ARG C 1877 55.16 31.48 76.27
C ARG C 1877 56.16 32.20 75.35
N VAL C 1878 56.52 31.58 74.21
CA VAL C 1878 57.50 32.13 73.21
C VAL C 1878 57.00 33.50 72.74
N GLY C 1879 55.70 33.62 72.48
CA GLY C 1879 55.04 34.86 72.01
C GLY C 1879 55.16 36.00 73.00
N LYS C 1880 54.83 35.76 74.28
CA LYS C 1880 54.82 36.79 75.35
C LYS C 1880 56.26 37.20 75.70
N ARG C 1881 57.17 36.23 75.80
CA ARG C 1881 58.57 36.46 76.27
C ARG C 1881 59.32 37.32 75.25
N THR C 1882 59.57 36.79 74.05
CA THR C 1882 60.41 37.43 73.00
C THR C 1882 59.67 38.64 72.40
N GLY C 1883 58.34 38.73 72.58
CA GLY C 1883 57.51 39.89 72.19
C GLY C 1883 57.18 39.91 70.70
N TRP C 1884 57.58 38.87 69.95
CA TRP C 1884 57.32 38.72 68.50
C TRP C 1884 56.03 37.92 68.34
N LEU C 1885 55.33 38.11 67.22
CA LEU C 1885 54.05 37.41 66.89
C LEU C 1885 54.37 35.94 66.62
N VAL C 1886 53.59 35.03 67.22
CA VAL C 1886 53.50 33.58 66.83
C VAL C 1886 52.19 33.02 67.39
N GLU C 1887 51.44 32.31 66.56
CA GLU C 1887 50.12 31.73 66.91
C GLU C 1887 49.96 30.38 66.19
N ILE C 1888 49.14 29.49 66.75
CA ILE C 1888 48.64 28.28 66.05
C ILE C 1888 47.44 28.73 65.22
N VAL C 1889 47.52 28.52 63.90
CA VAL C 1889 46.54 29.07 62.92
C VAL C 1889 45.74 27.92 62.29
N ASN C 1890 46.34 26.75 62.15
CA ASN C 1890 45.61 25.51 61.79
C ASN C 1890 45.76 24.52 62.95
N TYR C 1891 44.62 24.03 63.44
CA TYR C 1891 44.44 22.77 64.19
C TYR C 1891 43.90 21.69 63.21
N ASN C 1892 44.75 20.77 62.74
CA ASN C 1892 44.45 19.92 61.56
C ASN C 1892 44.22 18.45 61.93
N VAL C 1893 45.07 17.87 62.79
CA VAL C 1893 44.96 16.48 63.31
C VAL C 1893 45.50 16.45 64.74
N GLU C 1894 44.66 16.08 65.71
CA GLU C 1894 44.99 16.04 67.17
C GLU C 1894 46.37 15.40 67.36
N ASN C 1895 47.31 16.14 67.97
CA ASN C 1895 48.66 15.68 68.38
C ASN C 1895 49.42 15.08 67.18
N GLN C 1896 49.27 15.66 66.00
CA GLN C 1896 49.93 15.15 64.77
C GLN C 1896 50.14 16.25 63.71
N GLN C 1897 49.18 17.16 63.48
CA GLN C 1897 49.30 18.25 62.45
C GLN C 1897 48.80 19.58 63.01
N TYR C 1898 49.70 20.52 63.27
CA TYR C 1898 49.38 21.94 63.57
C TYR C 1898 50.20 22.81 62.62
N VAL C 1899 49.68 24.00 62.34
CA VAL C 1899 50.39 25.01 61.52
C VAL C 1899 50.48 26.27 62.37
N ALA C 1900 51.71 26.65 62.72
CA ALA C 1900 52.00 27.91 63.44
C ALA C 1900 52.47 28.91 62.41
N ALA C 1901 51.77 30.05 62.32
CA ALA C 1901 52.19 31.24 61.56
C ALA C 1901 52.71 32.28 62.55
N GLY C 1902 53.48 33.23 62.04
CA GLY C 1902 53.87 34.45 62.78
C GLY C 1902 55.21 34.98 62.32
N ASP C 1903 55.81 35.86 63.14
CA ASP C 1903 57.10 36.53 62.89
C ASP C 1903 58.15 35.46 62.57
N LEU C 1904 58.84 35.63 61.45
CA LEU C 1904 59.78 34.64 60.84
C LEU C 1904 60.95 34.37 61.79
N ARG C 1905 61.16 35.23 62.80
CA ARG C 1905 62.16 35.01 63.88
C ARG C 1905 61.56 34.13 64.98
N ALA C 1906 60.32 34.41 65.42
CA ALA C 1906 59.58 33.66 66.47
C ALA C 1906 59.33 32.21 66.02
N LEU C 1907 59.23 31.97 64.71
CA LEU C 1907 59.12 30.62 64.11
C LEU C 1907 60.44 29.87 64.25
N ASP C 1908 61.57 30.58 64.17
CA ASP C 1908 62.92 30.00 64.37
C ASP C 1908 63.09 29.63 65.85
N THR C 1909 62.65 30.50 66.77
CA THR C 1909 62.79 30.29 68.24
C THR C 1909 62.01 29.03 68.63
N VAL C 1910 60.74 28.92 68.20
CA VAL C 1910 59.88 27.72 68.40
C VAL C 1910 60.65 26.50 67.88
N THR C 1911 61.10 26.51 66.62
CA THR C 1911 61.81 25.39 65.93
C THR C 1911 63.03 24.92 66.75
N ASN C 1912 63.81 25.84 67.31
CA ASN C 1912 64.99 25.54 68.17
C ASN C 1912 64.53 24.97 69.53
N VAL C 1913 63.43 25.51 70.09
CA VAL C 1913 62.86 25.06 71.40
C VAL C 1913 62.38 23.60 71.27
N LEU C 1914 61.64 23.26 70.22
CA LEU C 1914 61.14 21.88 69.99
C LEU C 1914 62.33 20.97 69.65
N ASN C 1915 63.28 21.44 68.82
CA ASN C 1915 64.53 20.69 68.48
C ASN C 1915 65.36 20.44 69.75
N PHE C 1916 65.27 21.34 70.73
CA PHE C 1916 65.97 21.25 72.04
C PHE C 1916 65.27 20.21 72.93
N ILE C 1917 63.96 20.36 73.16
CA ILE C 1917 63.12 19.50 74.05
C ILE C 1917 63.20 18.02 73.62
N LYS C 1918 63.25 17.72 72.32
CA LYS C 1918 63.44 16.35 71.77
C LYS C 1918 64.77 15.75 72.29
N LEU C 1919 65.83 16.56 72.36
CA LEU C 1919 67.23 16.10 72.60
C LEU C 1919 67.48 15.89 74.11
N GLN C 1920 66.86 16.68 75.00
CA GLN C 1920 66.96 16.48 76.48
C GLN C 1920 65.90 15.47 76.96
N LYS C 1921 64.86 15.20 76.16
CA LYS C 1921 63.77 14.23 76.48
C LYS C 1921 63.12 14.64 77.81
N ILE C 1922 62.67 15.90 77.91
CA ILE C 1922 62.13 16.53 79.16
C ILE C 1922 60.69 17.03 78.92
N ASP C 1923 59.71 16.32 79.50
CA ASP C 1923 58.26 16.64 79.37
C ASP C 1923 57.94 17.89 80.20
N ILE C 1924 56.92 18.64 79.77
CA ILE C 1924 56.43 19.89 80.43
C ILE C 1924 55.04 19.65 81.05
N ILE C 1925 54.25 18.69 80.55
CA ILE C 1925 52.91 18.30 81.11
C ILE C 1925 53.12 17.54 82.44
N GLU C 1926 54.12 16.66 82.48
CA GLU C 1926 54.50 15.87 83.69
C GLU C 1926 55.12 16.80 84.74
N LEU C 1927 56.04 17.68 84.32
CA LEU C 1927 56.86 18.54 85.21
C LEU C 1927 55.97 19.61 85.89
N GLN C 1928 54.97 20.16 85.18
CA GLN C 1928 54.11 21.28 85.69
C GLN C 1928 53.06 20.76 86.68
N LYS C 1929 52.86 19.45 86.80
CA LYS C 1929 51.78 18.80 87.60
C LYS C 1929 52.38 18.10 88.83
N SER C 1930 53.19 17.06 88.61
CA SER C 1930 53.65 16.09 89.64
C SER C 1930 55.01 16.48 90.25
N LEU C 1931 55.77 17.37 89.61
CA LEU C 1931 57.16 17.76 90.02
C LEU C 1931 57.12 19.10 90.77
N SER C 1932 56.50 20.13 90.19
CA SER C 1932 56.51 21.54 90.70
C SER C 1932 55.25 22.31 90.26
N LEU C 1933 55.14 23.57 90.69
CA LEU C 1933 54.06 24.54 90.32
C LEU C 1933 54.69 25.87 89.90
N GLU C 1934 54.43 26.31 88.65
CA GLU C 1934 54.89 27.59 88.03
C GLU C 1934 56.43 27.65 87.95
N GLU C 1935 57.08 26.48 87.83
CA GLU C 1935 58.56 26.33 87.62
C GLU C 1935 58.81 26.20 86.11
N VAL C 1936 58.03 25.34 85.42
CA VAL C 1936 58.02 25.17 83.93
C VAL C 1936 58.05 26.56 83.28
N GLU C 1937 57.31 27.52 83.82
CA GLU C 1937 57.21 28.92 83.33
C GLU C 1937 58.62 29.54 83.25
N GLY C 1938 59.34 29.60 84.37
CA GLY C 1938 60.71 30.15 84.47
C GLY C 1938 61.75 29.27 83.81
N HIS C 1939 61.62 27.94 83.93
CA HIS C 1939 62.58 26.92 83.40
C HIS C 1939 62.47 26.81 81.88
N LEU C 1940 61.31 27.11 81.28
CA LEU C 1940 61.10 27.15 79.80
C LEU C 1940 61.55 28.52 79.27
N PHE C 1941 61.48 29.58 80.08
CA PHE C 1941 61.88 30.97 79.69
C PHE C 1941 63.39 31.03 79.42
N GLU C 1942 64.21 30.25 80.12
CA GLU C 1942 65.69 30.19 79.90
C GLU C 1942 66.01 29.39 78.62
N ILE C 1943 65.12 28.50 78.17
CA ILE C 1943 65.22 27.78 76.86
C ILE C 1943 64.84 28.76 75.73
N ILE C 1944 63.78 29.56 75.91
CA ILE C 1944 63.32 30.59 74.93
C ILE C 1944 64.47 31.58 74.67
N ASP C 1945 65.10 32.09 75.74
CA ASP C 1945 66.20 33.10 75.68
C ASP C 1945 67.42 32.50 75.00
N GLU C 1946 67.67 31.20 75.19
CA GLU C 1946 68.75 30.42 74.54
C GLU C 1946 68.50 30.41 73.01
N ALA C 1947 67.29 30.06 72.58
CA ALA C 1947 66.86 29.98 71.17
C ALA C 1947 66.76 31.39 70.54
N SER C 1948 66.23 32.38 71.28
CA SER C 1948 65.87 33.73 70.78
C SER C 1948 67.12 34.57 70.47
N LYS C 1949 68.14 34.52 71.32
CA LYS C 1949 69.40 35.31 71.17
C LYS C 1949 70.25 34.77 70.01
N LYS C 1950 70.06 33.50 69.61
CA LYS C 1950 70.68 32.89 68.39
C LYS C 1950 69.84 33.23 67.15
N SER C 1951 68.52 33.33 67.30
CA SER C 1951 67.52 33.57 66.22
C SER C 1951 67.57 35.02 65.72
N ALA C 1952 67.72 36.00 66.62
CA ALA C 1952 67.72 37.45 66.32
C ALA C 1952 69.07 37.90 65.72
N VAL C 1953 70.16 37.16 65.96
CA VAL C 1953 71.54 37.47 65.44
C VAL C 1953 71.50 37.47 63.90
N LYS C 1954 71.05 36.36 63.28
CA LYS C 1954 71.07 36.18 61.80
C LYS C 1954 70.20 37.25 61.15
N PRO C 1955 70.42 37.60 59.85
CA PRO C 1955 69.72 38.71 59.20
C PRO C 1955 68.19 38.56 59.12
N ARG C 1956 67.48 39.64 58.75
CA ARG C 1956 65.99 39.75 58.85
C ARG C 1956 65.28 38.84 57.85
N PRO C 1957 65.79 38.64 56.61
CA PRO C 1957 65.23 37.62 55.72
C PRO C 1957 65.75 36.20 56.00
N LEU C 1958 65.63 35.72 57.25
CA LEU C 1958 66.17 34.42 57.71
C LEU C 1958 65.35 33.27 57.09
N LYS C 1959 66.02 32.33 56.43
CA LYS C 1959 65.38 31.08 55.93
C LYS C 1959 65.10 30.18 57.12
N LEU C 1960 63.92 29.55 57.14
CA LEU C 1960 63.50 28.58 58.18
C LEU C 1960 64.14 27.21 57.88
N GLU C 1961 64.81 26.63 58.88
CA GLU C 1961 65.48 25.30 58.79
C GLU C 1961 64.47 24.21 59.11
N ARG C 1962 64.41 23.17 58.26
CA ARG C 1962 63.63 21.94 58.51
C ARG C 1962 64.12 21.31 59.82
N GLY C 1963 63.46 21.64 60.94
CA GLY C 1963 63.73 21.08 62.28
C GLY C 1963 63.20 19.65 62.40
N PHE C 1964 63.40 19.03 63.57
CA PHE C 1964 62.93 17.66 63.90
C PHE C 1964 61.41 17.63 63.91
N ALA C 1965 60.77 18.57 64.63
CA ALA C 1965 59.30 18.69 64.77
C ALA C 1965 58.82 20.06 64.26
N CYS C 1966 59.29 20.47 63.07
CA CYS C 1966 58.90 21.74 62.39
C CYS C 1966 59.33 21.67 60.92
N ILE C 1967 58.37 21.63 60.00
CA ILE C 1967 58.60 21.69 58.53
C ILE C 1967 58.12 23.07 58.05
N PRO C 1968 58.97 23.90 57.41
CA PRO C 1968 58.52 25.22 56.91
C PRO C 1968 57.58 25.10 55.70
N LEU C 1969 56.41 25.75 55.77
CA LEU C 1969 55.42 25.86 54.66
C LEU C 1969 56.01 26.75 53.57
N VAL C 1970 56.59 26.15 52.54
CA VAL C 1970 57.25 26.86 51.40
C VAL C 1970 56.23 27.78 50.73
N GLY C 1971 56.66 28.97 50.31
CA GLY C 1971 55.91 29.87 49.41
C GLY C 1971 54.78 30.62 50.10
N ILE C 1972 54.82 30.72 51.44
CA ILE C 1972 53.85 31.52 52.27
C ILE C 1972 54.63 32.51 53.11
N SER C 1973 54.33 33.80 52.94
CA SER C 1973 55.00 34.95 53.61
C SER C 1973 53.97 35.84 54.32
N VAL C 1974 52.72 35.40 54.46
CA VAL C 1974 51.63 36.16 55.14
C VAL C 1974 51.09 35.29 56.28
N PRO C 1975 51.02 35.79 57.54
CA PRO C 1975 50.56 35.00 58.66
C PRO C 1975 49.03 35.11 58.82
N PHE C 1976 48.28 34.56 57.87
CA PHE C 1976 46.80 34.61 57.86
C PHE C 1976 46.28 33.54 58.82
N HIS C 1977 45.12 33.80 59.40
CA HIS C 1977 44.46 33.00 60.47
C HIS C 1977 45.08 33.38 61.82
N SER C 1978 45.77 34.52 61.87
CA SER C 1978 46.28 35.12 63.13
C SER C 1978 45.59 36.46 63.32
N THR C 1979 45.65 36.95 64.56
CA THR C 1979 45.06 38.25 65.01
C THR C 1979 45.76 39.39 64.26
N TYR C 1980 46.91 39.14 63.62
CA TYR C 1980 47.64 40.11 62.75
C TYR C 1980 46.75 40.66 61.63
N LEU C 1981 45.96 39.79 60.99
CA LEU C 1981 45.04 40.18 59.89
C LEU C 1981 43.73 40.77 60.43
N MET C 1982 43.61 41.04 61.74
CA MET C 1982 42.35 41.51 62.35
C MET C 1982 42.05 42.94 61.90
N ASN C 1983 43.10 43.70 61.58
CA ASN C 1983 43.02 45.10 61.10
C ASN C 1983 42.39 45.11 59.69
N GLY C 1984 42.83 44.19 58.83
CA GLY C 1984 42.43 44.12 57.42
C GLY C 1984 41.04 43.55 57.18
N VAL C 1985 40.26 43.31 58.23
CA VAL C 1985 38.92 42.65 58.14
C VAL C 1985 37.90 43.62 57.55
N LYS C 1986 37.89 44.88 58.02
CA LYS C 1986 36.78 45.86 57.79
C LYS C 1986 36.57 46.09 56.29
N PRO C 1987 37.61 46.42 55.48
CA PRO C 1987 37.42 46.58 54.03
C PRO C 1987 37.02 45.26 53.34
N PHE C 1988 37.57 44.11 53.77
CA PHE C 1988 37.17 42.78 53.27
C PHE C 1988 35.69 42.56 53.59
N LYS C 1989 35.24 42.91 54.79
CA LYS C 1989 33.81 42.78 55.19
C LYS C 1989 32.94 43.61 54.25
N SER C 1990 33.34 44.87 53.97
CA SER C 1990 32.53 45.83 53.19
C SER C 1990 32.41 45.35 51.74
N PHE C 1991 33.49 44.73 51.22
CA PHE C 1991 33.53 44.05 49.89
C PHE C 1991 32.56 42.86 49.87
N LEU C 1992 32.61 41.99 50.88
CA LEU C 1992 31.66 40.85 51.04
C LEU C 1992 30.22 41.38 51.00
N LYS C 1993 29.90 42.40 51.79
CA LYS C 1993 28.49 42.86 51.97
C LYS C 1993 27.96 43.52 50.69
N LYS C 1994 28.82 43.86 49.72
CA LYS C 1994 28.43 44.23 48.33
C LYS C 1994 28.04 42.97 47.54
N ASN C 1995 28.89 41.95 47.60
CA ASN C 1995 28.86 40.72 46.75
C ASN C 1995 27.93 39.63 47.33
N ILE C 1996 27.61 39.69 48.63
CA ILE C 1996 26.62 38.77 49.28
C ILE C 1996 25.33 39.54 49.59
N ILE C 1997 24.22 39.14 48.95
CA ILE C 1997 22.89 39.80 49.03
C ILE C 1997 22.04 38.95 49.99
N LYS C 1998 21.30 39.58 50.91
CA LYS C 1998 20.48 38.83 51.90
C LYS C 1998 19.42 37.98 51.19
N GLU C 1999 18.93 38.41 50.03
CA GLU C 1999 17.92 37.69 49.21
C GLU C 1999 18.46 36.34 48.74
N ASN C 2000 19.78 36.21 48.51
CA ASN C 2000 20.39 34.94 48.05
C ASN C 2000 20.49 33.94 49.20
N VAL C 2001 20.75 34.41 50.42
CA VAL C 2001 21.16 33.57 51.58
C VAL C 2001 19.93 32.81 52.07
N LYS C 2002 19.79 31.55 51.66
CA LYS C 2002 18.71 30.62 52.12
C LYS C 2002 19.17 29.96 53.40
N VAL C 2003 18.32 29.94 54.43
CA VAL C 2003 18.71 29.54 55.81
C VAL C 2003 18.64 28.02 55.89
N ALA C 2004 17.64 27.41 55.26
CA ALA C 2004 17.45 25.94 55.18
C ALA C 2004 18.77 25.31 54.75
N ARG C 2005 19.38 25.81 53.67
CA ARG C 2005 20.57 25.23 52.98
C ARG C 2005 21.84 25.37 53.84
N LEU C 2006 21.80 26.17 54.90
CA LEU C 2006 22.97 26.49 55.77
C LEU C 2006 22.80 25.89 57.16
N ALA C 2007 21.70 26.25 57.84
CA ALA C 2007 21.33 25.82 59.21
C ALA C 2007 21.56 24.31 59.39
N GLY C 2008 22.60 24.00 60.18
CA GLY C 2008 22.91 22.65 60.68
C GLY C 2008 23.54 21.78 59.63
N LYS C 2009 24.02 22.35 58.53
CA LYS C 2009 24.76 21.65 57.45
C LYS C 2009 26.17 22.24 57.30
N TYR C 2010 26.26 23.57 57.23
CA TYR C 2010 27.52 24.30 57.05
C TYR C 2010 28.24 24.41 58.40
N ILE C 2011 29.49 23.96 58.49
CA ILE C 2011 30.33 24.07 59.71
C ILE C 2011 31.44 25.08 59.44
N PRO C 2012 31.33 26.34 59.93
CA PRO C 2012 32.42 27.32 59.80
C PRO C 2012 33.79 26.90 60.33
N ASN C 2013 34.84 27.59 59.89
CA ASN C 2013 36.22 27.37 60.40
C ASN C 2013 36.38 28.17 61.70
N LEU C 2014 35.60 29.24 61.84
CA LEU C 2014 35.71 30.22 62.94
C LEU C 2014 35.28 29.54 64.25
N THR C 2015 34.03 29.07 64.26
CA THR C 2015 33.33 28.50 65.44
C THR C 2015 33.59 27.00 65.54
N ALA C 2016 33.55 26.28 64.42
CA ALA C 2016 33.62 24.81 64.34
C ALA C 2016 32.34 24.20 64.95
N LYS C 2017 31.19 24.77 64.61
CA LYS C 2017 29.88 24.35 65.15
C LYS C 2017 28.82 24.55 64.08
N PRO C 2018 28.00 23.52 63.78
CA PRO C 2018 27.04 23.62 62.68
C PRO C 2018 26.27 24.94 62.82
N PHE C 2019 26.39 25.77 61.78
CA PHE C 2019 25.74 27.09 61.62
C PHE C 2019 24.29 26.99 62.08
N GLN C 2020 23.87 27.85 63.01
CA GLN C 2020 22.48 27.94 63.53
C GLN C 2020 22.19 29.43 63.73
N VAL C 2021 20.95 29.86 63.48
CA VAL C 2021 20.50 31.27 63.72
C VAL C 2021 19.84 31.33 65.11
N THR C 2022 20.67 31.22 66.15
CA THR C 2022 20.28 31.15 67.58
C THR C 2022 21.20 32.06 68.39
N LYS C 2023 20.65 32.70 69.43
CA LYS C 2023 21.35 33.70 70.28
C LYS C 2023 22.67 33.11 70.79
N GLU C 2024 22.68 31.85 71.23
CA GLU C 2024 23.89 31.14 71.74
C GLU C 2024 24.98 31.11 70.65
N TYR C 2025 24.59 30.89 69.38
CA TYR C 2025 25.51 30.80 68.23
C TYR C 2025 26.15 32.17 67.99
N PHE C 2026 25.32 33.21 67.87
CA PHE C 2026 25.76 34.62 67.72
C PHE C 2026 26.74 35.01 68.84
N GLN C 2027 26.42 34.66 70.09
CA GLN C 2027 27.27 34.94 71.28
C GLN C 2027 28.63 34.27 71.06
N ASP C 2028 28.63 33.01 70.63
CA ASP C 2028 29.86 32.21 70.34
C ASP C 2028 30.71 32.91 69.28
N VAL C 2029 30.07 33.56 68.29
CA VAL C 2029 30.77 34.30 67.20
C VAL C 2029 31.37 35.58 67.80
N TYR C 2030 30.60 36.33 68.58
CA TYR C 2030 31.03 37.58 69.24
C TYR C 2030 32.27 37.33 70.14
N ASP C 2031 32.30 36.19 70.83
CA ASP C 2031 33.37 35.80 71.81
C ASP C 2031 34.72 35.64 71.10
N LEU C 2032 34.72 35.25 69.83
CA LEU C 2032 35.94 35.04 69.00
C LEU C 2032 36.32 36.36 68.32
N THR C 2033 35.34 37.15 67.88
CA THR C 2033 35.52 38.33 67.00
C THR C 2033 34.53 39.45 67.36
N GLY C 2034 34.94 40.34 68.26
CA GLY C 2034 34.07 41.39 68.85
C GLY C 2034 33.59 42.38 67.80
N SER C 2035 32.67 41.96 66.94
CA SER C 2035 32.05 42.80 65.88
C SER C 2035 30.77 43.44 66.42
N GLU C 2036 30.56 44.72 66.13
CA GLU C 2036 29.41 45.51 66.66
C GLU C 2036 28.10 45.12 65.98
N PRO C 2037 28.08 44.74 64.68
CA PRO C 2037 26.86 44.21 64.05
C PRO C 2037 26.38 42.86 64.60
N ILE C 2038 27.22 42.13 65.36
CA ILE C 2038 26.81 40.90 66.13
C ILE C 2038 26.36 41.34 67.52
N LYS C 2039 27.07 42.28 68.14
CA LYS C 2039 26.79 42.71 69.54
C LYS C 2039 25.43 43.41 69.62
N GLU C 2040 25.03 44.12 68.57
CA GLU C 2040 23.68 44.75 68.49
C GLU C 2040 22.62 43.64 68.36
N ILE C 2041 22.88 42.57 67.59
CA ILE C 2041 21.95 41.41 67.42
C ILE C 2041 21.72 40.72 68.77
N ILE C 2042 22.78 40.51 69.54
CA ILE C 2042 22.75 39.89 70.91
C ILE C 2042 21.80 40.73 71.78
N ASP C 2043 22.11 42.02 71.91
CA ASP C 2043 21.43 43.00 72.81
C ASP C 2043 19.96 43.18 72.41
N ASN C 2044 19.61 42.94 71.13
CA ASN C 2044 18.27 43.22 70.56
C ASN C 2044 17.58 41.93 70.10
N TRP C 2045 17.93 40.78 70.70
CA TRP C 2045 17.50 39.44 70.19
C TRP C 2045 15.97 39.32 70.20
N GLU C 2046 15.32 39.79 71.28
CA GLU C 2046 13.85 39.61 71.52
C GLU C 2046 13.04 40.49 70.58
N LYS C 2047 13.60 41.63 70.14
CA LYS C 2047 12.98 42.54 69.15
C LYS C 2047 12.91 41.87 67.77
N TYR C 2048 13.90 41.03 67.42
CA TYR C 2048 13.95 40.27 66.14
C TYR C 2048 12.98 39.08 66.21
N GLU C 2049 12.95 38.39 67.36
CA GLU C 2049 12.02 37.25 67.65
C GLU C 2049 10.57 37.63 67.34
N GLN C 2050 10.14 38.87 67.66
CA GLN C 2050 8.82 39.44 67.28
C GLN C 2050 9.03 40.84 66.69
O23 PNS D . -12.86 -62.42 -9.04
P24 PNS D . -12.11 -63.06 -7.89
O26 PNS D . -11.92 -62.11 -6.74
O27 PNS D . -12.92 -64.36 -7.35
C28 PNS D . -14.31 -64.60 -7.65
C29 PNS D . -14.62 -66.11 -7.72
C30 PNS D . -14.85 -66.55 -6.27
C31 PNS D . -13.48 -66.94 -8.37
C32 PNS D . -15.94 -66.30 -8.52
O33 PNS D . -15.84 -65.72 -9.84
C34 PNS D . -16.37 -67.75 -8.70
O35 PNS D . -15.83 -68.70 -8.17
N36 PNS D . -17.35 -67.95 -9.56
C37 PNS D . -17.60 -69.26 -10.11
C38 PNS D . -18.92 -69.88 -9.75
C39 PNS D . -18.59 -71.24 -9.23
O40 PNS D . -18.15 -71.28 -8.09
N41 PNS D . -18.71 -72.35 -9.95
C42 PNS D . -19.01 -72.44 -11.37
C43 PNS D . -19.01 -73.89 -11.86
S44 PNS D . -20.55 -74.74 -11.43
N1 FMN E . -24.08 -26.49 0.69
C2 FMN E . -22.88 -26.03 1.16
O2 FMN E . -21.96 -26.86 1.47
N3 FMN E . -22.66 -24.69 1.28
C4 FMN E . -23.57 -23.77 0.93
O4 FMN E . -23.30 -22.53 1.06
C4A FMN E . -24.89 -24.21 0.40
N5 FMN E . -25.85 -23.37 0.04
C5A FMN E . -27.01 -23.88 -0.44
C6 FMN E . -28.02 -23.03 -0.77
C7 FMN E . -29.25 -23.49 -1.18
C7M FMN E . -30.28 -22.47 -1.49
C8 FMN E . -29.51 -24.93 -1.31
C8M FMN E . -30.84 -25.44 -1.81
C9 FMN E . -28.52 -25.79 -0.99
C9A FMN E . -27.29 -25.34 -0.56
N10 FMN E . -26.28 -26.21 -0.18
C10 FMN E . -25.08 -25.67 0.30
C1' FMN E . -26.46 -27.65 -0.26
C2' FMN E . -27.17 -28.09 1.04
O2' FMN E . -26.21 -27.95 2.08
C3' FMN E . -27.64 -29.53 0.92
O3' FMN E . -26.55 -30.31 0.39
C4' FMN E . -28.82 -29.68 -0.05
O4' FMN E . -29.75 -28.61 0.05
C5' FMN E . -29.59 -30.97 0.19
O5' FMN E . -30.48 -31.28 -0.90
P FMN E . -31.99 -30.78 -0.75
O1P FMN E . -32.66 -31.08 -2.06
O2P FMN E . -32.68 -31.35 0.49
O3P FMN E . -31.69 -29.34 -0.47
#